data_7QDY
#
_entry.id   7QDY
#
_cell.length_a   1.00
_cell.length_b   1.00
_cell.length_c   1.00
_cell.angle_alpha   90.00
_cell.angle_beta   90.00
_cell.angle_gamma   90.00
#
_symmetry.space_group_name_H-M   'P 1'
#
loop_
_entity.id
_entity.type
_entity.pdbx_description
1 polymer 'Helicase SKI2W'
2 polymer 'Tetratricopeptide repeat protein 37'
3 polymer 'WD repeat-containing protein 61'
4 polymer "RNA (5'-R(P*UP*UP*UP*UP*UP*U)-3')"
#
loop_
_entity_poly.entity_id
_entity_poly.type
_entity_poly.pdbx_seq_one_letter_code
_entity_poly.pdbx_strand_id
1 'polypeptide(L)'
;MMETERLVLPPPDPLDLPLRAVELGCTGHWELLNLPGAPESSLPHGLPPCAPDLQQEAEQLFLSSPAWLPLHGVEHSARK
WQRKTDPWSLLAVLGAPVPSDLQAQRHPTTGQILGYKEVLLENTNLSATTSLSLRRPPGPASQSLWGNPTQYPFWPGGMD
EPTITDLNTREEAEEEIDFEKDLLTIPPGFKKGMDFAPKDCPTPAPGLLSLSCMLEPLDLGGGDEDENEAVGQPGGPRGD
TVSASPCSAPLARASSLEDLVLKEASTAVSTPEAPEPPSQEQWAIPVDATSPVGDFYRLIPQPAFQWAFEPDVFQKQAIL
HLERHDSVFVAAHTSAGKTVVAEYAIALAQKHMTRTIYTSPIKALSNQKFRDFRNTFGDVGLLTGDVQLHPEASCLIMTT
EILRSMLYSGSDVIRDLEWVIFDEVHYINDVERGVVWEEVLIMLPDHVSIILLSATVPNALEFADWIGRLKRRQIYVIST
VTRPVPLEHYLFTGNSSKTQGELFLLLDSRGAFHTKGYYAAVEAKKERMSKHAQTFGAKQPTHQGGPAQDRGVYLSLLAS
LRTRAQLPVVVFTFSRGRCDEQASGLTSLDLTTSSEKSEIHLFLQRCLARLRGSDRQLPQVLHMSELLNRGLGVHHSGIL
PILKEIVEMLFSRGLVKVLFATETFAMGVNMPARTVVFDSMRKHDGSTFRDLLPGEYVQMAGRAGRRGLDPTGTVILLCK
GRVPEMADLHRMMMGKPSQLQSQFRLTYTMILNLLRVDALRVEDMMKRSFSEFPSRKDSKAHEQALAELTKRLGALEEPD
MTGQLVDLPEYYSWGEELTETQHMIQRRIMESVNGLKSLSAGRVVVVKNQEHHNALGVILQVSSNSTSRVFTTLVLCDKP
LSQDPQDRGPATAEVPYPDDLVGFKLFLPEGPCDHTVVKLQPGDMAAITTKVLRVNGEKILEDFSKRQQPKFKKDPPLAA
VTTAVQELLRLAQAHPAGPPTLDPVNDLQLKDMSVVEGGLRARKLEELIQGAQCVHSPRFPAQYLKLRERMQIQKEMERL
RFLLSDQSLLLLPEYHQRVEVLRTLGYVDEAGTVKLAGRVACAMSSHELLLTELMFDNALSTLRPEEIAALLSGLVCQSP
GDAGDQLPNTLKQGIERVRAVAKRIGEVQVACGLNQTVEEFVGELNFGLVEVVYEWARGMPFSELAGLSGTPEGLVVRCI
QRLAEMCRSLRGAARLVGEPVLGAKMETAATLLRRDIVFAASLYTQ
;
A
2 'polypeptide(L)'
;MKHHHHHHHHHHSAGLEVLFQGPDSMSSKEVKTALKSARDAIRNKEYKEALKHCKTVLKQEKNNYNAWVFIGVAAAELEQ
PDQAQSAYKKAAELEPDQLLAWQGLANLYEKYNHINAKDDLPGVYQKLLDLYESVDKQKWCDVCKKLVDLYYQEKKHLEV
ARTWHKLIKTRQEQGAENEELHQLWRKLTQFLAESTEDQNNETQQLLFTAFENALGLSDKIPSEDHQVLYRHFIQSLSKF
PHESARLKKACEGMINIYPTVQYPLEVLCLHLIESGNLTDEGQQYCCRLVEMDSKSGPGLIGLGIKALQDKKYEDAVRNL
TEGLKESPVCTSGWYHLAEAQVKMHRPKEAVLSCSQALKIVDNLGASGNSLYQRNLCLHLKAEALIKLSDYDSSEEAIRT
LDQISDADNIPGLLVLKSLAYRNKGSFDEAAKIMEDLLSSYPDLAEVHALEALIHFTKKDYLQAEKCFQRALEKDTEVAE
YHYQLGLTYWFMGEETRKDKTKALTHFLKAARLDTYMGKVFCYLGHYYRDVVGDKNRARGCYRKAFELDDTDAESGAAAV
DLSVELEDMEMALAILTTVTQKASAGTAKWAWLRRGLYYLKAGQHSQAVADLQAALRADPKDFNCWESLGEAYLSRGGYT
TALKSFTKASELNPESIYSVFKVAAIQQILGKYKEAVAQYQMIIKKKEDYVPALKGLGECHLMMAKAALVDYLDGKAVDY
IEKALEYFTCALQHRADVSCLWKLAGDACTCLYAVAPSKVNVHVLGVLLGQKEGKQVLKKNELLHLGGRCYGRALKLMST
SNTWCDLGINYYRQAQHLAETGSNMNDLKELLEKSLHCLKKAVRLDSNNHLYWNALGVVACYSGIGNYALAQHCFIKSIQ
SEQINAVAWTNLGVLYLTNENIEQAHEAFKMAQSLDPSYLMCWIGQALIAEAVGSYDTMDLFRHTTELNMHTEGALGYAY
WVCTTLQDKSNRETELYQYNILQMNAIPAAQVILNKYVERIQNYAPAFTMLGYLNEHLQLKKEAANAYQRAILLLQTAED
QDTYNVAIRNYGRLLCSTGEYDKAIQAFKSTPLEVLEDIIGFALALFMKGLYKESSKAYERALSIVESEQDKAHILTALA
ITEYKQGKTDVAKTLLFKCSILKEPTTESLQALCALGLAMQDATLSKAALNELLKHIKHKDSNYQRCLLTSAIYALQGRS
VAVQKQISKAVHSNPGDPALWSLLSRVVAQYAQRNAKGGVVAGNVAHILDSNHGKKALLYTAVNQLAMGSSSAEDEKNTA
LKTIQKAALLSPGDPAIWAGLMAACHADDKLALVNNTQPKRIDLYLALLSAVSASIKDEKFFENYNQSLEKWSLSQAVTG
LIDTGRISEAETLCTKNLKSNPDQPAVILLLRQVQCKPLLESQKPLPDAVLEELQKTVMSNSTSVPAWQWLAHVYQSQGM
MRAAEMCYRKSLQLASQRGSWSGKLSSLLRLALLALKVCMANISNDHWPSLVQEATTEALKLCFCPLAVLLQALLQFKRK
MGARETRRLLERVVYQPGYPKSIASTARWYLLRHLYAKDDYELIDVLVNNAKTHGDTRALELNQRLSSQ
;
B
3 'polypeptide(L)'
;MTNQYGILFKQEQAHDDAIWSVAWGTNKKENSETVVTGSLDDLVKVWKWRDERLDLQWSLEGHQLGVVSVDISHTLPIAA
SSSLDAHIRLWDLENGKQIKSIDAGPVDAWTLAFSPDSQYLATGTHVGKVNIFGVESGKKEYSLDTRGKFILSIAYSPDG
KYLASGAIDGIINIFDIATGKLLHTLEGHAMPIRSLTFSPDSQLLVTASDDGYIKIYDVQHANLAGTLSGHASWVLNVAF
CPDDTHFVSSSSDKSVKVWDVGTRTCVHTFFDHQDQVWGVKYNGNGSKIVSVGDDQEIHIYDCPI
;
C,D
4 'polyribonucleotide' UUUUUUUUUUUUUUUUUUUUUUUUU E
#
# COMPACT_ATOMS: atom_id res chain seq x y z
N MET A 1 25.60 68.33 -41.61
CA MET A 1 26.84 68.05 -42.33
C MET A 1 27.53 69.35 -42.72
N MET A 2 28.34 69.90 -41.82
CA MET A 2 29.00 71.16 -42.14
C MET A 2 30.52 71.09 -42.01
N GLU A 3 31.03 70.36 -41.02
CA GLU A 3 32.46 70.42 -40.74
C GLU A 3 33.28 69.48 -41.61
N THR A 4 32.85 68.23 -41.74
CA THR A 4 33.45 67.20 -42.59
C THR A 4 34.75 66.68 -41.97
N GLU A 5 35.19 67.25 -40.85
CA GLU A 5 36.38 66.80 -40.16
C GLU A 5 36.41 67.45 -38.80
N ARG A 6 36.99 66.74 -37.84
CA ARG A 6 37.29 67.25 -36.51
C ARG A 6 38.59 66.62 -36.01
N LEU A 7 39.52 67.45 -35.58
CA LEU A 7 40.78 66.98 -35.03
C LEU A 7 40.81 67.24 -33.53
N VAL A 8 40.93 66.17 -32.74
CA VAL A 8 40.91 66.25 -31.29
C VAL A 8 42.06 65.44 -30.74
N LEU A 9 42.46 65.77 -29.51
CA LEU A 9 43.48 65.05 -28.79
C LEU A 9 42.90 63.88 -28.00
N PRO A 10 43.18 62.64 -28.36
CA PRO A 10 42.53 61.50 -27.71
C PRO A 10 43.00 61.23 -26.28
N PRO A 11 44.28 61.39 -25.94
CA PRO A 11 44.68 61.30 -24.52
C PRO A 11 44.76 62.66 -23.86
N PRO A 12 43.67 63.44 -23.76
CA PRO A 12 43.87 64.85 -23.37
C PRO A 12 44.57 64.97 -22.03
N ASP A 13 44.10 64.24 -21.03
CA ASP A 13 44.69 64.17 -19.73
C ASP A 13 44.66 62.68 -19.45
N PRO A 14 45.75 62.08 -18.96
CA PRO A 14 45.69 60.65 -18.65
C PRO A 14 45.09 60.32 -17.30
N LEU A 15 44.89 61.30 -16.43
CA LEU A 15 44.25 61.02 -15.16
C LEU A 15 42.74 60.82 -15.32
N ASP A 16 42.09 61.66 -16.15
CA ASP A 16 40.63 61.64 -16.18
C ASP A 16 40.11 60.39 -16.89
N LEU A 17 38.79 60.19 -16.76
CA LEU A 17 38.14 59.02 -17.32
C LEU A 17 37.23 59.32 -18.50
N PRO A 18 37.33 58.52 -19.57
CA PRO A 18 36.34 58.57 -20.65
C PRO A 18 35.01 58.04 -20.17
N LEU A 19 33.94 58.49 -20.83
CA LEU A 19 32.58 58.13 -20.41
C LEU A 19 32.00 57.14 -21.41
N ARG A 20 31.65 55.96 -20.92
CA ARG A 20 31.03 54.89 -21.69
C ARG A 20 29.64 54.66 -21.13
N ALA A 21 28.63 54.85 -21.97
CA ALA A 21 27.23 54.78 -21.57
C ALA A 21 26.60 53.48 -22.05
N VAL A 22 26.24 52.60 -21.13
CA VAL A 22 25.56 51.35 -21.47
C VAL A 22 24.11 51.45 -21.02
N GLU A 23 23.20 51.02 -21.88
CA GLU A 23 21.76 51.14 -21.66
C GLU A 23 21.15 49.77 -21.43
N LEU A 24 20.42 49.62 -20.34
CA LEU A 24 19.87 48.34 -19.92
C LEU A 24 18.35 48.43 -19.89
N GLY A 25 17.66 47.74 -20.80
CA GLY A 25 16.22 47.68 -20.75
C GLY A 25 15.54 48.89 -21.36
N CYS A 26 14.22 48.74 -21.55
CA CYS A 26 13.43 49.80 -22.15
C CYS A 26 13.09 50.90 -21.15
N THR A 27 12.73 50.55 -19.92
CA THR A 27 12.62 51.54 -18.87
C THR A 27 13.99 52.08 -18.50
N GLY A 28 14.12 53.40 -18.44
CA GLY A 28 15.41 54.07 -18.38
C GLY A 28 16.31 53.62 -17.25
N HIS A 29 17.41 52.97 -17.58
CA HIS A 29 18.39 52.52 -16.58
C HIS A 29 19.74 52.47 -17.29
N TRP A 30 20.58 53.46 -17.04
CA TRP A 30 21.90 53.55 -17.66
C TRP A 30 23.00 53.25 -16.67
N GLU A 31 24.16 52.89 -17.21
CA GLU A 31 25.35 52.62 -16.40
C GLU A 31 26.58 53.14 -17.12
N LEU A 32 27.67 53.29 -16.37
CA LEU A 32 28.92 53.84 -16.88
C LEU A 32 30.00 52.76 -16.88
N LEU A 33 30.44 52.36 -18.06
CA LEU A 33 31.57 51.47 -18.22
C LEU A 33 32.89 52.25 -18.20
N ASN A 34 33.99 51.54 -17.95
CA ASN A 34 35.31 52.17 -17.80
C ASN A 34 36.10 52.23 -19.11
N LEU A 35 36.36 51.06 -19.70
CA LEU A 35 37.19 51.00 -20.90
C LEU A 35 36.47 51.69 -22.08
N PRO A 36 37.20 52.42 -22.91
CA PRO A 36 36.58 53.12 -24.04
C PRO A 36 36.22 52.23 -25.22
N GLY A 37 35.05 52.49 -25.79
CA GLY A 37 34.57 51.72 -26.93
C GLY A 37 33.20 52.20 -27.33
N ALA A 38 32.49 51.35 -28.08
CA ALA A 38 31.18 51.71 -28.61
C ALA A 38 30.16 51.83 -27.48
N PRO A 39 29.02 52.48 -27.73
CA PRO A 39 28.00 52.63 -26.67
C PRO A 39 27.37 51.35 -26.12
N GLU A 40 27.22 50.27 -26.90
CA GLU A 40 26.86 48.96 -26.34
C GLU A 40 25.56 48.98 -25.53
N SER A 41 24.45 49.28 -26.18
CA SER A 41 23.17 49.12 -25.53
C SER A 41 22.77 47.64 -25.45
N SER A 42 21.90 47.33 -24.50
CA SER A 42 21.30 46.00 -24.42
C SER A 42 19.98 46.03 -25.17
N LEU A 43 19.63 44.91 -25.76
CA LEU A 43 18.47 44.81 -26.64
C LEU A 43 18.46 45.97 -27.64
N PRO A 44 19.41 45.98 -28.58
CA PRO A 44 19.49 47.07 -29.56
C PRO A 44 18.29 47.23 -30.47
N HIS A 45 17.65 46.14 -30.87
CA HIS A 45 16.51 46.20 -31.76
C HIS A 45 15.17 46.27 -31.05
N GLY A 46 15.17 46.31 -29.73
CA GLY A 46 13.94 46.38 -28.97
C GLY A 46 13.52 45.03 -28.43
N LEU A 47 12.38 45.03 -27.77
CA LEU A 47 11.85 43.82 -27.18
C LEU A 47 11.39 42.86 -28.25
N PRO A 48 11.56 41.55 -28.06
CA PRO A 48 11.03 40.57 -28.98
C PRO A 48 9.50 40.57 -28.96
N PRO A 49 8.86 40.45 -30.12
CA PRO A 49 7.39 40.42 -30.14
C PRO A 49 6.90 39.11 -29.55
N CYS A 50 6.18 39.19 -28.44
CA CYS A 50 5.81 37.99 -27.71
C CYS A 50 4.39 37.50 -27.96
N ALA A 51 3.50 38.32 -28.50
CA ALA A 51 2.14 37.87 -28.78
C ALA A 51 1.56 38.76 -29.87
N PRO A 52 0.50 38.31 -30.54
CA PRO A 52 -0.14 39.17 -31.54
C PRO A 52 -0.95 40.27 -30.87
N ASP A 53 -1.23 41.32 -31.64
CA ASP A 53 -2.01 42.40 -31.07
C ASP A 53 -3.46 41.98 -30.85
N LEU A 54 -4.14 42.73 -29.99
CA LEU A 54 -5.47 42.36 -29.52
C LEU A 54 -6.47 42.23 -30.67
N GLN A 55 -6.45 43.19 -31.60
CA GLN A 55 -7.49 43.22 -32.64
C GLN A 55 -7.47 41.99 -33.53
N GLN A 56 -6.30 41.65 -34.08
CA GLN A 56 -6.24 40.46 -34.91
C GLN A 56 -6.46 39.20 -34.10
N GLU A 57 -6.07 39.22 -32.83
CA GLU A 57 -6.34 38.10 -31.95
C GLU A 57 -7.84 37.84 -31.85
N ALA A 58 -8.63 38.90 -31.67
CA ALA A 58 -10.08 38.76 -31.63
C ALA A 58 -10.66 38.33 -32.97
N GLU A 59 -10.16 38.91 -34.07
CA GLU A 59 -10.65 38.52 -35.39
C GLU A 59 -10.41 37.04 -35.67
N GLN A 60 -9.23 36.52 -35.33
CA GLN A 60 -9.00 35.09 -35.47
C GLN A 60 -9.94 34.31 -34.56
N LEU A 61 -10.14 34.79 -33.33
CA LEU A 61 -10.98 34.05 -32.40
C LEU A 61 -12.42 33.93 -32.86
N PHE A 62 -12.97 34.94 -33.52
CA PHE A 62 -14.38 34.94 -33.92
C PHE A 62 -14.66 34.85 -35.42
N LEU A 63 -13.95 35.55 -36.29
CA LEU A 63 -14.29 35.53 -37.70
C LEU A 63 -13.37 34.65 -38.54
N SER A 64 -12.65 33.73 -37.92
CA SER A 64 -11.80 32.84 -38.71
C SER A 64 -12.63 31.79 -39.45
N SER A 65 -13.60 31.19 -38.76
CA SER A 65 -14.46 30.18 -39.37
C SER A 65 -15.68 30.02 -38.48
N PRO A 66 -16.74 29.38 -38.98
CA PRO A 66 -17.91 29.11 -38.15
C PRO A 66 -17.84 27.87 -37.27
N ALA A 67 -16.68 27.21 -37.16
CA ALA A 67 -16.59 25.99 -36.37
C ALA A 67 -16.91 26.22 -34.90
N TRP A 68 -16.49 27.34 -34.34
CA TRP A 68 -16.65 27.60 -32.92
C TRP A 68 -18.10 27.72 -32.48
N LEU A 69 -19.04 27.86 -33.40
CA LEU A 69 -20.44 28.01 -33.03
C LEU A 69 -20.99 26.74 -32.38
N PRO A 70 -21.92 26.87 -31.43
CA PRO A 70 -22.58 25.69 -30.86
C PRO A 70 -23.34 24.87 -31.86
N LEU A 71 -23.44 25.32 -33.11
CA LEU A 71 -24.17 24.61 -34.13
C LEU A 71 -23.40 23.38 -34.60
N HIS A 72 -22.08 23.43 -34.54
CA HIS A 72 -21.22 22.38 -35.10
C HIS A 72 -20.57 21.50 -34.03
N GLY A 73 -21.02 21.54 -32.79
CA GLY A 73 -20.34 20.83 -31.72
C GLY A 73 -20.61 19.34 -31.70
N VAL A 74 -19.94 18.67 -30.75
CA VAL A 74 -20.11 17.22 -30.57
C VAL A 74 -21.51 16.89 -30.08
N GLU A 75 -22.10 17.77 -29.30
CA GLU A 75 -23.49 17.63 -28.91
C GLU A 75 -24.29 18.15 -30.08
N HIS A 76 -25.58 18.40 -29.91
CA HIS A 76 -26.39 18.97 -30.98
C HIS A 76 -26.63 17.95 -32.09
N SER A 77 -26.67 16.69 -31.75
CA SER A 77 -27.11 15.65 -32.68
C SER A 77 -28.23 14.80 -32.11
N ALA A 78 -28.22 14.54 -30.81
CA ALA A 78 -29.21 13.69 -30.16
C ALA A 78 -29.29 12.31 -30.82
N ARG A 79 -28.16 11.61 -30.77
CA ARG A 79 -28.07 10.27 -31.32
C ARG A 79 -28.63 9.22 -30.37
N LYS A 80 -29.00 8.07 -30.95
CA LYS A 80 -29.57 6.94 -30.24
C LYS A 80 -28.94 5.64 -30.72
N TRP A 81 -28.93 4.64 -29.83
CA TRP A 81 -28.46 3.30 -30.14
C TRP A 81 -29.52 2.29 -29.74
N GLN A 82 -29.42 1.10 -30.30
CA GLN A 82 -30.35 0.03 -29.99
C GLN A 82 -29.64 -1.04 -29.18
N ARG A 83 -30.37 -1.64 -28.24
CA ARG A 83 -29.82 -2.61 -27.32
C ARG A 83 -30.18 -4.03 -27.77
N LYS A 84 -29.17 -4.91 -27.82
CA LYS A 84 -29.35 -6.30 -28.25
C LYS A 84 -28.58 -7.22 -27.31
N THR A 85 -29.26 -7.81 -26.33
CA THR A 85 -28.70 -8.79 -25.41
C THR A 85 -28.53 -10.16 -26.05
N ASP A 86 -27.68 -10.98 -25.43
CA ASP A 86 -27.41 -12.34 -25.89
C ASP A 86 -27.05 -13.28 -24.75
N PRO A 87 -28.03 -13.75 -23.98
CA PRO A 87 -27.70 -14.56 -22.82
C PRO A 87 -27.27 -15.99 -23.13
N TRP A 88 -27.33 -16.45 -24.38
CA TRP A 88 -26.86 -17.80 -24.66
C TRP A 88 -25.36 -17.86 -24.59
N SER A 89 -24.71 -16.71 -24.70
CA SER A 89 -23.27 -16.65 -24.60
C SER A 89 -22.81 -17.03 -23.21
N LEU A 90 -23.69 -16.91 -22.20
CA LEU A 90 -23.30 -17.21 -20.82
C LEU A 90 -23.04 -18.69 -20.54
N LEU A 91 -23.50 -19.62 -21.38
CA LEU A 91 -23.28 -21.04 -21.10
C LEU A 91 -21.81 -21.41 -21.13
N ALA A 92 -21.34 -22.08 -20.08
CA ALA A 92 -19.95 -22.48 -19.95
C ALA A 92 -19.80 -23.98 -19.80
N VAL A 93 -18.90 -24.56 -20.57
CA VAL A 93 -18.56 -25.98 -20.50
C VAL A 93 -17.08 -26.08 -20.20
N LEU A 94 -16.74 -26.80 -19.14
CA LEU A 94 -15.35 -26.98 -18.73
C LEU A 94 -14.85 -28.36 -19.11
N GLY A 95 -13.55 -28.47 -19.35
CA GLY A 95 -12.97 -29.71 -19.78
C GLY A 95 -12.41 -30.57 -18.66
N ALA A 96 -12.26 -31.85 -18.96
CA ALA A 96 -11.74 -32.86 -18.04
C ALA A 96 -10.22 -32.85 -18.03
N PRO A 97 -9.60 -33.29 -16.94
CA PRO A 97 -8.15 -33.30 -16.85
C PRO A 97 -7.52 -34.49 -17.56
N VAL A 98 -6.20 -34.44 -17.70
CA VAL A 98 -5.44 -35.47 -18.39
C VAL A 98 -5.11 -36.59 -17.40
N PRO A 99 -5.51 -37.84 -17.68
CA PRO A 99 -5.24 -38.97 -16.77
C PRO A 99 -3.94 -39.73 -17.06
N SER A 100 -2.81 -39.05 -17.09
CA SER A 100 -1.55 -39.77 -17.30
C SER A 100 -0.38 -38.83 -17.04
N ASP A 101 0.76 -39.39 -16.63
CA ASP A 101 1.87 -38.54 -16.23
C ASP A 101 3.24 -38.90 -16.76
N LEU A 102 3.46 -40.07 -17.33
CA LEU A 102 4.80 -40.49 -17.79
C LEU A 102 5.82 -40.46 -16.64
N GLN A 103 5.61 -41.32 -15.64
CA GLN A 103 6.50 -41.41 -14.50
C GLN A 103 7.74 -42.25 -14.80
N ALA A 104 8.81 -41.98 -14.06
CA ALA A 104 10.09 -42.64 -14.27
C ALA A 104 10.08 -44.08 -13.75
N GLN A 105 11.09 -44.83 -14.14
CA GLN A 105 11.34 -46.17 -13.62
C GLN A 105 12.60 -46.14 -12.77
N ARG A 106 12.75 -47.16 -11.95
CA ARG A 106 13.87 -47.25 -11.02
C ARG A 106 14.41 -48.67 -11.07
N HIS A 107 15.70 -48.80 -11.31
CA HIS A 107 16.32 -50.12 -11.23
C HIS A 107 16.14 -50.66 -9.81
N PRO A 108 15.64 -51.89 -9.67
CA PRO A 108 15.29 -52.38 -8.31
C PRO A 108 16.43 -52.34 -7.32
N THR A 109 17.67 -52.38 -7.78
CA THR A 109 18.83 -52.27 -6.90
C THR A 109 19.73 -51.16 -7.44
N THR A 110 20.22 -50.30 -6.55
CA THR A 110 20.98 -49.12 -6.94
C THR A 110 20.21 -48.32 -7.99
N GLY A 111 19.05 -47.81 -7.59
CA GLY A 111 18.07 -47.26 -8.51
C GLY A 111 18.59 -46.24 -9.51
N GLN A 112 18.33 -46.55 -10.78
CA GLN A 112 18.67 -45.70 -11.91
C GLN A 112 17.48 -45.70 -12.85
N ILE A 113 17.27 -44.58 -13.54
CA ILE A 113 16.09 -44.42 -14.36
C ILE A 113 16.29 -45.23 -15.64
N LEU A 114 15.69 -46.41 -15.69
CA LEU A 114 15.75 -47.21 -16.90
C LEU A 114 15.02 -46.50 -18.04
N GLY A 115 13.78 -46.10 -17.81
CA GLY A 115 12.97 -45.44 -18.81
C GLY A 115 11.74 -44.85 -18.16
N TYR A 116 11.02 -44.03 -18.94
CA TYR A 116 9.81 -43.37 -18.48
C TYR A 116 8.59 -44.07 -19.06
N LYS A 117 7.70 -44.53 -18.19
CA LYS A 117 6.49 -45.23 -18.58
C LYS A 117 5.27 -44.46 -18.11
N GLU A 118 4.19 -44.46 -18.90
CA GLU A 118 3.00 -43.73 -18.50
C GLU A 118 2.13 -44.56 -17.58
N VAL A 119 1.64 -43.94 -16.52
CA VAL A 119 0.77 -44.57 -15.55
C VAL A 119 -0.44 -43.67 -15.36
N LEU A 120 -1.45 -44.18 -14.65
CA LEU A 120 -2.68 -43.43 -14.45
C LEU A 120 -2.59 -42.63 -13.17
N LEU A 121 -2.89 -41.34 -13.25
CA LEU A 121 -3.04 -40.55 -12.05
C LEU A 121 -4.26 -41.01 -11.27
N GLU A 122 -4.27 -40.69 -9.99
CA GLU A 122 -5.32 -41.19 -9.11
C GLU A 122 -6.04 -40.12 -8.32
N ASN A 123 -5.47 -38.93 -8.20
CA ASN A 123 -6.08 -37.91 -7.35
C ASN A 123 -6.46 -36.70 -8.17
N THR A 124 -7.10 -36.94 -9.32
CA THR A 124 -7.70 -35.83 -10.03
C THR A 124 -9.09 -35.66 -9.48
N ASN A 125 -9.86 -34.75 -10.08
CA ASN A 125 -11.22 -34.43 -9.65
C ASN A 125 -11.27 -34.09 -8.16
N LEU A 126 -10.17 -33.59 -7.63
CA LEU A 126 -10.08 -33.07 -6.27
C LEU A 126 -9.75 -31.61 -6.43
N SER A 127 -10.40 -30.75 -5.65
CA SER A 127 -10.14 -29.33 -5.79
C SER A 127 -9.97 -28.69 -4.42
N ALA A 128 -9.43 -27.48 -4.44
CA ALA A 128 -9.11 -26.76 -3.23
C ALA A 128 -10.36 -26.24 -2.53
N THR A 129 -11.48 -26.13 -3.24
CA THR A 129 -12.69 -25.60 -2.66
C THR A 129 -13.75 -26.67 -2.44
N THR A 130 -13.41 -27.94 -2.65
CA THR A 130 -14.33 -29.03 -2.35
C THR A 130 -13.66 -30.22 -1.69
N SER A 131 -12.41 -30.13 -1.27
CA SER A 131 -11.72 -31.25 -0.65
C SER A 131 -10.72 -30.74 0.36
N LEU A 132 -10.62 -31.41 1.49
CA LEU A 132 -9.74 -30.94 2.54
C LEU A 132 -8.68 -32.00 2.89
N SER A 133 -7.69 -32.16 2.02
CA SER A 133 -6.62 -33.11 2.22
C SER A 133 -5.37 -32.53 1.60
N LEU A 134 -4.21 -33.09 1.95
CA LEU A 134 -2.98 -32.59 1.35
C LEU A 134 -2.64 -33.39 0.10
N ARG A 135 -3.62 -33.51 -0.77
CA ARG A 135 -3.47 -34.07 -2.10
C ARG A 135 -4.15 -33.19 -3.12
N ARG A 136 -4.90 -32.21 -2.69
CA ARG A 136 -5.65 -31.37 -3.58
C ARG A 136 -4.68 -30.44 -4.31
N PRO A 137 -5.05 -29.96 -5.48
CA PRO A 137 -4.20 -29.02 -6.21
C PRO A 137 -3.84 -27.83 -5.35
N PRO A 138 -2.70 -27.20 -5.59
CA PRO A 138 -2.18 -26.22 -4.64
C PRO A 138 -3.13 -25.06 -4.36
N GLY A 139 -3.56 -24.34 -5.37
CA GLY A 139 -4.47 -23.23 -5.17
C GLY A 139 -4.67 -22.47 -6.45
N PRO A 140 -5.41 -21.36 -6.39
CA PRO A 140 -5.63 -20.59 -7.62
C PRO A 140 -4.34 -19.98 -8.17
N ALA A 141 -3.65 -19.21 -7.35
CA ALA A 141 -2.38 -18.57 -7.72
C ALA A 141 -1.77 -18.03 -6.44
N SER A 142 -0.71 -17.23 -6.58
CA SER A 142 -0.31 -16.36 -5.48
C SER A 142 -1.56 -15.61 -5.02
N GLN A 143 -1.82 -15.67 -3.72
CA GLN A 143 -3.15 -15.34 -3.22
C GLN A 143 -3.03 -14.74 -1.84
N SER A 144 -4.08 -14.04 -1.42
CA SER A 144 -4.12 -13.50 -0.07
C SER A 144 -3.91 -14.60 0.95
N LEU A 145 -3.05 -14.33 1.93
CA LEU A 145 -2.66 -15.35 2.89
C LEU A 145 -3.87 -15.81 3.70
N TRP A 146 -4.63 -14.86 4.24
CA TRP A 146 -5.80 -15.18 5.03
C TRP A 146 -7.06 -14.47 4.53
N GLY A 147 -8.18 -14.59 5.24
CA GLY A 147 -9.41 -13.95 4.80
C GLY A 147 -10.02 -14.43 3.49
N ASN A 148 -10.03 -15.74 3.25
CA ASN A 148 -10.51 -16.27 1.98
C ASN A 148 -11.69 -17.22 2.14
N PRO A 149 -12.92 -16.78 1.92
CA PRO A 149 -14.02 -17.72 1.83
C PRO A 149 -13.86 -18.51 0.55
N THR A 150 -14.63 -19.58 0.43
CA THR A 150 -14.50 -20.49 -0.70
C THR A 150 -13.09 -21.07 -0.78
N GLN A 151 -12.66 -21.66 0.33
CA GLN A 151 -11.49 -22.50 0.37
C GLN A 151 -11.54 -23.29 1.66
N TYR A 152 -11.06 -24.50 1.61
CA TYR A 152 -11.21 -25.50 2.64
C TYR A 152 -9.95 -25.66 3.46
N PRO A 153 -10.11 -25.76 4.77
CA PRO A 153 -8.96 -26.02 5.63
C PRO A 153 -8.52 -27.46 5.47
N PHE A 154 -7.30 -27.75 5.88
CA PHE A 154 -6.84 -29.13 5.88
C PHE A 154 -7.44 -29.86 7.09
N TRP A 155 -7.28 -31.18 7.14
CA TRP A 155 -7.93 -31.96 8.19
C TRP A 155 -7.36 -31.58 9.55
N PRO A 156 -8.20 -31.42 10.57
CA PRO A 156 -7.72 -30.85 11.83
C PRO A 156 -6.86 -31.71 12.74
N GLY A 157 -6.34 -32.84 12.28
CA GLY A 157 -5.33 -33.55 13.07
C GLY A 157 -5.82 -34.60 14.03
N GLY A 158 -6.86 -34.32 14.77
CA GLY A 158 -7.53 -35.34 15.54
C GLY A 158 -8.58 -36.07 14.75
N MET A 159 -8.68 -35.79 13.45
CA MET A 159 -9.76 -36.25 12.60
C MET A 159 -9.16 -36.86 11.35
N ASP A 160 -9.65 -38.05 10.99
CA ASP A 160 -9.18 -38.72 9.79
C ASP A 160 -10.27 -38.85 8.73
N GLU A 161 -11.41 -39.43 9.11
CA GLU A 161 -12.62 -39.43 8.29
C GLU A 161 -12.37 -39.93 6.87
N PRO A 162 -11.94 -41.19 6.79
CA PRO A 162 -11.86 -41.89 5.52
C PRO A 162 -12.25 -43.33 5.78
N THR A 163 -13.43 -43.72 5.32
CA THR A 163 -13.89 -45.10 5.43
C THR A 163 -14.88 -45.31 4.29
N ILE A 164 -14.40 -45.93 3.21
CA ILE A 164 -15.26 -46.30 2.10
C ILE A 164 -14.43 -47.15 1.16
N THR A 165 -15.11 -48.09 0.50
CA THR A 165 -14.48 -48.92 -0.51
C THR A 165 -15.05 -48.67 -1.90
N ASP A 166 -16.36 -48.75 -2.05
CA ASP A 166 -17.05 -48.47 -3.31
C ASP A 166 -16.38 -49.25 -4.44
N LEU A 167 -16.40 -50.58 -4.29
CA LEU A 167 -15.65 -51.45 -5.17
C LEU A 167 -16.50 -51.85 -6.37
N ASN A 168 -16.36 -51.09 -7.44
CA ASN A 168 -16.80 -51.49 -8.76
C ASN A 168 -15.59 -51.61 -9.69
N THR A 169 -14.78 -50.54 -9.77
CA THR A 169 -13.46 -50.57 -10.39
C THR A 169 -13.50 -51.06 -11.82
N ARG A 170 -14.63 -50.87 -12.49
CA ARG A 170 -14.72 -51.32 -13.87
C ARG A 170 -14.10 -50.31 -14.82
N GLU A 171 -13.94 -50.75 -16.07
CA GLU A 171 -13.43 -49.91 -17.14
C GLU A 171 -14.39 -49.82 -18.30
N GLU A 172 -15.35 -50.74 -18.39
CA GLU A 172 -16.39 -50.75 -19.40
C GLU A 172 -17.72 -50.68 -18.67
N ALA A 173 -17.78 -49.78 -17.68
CA ALA A 173 -18.79 -49.78 -16.64
C ALA A 173 -20.09 -49.15 -17.09
N GLU A 174 -20.31 -49.06 -18.39
CA GLU A 174 -21.51 -48.41 -18.89
C GLU A 174 -22.78 -49.00 -18.30
N GLU A 175 -23.50 -48.19 -17.55
CA GLU A 175 -24.62 -48.65 -16.74
C GLU A 175 -25.93 -48.67 -17.49
N GLU A 176 -25.93 -48.34 -18.77
CA GLU A 176 -27.15 -48.26 -19.58
C GLU A 176 -28.16 -47.31 -18.95
N ILE A 177 -27.75 -46.04 -18.84
CA ILE A 177 -28.63 -44.98 -18.36
C ILE A 177 -29.62 -44.64 -19.46
N ASP A 178 -30.86 -44.42 -19.05
CA ASP A 178 -31.91 -43.97 -19.95
C ASP A 178 -31.89 -42.44 -19.99
N PHE A 179 -31.78 -41.90 -21.20
CA PHE A 179 -31.66 -40.47 -21.39
C PHE A 179 -32.96 -39.84 -21.86
N GLU A 180 -34.02 -40.62 -22.02
CA GLU A 180 -35.29 -40.07 -22.42
C GLU A 180 -36.52 -40.65 -21.73
N LYS A 181 -36.36 -41.55 -20.75
CA LYS A 181 -37.55 -42.20 -20.20
C LYS A 181 -38.25 -41.36 -19.13
N ASP A 182 -37.57 -41.07 -18.02
CA ASP A 182 -38.17 -40.31 -16.93
C ASP A 182 -37.20 -39.22 -16.52
N LEU A 183 -37.49 -37.99 -16.91
CA LEU A 183 -36.54 -36.92 -16.77
C LEU A 183 -36.91 -36.18 -15.49
N LEU A 184 -35.94 -35.98 -14.60
CA LEU A 184 -36.24 -35.32 -13.34
C LEU A 184 -36.21 -33.81 -13.51
N THR A 185 -37.26 -33.14 -13.08
CA THR A 185 -37.48 -31.73 -13.37
C THR A 185 -37.78 -30.95 -12.10
N ILE A 186 -36.99 -31.18 -11.06
CA ILE A 186 -37.13 -30.35 -9.86
C ILE A 186 -35.72 -30.05 -9.38
N PRO A 187 -35.27 -28.80 -9.42
CA PRO A 187 -33.93 -28.49 -8.92
C PRO A 187 -33.87 -28.70 -7.43
N PRO A 188 -32.69 -29.03 -6.89
CA PRO A 188 -32.60 -29.26 -5.45
C PRO A 188 -32.74 -27.99 -4.64
N GLY A 189 -33.89 -27.86 -3.99
CA GLY A 189 -34.19 -26.69 -3.18
C GLY A 189 -35.42 -25.95 -3.62
N PHE A 190 -35.88 -26.16 -4.86
CA PHE A 190 -37.04 -25.45 -5.35
C PHE A 190 -38.29 -26.26 -5.07
N LYS A 191 -39.43 -25.68 -5.43
CA LYS A 191 -40.72 -26.36 -5.32
C LYS A 191 -41.24 -26.88 -6.65
N LYS A 192 -40.87 -26.23 -7.74
CA LYS A 192 -41.32 -26.64 -9.07
C LYS A 192 -40.26 -26.25 -10.09
N GLY A 193 -40.18 -27.03 -11.16
CA GLY A 193 -39.21 -26.74 -12.19
C GLY A 193 -39.84 -26.02 -13.36
N MET A 194 -39.67 -26.54 -14.56
CA MET A 194 -40.33 -25.99 -15.74
C MET A 194 -40.71 -27.15 -16.63
N ASP A 195 -41.85 -27.03 -17.27
CA ASP A 195 -42.35 -28.11 -18.11
C ASP A 195 -42.06 -27.75 -19.55
N PHE A 196 -41.15 -28.50 -20.14
CA PHE A 196 -40.82 -28.37 -21.55
C PHE A 196 -41.54 -29.45 -22.32
N ALA A 197 -41.91 -29.13 -23.54
CA ALA A 197 -42.64 -30.07 -24.37
C ALA A 197 -41.72 -31.23 -24.75
N PRO A 198 -42.24 -32.45 -24.86
CA PRO A 198 -41.38 -33.56 -25.25
C PRO A 198 -40.94 -33.36 -26.68
N LYS A 199 -39.75 -33.85 -27.00
CA LYS A 199 -39.25 -33.75 -28.35
C LYS A 199 -39.39 -35.11 -29.00
N ASP A 200 -40.08 -35.14 -30.13
CA ASP A 200 -40.36 -36.36 -30.87
C ASP A 200 -39.17 -36.72 -31.77
N CYS A 201 -39.37 -37.72 -32.63
CA CYS A 201 -38.37 -38.25 -33.56
C CYS A 201 -36.99 -38.41 -32.92
N ALA A 205 -24.19 -46.18 -31.30
CA ALA A 205 -24.08 -47.25 -32.27
C ALA A 205 -23.53 -46.74 -33.60
N PRO A 206 -22.27 -46.30 -33.58
CA PRO A 206 -21.61 -45.75 -34.76
C PRO A 206 -20.30 -46.50 -34.98
N GLY A 207 -19.56 -46.09 -36.02
CA GLY A 207 -18.31 -46.73 -36.35
C GLY A 207 -17.38 -45.77 -37.06
N LEU A 208 -16.07 -45.94 -36.81
CA LEU A 208 -15.04 -45.15 -37.45
C LEU A 208 -13.76 -45.97 -37.45
N LEU A 209 -12.79 -45.50 -38.24
CA LEU A 209 -11.52 -46.22 -38.36
C LEU A 209 -10.75 -46.18 -37.04
N LEU A 251 27.30 -76.53 -5.77
CA LEU A 251 28.15 -77.36 -4.91
C LEU A 251 27.32 -78.37 -4.13
N ALA A 252 27.87 -79.57 -3.94
CA ALA A 252 27.21 -80.59 -3.15
C ALA A 252 27.93 -80.86 -1.84
N ARG A 253 29.23 -81.18 -1.88
CA ARG A 253 29.94 -81.39 -0.62
C ARG A 253 30.30 -80.04 0.00
N ALA A 254 30.65 -79.07 -0.85
CA ALA A 254 30.96 -77.73 -0.38
C ALA A 254 29.72 -77.02 0.15
N SER A 255 28.54 -77.34 -0.39
CA SER A 255 27.32 -76.71 0.12
C SER A 255 27.09 -77.07 1.57
N SER A 256 27.23 -78.36 1.90
CA SER A 256 27.12 -78.77 3.31
C SER A 256 28.28 -78.22 4.13
N LEU A 257 29.49 -78.21 3.56
CA LEU A 257 30.64 -77.71 4.31
C LEU A 257 30.55 -76.22 4.59
N GLU A 258 29.77 -75.48 3.81
CA GLU A 258 29.52 -74.06 4.07
C GLU A 258 28.30 -73.82 4.96
N ASP A 259 27.25 -74.62 4.79
CA ASP A 259 26.05 -74.43 5.61
C ASP A 259 26.25 -74.94 7.03
N LEU A 260 27.20 -75.86 7.23
CA LEU A 260 27.54 -76.31 8.58
C LEU A 260 28.40 -75.28 9.30
N VAL A 261 29.23 -74.54 8.55
CA VAL A 261 30.00 -73.46 9.14
C VAL A 261 29.15 -72.22 9.40
N LEU A 262 28.16 -71.95 8.54
CA LEU A 262 27.32 -70.78 8.75
C LEU A 262 26.42 -70.94 9.97
N LYS A 263 26.11 -72.18 10.35
CA LYS A 263 25.25 -72.43 11.50
C LYS A 263 25.93 -73.38 12.48
N GLU A 281 -2.41 -45.71 28.32
CA GLU A 281 -1.53 -44.69 27.77
C GLU A 281 -1.40 -43.55 28.76
N GLN A 282 -0.39 -42.70 28.57
CA GLN A 282 -0.14 -41.58 29.48
C GLN A 282 -0.29 -40.23 28.82
N TRP A 283 0.29 -40.02 27.65
CA TRP A 283 0.14 -38.86 26.78
C TRP A 283 0.77 -37.59 27.35
N ALA A 284 1.37 -37.63 28.53
CA ALA A 284 2.05 -36.44 29.04
C ALA A 284 3.10 -36.93 30.04
N ILE A 285 4.37 -36.86 29.65
CA ILE A 285 5.47 -37.46 30.39
C ILE A 285 6.20 -36.35 31.15
N PRO A 286 6.16 -36.34 32.46
CA PRO A 286 6.81 -35.31 33.27
C PRO A 286 8.31 -35.58 33.45
N VAL A 287 9.10 -35.20 32.44
CA VAL A 287 10.52 -35.52 32.47
C VAL A 287 11.17 -34.83 33.66
N ASP A 288 12.03 -35.57 34.36
CA ASP A 288 12.66 -35.11 35.59
C ASP A 288 13.50 -33.86 35.37
N ALA A 289 13.42 -32.94 36.34
CA ALA A 289 14.03 -31.62 36.17
C ALA A 289 15.55 -31.70 36.09
N THR A 290 16.16 -32.53 36.92
CA THR A 290 17.60 -32.45 37.19
C THR A 290 18.36 -33.71 36.79
N SER A 291 17.73 -34.88 36.85
CA SER A 291 18.40 -36.17 36.75
C SER A 291 18.90 -36.63 35.38
N PRO A 292 18.09 -36.63 34.31
CA PRO A 292 18.39 -37.53 33.18
C PRO A 292 19.69 -37.24 32.43
N VAL A 293 19.92 -36.01 31.98
CA VAL A 293 20.93 -35.77 30.96
C VAL A 293 22.32 -35.92 31.55
N GLY A 294 23.11 -36.84 30.98
CA GLY A 294 24.51 -36.92 31.34
C GLY A 294 25.41 -36.79 30.12
N ASP A 295 24.87 -37.12 28.95
CA ASP A 295 25.65 -37.18 27.72
C ASP A 295 24.92 -36.30 26.71
N PHE A 296 25.26 -35.01 26.71
CA PHE A 296 24.67 -34.09 25.75
C PHE A 296 25.49 -34.00 24.49
N TYR A 297 26.76 -34.42 24.55
CA TYR A 297 27.69 -34.30 23.45
C TYR A 297 28.09 -35.65 22.88
N ARG A 298 27.85 -36.74 23.61
CA ARG A 298 28.05 -38.07 23.05
C ARG A 298 27.15 -38.28 21.85
N LEU A 299 25.86 -38.01 22.03
CA LEU A 299 24.91 -37.85 20.95
C LEU A 299 24.70 -36.36 20.70
N ILE A 300 24.17 -36.02 19.54
CA ILE A 300 24.20 -34.66 19.03
C ILE A 300 25.64 -34.17 19.04
N PRO A 301 26.51 -34.68 18.17
CA PRO A 301 27.86 -34.15 18.08
C PRO A 301 28.01 -32.99 17.10
N GLN A 302 27.01 -32.72 16.28
CA GLN A 302 27.03 -31.65 15.29
C GLN A 302 25.79 -30.80 15.54
N PRO A 303 25.82 -29.95 16.56
CA PRO A 303 24.63 -29.16 16.89
C PRO A 303 24.25 -28.20 15.77
N ALA A 304 22.95 -28.01 15.59
CA ALA A 304 22.43 -27.15 14.55
C ALA A 304 22.62 -25.69 14.89
N PHE A 305 22.97 -25.37 16.13
CA PHE A 305 23.13 -24.01 16.57
C PHE A 305 24.27 -23.98 17.57
N GLN A 306 25.03 -22.90 17.56
CA GLN A 306 26.19 -22.75 18.43
C GLN A 306 26.04 -21.50 19.27
N TRP A 307 26.13 -21.67 20.59
CA TRP A 307 25.91 -20.56 21.50
C TRP A 307 27.25 -19.91 21.82
N ALA A 308 27.24 -18.94 22.72
CA ALA A 308 28.47 -18.36 23.27
C ALA A 308 28.67 -18.78 24.72
N PHE A 309 28.00 -19.83 25.15
CA PHE A 309 27.96 -20.23 26.55
C PHE A 309 27.51 -21.69 26.62
N GLU A 310 27.22 -22.15 27.82
CA GLU A 310 26.81 -23.52 28.02
C GLU A 310 25.32 -23.60 28.28
N PRO A 311 24.60 -24.45 27.57
CA PRO A 311 23.15 -24.60 27.83
C PRO A 311 22.92 -25.31 29.16
N ASP A 312 21.97 -24.78 29.92
CA ASP A 312 21.69 -25.27 31.26
C ASP A 312 20.94 -26.58 31.18
N VAL A 313 20.49 -27.10 32.33
CA VAL A 313 20.04 -28.49 32.39
C VAL A 313 18.73 -28.64 31.60
N PHE A 314 17.77 -27.76 31.86
CA PHE A 314 16.47 -27.88 31.22
C PHE A 314 16.54 -27.53 29.74
N GLN A 315 17.44 -26.62 29.38
CA GLN A 315 17.63 -26.33 27.96
C GLN A 315 18.25 -27.51 27.25
N LYS A 316 19.12 -28.24 27.94
CA LYS A 316 19.69 -29.46 27.37
C LYS A 316 18.63 -30.53 27.18
N GLN A 317 17.70 -30.64 28.12
CA GLN A 317 16.66 -31.68 27.99
C GLN A 317 15.69 -31.34 26.88
N ALA A 318 15.35 -30.05 26.74
CA ALA A 318 14.45 -29.64 25.67
C ALA A 318 15.08 -29.85 24.31
N ILE A 319 16.38 -29.58 24.19
CA ILE A 319 17.04 -29.80 22.90
C ILE A 319 17.14 -31.29 22.60
N LEU A 320 17.36 -32.10 23.63
CA LEU A 320 17.45 -33.53 23.47
C LEU A 320 16.14 -34.11 22.93
N HIS A 321 15.00 -33.53 23.32
CA HIS A 321 13.74 -34.00 22.76
C HIS A 321 13.36 -33.32 21.46
N LEU A 322 13.88 -32.12 21.19
CA LEU A 322 13.64 -31.47 19.92
C LEU A 322 14.37 -32.16 18.78
N GLU A 323 15.39 -32.95 19.09
CA GLU A 323 16.10 -33.66 18.03
C GLU A 323 15.24 -34.74 17.39
N ARG A 324 14.44 -35.44 18.20
CA ARG A 324 13.63 -36.56 17.73
C ARG A 324 12.28 -36.14 17.15
N HIS A 325 12.06 -34.83 16.96
CA HIS A 325 10.78 -34.30 16.47
C HIS A 325 9.66 -34.64 17.43
N ASP A 326 9.87 -34.34 18.70
CA ASP A 326 8.85 -34.42 19.72
C ASP A 326 8.20 -33.05 19.93
N SER A 327 7.33 -32.96 20.92
CA SER A 327 6.56 -31.74 21.19
C SER A 327 6.69 -31.39 22.67
N VAL A 328 7.70 -30.60 23.01
CA VAL A 328 7.91 -30.24 24.40
C VAL A 328 6.90 -29.19 24.85
N PHE A 329 6.78 -29.04 26.17
CA PHE A 329 6.04 -27.95 26.81
C PHE A 329 6.95 -27.35 27.88
N VAL A 330 7.85 -26.44 27.49
CA VAL A 330 8.74 -25.82 28.45
C VAL A 330 7.96 -24.86 29.33
N ALA A 331 8.22 -24.88 30.62
CA ALA A 331 7.59 -23.95 31.57
C ALA A 331 8.67 -23.44 32.51
N ALA A 332 9.31 -22.32 32.15
CA ALA A 332 10.42 -21.75 32.89
C ALA A 332 9.98 -20.40 33.45
N HIS A 333 10.90 -19.75 34.15
CA HIS A 333 10.59 -18.46 34.75
C HIS A 333 10.97 -17.30 33.82
N THR A 334 12.23 -17.21 33.44
CA THR A 334 12.72 -16.03 32.75
C THR A 334 12.61 -16.22 31.24
N SER A 335 12.24 -15.14 30.55
CA SER A 335 12.02 -15.23 29.11
C SER A 335 13.30 -15.49 28.34
N ALA A 336 14.46 -15.15 28.90
CA ALA A 336 15.72 -15.33 28.20
C ALA A 336 16.30 -16.73 28.34
N GLY A 337 15.65 -17.64 29.07
CA GLY A 337 16.14 -18.99 29.12
C GLY A 337 15.43 -19.85 28.10
N LYS A 338 14.21 -19.47 27.78
CA LYS A 338 13.37 -20.16 26.80
C LYS A 338 13.76 -19.88 25.36
N THR A 339 14.29 -18.70 25.07
CA THR A 339 14.52 -18.43 23.66
C THR A 339 15.68 -19.23 23.09
N VAL A 340 16.45 -19.92 23.92
CA VAL A 340 17.43 -20.88 23.40
C VAL A 340 16.74 -22.06 22.74
N VAL A 341 15.66 -22.55 23.34
CA VAL A 341 14.89 -23.60 22.70
C VAL A 341 14.20 -23.05 21.47
N ALA A 342 13.68 -21.84 21.59
CA ALA A 342 12.93 -21.28 20.48
C ALA A 342 13.81 -20.95 19.28
N GLU A 343 15.14 -20.87 19.42
CA GLU A 343 15.97 -20.69 18.24
C GLU A 343 16.76 -21.91 17.86
N TYR A 344 16.90 -22.90 18.74
CA TYR A 344 17.39 -24.18 18.27
C TYR A 344 16.37 -24.84 17.36
N ALA A 345 15.08 -24.65 17.62
CA ALA A 345 14.07 -25.21 16.73
C ALA A 345 14.11 -24.56 15.36
N ILE A 346 14.52 -23.29 15.28
CA ILE A 346 14.59 -22.62 14.00
C ILE A 346 15.86 -23.00 13.26
N ALA A 347 16.93 -23.31 13.98
CA ALA A 347 18.11 -23.84 13.32
C ALA A 347 17.84 -25.22 12.73
N LEU A 348 17.12 -26.08 13.45
CA LEU A 348 16.74 -27.36 12.86
C LEU A 348 15.81 -27.18 11.68
N ALA A 349 14.90 -26.20 11.74
CA ALA A 349 14.00 -26.01 10.61
C ALA A 349 14.78 -25.56 9.37
N GLN A 350 15.77 -24.68 9.54
CA GLN A 350 16.57 -24.25 8.40
C GLN A 350 17.49 -25.35 7.90
N LYS A 351 17.87 -26.30 8.76
CA LYS A 351 18.71 -27.39 8.31
C LYS A 351 17.95 -28.40 7.45
N HIS A 352 16.67 -28.62 7.74
CA HIS A 352 15.85 -29.62 7.07
C HIS A 352 15.11 -29.09 5.85
N MET A 353 15.26 -27.80 5.52
CA MET A 353 14.58 -27.08 4.46
C MET A 353 13.12 -26.76 4.75
N THR A 354 12.59 -27.13 5.91
CA THR A 354 11.19 -26.89 6.23
C THR A 354 10.99 -25.45 6.72
N ARG A 355 9.83 -25.16 7.28
CA ARG A 355 9.42 -23.82 7.66
C ARG A 355 8.93 -23.82 9.09
N THR A 356 9.00 -22.66 9.74
CA THR A 356 8.62 -22.54 11.14
C THR A 356 7.90 -21.23 11.42
N ILE A 357 6.89 -21.29 12.27
CA ILE A 357 6.04 -20.15 12.63
C ILE A 357 6.16 -19.84 14.10
N TYR A 358 6.60 -18.64 14.43
CA TYR A 358 6.73 -18.16 15.79
C TYR A 358 5.58 -17.17 16.05
N THR A 359 4.72 -17.43 17.03
CA THR A 359 3.51 -16.63 17.20
C THR A 359 3.48 -15.99 18.57
N SER A 360 3.37 -14.66 18.59
CA SER A 360 3.33 -13.87 19.81
C SER A 360 2.08 -13.02 19.90
N PRO A 361 1.53 -12.83 21.10
CA PRO A 361 0.24 -12.13 21.22
C PRO A 361 0.33 -10.61 21.06
N ILE A 362 1.40 -10.00 21.57
CA ILE A 362 1.54 -8.55 21.61
C ILE A 362 2.14 -8.05 20.32
N LYS A 363 1.58 -6.99 19.78
CA LYS A 363 2.05 -6.45 18.51
C LYS A 363 3.44 -5.82 18.64
N ALA A 364 3.75 -5.25 19.80
CA ALA A 364 5.04 -4.61 20.01
C ALA A 364 6.12 -5.59 20.42
N LEU A 365 5.75 -6.76 20.96
CA LEU A 365 6.75 -7.75 21.32
C LEU A 365 7.28 -8.48 20.10
N SER A 366 6.50 -8.56 19.03
CA SER A 366 6.91 -9.28 17.83
C SER A 366 7.60 -8.40 16.82
N ASN A 367 8.22 -7.31 17.25
CA ASN A 367 9.04 -6.48 16.37
C ASN A 367 10.52 -6.65 16.66
N GLN A 368 10.92 -6.54 17.93
CA GLN A 368 12.30 -6.81 18.27
C GLN A 368 12.64 -8.29 18.13
N LYS A 369 11.66 -9.17 18.27
CA LYS A 369 11.92 -10.57 17.96
C LYS A 369 12.26 -10.71 16.49
N PHE A 370 11.57 -9.95 15.63
CA PHE A 370 11.92 -9.94 14.22
C PHE A 370 13.34 -9.45 14.04
N ARG A 371 13.72 -8.39 14.75
CA ARG A 371 15.06 -7.85 14.60
C ARG A 371 16.12 -8.85 15.05
N ASP A 372 15.89 -9.51 16.18
CA ASP A 372 16.90 -10.41 16.73
C ASP A 372 17.00 -11.69 15.94
N PHE A 373 15.91 -12.15 15.36
CA PHE A 373 15.99 -13.38 14.58
C PHE A 373 16.52 -13.12 13.20
N ARG A 374 16.33 -11.89 12.67
CA ARG A 374 16.97 -11.59 11.40
C ARG A 374 18.46 -11.30 11.57
N ASN A 375 18.86 -10.73 12.71
CA ASN A 375 20.29 -10.51 12.95
C ASN A 375 21.02 -11.80 13.28
N THR A 376 20.36 -12.74 13.95
CA THR A 376 21.04 -13.97 14.37
C THR A 376 21.22 -14.96 13.23
N PHE A 377 20.23 -15.11 12.36
CA PHE A 377 20.39 -16.03 11.24
C PHE A 377 19.41 -15.67 10.13
N GLY A 378 19.93 -15.53 8.92
CA GLY A 378 19.18 -15.56 7.67
C GLY A 378 17.87 -14.83 7.55
N ASP A 379 16.89 -15.50 6.97
CA ASP A 379 15.64 -14.89 6.54
C ASP A 379 14.57 -15.05 7.61
N VAL A 380 13.99 -13.94 8.03
CA VAL A 380 12.91 -13.95 9.02
C VAL A 380 11.84 -12.96 8.59
N GLY A 381 10.73 -13.46 8.06
CA GLY A 381 9.62 -12.59 7.69
C GLY A 381 8.78 -12.19 8.88
N LEU A 382 8.08 -11.06 8.77
CA LEU A 382 7.18 -10.62 9.83
C LEU A 382 5.81 -10.31 9.26
N LEU A 383 4.75 -10.78 9.92
CA LEU A 383 3.38 -10.50 9.53
C LEU A 383 2.62 -9.95 10.73
N THR A 384 1.98 -8.79 10.56
CA THR A 384 1.13 -8.23 11.60
C THR A 384 -0.03 -7.49 10.94
N GLY A 385 -0.75 -6.72 11.74
CA GLY A 385 -1.91 -6.00 11.22
C GLY A 385 -1.57 -5.11 10.04
N ASP A 386 -0.40 -4.50 10.06
CA ASP A 386 0.02 -3.63 8.97
C ASP A 386 1.35 -3.99 8.32
N VAL A 387 2.34 -4.46 9.07
CA VAL A 387 3.62 -4.87 8.49
C VAL A 387 3.46 -6.17 7.71
N GLN A 388 4.10 -6.30 6.54
CA GLN A 388 4.12 -7.59 5.83
C GLN A 388 5.48 -7.94 5.22
N LEU A 389 6.57 -7.73 5.93
CA LEU A 389 7.93 -8.04 5.45
C LEU A 389 8.18 -9.48 5.05
N HIS A 390 8.51 -9.69 3.79
CA HIS A 390 8.96 -10.98 3.25
C HIS A 390 8.04 -12.15 3.56
N PRO A 391 6.86 -12.24 3.00
CA PRO A 391 6.05 -13.42 3.28
C PRO A 391 6.50 -14.60 2.46
N GLU A 392 7.80 -14.81 2.40
CA GLU A 392 8.35 -15.97 1.72
C GLU A 392 9.50 -16.60 2.48
N ALA A 393 9.81 -16.11 3.67
CA ALA A 393 10.95 -16.58 4.41
C ALA A 393 10.56 -17.90 5.08
N SER A 394 11.41 -18.39 5.97
CA SER A 394 11.15 -19.63 6.65
C SER A 394 11.04 -19.44 8.16
N CYS A 395 10.88 -18.21 8.63
CA CYS A 395 10.68 -17.98 10.06
C CYS A 395 9.64 -16.91 10.32
N LEU A 396 8.50 -16.99 9.64
CA LEU A 396 7.47 -15.96 9.78
C LEU A 396 7.08 -15.73 11.23
N ILE A 397 7.03 -14.47 11.63
CA ILE A 397 6.63 -14.08 12.98
C ILE A 397 5.26 -13.41 12.90
N MET A 398 4.29 -13.91 13.67
CA MET A 398 2.89 -13.53 13.50
C MET A 398 2.24 -13.33 14.85
N THR A 399 1.08 -12.70 14.83
CA THR A 399 0.15 -12.71 15.95
C THR A 399 -0.88 -13.81 15.72
N THR A 400 -1.29 -14.49 16.79
CA THR A 400 -2.10 -15.70 16.65
C THR A 400 -3.39 -15.50 15.88
N GLU A 401 -3.95 -14.30 15.87
CA GLU A 401 -5.15 -14.08 15.08
C GLU A 401 -4.92 -14.14 13.57
N ILE A 402 -3.67 -14.16 13.12
CA ILE A 402 -3.39 -14.32 11.71
C ILE A 402 -3.22 -15.79 11.36
N LEU A 403 -2.64 -16.56 12.28
CA LEU A 403 -2.56 -18.00 12.07
C LEU A 403 -3.93 -18.63 12.18
N ARG A 404 -4.78 -18.11 13.06
CA ARG A 404 -6.15 -18.59 13.15
C ARG A 404 -6.94 -18.25 11.91
N SER A 405 -6.55 -17.22 11.20
CA SER A 405 -7.26 -16.81 10.01
C SER A 405 -6.77 -17.55 8.78
N MET A 406 -5.52 -18.01 8.79
CA MET A 406 -5.05 -18.81 7.67
C MET A 406 -5.04 -20.30 7.96
N LEU A 407 -5.60 -20.72 9.07
CA LEU A 407 -5.94 -22.12 9.28
C LEU A 407 -7.34 -22.45 8.79
N TYR A 408 -8.25 -21.47 8.82
CA TYR A 408 -9.62 -21.66 8.34
C TYR A 408 -9.68 -21.80 6.84
N SER A 409 -8.85 -21.06 6.12
CA SER A 409 -8.58 -21.38 4.73
C SER A 409 -7.32 -22.24 4.69
N GLY A 410 -6.90 -22.66 3.50
CA GLY A 410 -5.73 -23.50 3.46
C GLY A 410 -4.44 -22.71 3.61
N SER A 411 -4.24 -21.80 2.68
CA SER A 411 -3.14 -20.83 2.62
C SER A 411 -1.81 -21.45 2.26
N ASP A 412 -1.73 -22.77 2.16
CA ASP A 412 -0.62 -23.42 1.47
C ASP A 412 0.73 -23.13 2.12
N VAL A 413 0.71 -22.41 3.22
CA VAL A 413 1.87 -22.27 4.08
C VAL A 413 1.90 -23.44 5.05
N ILE A 414 0.72 -23.91 5.47
CA ILE A 414 0.57 -25.04 6.35
C ILE A 414 1.14 -26.31 5.75
N ARG A 415 1.36 -26.34 4.44
CA ARG A 415 1.94 -27.52 3.80
C ARG A 415 3.40 -27.74 4.12
N ASP A 416 4.08 -26.76 4.69
CA ASP A 416 5.53 -26.79 4.83
C ASP A 416 5.99 -26.64 6.26
N LEU A 417 5.09 -26.65 7.22
CA LEU A 417 5.48 -26.40 8.59
C LEU A 417 6.15 -27.61 9.20
N GLU A 418 7.05 -27.34 10.13
CA GLU A 418 7.48 -28.32 11.12
C GLU A 418 7.12 -27.90 12.54
N TRP A 419 7.48 -26.70 12.95
CA TRP A 419 7.26 -26.28 14.32
C TRP A 419 6.36 -25.07 14.38
N VAL A 420 5.50 -25.04 15.39
CA VAL A 420 4.76 -23.84 15.75
C VAL A 420 5.09 -23.51 17.19
N ILE A 421 5.80 -22.41 17.40
CA ILE A 421 6.31 -22.01 18.71
C ILE A 421 5.34 -21.03 19.35
N PHE A 422 4.37 -21.53 20.09
CA PHE A 422 3.49 -20.69 20.88
C PHE A 422 4.26 -19.98 21.99
N ASP A 423 4.33 -18.66 21.95
CA ASP A 423 5.28 -17.96 22.80
C ASP A 423 4.79 -17.76 24.22
N GLU A 424 3.67 -17.06 24.40
CA GLU A 424 3.19 -16.73 25.74
C GLU A 424 1.88 -17.45 25.95
N VAL A 425 1.93 -18.67 26.45
CA VAL A 425 0.76 -19.53 26.35
C VAL A 425 -0.10 -19.34 27.59
N HIS A 426 0.26 -18.38 28.44
CA HIS A 426 -0.59 -18.08 29.59
C HIS A 426 -1.58 -16.97 29.28
N TYR A 427 -1.74 -16.62 28.01
CA TYR A 427 -2.81 -15.75 27.55
C TYR A 427 -4.05 -16.52 27.21
N ILE A 428 -4.03 -17.84 27.41
CA ILE A 428 -5.24 -18.62 27.25
C ILE A 428 -6.26 -18.20 28.30
N ASN A 429 -5.80 -17.73 29.46
CA ASN A 429 -6.62 -17.24 30.57
C ASN A 429 -7.27 -15.90 30.31
N ASP A 430 -6.93 -15.20 29.23
CA ASP A 430 -7.58 -13.92 28.94
C ASP A 430 -9.07 -14.14 28.68
N VAL A 431 -9.85 -13.08 28.86
CA VAL A 431 -11.30 -13.23 28.77
C VAL A 431 -11.90 -12.97 27.40
N GLU A 432 -11.21 -12.21 26.54
CA GLU A 432 -11.75 -11.87 25.24
C GLU A 432 -10.90 -12.45 24.12
N ARG A 433 -9.76 -13.03 24.45
CA ARG A 433 -8.86 -13.62 23.47
C ARG A 433 -8.40 -15.02 23.82
N GLY A 434 -8.90 -15.63 24.89
CA GLY A 434 -8.45 -16.97 25.18
C GLY A 434 -9.01 -18.01 24.23
N VAL A 435 -10.06 -17.68 23.49
CA VAL A 435 -10.63 -18.63 22.55
C VAL A 435 -9.80 -18.76 21.28
N VAL A 436 -8.93 -17.78 21.00
CA VAL A 436 -8.11 -17.85 19.81
C VAL A 436 -7.07 -18.95 19.94
N TRP A 437 -6.45 -19.07 21.11
CA TRP A 437 -5.43 -20.08 21.32
C TRP A 437 -5.99 -21.48 21.23
N GLU A 438 -7.28 -21.65 21.52
CA GLU A 438 -7.83 -22.99 21.45
C GLU A 438 -8.45 -23.30 20.10
N GLU A 439 -8.82 -22.28 19.33
CA GLU A 439 -9.17 -22.53 17.95
C GLU A 439 -7.94 -22.90 17.15
N VAL A 440 -6.79 -22.38 17.56
CA VAL A 440 -5.57 -22.71 16.87
C VAL A 440 -5.10 -24.09 17.28
N LEU A 441 -5.06 -24.36 18.58
CA LEU A 441 -4.57 -25.65 19.04
C LEU A 441 -5.49 -26.79 18.63
N ILE A 442 -6.73 -26.51 18.25
CA ILE A 442 -7.61 -27.57 17.75
C ILE A 442 -7.47 -27.75 16.26
N MET A 443 -7.37 -26.66 15.49
CA MET A 443 -7.41 -26.80 14.04
C MET A 443 -6.08 -27.22 13.42
N LEU A 444 -4.99 -27.28 14.17
CA LEU A 444 -3.67 -27.64 13.60
C LEU A 444 -3.62 -29.07 13.11
N PRO A 445 -3.19 -29.32 11.88
CA PRO A 445 -3.02 -30.69 11.41
C PRO A 445 -1.95 -31.45 12.18
N ASP A 446 -1.87 -32.75 11.90
CA ASP A 446 -1.07 -33.68 12.71
C ASP A 446 0.42 -33.63 12.38
N HIS A 447 0.81 -33.23 11.18
CA HIS A 447 2.22 -33.30 10.83
C HIS A 447 3.02 -32.14 11.39
N VAL A 448 2.39 -31.25 12.17
CA VAL A 448 2.99 -30.03 12.68
C VAL A 448 3.26 -30.20 14.17
N SER A 449 4.54 -30.26 14.55
CA SER A 449 4.92 -30.32 15.96
C SER A 449 4.76 -28.97 16.65
N ILE A 450 4.63 -29.02 17.97
CA ILE A 450 4.24 -27.88 18.78
C ILE A 450 5.30 -27.62 19.84
N ILE A 451 5.64 -26.35 20.06
CA ILE A 451 6.49 -25.95 21.18
C ILE A 451 5.72 -24.91 21.98
N LEU A 452 5.58 -25.13 23.28
CA LEU A 452 4.77 -24.27 24.13
C LEU A 452 5.64 -23.67 25.24
N LEU A 453 6.12 -22.45 25.04
CA LEU A 453 6.76 -21.73 26.13
C LEU A 453 5.70 -21.11 27.05
N SER A 454 5.99 -21.07 28.33
CA SER A 454 5.00 -20.68 29.34
C SER A 454 5.68 -19.90 30.46
N ALA A 455 4.95 -19.70 31.55
CA ALA A 455 5.41 -18.88 32.67
C ALA A 455 5.16 -19.53 34.03
N THR A 456 5.49 -20.80 34.18
CA THR A 456 5.48 -21.50 35.48
C THR A 456 4.09 -21.51 36.14
N VAL A 457 3.17 -22.19 35.48
CA VAL A 457 1.83 -22.46 36.02
C VAL A 457 1.78 -23.76 36.81
N PRO A 458 0.88 -23.89 37.80
CA PRO A 458 0.83 -25.12 38.60
C PRO A 458 0.39 -26.36 37.84
N ASN A 459 -0.71 -26.29 37.11
CA ASN A 459 -1.30 -27.49 36.48
C ASN A 459 -0.80 -27.66 35.04
N ALA A 460 0.51 -27.82 34.90
CA ALA A 460 1.06 -28.01 33.57
C ALA A 460 0.81 -29.41 33.03
N LEU A 461 0.50 -30.36 33.90
CA LEU A 461 0.25 -31.73 33.47
C LEU A 461 -1.22 -32.01 33.18
N GLU A 462 -2.11 -31.10 33.55
CA GLU A 462 -3.51 -31.22 33.16
C GLU A 462 -3.84 -30.42 31.92
N PHE A 463 -2.85 -29.73 31.36
CA PHE A 463 -2.95 -29.01 30.10
C PHE A 463 -2.21 -29.74 29.00
N ALA A 464 -0.98 -30.17 29.29
CA ALA A 464 -0.28 -31.01 28.35
C ALA A 464 -0.98 -32.33 28.15
N ASP A 465 -1.74 -32.79 29.13
CA ASP A 465 -2.55 -34.00 28.93
C ASP A 465 -3.69 -33.76 27.95
N TRP A 466 -4.29 -32.58 28.01
CA TRP A 466 -5.36 -32.23 27.07
C TRP A 466 -4.81 -32.16 25.66
N ILE A 467 -3.66 -31.51 25.49
CA ILE A 467 -3.09 -31.44 24.15
C ILE A 467 -2.51 -32.79 23.72
N GLY A 468 -2.13 -33.63 24.66
CA GLY A 468 -1.60 -34.93 24.29
C GLY A 468 -2.67 -35.85 23.75
N ARG A 469 -3.87 -35.80 24.33
CA ARG A 469 -4.91 -36.68 23.82
C ARG A 469 -5.89 -35.99 22.90
N LEU A 470 -5.74 -34.69 22.67
CA LEU A 470 -6.44 -34.02 21.58
C LEU A 470 -5.78 -34.35 20.24
N LYS A 471 -4.46 -34.21 20.17
CA LYS A 471 -3.68 -34.90 19.18
C LYS A 471 -3.49 -36.32 19.69
N ARG A 472 -2.63 -37.10 19.06
CA ARG A 472 -2.37 -38.43 19.56
C ARG A 472 -0.88 -38.64 19.66
N ARG A 473 -0.20 -37.65 20.18
CA ARG A 473 1.23 -37.68 20.39
C ARG A 473 1.56 -37.39 21.84
N GLN A 474 2.66 -37.96 22.32
CA GLN A 474 3.12 -37.71 23.67
C GLN A 474 3.81 -36.36 23.76
N ILE A 475 3.54 -35.64 24.84
CA ILE A 475 4.08 -34.32 25.07
C ILE A 475 4.92 -34.34 26.33
N TYR A 476 6.12 -33.78 26.26
CA TYR A 476 7.05 -33.81 27.37
C TYR A 476 6.97 -32.49 28.12
N VAL A 477 6.83 -32.55 29.43
CA VAL A 477 6.69 -31.36 30.25
C VAL A 477 8.02 -31.11 30.95
N ILE A 478 8.56 -29.92 30.77
CA ILE A 478 9.80 -29.51 31.40
C ILE A 478 9.52 -28.27 32.25
N SER A 479 9.85 -28.33 33.52
CA SER A 479 9.60 -27.24 34.44
C SER A 479 10.85 -26.97 35.25
N THR A 480 11.17 -25.69 35.45
CA THR A 480 12.39 -25.31 36.14
C THR A 480 12.07 -24.35 37.29
N VAL A 481 13.05 -24.17 38.17
CA VAL A 481 13.03 -23.23 39.27
C VAL A 481 14.42 -22.61 39.38
N THR A 482 14.61 -21.75 40.38
CA THR A 482 15.93 -21.22 40.72
C THR A 482 16.55 -20.47 39.55
N ARG A 483 15.89 -19.40 39.18
CA ARG A 483 16.35 -18.44 38.18
C ARG A 483 17.74 -17.94 38.55
N PRO A 484 18.58 -17.64 37.57
CA PRO A 484 19.89 -17.07 37.88
C PRO A 484 19.72 -15.68 38.47
N VAL A 485 20.83 -15.16 38.99
CA VAL A 485 20.91 -13.84 39.60
C VAL A 485 19.69 -13.59 40.49
N PRO A 486 19.57 -14.26 41.64
CA PRO A 486 18.37 -14.13 42.46
C PRO A 486 18.18 -12.69 42.90
N LEU A 487 17.02 -12.42 43.48
CA LEU A 487 16.67 -11.04 43.76
C LEU A 487 16.21 -10.90 45.20
N GLU A 488 16.69 -9.85 45.85
CA GLU A 488 16.35 -9.51 47.22
C GLU A 488 15.33 -8.38 47.19
N HIS A 489 14.15 -8.65 47.73
CA HIS A 489 13.06 -7.69 47.75
C HIS A 489 13.16 -6.79 48.97
N TYR A 490 13.58 -5.56 48.77
CA TYR A 490 13.73 -4.56 49.81
C TYR A 490 12.46 -3.72 49.95
N LEU A 491 12.56 -2.74 50.85
CA LEU A 491 11.50 -1.77 51.10
C LEU A 491 12.16 -0.45 51.50
N PHE A 492 11.88 0.61 50.77
CA PHE A 492 12.49 1.92 51.00
C PHE A 492 11.43 2.88 51.53
N THR A 493 11.62 3.36 52.75
CA THR A 493 10.75 4.37 53.34
C THR A 493 11.61 5.60 53.60
N GLY A 494 11.11 6.77 53.19
CA GLY A 494 11.95 7.95 53.22
C GLY A 494 12.38 8.29 54.63
N ASN A 495 13.61 8.77 54.77
CA ASN A 495 14.12 9.29 56.03
C ASN A 495 15.40 10.04 55.75
N SER A 496 15.56 11.20 56.40
CA SER A 496 16.73 12.07 56.22
C SER A 496 17.00 12.28 54.73
N SER A 497 16.00 12.87 54.07
CA SER A 497 15.94 12.96 52.61
C SER A 497 17.15 13.62 51.97
N LYS A 498 18.01 14.31 52.74
CA LYS A 498 19.14 15.01 52.14
C LYS A 498 20.10 14.03 51.48
N THR A 499 20.68 13.14 52.26
CA THR A 499 21.57 12.16 51.67
C THR A 499 21.22 10.74 52.07
N GLN A 500 20.81 10.54 53.33
CA GLN A 500 20.66 9.21 53.90
C GLN A 500 19.46 8.46 53.33
N GLY A 501 19.70 7.26 52.82
CA GLY A 501 18.63 6.38 52.44
C GLY A 501 18.79 5.02 53.09
N GLU A 502 17.80 4.59 53.86
CA GLU A 502 17.82 3.29 54.52
C GLU A 502 16.76 2.38 53.91
N LEU A 503 17.20 1.18 53.51
CA LEU A 503 16.36 0.16 52.91
C LEU A 503 16.24 -1.02 53.87
N PHE A 504 15.01 -1.44 54.12
CA PHE A 504 14.70 -2.55 55.02
C PHE A 504 14.46 -3.81 54.18
N LEU A 505 15.08 -4.93 54.58
CA LEU A 505 14.94 -6.18 53.83
C LEU A 505 13.74 -6.97 54.35
N LEU A 506 12.77 -7.23 53.47
CA LEU A 506 11.63 -8.07 53.82
C LEU A 506 11.57 -9.41 53.09
N LEU A 507 12.41 -9.64 52.08
CA LEU A 507 12.52 -10.96 51.49
C LEU A 507 13.94 -11.06 50.95
N ASP A 508 14.53 -12.24 51.04
CA ASP A 508 15.94 -12.37 50.75
C ASP A 508 16.17 -13.42 49.67
N SER A 509 17.44 -13.60 49.29
CA SER A 509 17.82 -14.49 48.22
C SER A 509 17.57 -15.95 48.52
N ARG A 510 17.00 -16.28 49.69
CA ARG A 510 16.77 -17.66 50.07
C ARG A 510 15.30 -17.94 50.32
N GLY A 511 14.42 -17.02 49.97
CA GLY A 511 13.00 -17.27 50.03
C GLY A 511 12.41 -17.14 51.40
N ALA A 512 13.23 -16.92 52.42
CA ALA A 512 12.76 -16.81 53.79
C ALA A 512 12.14 -15.44 54.04
N PHE A 513 10.89 -15.42 54.49
CA PHE A 513 10.22 -14.17 54.82
C PHE A 513 10.78 -13.62 56.11
N HIS A 514 11.12 -12.32 56.12
CA HIS A 514 11.69 -11.63 57.28
C HIS A 514 10.69 -10.62 57.85
N THR A 515 10.11 -10.93 59.01
CA THR A 515 9.22 -9.99 59.67
C THR A 515 9.98 -8.84 60.32
N LYS A 516 11.28 -9.02 60.57
CA LYS A 516 12.09 -7.98 61.20
C LYS A 516 12.17 -6.74 60.32
N GLY A 517 12.43 -6.92 59.02
CA GLY A 517 12.51 -5.78 58.13
C GLY A 517 11.20 -5.02 58.07
N TYR A 518 10.08 -5.75 58.08
CA TYR A 518 8.77 -5.10 58.06
C TYR A 518 8.58 -4.25 59.30
N TYR A 519 8.93 -4.79 60.47
CA TYR A 519 8.76 -4.02 61.71
C TYR A 519 9.66 -2.79 61.74
N ALA A 520 10.91 -2.94 61.30
CA ALA A 520 11.81 -1.80 61.29
C ALA A 520 11.29 -0.71 60.35
N ALA A 521 10.82 -1.12 59.17
CA ALA A 521 10.30 -0.15 58.21
C ALA A 521 9.07 0.56 58.75
N VAL A 522 8.15 -0.19 59.36
CA VAL A 522 6.94 0.44 59.87
C VAL A 522 7.28 1.44 60.96
N GLU A 523 8.21 1.07 61.86
CA GLU A 523 8.56 2.00 62.94
C GLU A 523 9.24 3.25 62.40
N ALA A 524 10.11 3.11 61.40
CA ALA A 524 10.74 4.30 60.83
C ALA A 524 9.67 5.19 60.22
N LYS A 525 8.70 4.58 59.53
CA LYS A 525 7.60 5.33 58.95
C LYS A 525 6.86 6.07 60.05
N LYS A 526 6.60 5.39 61.17
CA LYS A 526 5.86 5.98 62.28
C LYS A 526 6.61 7.18 62.84
N GLU A 527 7.92 7.07 63.02
CA GLU A 527 8.68 8.20 63.52
C GLU A 527 8.61 9.36 62.52
N ARG A 528 8.74 9.04 61.23
CA ARG A 528 8.69 10.06 60.18
C ARG A 528 7.33 10.75 60.16
N MET A 529 6.27 10.00 60.44
CA MET A 529 4.91 10.51 60.43
C MET A 529 4.79 11.77 61.27
N GLY A 546 0.56 16.00 47.44
CA GLY A 546 0.89 14.71 46.86
C GLY A 546 2.17 14.74 45.98
N PRO A 547 2.27 15.67 45.02
CA PRO A 547 3.47 15.69 44.15
C PRO A 547 4.69 16.24 44.86
N ALA A 548 4.50 17.18 45.77
CA ALA A 548 5.62 17.84 46.43
C ALA A 548 6.42 16.86 47.27
N GLN A 549 5.77 15.85 47.85
CA GLN A 549 6.52 14.84 48.57
C GLN A 549 7.23 13.91 47.60
N ASP A 550 6.57 13.61 46.48
CA ASP A 550 7.09 12.61 45.57
C ASP A 550 8.35 13.08 44.87
N ARG A 551 8.48 14.39 44.63
CA ARG A 551 9.70 14.87 44.00
C ARG A 551 10.91 14.70 44.92
N GLY A 552 10.76 15.03 46.20
CA GLY A 552 11.86 14.82 47.12
C GLY A 552 12.13 13.35 47.36
N VAL A 553 11.09 12.51 47.30
CA VAL A 553 11.31 11.07 47.49
C VAL A 553 12.17 10.53 46.37
N TYR A 554 11.89 10.94 45.13
CA TYR A 554 12.68 10.42 44.02
C TYR A 554 14.07 11.02 43.99
N LEU A 555 14.25 12.28 44.42
CA LEU A 555 15.64 12.79 44.46
C LEU A 555 16.45 12.20 45.61
N SER A 556 15.80 11.79 46.71
CA SER A 556 16.59 11.13 47.75
C SER A 556 16.91 9.70 47.37
N LEU A 557 15.99 9.05 46.66
CA LEU A 557 16.25 7.70 46.20
C LEU A 557 17.37 7.69 45.18
N LEU A 558 17.32 8.60 44.20
CA LEU A 558 18.38 8.64 43.21
C LEU A 558 19.70 9.12 43.79
N ALA A 559 19.67 9.89 44.90
CA ALA A 559 20.93 10.23 45.55
C ALA A 559 21.54 9.02 46.22
N SER A 560 20.72 8.17 46.84
CA SER A 560 21.27 6.96 47.44
C SER A 560 21.54 5.88 46.40
N LEU A 561 20.97 6.01 45.22
CA LEU A 561 21.17 5.06 44.14
C LEU A 561 22.42 5.36 43.32
N ARG A 562 22.77 6.65 43.16
CA ARG A 562 23.98 6.98 42.42
C ARG A 562 25.24 6.76 43.24
N THR A 563 25.14 6.83 44.57
CA THR A 563 26.32 6.57 45.39
C THR A 563 26.85 5.17 45.18
N ARG A 564 25.97 4.23 44.87
CA ARG A 564 26.36 2.88 44.50
C ARG A 564 26.26 2.75 42.98
N ALA A 565 26.51 1.53 42.47
CA ALA A 565 26.46 1.28 41.03
C ALA A 565 25.13 0.69 40.57
N GLN A 566 24.07 0.81 41.37
CA GLN A 566 22.77 0.24 41.00
C GLN A 566 21.90 1.24 40.26
N LEU A 567 22.44 1.80 39.18
CA LEU A 567 21.82 2.96 38.54
C LEU A 567 20.63 2.69 37.63
N PRO A 568 20.67 1.70 36.71
CA PRO A 568 19.61 1.63 35.70
C PRO A 568 18.27 1.18 36.27
N VAL A 569 17.56 2.10 36.89
CA VAL A 569 16.37 1.81 37.69
C VAL A 569 15.11 2.05 36.85
N VAL A 570 14.21 1.09 36.90
CA VAL A 570 12.95 1.11 36.16
C VAL A 570 11.83 1.33 37.17
N VAL A 571 11.32 2.55 37.22
CA VAL A 571 10.17 2.84 38.07
C VAL A 571 8.92 2.33 37.37
N PHE A 572 8.05 1.65 38.11
CA PHE A 572 6.75 1.24 37.59
C PHE A 572 5.68 2.10 38.26
N THR A 573 5.12 3.04 37.50
CA THR A 573 3.96 3.83 37.90
C THR A 573 2.68 3.20 37.38
N PHE A 574 1.56 3.65 37.93
CA PHE A 574 0.27 3.02 37.68
C PHE A 574 -0.73 3.94 36.99
N SER A 575 -0.30 5.12 36.53
CA SER A 575 -1.13 6.00 35.70
C SER A 575 -0.23 6.97 34.94
N ARG A 576 -0.55 7.19 33.66
CA ARG A 576 0.36 7.90 32.75
C ARG A 576 0.60 9.35 33.13
N GLY A 577 -0.37 10.02 33.76
CA GLY A 577 -0.13 11.39 34.17
C GLY A 577 0.93 11.51 35.25
N ARG A 578 0.88 10.64 36.26
CA ARG A 578 1.96 10.56 37.22
C ARG A 578 3.26 10.13 36.56
N CYS A 579 3.15 9.27 35.54
CA CYS A 579 4.32 8.73 34.88
C CYS A 579 5.12 9.81 34.17
N ASP A 580 4.46 10.70 33.43
CA ASP A 580 5.24 11.74 32.79
C ASP A 580 5.41 12.92 33.72
N GLU A 581 4.64 12.97 34.80
CA GLU A 581 4.67 14.10 35.72
C GLU A 581 5.97 14.09 36.51
N GLN A 582 6.33 12.95 37.11
CA GLN A 582 7.57 12.94 37.89
C GLN A 582 8.81 12.97 37.01
N ALA A 583 8.72 12.47 35.78
CA ALA A 583 9.83 12.58 34.85
C ALA A 583 10.05 14.03 34.44
N SER A 584 8.97 14.81 34.36
CA SER A 584 9.10 16.24 34.15
C SER A 584 9.61 16.94 35.40
N GLY A 585 9.13 16.52 36.57
CA GLY A 585 9.44 17.16 37.83
C GLY A 585 10.81 16.87 38.42
N LEU A 586 11.55 15.90 37.89
CA LEU A 586 12.82 15.53 38.51
C LEU A 586 13.87 16.61 38.24
N THR A 587 14.15 16.88 36.98
CA THR A 587 14.61 18.15 36.40
C THR A 587 16.10 18.50 36.65
N SER A 588 16.86 17.75 37.45
CA SER A 588 18.32 17.95 37.41
C SER A 588 18.99 16.67 37.91
N LEU A 589 19.41 15.82 36.98
CA LEU A 589 20.42 14.81 37.31
C LEU A 589 21.66 14.92 36.44
N ASP A 590 21.49 14.92 35.10
CA ASP A 590 22.58 14.90 34.12
C ASP A 590 23.60 13.77 34.34
N LEU A 591 23.13 12.55 34.21
CA LEU A 591 23.98 11.39 34.48
C LEU A 591 24.87 10.96 33.32
N THR A 592 25.12 11.78 32.31
CA THR A 592 25.81 11.32 31.12
C THR A 592 27.04 12.18 30.83
N THR A 593 28.11 11.50 30.40
CA THR A 593 29.38 12.13 30.10
C THR A 593 29.31 12.83 28.74
N SER A 594 30.46 13.30 28.25
CA SER A 594 30.48 14.06 27.00
C SER A 594 30.38 13.14 25.77
N SER A 595 31.10 12.02 25.76
CA SER A 595 31.07 11.15 24.59
C SER A 595 29.73 10.45 24.46
N GLU A 596 29.09 10.17 25.59
CA GLU A 596 27.74 9.61 25.54
C GLU A 596 26.76 10.65 25.01
N LYS A 597 27.00 11.93 25.33
CA LYS A 597 26.22 13.01 24.73
C LYS A 597 26.37 13.00 23.22
N SER A 598 27.60 12.84 22.74
CA SER A 598 27.83 12.86 21.30
C SER A 598 27.16 11.68 20.60
N GLU A 599 27.26 10.47 21.18
CA GLU A 599 26.66 9.31 20.52
C GLU A 599 25.13 9.36 20.57
N ILE A 600 24.56 9.81 21.70
CA ILE A 600 23.12 9.98 21.78
C ILE A 600 22.65 10.96 20.72
N HIS A 601 23.37 12.08 20.58
CA HIS A 601 22.96 13.10 19.63
C HIS A 601 23.07 12.60 18.19
N LEU A 602 24.14 11.90 17.85
CA LEU A 602 24.30 11.42 16.48
C LEU A 602 23.24 10.39 16.14
N PHE A 603 23.02 9.41 17.03
CA PHE A 603 22.02 8.39 16.74
C PHE A 603 20.63 9.00 16.61
N LEU A 604 20.26 9.88 17.53
CA LEU A 604 18.91 10.39 17.51
C LEU A 604 18.70 11.34 16.34
N GLN A 605 19.74 12.01 15.89
CA GLN A 605 19.58 12.90 14.76
C GLN A 605 19.53 12.13 13.46
N ARG A 606 20.31 11.04 13.37
CA ARG A 606 20.27 10.21 12.18
C ARG A 606 18.94 9.50 12.03
N CYS A 607 18.36 9.03 13.14
CA CYS A 607 17.08 8.36 13.01
C CYS A 607 15.93 9.32 12.81
N LEU A 608 16.01 10.51 13.39
CA LEU A 608 14.90 11.46 13.30
C LEU A 608 14.94 12.30 12.05
N ALA A 609 16.05 12.32 11.31
CA ALA A 609 16.17 13.24 10.18
C ALA A 609 15.60 12.67 8.89
N ARG A 610 14.97 11.50 8.93
CA ARG A 610 14.28 11.00 7.75
C ARG A 610 13.00 11.77 7.51
N LEU A 611 12.22 11.99 8.57
CA LEU A 611 10.89 12.57 8.41
C LEU A 611 10.96 14.09 8.21
N ARG A 612 9.82 14.68 7.86
CA ARG A 612 9.79 16.02 7.31
C ARG A 612 9.94 17.08 8.40
N GLY A 613 9.78 18.35 8.03
CA GLY A 613 10.09 19.48 8.88
C GLY A 613 9.15 19.73 10.03
N SER A 614 7.88 20.00 9.71
CA SER A 614 6.90 20.27 10.77
C SER A 614 6.78 19.09 11.73
N ASP A 615 6.89 17.88 11.23
CA ASP A 615 6.76 16.68 12.06
C ASP A 615 7.91 16.46 13.03
N ARG A 616 9.04 17.14 12.87
CA ARG A 616 10.16 16.94 13.78
C ARG A 616 10.40 18.06 14.79
N GLN A 617 9.55 19.08 14.83
CA GLN A 617 9.54 20.08 15.90
C GLN A 617 8.11 20.24 16.38
N LEU A 618 7.71 19.40 17.33
CA LEU A 618 6.41 19.50 17.97
C LEU A 618 6.55 19.00 19.41
N PRO A 619 5.63 19.37 20.30
CA PRO A 619 5.97 19.36 21.75
C PRO A 619 6.61 18.09 22.30
N GLN A 620 6.01 16.91 22.11
CA GLN A 620 6.60 15.71 22.70
C GLN A 620 7.99 15.43 22.15
N VAL A 621 8.20 15.60 20.85
CA VAL A 621 9.52 15.28 20.31
C VAL A 621 10.59 16.12 20.99
N LEU A 622 10.37 17.43 21.10
CA LEU A 622 11.33 18.33 21.74
C LEU A 622 11.51 17.98 23.22
N HIS A 623 10.40 17.80 23.93
CA HIS A 623 10.46 17.54 25.36
C HIS A 623 11.18 16.24 25.66
N MET A 624 10.87 15.19 24.91
CA MET A 624 11.53 13.90 25.08
C MET A 624 13.00 13.98 24.72
N SER A 625 13.34 14.72 23.66
CA SER A 625 14.75 14.86 23.34
C SER A 625 15.50 15.55 24.48
N GLU A 626 14.87 16.56 25.10
CA GLU A 626 15.51 17.21 26.23
C GLU A 626 15.74 16.24 27.37
N LEU A 627 14.73 15.45 27.74
CA LEU A 627 14.92 14.48 28.82
C LEU A 627 15.98 13.43 28.45
N LEU A 628 15.94 12.93 27.22
CA LEU A 628 16.90 11.91 26.79
C LEU A 628 18.32 12.44 26.79
N ASN A 629 18.48 13.74 26.55
CA ASN A 629 19.83 14.31 26.53
C ASN A 629 20.53 14.07 27.86
N ARG A 630 19.84 14.26 28.97
CA ARG A 630 20.41 13.96 30.27
C ARG A 630 20.57 12.46 30.53
N GLY A 631 19.75 11.63 29.89
CA GLY A 631 19.79 10.21 30.19
C GLY A 631 18.60 9.73 30.99
N LEU A 632 17.41 10.25 30.70
CA LEU A 632 16.17 9.85 31.34
C LEU A 632 15.09 9.60 30.30
N GLY A 633 14.24 8.60 30.54
CA GLY A 633 13.17 8.32 29.61
C GLY A 633 11.86 8.02 30.31
N VAL A 634 10.79 8.15 29.53
CA VAL A 634 9.45 7.78 29.99
C VAL A 634 8.92 6.79 28.95
N HIS A 635 8.11 5.84 29.40
CA HIS A 635 7.66 4.76 28.51
C HIS A 635 6.21 4.34 28.74
N HIS A 636 5.29 5.28 28.85
CA HIS A 636 3.90 4.91 29.06
C HIS A 636 3.23 4.71 27.70
N SER A 637 1.93 4.47 27.68
CA SER A 637 1.24 4.13 26.44
C SER A 637 0.72 5.32 25.67
N GLY A 638 1.00 6.55 26.10
CA GLY A 638 0.46 7.70 25.42
C GLY A 638 1.47 8.50 24.64
N ILE A 639 2.48 7.86 24.08
CA ILE A 639 3.50 8.57 23.32
C ILE A 639 3.63 7.90 21.97
N LEU A 640 4.14 8.66 21.01
CA LEU A 640 4.25 8.15 19.66
C LEU A 640 5.18 6.94 19.62
N PRO A 641 4.87 5.94 18.80
CA PRO A 641 5.75 4.76 18.71
C PRO A 641 7.15 5.08 18.26
N ILE A 642 7.36 6.21 17.61
CA ILE A 642 8.70 6.54 17.17
C ILE A 642 9.53 6.95 18.37
N LEU A 643 8.89 7.28 19.48
CA LEU A 643 9.63 7.66 20.66
C LEU A 643 9.82 6.51 21.63
N LYS A 644 8.85 5.60 21.69
CA LYS A 644 9.07 4.35 22.40
C LYS A 644 10.23 3.56 21.80
N GLU A 645 10.32 3.52 20.47
CA GLU A 645 11.41 2.74 19.91
C GLU A 645 12.77 3.38 20.16
N ILE A 646 12.87 4.72 20.12
CA ILE A 646 14.15 5.34 20.45
C ILE A 646 14.50 5.10 21.91
N VAL A 647 13.53 5.23 22.82
CA VAL A 647 13.83 5.01 24.23
C VAL A 647 14.31 3.59 24.46
N GLU A 648 13.63 2.62 23.85
CA GLU A 648 14.00 1.22 24.05
C GLU A 648 15.35 0.91 23.42
N MET A 649 15.63 1.46 22.24
CA MET A 649 16.91 1.15 21.62
C MET A 649 18.05 1.88 22.30
N LEU A 650 17.76 2.94 23.05
CA LEU A 650 18.80 3.57 23.84
C LEU A 650 18.90 3.00 25.25
N PHE A 651 17.97 2.14 25.65
CA PHE A 651 18.09 1.47 26.93
C PHE A 651 18.86 0.15 26.84
N SER A 652 18.91 -0.45 25.66
CA SER A 652 19.63 -1.69 25.43
C SER A 652 21.11 -1.47 25.23
N ARG A 653 21.57 -0.23 25.20
CA ARG A 653 23.00 0.08 25.10
C ARG A 653 23.47 0.90 26.29
N GLY A 654 22.62 1.08 27.31
CA GLY A 654 23.05 1.72 28.53
C GLY A 654 23.32 3.20 28.43
N LEU A 655 22.76 3.87 27.42
CA LEU A 655 22.90 5.31 27.27
C LEU A 655 21.73 6.07 27.87
N VAL A 656 20.82 5.39 28.54
CA VAL A 656 19.78 6.02 29.34
C VAL A 656 19.83 5.35 30.70
N LYS A 657 19.56 6.14 31.73
CA LYS A 657 19.91 5.72 33.08
C LYS A 657 18.73 5.50 33.99
N VAL A 658 17.59 6.15 33.75
CA VAL A 658 16.39 5.98 34.55
C VAL A 658 15.21 5.89 33.60
N LEU A 659 14.38 4.85 33.76
CA LEU A 659 13.20 4.69 32.92
C LEU A 659 11.93 4.73 33.79
N PHE A 660 11.05 5.69 33.51
CA PHE A 660 9.73 5.76 34.16
C PHE A 660 8.70 4.98 33.35
N ALA A 661 8.82 3.66 33.39
CA ALA A 661 7.98 2.80 32.56
C ALA A 661 6.64 2.52 33.24
N THR A 662 5.78 1.79 32.55
CA THR A 662 4.57 1.23 33.11
C THR A 662 4.46 -0.21 32.62
N GLU A 663 3.31 -0.83 32.87
CA GLU A 663 3.15 -2.26 32.55
C GLU A 663 3.42 -2.58 31.09
N THR A 664 3.24 -1.61 30.20
CA THR A 664 3.48 -1.91 28.79
C THR A 664 4.93 -2.30 28.57
N PHE A 665 5.82 -1.71 29.36
CA PHE A 665 7.22 -2.13 29.45
C PHE A 665 7.35 -3.47 30.17
N ALA A 666 6.43 -3.79 31.07
CA ALA A 666 6.54 -5.06 31.77
C ALA A 666 6.14 -6.25 30.91
N MET A 667 5.29 -6.06 29.92
CA MET A 667 4.89 -7.17 29.05
C MET A 667 5.48 -7.11 27.65
N GLY A 668 5.36 -5.97 26.97
CA GLY A 668 5.59 -5.87 25.55
C GLY A 668 7.04 -5.89 25.10
N VAL A 669 7.99 -5.88 26.02
CA VAL A 669 9.40 -5.73 25.70
C VAL A 669 10.22 -6.57 26.68
N ASN A 670 11.53 -6.69 26.40
CA ASN A 670 12.37 -7.51 27.28
C ASN A 670 13.44 -6.73 28.03
N MET A 671 14.42 -6.09 27.34
CA MET A 671 15.32 -5.06 27.86
C MET A 671 15.65 -5.12 29.35
N PRO A 672 16.40 -6.12 29.82
CA PRO A 672 16.60 -6.25 31.26
C PRO A 672 17.33 -5.07 31.87
N ALA A 673 16.97 -4.74 33.10
CA ALA A 673 17.56 -3.63 33.83
C ALA A 673 18.08 -4.12 35.17
N ARG A 674 18.75 -3.22 35.88
CA ARG A 674 19.43 -3.54 37.13
C ARG A 674 18.48 -3.55 38.33
N THR A 675 17.81 -2.43 38.59
CA THR A 675 16.98 -2.30 39.77
C THR A 675 15.57 -1.89 39.39
N VAL A 676 14.59 -2.71 39.74
CA VAL A 676 13.19 -2.41 39.52
C VAL A 676 12.59 -1.85 40.79
N VAL A 677 11.96 -0.68 40.70
CA VAL A 677 11.29 -0.09 41.85
C VAL A 677 9.82 0.13 41.52
N PHE A 678 8.95 -0.38 42.40
CA PHE A 678 7.52 -0.21 42.26
C PHE A 678 7.12 1.12 42.88
N ASP A 679 5.83 1.46 42.82
CA ASP A 679 5.32 2.67 43.44
C ASP A 679 4.05 2.47 44.24
N SER A 680 3.36 1.35 44.08
CA SER A 680 2.13 1.10 44.81
C SER A 680 1.83 -0.39 44.71
N MET A 681 0.73 -0.80 45.35
CA MET A 681 0.35 -2.20 45.38
C MET A 681 -0.93 -2.52 44.63
N ARG A 682 -1.79 -1.54 44.39
CA ARG A 682 -3.09 -1.79 43.76
C ARG A 682 -3.21 -1.07 42.43
N LYS A 683 -3.65 -1.79 41.40
CA LYS A 683 -3.88 -1.22 40.08
C LYS A 683 -5.34 -1.45 39.71
N HIS A 684 -5.96 -0.43 39.11
CA HIS A 684 -7.35 -0.58 38.71
C HIS A 684 -7.48 -1.48 37.50
N ASP A 685 -8.56 -2.26 37.44
CA ASP A 685 -8.81 -3.05 36.25
C ASP A 685 -10.16 -2.68 35.64
N GLY A 686 -11.25 -3.21 36.19
CA GLY A 686 -12.56 -2.85 35.69
C GLY A 686 -13.46 -2.47 36.84
N SER A 687 -13.46 -1.20 37.23
CA SER A 687 -14.29 -0.73 38.34
C SER A 687 -14.07 -1.59 39.59
N THR A 688 -12.81 -1.92 39.88
CA THR A 688 -12.56 -2.77 41.02
C THR A 688 -11.55 -2.22 42.01
N PHE A 689 -10.51 -1.53 41.54
CA PHE A 689 -9.42 -1.04 42.40
C PHE A 689 -8.79 -2.19 43.18
N ARG A 690 -8.41 -3.21 42.43
CA ARG A 690 -7.77 -4.42 42.92
C ARG A 690 -6.29 -4.18 43.20
N ASP A 691 -5.74 -4.99 44.11
CA ASP A 691 -4.32 -5.03 44.39
C ASP A 691 -3.63 -6.03 43.46
N LEU A 692 -2.31 -5.91 43.38
CA LEU A 692 -1.56 -6.78 42.48
C LEU A 692 -1.74 -8.24 42.87
N LEU A 693 -2.15 -9.04 41.89
CA LEU A 693 -2.21 -10.48 42.03
C LEU A 693 -0.80 -11.07 41.94
N PRO A 694 -0.54 -12.20 42.59
CA PRO A 694 0.81 -12.78 42.55
C PRO A 694 1.39 -12.95 41.14
N GLY A 695 0.58 -13.32 40.16
CA GLY A 695 1.11 -13.55 38.83
C GLY A 695 1.76 -12.33 38.20
N GLU A 696 1.17 -11.14 38.37
CA GLU A 696 1.74 -9.94 37.76
C GLU A 696 3.09 -9.61 38.39
N TYR A 697 3.09 -9.38 39.71
CA TYR A 697 4.29 -8.98 40.43
C TYR A 697 5.52 -9.78 40.08
N VAL A 698 5.37 -11.09 39.90
CA VAL A 698 6.54 -11.91 39.62
C VAL A 698 7.22 -11.47 38.34
N GLN A 699 6.45 -11.11 37.31
CA GLN A 699 7.04 -10.72 36.02
C GLN A 699 7.88 -9.44 36.12
N MET A 700 7.27 -8.38 36.65
CA MET A 700 7.94 -7.09 36.74
C MET A 700 9.14 -7.19 37.66
N ALA A 701 8.97 -7.86 38.80
CA ALA A 701 10.09 -8.06 39.72
C ALA A 701 11.16 -8.92 39.09
N GLY A 702 10.77 -9.93 38.33
CA GLY A 702 11.73 -10.84 37.73
C GLY A 702 12.69 -10.18 36.80
N ARG A 703 12.24 -9.19 36.04
CA ARG A 703 13.26 -8.52 35.23
C ARG A 703 14.06 -7.47 35.99
N ALA A 704 14.64 -7.87 37.13
CA ALA A 704 15.49 -7.04 37.97
C ALA A 704 16.97 -7.38 37.86
N GLY A 705 17.35 -8.64 37.97
CA GLY A 705 18.77 -8.95 37.87
C GLY A 705 19.27 -8.93 36.44
N ARG A 706 20.53 -8.54 36.29
CA ARG A 706 21.22 -8.65 35.00
C ARG A 706 22.10 -9.89 34.98
N ARG A 707 22.68 -10.15 33.82
CA ARG A 707 23.33 -11.43 33.53
C ARG A 707 24.84 -11.27 33.58
N GLY A 708 25.43 -11.71 34.69
CA GLY A 708 26.87 -11.73 34.88
C GLY A 708 27.51 -10.39 35.14
N LEU A 709 26.75 -9.31 35.18
CA LEU A 709 27.28 -7.99 35.48
C LEU A 709 27.00 -7.54 36.91
N ASP A 710 26.44 -8.43 37.74
CA ASP A 710 26.14 -8.09 39.13
C ASP A 710 25.78 -9.33 39.93
N PRO A 711 26.01 -9.33 41.26
CA PRO A 711 25.70 -10.51 42.08
C PRO A 711 24.22 -10.85 42.14
N THR A 712 23.38 -9.85 42.42
CA THR A 712 21.94 -10.08 42.56
C THR A 712 21.21 -8.89 41.96
N GLY A 713 19.90 -8.84 42.21
CA GLY A 713 19.08 -7.76 41.77
C GLY A 713 18.18 -7.36 42.91
N THR A 714 17.95 -6.07 43.09
CA THR A 714 17.20 -5.58 44.24
C THR A 714 15.86 -5.04 43.76
N VAL A 715 14.78 -5.56 44.31
CA VAL A 715 13.44 -5.07 44.01
C VAL A 715 12.98 -4.19 45.16
N ILE A 716 12.77 -2.91 44.91
CA ILE A 716 12.53 -1.94 45.96
C ILE A 716 11.04 -1.62 45.98
N LEU A 717 10.34 -1.98 47.05
CA LEU A 717 9.01 -1.44 47.22
C LEU A 717 9.13 -0.06 47.84
N LEU A 718 8.17 0.82 47.54
CA LEU A 718 8.26 2.24 47.87
C LEU A 718 6.98 2.70 48.58
N CYS A 719 6.56 1.95 49.59
CA CYS A 719 5.40 2.31 50.39
C CYS A 719 5.53 3.69 51.01
N LYS A 720 4.54 4.55 50.74
CA LYS A 720 4.52 5.94 51.20
C LYS A 720 3.26 6.31 51.97
N GLY A 721 2.11 5.76 51.60
CA GLY A 721 0.85 6.19 52.19
C GLY A 721 0.58 5.71 53.61
N ARG A 722 0.63 4.40 53.82
CA ARG A 722 0.29 3.80 55.10
C ARG A 722 1.23 2.61 55.29
N VAL A 723 0.94 1.77 56.29
CA VAL A 723 1.77 0.62 56.58
C VAL A 723 1.64 -0.36 55.41
N PRO A 724 2.65 -1.17 55.15
CA PRO A 724 2.54 -2.09 54.01
C PRO A 724 1.48 -3.16 54.19
N GLU A 725 1.03 -3.44 55.42
CA GLU A 725 0.01 -4.46 55.68
C GLU A 725 0.53 -5.83 55.23
N MET A 726 1.56 -6.29 55.94
CA MET A 726 2.33 -7.48 55.55
C MET A 726 1.45 -8.68 55.28
N ALA A 727 0.21 -8.70 55.79
CA ALA A 727 -0.65 -9.86 55.61
C ALA A 727 -0.87 -10.09 54.12
N ASP A 728 -1.19 -9.01 53.40
CA ASP A 728 -1.36 -9.09 51.97
C ASP A 728 -0.02 -9.10 51.26
N LEU A 729 1.04 -8.58 51.89
CA LEU A 729 2.38 -8.75 51.33
C LEU A 729 2.78 -10.22 51.27
N HIS A 730 2.30 -11.02 52.23
CA HIS A 730 2.59 -12.45 52.23
C HIS A 730 2.01 -13.14 51.01
N ARG A 731 0.73 -12.92 50.76
CA ARG A 731 0.10 -13.57 49.62
C ARG A 731 0.45 -12.92 48.29
N MET A 732 0.95 -11.68 48.30
CA MET A 732 1.37 -11.07 47.04
C MET A 732 2.80 -11.45 46.67
N MET A 733 3.72 -11.41 47.63
CA MET A 733 5.13 -11.66 47.37
C MET A 733 5.47 -13.13 47.22
N MET A 734 4.63 -14.02 47.74
CA MET A 734 4.75 -15.45 47.49
C MET A 734 3.34 -16.00 47.33
N GLY A 735 3.17 -16.93 46.41
CA GLY A 735 1.83 -17.42 46.14
C GLY A 735 1.78 -18.15 44.82
N LYS A 736 0.93 -19.17 44.73
CA LYS A 736 0.84 -19.93 43.51
C LYS A 736 0.30 -19.03 42.41
N PRO A 737 0.96 -18.97 41.25
CA PRO A 737 0.71 -17.86 40.33
C PRO A 737 -0.72 -17.75 39.86
N SER A 738 -1.20 -18.78 39.19
CA SER A 738 -2.59 -18.90 38.77
C SER A 738 -2.78 -20.25 38.10
N GLN A 739 -3.97 -20.83 38.21
CA GLN A 739 -4.23 -22.04 37.45
C GLN A 739 -4.36 -21.67 35.98
N LEU A 740 -4.65 -22.64 35.15
CA LEU A 740 -4.71 -22.41 33.71
C LEU A 740 -6.14 -22.76 33.35
N GLN A 741 -6.95 -21.71 33.14
CA GLN A 741 -8.39 -21.79 32.93
C GLN A 741 -8.70 -22.05 31.46
N SER A 742 -9.96 -21.89 31.08
CA SER A 742 -10.35 -22.00 29.68
C SER A 742 -11.51 -21.07 29.38
N GLN A 743 -11.24 -20.00 28.65
CA GLN A 743 -12.26 -19.03 28.25
C GLN A 743 -12.74 -19.30 26.84
N PHE A 744 -13.39 -20.46 26.68
CA PHE A 744 -13.98 -20.82 25.40
C PHE A 744 -15.37 -20.21 25.31
N ARG A 745 -15.70 -19.72 24.14
CA ARG A 745 -17.01 -19.12 23.90
C ARG A 745 -17.28 -19.16 22.42
N LEU A 746 -18.54 -18.93 22.07
CA LEU A 746 -19.00 -19.01 20.69
C LEU A 746 -19.01 -17.62 20.08
N THR A 747 -18.45 -17.49 18.89
CA THR A 747 -18.49 -16.26 18.12
C THR A 747 -19.21 -16.53 16.80
N TYR A 748 -19.64 -15.47 16.11
CA TYR A 748 -20.30 -15.71 14.83
C TYR A 748 -19.33 -16.16 13.75
N THR A 749 -18.11 -15.63 13.74
CA THR A 749 -17.15 -16.03 12.72
C THR A 749 -16.84 -17.53 12.79
N MET A 750 -16.69 -18.08 13.99
CA MET A 750 -16.44 -19.50 14.13
C MET A 750 -17.59 -20.32 13.56
N ILE A 751 -18.82 -19.94 13.91
CA ILE A 751 -20.00 -20.64 13.41
C ILE A 751 -20.05 -20.56 11.89
N LEU A 752 -19.77 -19.39 11.33
CA LEU A 752 -19.78 -19.22 9.89
C LEU A 752 -18.70 -20.06 9.20
N ASN A 753 -17.46 -20.01 9.71
CA ASN A 753 -16.38 -20.80 9.14
C ASN A 753 -16.52 -22.30 9.35
N LEU A 754 -17.44 -22.76 10.18
CA LEU A 754 -17.68 -24.21 10.26
C LEU A 754 -18.93 -24.65 9.55
N LEU A 755 -19.97 -23.82 9.51
CA LEU A 755 -21.13 -24.09 8.67
C LEU A 755 -20.73 -24.12 7.21
N ARG A 756 -19.75 -23.30 6.85
CA ARG A 756 -19.27 -23.19 5.48
C ARG A 756 -18.72 -24.51 4.94
N VAL A 757 -18.02 -25.26 5.78
CA VAL A 757 -17.39 -26.54 5.43
C VAL A 757 -18.36 -27.67 5.75
N ASP A 758 -18.37 -28.70 4.89
CA ASP A 758 -19.39 -29.74 5.03
C ASP A 758 -18.98 -30.88 5.95
N ALA A 759 -17.73 -31.31 5.92
CA ALA A 759 -17.33 -32.44 6.74
C ALA A 759 -17.03 -32.09 8.18
N LEU A 760 -17.00 -30.80 8.53
CA LEU A 760 -16.78 -30.35 9.90
C LEU A 760 -18.06 -29.81 10.48
N ARG A 761 -18.37 -30.22 11.70
CA ARG A 761 -19.52 -29.73 12.45
C ARG A 761 -19.06 -28.87 13.60
N VAL A 762 -19.93 -27.97 14.05
CA VAL A 762 -19.55 -27.06 15.10
C VAL A 762 -19.42 -27.82 16.41
N GLU A 763 -20.17 -28.92 16.58
CA GLU A 763 -20.08 -29.73 17.79
C GLU A 763 -18.76 -30.45 17.92
N ASP A 764 -18.02 -30.63 16.82
CA ASP A 764 -16.68 -31.20 16.91
C ASP A 764 -15.78 -30.31 17.74
N MET A 765 -15.82 -29.00 17.49
CA MET A 765 -15.01 -28.07 18.24
C MET A 765 -15.42 -28.02 19.71
N MET A 766 -16.72 -28.03 20.00
CA MET A 766 -17.14 -28.03 21.41
C MET A 766 -16.69 -29.28 22.13
N LYS A 767 -16.77 -30.43 21.46
CA LYS A 767 -16.30 -31.67 22.07
C LYS A 767 -14.81 -31.59 22.39
N ARG A 768 -14.02 -31.03 21.46
CA ARG A 768 -12.58 -30.99 21.65
C ARG A 768 -12.07 -29.81 22.49
N SER A 769 -12.90 -29.03 23.16
CA SER A 769 -12.39 -27.85 23.87
C SER A 769 -11.90 -28.20 25.26
N PHE A 770 -11.00 -27.36 25.78
CA PHE A 770 -10.36 -27.63 27.07
C PHE A 770 -11.35 -27.57 28.21
N SER A 771 -12.40 -26.75 28.09
CA SER A 771 -13.42 -26.63 29.11
C SER A 771 -14.33 -27.84 29.16
N GLU A 772 -14.19 -28.78 28.23
CA GLU A 772 -14.92 -30.04 28.24
C GLU A 772 -13.99 -31.19 28.58
N PHE A 773 -12.74 -30.91 28.89
CA PHE A 773 -11.78 -31.99 29.13
C PHE A 773 -12.19 -32.90 30.29
N PRO A 774 -12.59 -32.39 31.45
CA PRO A 774 -12.96 -33.32 32.54
C PRO A 774 -14.08 -34.27 32.19
N SER A 775 -15.13 -33.77 31.54
CA SER A 775 -16.25 -34.63 31.16
C SER A 775 -15.87 -35.61 30.06
N ARG A 776 -15.11 -35.16 29.07
CA ARG A 776 -14.85 -35.95 27.88
C ARG A 776 -13.52 -36.69 27.92
N LYS A 777 -12.91 -36.77 29.09
CA LYS A 777 -11.57 -37.35 29.20
C LYS A 777 -11.60 -38.84 28.84
N ASP A 778 -12.40 -39.62 29.56
CA ASP A 778 -12.51 -41.07 29.41
C ASP A 778 -13.60 -41.51 28.43
N SER A 779 -13.59 -41.02 27.20
CA SER A 779 -14.66 -41.38 26.27
C SER A 779 -14.51 -42.81 25.77
N LYS A 780 -13.27 -43.24 25.51
CA LYS A 780 -13.04 -44.61 25.05
C LYS A 780 -13.41 -45.65 26.09
N ALA A 781 -13.30 -45.30 27.38
CA ALA A 781 -13.71 -46.25 28.40
C ALA A 781 -15.23 -46.35 28.46
N HIS A 782 -15.91 -45.22 28.26
CA HIS A 782 -17.37 -45.26 28.25
C HIS A 782 -17.88 -46.08 27.08
N GLU A 783 -17.30 -45.91 25.90
CA GLU A 783 -17.80 -46.64 24.74
C GLU A 783 -17.51 -48.13 24.84
N GLN A 784 -16.33 -48.51 25.35
CA GLN A 784 -16.05 -49.93 25.51
C GLN A 784 -16.91 -50.56 26.62
N ALA A 785 -17.16 -49.81 27.70
CA ALA A 785 -18.04 -50.32 28.74
C ALA A 785 -19.46 -50.49 28.22
N LEU A 786 -19.91 -49.58 27.35
CA LEU A 786 -21.24 -49.71 26.78
C LEU A 786 -21.34 -50.95 25.90
N ALA A 787 -20.37 -51.14 25.01
CA ALA A 787 -20.41 -52.28 24.10
C ALA A 787 -20.21 -53.60 24.81
N GLU A 788 -19.59 -53.60 25.99
CA GLU A 788 -19.40 -54.85 26.71
C GLU A 788 -20.41 -55.10 27.82
N LEU A 789 -21.22 -54.10 28.19
CA LEU A 789 -22.36 -54.37 29.05
C LEU A 789 -23.64 -54.68 28.27
N THR A 790 -23.72 -54.23 27.01
CA THR A 790 -24.82 -54.68 26.17
C THR A 790 -24.77 -56.20 26.02
N LYS A 791 -23.57 -56.77 26.00
CA LYS A 791 -23.42 -58.22 25.97
C LYS A 791 -23.96 -58.85 27.24
N ARG A 792 -23.66 -58.25 28.39
CA ARG A 792 -24.04 -58.88 29.64
C ARG A 792 -25.57 -58.87 29.81
N LEU A 793 -26.27 -57.88 29.27
CA LEU A 793 -27.73 -57.97 29.39
C LEU A 793 -28.31 -59.16 28.64
N GLY A 794 -27.62 -59.65 27.60
CA GLY A 794 -28.18 -60.70 26.77
C GLY A 794 -28.29 -62.05 27.48
N ALA A 795 -28.12 -62.02 28.79
CA ALA A 795 -27.91 -63.19 29.65
C ALA A 795 -29.21 -63.69 30.27
N LEU A 796 -29.99 -62.77 30.87
CA LEU A 796 -31.13 -63.14 31.70
C LEU A 796 -32.18 -63.91 30.91
N GLU A 797 -32.81 -64.88 31.57
CA GLU A 797 -33.87 -65.65 30.93
C GLU A 797 -35.10 -64.78 30.72
N GLU A 798 -35.88 -65.12 29.70
CA GLU A 798 -37.14 -64.41 29.46
C GLU A 798 -38.28 -65.01 30.30
N PRO A 799 -38.90 -64.25 31.20
CA PRO A 799 -39.99 -64.79 32.01
C PRO A 799 -41.32 -64.76 31.26
N ASP A 800 -42.29 -65.47 31.82
CA ASP A 800 -43.66 -65.53 31.32
C ASP A 800 -44.59 -64.98 32.40
N MET A 801 -45.24 -63.85 32.10
CA MET A 801 -46.05 -63.15 33.09
C MET A 801 -47.54 -63.12 32.76
N THR A 802 -47.98 -63.91 31.78
CA THR A 802 -49.38 -63.95 31.34
C THR A 802 -50.25 -64.62 32.40
N GLY A 803 -51.08 -63.83 33.10
CA GLY A 803 -51.97 -64.39 34.10
C GLY A 803 -51.82 -63.80 35.49
N GLN A 804 -51.35 -64.60 36.44
CA GLN A 804 -51.26 -64.14 37.81
C GLN A 804 -50.15 -63.12 37.99
N LEU A 805 -49.29 -62.95 36.99
CA LEU A 805 -48.10 -62.10 37.05
C LEU A 805 -48.23 -60.88 36.16
N VAL A 806 -49.45 -60.55 35.70
CA VAL A 806 -49.63 -59.53 34.67
C VAL A 806 -49.12 -58.18 35.16
N ASP A 807 -49.45 -57.82 36.41
CA ASP A 807 -49.10 -56.54 36.99
C ASP A 807 -47.72 -56.54 37.65
N LEU A 808 -46.93 -57.59 37.44
CA LEU A 808 -45.63 -57.71 38.10
C LEU A 808 -44.71 -56.54 37.82
N PRO A 809 -44.57 -56.06 36.58
CA PRO A 809 -43.71 -54.87 36.38
C PRO A 809 -44.30 -53.60 36.96
N GLU A 810 -45.60 -53.36 36.75
CA GLU A 810 -46.20 -52.12 37.18
C GLU A 810 -46.15 -51.98 38.69
N TYR A 811 -46.44 -53.06 39.41
CA TYR A 811 -46.27 -53.06 40.85
C TYR A 811 -44.88 -52.59 41.26
N TYR A 812 -43.85 -53.10 40.58
CA TYR A 812 -42.49 -52.70 40.90
C TYR A 812 -42.36 -51.19 40.83
N SER A 813 -42.87 -50.58 39.75
CA SER A 813 -42.79 -49.13 39.63
C SER A 813 -43.48 -48.47 40.80
N TRP A 814 -44.68 -48.96 41.15
CA TRP A 814 -45.41 -48.37 42.25
C TRP A 814 -44.63 -48.48 43.55
N GLY A 815 -43.91 -49.59 43.71
CA GLY A 815 -43.08 -49.75 44.89
C GLY A 815 -41.90 -48.78 44.91
N GLU A 816 -41.24 -48.60 43.76
CA GLU A 816 -40.04 -47.78 43.72
C GLU A 816 -40.34 -46.29 43.88
N GLU A 817 -41.28 -45.77 43.08
CA GLU A 817 -41.50 -44.32 43.06
C GLU A 817 -41.86 -43.79 44.44
N LEU A 818 -42.70 -44.53 45.18
CA LEU A 818 -43.05 -44.13 46.53
C LEU A 818 -41.83 -43.88 47.39
N THR A 819 -40.87 -44.82 47.36
CA THR A 819 -39.66 -44.61 48.15
C THR A 819 -38.95 -43.35 47.70
N GLU A 820 -38.83 -43.16 46.37
CA GLU A 820 -38.19 -41.95 45.87
C GLU A 820 -38.96 -40.74 46.40
N THR A 821 -40.29 -40.81 46.29
CA THR A 821 -41.12 -39.73 46.79
C THR A 821 -40.93 -39.58 48.28
N GLN A 822 -40.93 -40.73 48.98
CA GLN A 822 -40.76 -40.69 50.43
C GLN A 822 -39.45 -40.01 50.79
N HIS A 823 -38.38 -40.35 50.06
CA HIS A 823 -37.12 -39.71 50.36
C HIS A 823 -37.21 -38.21 50.12
N MET A 824 -37.83 -37.81 49.02
CA MET A 824 -38.08 -36.40 48.80
C MET A 824 -38.96 -35.83 49.90
N ILE A 825 -40.04 -36.54 50.24
CA ILE A 825 -40.87 -36.08 51.36
C ILE A 825 -40.04 -36.02 52.63
N GLN A 826 -39.14 -36.99 52.83
CA GLN A 826 -38.31 -36.97 54.01
C GLN A 826 -37.44 -35.71 54.03
N ARG A 827 -36.91 -35.34 52.87
CA ARG A 827 -36.18 -34.08 52.76
C ARG A 827 -37.09 -32.90 53.09
N ARG A 828 -38.30 -32.88 52.54
CA ARG A 828 -39.22 -31.77 52.81
C ARG A 828 -39.59 -31.72 54.29
N ILE A 829 -39.04 -32.63 55.08
CA ILE A 829 -39.19 -32.62 56.51
C ILE A 829 -38.01 -31.93 57.16
N MET A 830 -36.79 -32.31 56.80
CA MET A 830 -35.64 -31.65 57.38
C MET A 830 -35.33 -30.33 56.71
N GLU A 831 -35.76 -30.15 55.46
CA GLU A 831 -35.42 -28.91 54.78
C GLU A 831 -36.19 -27.74 55.37
N SER A 832 -37.29 -28.02 56.07
CA SER A 832 -38.17 -26.98 56.61
C SER A 832 -37.56 -26.38 57.88
N VAL A 833 -37.75 -25.07 58.05
CA VAL A 833 -37.34 -24.41 59.30
C VAL A 833 -38.10 -25.00 60.50
N ASN A 834 -39.33 -25.48 60.28
CA ASN A 834 -40.16 -25.99 61.37
C ASN A 834 -39.65 -27.33 61.88
N GLY A 835 -39.19 -28.21 60.99
CA GLY A 835 -38.48 -29.38 61.44
C GLY A 835 -37.25 -29.04 62.26
N LEU A 836 -36.47 -28.05 61.80
CA LEU A 836 -35.31 -27.60 62.57
C LEU A 836 -35.67 -27.01 63.92
N LYS A 837 -36.91 -26.56 64.11
CA LYS A 837 -37.34 -26.14 65.44
C LYS A 837 -37.88 -27.30 66.28
N SER A 838 -38.56 -28.26 65.65
CA SER A 838 -39.15 -29.39 66.37
C SER A 838 -38.10 -30.38 66.85
N LEU A 839 -36.97 -30.45 66.16
CA LEU A 839 -35.94 -31.46 66.43
C LEU A 839 -35.21 -31.07 67.71
N SER A 840 -35.62 -31.67 68.83
CA SER A 840 -35.03 -31.37 70.13
C SER A 840 -35.33 -32.51 71.09
N ALA A 841 -35.02 -32.29 72.36
CA ALA A 841 -35.31 -33.27 73.40
C ALA A 841 -36.82 -33.48 73.54
N GLY A 842 -37.19 -34.70 73.93
CA GLY A 842 -38.58 -35.07 74.04
C GLY A 842 -39.25 -35.44 72.74
N ARG A 843 -38.48 -35.90 71.75
CA ARG A 843 -39.00 -36.24 70.45
C ARG A 843 -38.71 -37.71 70.15
N VAL A 844 -39.74 -38.46 69.80
CA VAL A 844 -39.63 -39.85 69.37
C VAL A 844 -39.60 -39.91 67.85
N VAL A 845 -38.70 -40.72 67.31
CA VAL A 845 -38.55 -40.86 65.86
C VAL A 845 -38.47 -42.34 65.52
N VAL A 846 -38.85 -42.66 64.29
CA VAL A 846 -38.66 -44.00 63.72
C VAL A 846 -37.34 -43.99 62.96
N VAL A 847 -36.43 -44.90 63.33
CA VAL A 847 -35.07 -44.97 62.85
C VAL A 847 -34.92 -46.07 61.79
N LYS A 848 -34.44 -45.70 60.60
CA LYS A 848 -34.28 -46.63 59.48
C LYS A 848 -32.83 -46.59 59.01
N ASN A 849 -32.10 -47.67 59.27
CA ASN A 849 -30.76 -47.87 58.74
C ASN A 849 -30.49 -49.37 58.72
N GLN A 850 -29.23 -49.74 58.49
CA GLN A 850 -28.86 -51.15 58.55
C GLN A 850 -29.00 -51.71 59.95
N GLU A 851 -28.78 -50.88 60.97
CA GLU A 851 -28.90 -51.34 62.34
C GLU A 851 -30.36 -51.44 62.77
N HIS A 852 -31.07 -50.30 62.76
CA HIS A 852 -32.46 -50.25 63.18
C HIS A 852 -33.37 -50.18 61.96
N HIS A 853 -34.26 -51.16 61.83
CA HIS A 853 -35.23 -51.22 60.73
C HIS A 853 -36.58 -50.76 61.27
N ASN A 854 -36.82 -49.45 61.24
CA ASN A 854 -38.07 -48.86 61.73
C ASN A 854 -38.31 -49.24 63.18
N ALA A 855 -37.24 -49.31 63.95
CA ALA A 855 -37.34 -49.46 65.40
C ALA A 855 -37.66 -48.10 66.02
N LEU A 856 -38.55 -48.11 67.00
CA LEU A 856 -38.89 -46.85 67.66
C LEU A 856 -37.75 -46.43 68.57
N GLY A 857 -37.33 -45.18 68.43
CA GLY A 857 -36.33 -44.61 69.30
C GLY A 857 -36.76 -43.22 69.75
N VAL A 858 -36.19 -42.80 70.88
CA VAL A 858 -36.44 -41.48 71.42
C VAL A 858 -35.13 -40.70 71.45
N ILE A 859 -35.16 -39.50 70.86
CA ILE A 859 -34.00 -38.62 70.86
C ILE A 859 -33.83 -38.04 72.26
N LEU A 860 -32.60 -38.05 72.77
CA LEU A 860 -32.38 -37.40 74.05
C LEU A 860 -32.05 -35.93 73.89
N GLN A 861 -31.19 -35.59 72.94
CA GLN A 861 -30.80 -34.21 72.71
C GLN A 861 -30.36 -34.08 71.26
N VAL A 862 -30.41 -32.84 70.77
CA VAL A 862 -29.84 -32.47 69.48
C VAL A 862 -28.67 -31.53 69.72
N SER A 863 -27.53 -31.82 69.09
CA SER A 863 -26.32 -31.05 69.31
C SER A 863 -26.56 -29.59 68.94
N SER A 864 -25.96 -28.69 69.72
CA SER A 864 -26.12 -27.26 69.46
C SER A 864 -25.62 -26.88 68.07
N ASN A 865 -24.55 -27.53 67.60
CA ASN A 865 -24.07 -27.33 66.24
C ASN A 865 -25.02 -28.01 65.27
N SER A 866 -25.95 -27.22 64.71
CA SER A 866 -26.95 -27.74 63.81
C SER A 866 -26.42 -27.98 62.40
N THR A 867 -25.10 -27.93 62.22
CA THR A 867 -24.52 -28.23 60.92
C THR A 867 -24.35 -29.74 60.75
N SER A 868 -23.62 -30.37 61.66
CA SER A 868 -23.52 -31.83 61.69
C SER A 868 -24.45 -32.34 62.78
N ARG A 869 -25.72 -32.52 62.43
CA ARG A 869 -26.75 -32.87 63.40
C ARG A 869 -26.61 -34.34 63.75
N VAL A 870 -25.91 -34.62 64.85
CA VAL A 870 -25.75 -35.97 65.37
C VAL A 870 -26.70 -36.17 66.54
N PHE A 871 -27.55 -37.20 66.45
CA PHE A 871 -28.62 -37.43 67.40
C PHE A 871 -28.23 -38.57 68.33
N THR A 872 -27.93 -38.23 69.58
CA THR A 872 -27.73 -39.25 70.62
C THR A 872 -29.10 -39.80 70.99
N THR A 873 -29.42 -41.01 70.53
CA THR A 873 -30.80 -41.47 70.55
C THR A 873 -30.90 -42.89 71.08
N LEU A 874 -31.86 -43.10 71.97
CA LEU A 874 -32.14 -44.43 72.48
C LEU A 874 -33.02 -45.18 71.49
N VAL A 875 -32.51 -46.27 70.92
CA VAL A 875 -33.22 -47.04 69.92
C VAL A 875 -33.34 -48.48 70.39
N LEU A 876 -34.54 -49.04 70.29
CA LEU A 876 -34.75 -50.44 70.64
C LEU A 876 -34.18 -51.36 69.56
N CYS A 877 -33.53 -52.44 70.00
CA CYS A 877 -33.17 -53.56 69.15
C CYS A 877 -33.26 -54.84 69.96
N ASP A 878 -33.25 -55.98 69.27
CA ASP A 878 -33.21 -57.26 69.97
C ASP A 878 -31.97 -57.34 70.86
N LYS A 879 -32.16 -57.85 72.06
CA LYS A 879 -31.04 -58.12 72.95
C LYS A 879 -30.09 -59.12 72.30
N PRO A 880 -28.79 -58.81 72.20
CA PRO A 880 -27.89 -59.67 71.43
C PRO A 880 -27.61 -61.01 72.11
N LEU A 881 -28.15 -62.09 71.57
CA LEU A 881 -27.83 -63.44 72.05
C LEU A 881 -26.67 -64.03 71.27
N SER A 882 -25.57 -63.29 71.19
CA SER A 882 -24.38 -63.69 70.44
C SER A 882 -23.30 -62.66 70.70
N GLN A 883 -22.06 -63.02 70.34
CA GLN A 883 -20.94 -62.09 70.43
C GLN A 883 -20.01 -62.15 69.23
N ASP A 884 -20.36 -62.90 68.19
CA ASP A 884 -19.45 -63.20 67.10
C ASP A 884 -20.04 -62.71 65.79
N PRO A 885 -19.32 -61.87 65.03
CA PRO A 885 -19.85 -61.35 63.77
C PRO A 885 -19.86 -62.37 62.63
N GLN A 886 -19.42 -63.60 62.87
CA GLN A 886 -19.27 -64.57 61.78
C GLN A 886 -20.59 -65.23 61.42
N ASP A 887 -21.59 -65.17 62.31
CA ASP A 887 -22.91 -65.72 62.04
C ASP A 887 -23.74 -64.82 61.12
N ARG A 888 -23.33 -63.58 60.93
CA ARG A 888 -24.06 -62.64 60.09
C ARG A 888 -23.69 -62.87 58.62
N GLY A 889 -24.71 -63.13 57.80
CA GLY A 889 -24.46 -63.28 56.37
C GLY A 889 -25.58 -62.73 55.50
N PRO A 890 -25.25 -62.46 54.24
CA PRO A 890 -26.24 -61.88 53.32
C PRO A 890 -27.46 -62.76 53.12
N ALA A 891 -28.64 -62.16 53.21
CA ALA A 891 -29.91 -62.88 53.09
C ALA A 891 -30.69 -62.31 51.90
N THR A 892 -31.92 -62.81 51.72
CA THR A 892 -32.76 -62.38 50.61
C THR A 892 -33.06 -60.90 50.74
N ALA A 893 -32.94 -60.17 49.64
CA ALA A 893 -33.25 -58.75 49.68
C ALA A 893 -34.72 -58.54 50.01
N GLU A 894 -34.97 -57.90 51.15
CA GLU A 894 -36.32 -57.72 51.65
C GLU A 894 -37.08 -56.83 50.69
N VAL A 895 -38.01 -57.43 49.95
CA VAL A 895 -38.87 -56.68 49.04
C VAL A 895 -39.74 -55.72 49.84
N PRO A 896 -39.99 -54.51 49.35
CA PRO A 896 -41.03 -53.69 49.99
C PRO A 896 -42.39 -54.27 49.63
N TYR A 897 -43.01 -54.93 50.60
CA TYR A 897 -44.34 -55.49 50.46
C TYR A 897 -45.39 -54.41 50.64
N PRO A 898 -46.64 -54.68 50.25
CA PRO A 898 -47.72 -53.73 50.56
C PRO A 898 -47.77 -53.38 52.03
N ASP A 899 -47.50 -54.36 52.88
CA ASP A 899 -47.48 -54.13 54.32
C ASP A 899 -46.31 -53.23 54.71
N ASP A 900 -45.23 -53.22 53.91
CA ASP A 900 -44.07 -52.37 54.17
C ASP A 900 -44.13 -51.01 53.50
N LEU A 901 -44.95 -50.83 52.47
CA LEU A 901 -44.98 -49.56 51.73
C LEU A 901 -46.08 -48.62 52.17
N VAL A 902 -46.84 -48.96 53.20
CA VAL A 902 -47.87 -48.08 53.74
C VAL A 902 -47.41 -47.63 55.12
N GLY A 903 -46.92 -46.41 55.22
CA GLY A 903 -46.46 -45.85 56.47
C GLY A 903 -45.11 -46.35 56.93
N PHE A 904 -44.96 -46.54 58.24
CA PHE A 904 -43.70 -46.99 58.83
C PHE A 904 -43.95 -48.23 59.68
N LYS A 905 -43.37 -49.35 59.25
CA LYS A 905 -43.55 -50.66 59.86
C LYS A 905 -43.11 -50.69 61.32
N LEU A 906 -44.05 -50.90 62.25
CA LEU A 906 -43.69 -50.86 63.67
C LEU A 906 -42.95 -52.13 64.04
N PHE A 907 -41.65 -52.00 64.28
CA PHE A 907 -40.80 -53.14 64.63
C PHE A 907 -41.19 -53.75 65.97
N LEU A 908 -41.38 -55.07 65.99
CA LEU A 908 -41.63 -55.83 67.20
C LEU A 908 -40.41 -56.71 67.49
N PRO A 909 -39.67 -56.45 68.56
CA PRO A 909 -38.43 -57.21 68.79
C PRO A 909 -38.70 -58.69 69.04
N GLU A 910 -37.93 -59.54 68.35
CA GLU A 910 -38.11 -60.98 68.48
C GLU A 910 -37.58 -61.52 69.81
N GLY A 911 -36.72 -60.76 70.48
CA GLY A 911 -36.17 -61.14 71.75
C GLY A 911 -36.73 -60.28 72.85
N PRO A 912 -36.07 -60.26 74.00
CA PRO A 912 -36.50 -59.35 75.08
C PRO A 912 -36.26 -57.90 74.66
N CYS A 913 -37.02 -57.01 75.28
CA CYS A 913 -37.04 -55.60 74.89
C CYS A 913 -35.82 -54.93 75.50
N ASP A 914 -34.69 -55.01 74.80
CA ASP A 914 -33.47 -54.38 75.25
C ASP A 914 -33.42 -52.94 74.74
N HIS A 915 -32.28 -52.29 74.91
CA HIS A 915 -32.07 -50.93 74.47
C HIS A 915 -30.66 -50.79 73.91
N THR A 916 -30.49 -49.80 73.04
CA THR A 916 -29.17 -49.28 72.73
C THR A 916 -29.29 -47.76 72.71
N VAL A 917 -28.16 -47.08 72.87
CA VAL A 917 -28.09 -45.63 72.66
C VAL A 917 -27.06 -45.41 71.57
N VAL A 918 -27.52 -45.01 70.40
CA VAL A 918 -26.68 -44.94 69.21
C VAL A 918 -26.53 -43.47 68.83
N LYS A 919 -25.40 -43.17 68.18
CA LYS A 919 -25.19 -41.84 67.60
C LYS A 919 -25.68 -41.89 66.17
N LEU A 920 -26.92 -41.45 65.95
CA LEU A 920 -27.57 -41.54 64.67
C LEU A 920 -27.29 -40.29 63.83
N GLN A 921 -27.22 -40.49 62.53
CA GLN A 921 -27.18 -39.39 61.58
C GLN A 921 -28.59 -38.95 61.26
N PRO A 922 -28.75 -37.79 60.62
CA PRO A 922 -30.10 -37.38 60.18
C PRO A 922 -30.76 -38.37 59.23
N GLY A 923 -29.98 -39.04 58.39
CA GLY A 923 -30.55 -39.95 57.41
C GLY A 923 -30.96 -41.30 57.93
N ASP A 924 -30.50 -41.70 59.12
CA ASP A 924 -30.90 -42.99 59.64
C ASP A 924 -32.28 -43.01 60.29
N MET A 925 -32.96 -41.88 60.44
CA MET A 925 -34.28 -41.89 61.06
C MET A 925 -35.33 -41.78 59.97
N ALA A 926 -36.23 -42.75 59.91
CA ALA A 926 -37.23 -42.80 58.85
C ALA A 926 -38.25 -41.68 59.01
N ALA A 927 -38.65 -41.35 60.24
CA ALA A 927 -39.70 -40.36 60.39
C ALA A 927 -39.60 -39.68 61.75
N ILE A 928 -40.13 -38.47 61.81
CA ILE A 928 -40.29 -37.70 63.05
C ILE A 928 -41.73 -37.85 63.50
N THR A 929 -41.96 -38.72 64.49
CA THR A 929 -43.30 -39.07 64.92
C THR A 929 -43.97 -37.93 65.69
N THR A 930 -45.31 -37.95 65.67
CA THR A 930 -46.09 -36.94 66.36
C THR A 930 -46.09 -37.11 67.87
N LYS A 931 -45.78 -38.29 68.38
CA LYS A 931 -45.90 -38.56 69.81
C LYS A 931 -44.86 -37.77 70.60
N VAL A 932 -45.25 -37.35 71.80
CA VAL A 932 -44.40 -36.57 72.70
C VAL A 932 -44.13 -37.37 73.96
N LEU A 933 -42.95 -37.97 74.06
CA LEU A 933 -42.50 -38.70 75.24
C LEU A 933 -41.47 -37.84 75.99
N ARG A 934 -41.89 -37.26 77.10
CA ARG A 934 -41.04 -36.34 77.88
C ARG A 934 -40.03 -37.14 78.71
N VAL A 935 -39.00 -37.64 78.03
CA VAL A 935 -37.92 -38.32 78.73
C VAL A 935 -36.78 -37.34 78.90
N ASN A 936 -36.00 -37.54 79.97
CA ASN A 936 -34.94 -36.62 80.34
C ASN A 936 -33.63 -37.09 79.74
N GLY A 937 -33.11 -36.35 78.76
CA GLY A 937 -31.86 -36.71 78.13
C GLY A 937 -30.67 -36.67 79.07
N GLU A 938 -30.64 -35.68 79.95
CA GLU A 938 -29.51 -35.52 80.87
C GLU A 938 -29.30 -36.76 81.75
N LYS A 939 -30.38 -37.24 82.38
CA LYS A 939 -30.25 -38.42 83.24
C LYS A 939 -29.93 -39.68 82.45
N ILE A 940 -30.47 -39.81 81.24
CA ILE A 940 -30.17 -40.99 80.44
C ILE A 940 -28.72 -40.97 79.99
N LEU A 941 -28.17 -39.79 79.70
CA LEU A 941 -26.74 -39.72 79.40
C LEU A 941 -25.89 -40.02 80.64
N GLU A 942 -26.24 -39.44 81.79
CA GLU A 942 -25.56 -39.69 83.06
C GLU A 942 -25.76 -41.10 83.59
N ASP A 943 -26.58 -41.91 82.93
CA ASP A 943 -26.73 -43.32 83.27
C ASP A 943 -26.08 -44.23 82.25
N PHE A 944 -26.33 -43.99 80.96
CA PHE A 944 -25.73 -44.78 79.89
C PHE A 944 -24.21 -44.63 79.88
N SER A 945 -23.71 -43.39 79.87
CA SER A 945 -22.26 -43.20 79.80
C SER A 945 -21.56 -43.79 81.02
N LYS A 946 -22.20 -43.72 82.18
CA LYS A 946 -21.64 -44.36 83.37
C LYS A 946 -21.64 -45.88 83.25
N ARG A 947 -22.80 -46.45 82.87
CA ARG A 947 -22.92 -47.91 82.84
C ARG A 947 -22.11 -48.53 81.71
N GLN A 948 -21.87 -47.81 80.61
CA GLN A 948 -21.28 -48.48 79.45
C GLN A 948 -19.80 -48.77 79.61
N GLN A 949 -19.25 -48.59 80.82
CA GLN A 949 -18.02 -49.26 81.18
C GLN A 949 -18.26 -50.77 81.12
N PRO A 950 -17.40 -51.52 80.44
CA PRO A 950 -17.62 -52.98 80.37
C PRO A 950 -17.68 -53.67 81.73
N LYS A 951 -16.96 -53.16 82.74
CA LYS A 951 -17.07 -53.75 84.08
C LYS A 951 -18.36 -53.37 84.79
N PHE A 952 -18.91 -52.18 84.50
CA PHE A 952 -20.14 -51.71 85.12
C PHE A 952 -21.33 -51.74 84.17
N LYS A 953 -21.22 -52.50 83.07
CA LYS A 953 -22.33 -52.67 82.14
C LYS A 953 -23.51 -53.40 82.75
N LYS A 954 -23.32 -54.09 83.88
CA LYS A 954 -24.38 -54.92 84.45
C LYS A 954 -25.03 -54.30 85.69
N ASP A 955 -24.99 -52.98 85.84
CA ASP A 955 -25.71 -52.35 86.92
C ASP A 955 -27.22 -52.47 86.71
N PRO A 956 -28.00 -52.48 87.78
CA PRO A 956 -29.47 -52.47 87.64
C PRO A 956 -29.96 -51.25 86.89
N PRO A 957 -31.00 -51.39 86.07
CA PRO A 957 -31.44 -50.29 85.21
C PRO A 957 -31.97 -49.11 86.01
N LEU A 958 -31.84 -47.92 85.43
CA LEU A 958 -32.42 -46.72 86.00
C LEU A 958 -33.85 -46.55 85.54
N ALA A 959 -34.65 -45.89 86.38
CA ALA A 959 -36.09 -45.86 86.16
C ALA A 959 -36.42 -45.10 84.88
N ALA A 960 -35.65 -44.05 84.58
CA ALA A 960 -35.91 -43.27 83.37
C ALA A 960 -35.67 -44.09 82.12
N VAL A 961 -34.62 -44.93 82.13
CA VAL A 961 -34.30 -45.75 80.96
C VAL A 961 -35.36 -46.83 80.77
N THR A 962 -35.71 -47.51 81.85
CA THR A 962 -36.75 -48.53 81.79
C THR A 962 -38.06 -47.93 81.32
N THR A 963 -38.40 -46.74 81.82
CA THR A 963 -39.64 -46.07 81.41
C THR A 963 -39.61 -45.71 79.93
N ALA A 964 -38.48 -45.20 79.43
CA ALA A 964 -38.39 -44.85 78.02
C ALA A 964 -38.52 -46.09 77.14
N VAL A 965 -37.86 -47.18 77.52
CA VAL A 965 -37.92 -48.41 76.72
C VAL A 965 -39.35 -48.95 76.71
N GLN A 966 -40.00 -48.97 77.88
CA GLN A 966 -41.37 -49.46 77.96
C GLN A 966 -42.32 -48.58 77.15
N GLU A 967 -42.10 -47.26 77.18
CA GLU A 967 -42.97 -46.36 76.40
C GLU A 967 -42.78 -46.58 74.91
N LEU A 968 -41.54 -46.80 74.46
CA LEU A 968 -41.30 -47.06 73.05
C LEU A 968 -41.94 -48.38 72.61
N LEU A 969 -41.79 -49.43 73.43
CA LEU A 969 -42.41 -50.71 73.08
C LEU A 969 -43.93 -50.61 73.08
N ARG A 970 -44.51 -49.89 74.04
CA ARG A 970 -45.95 -49.71 74.06
C ARG A 970 -46.40 -48.94 72.82
N LEU A 971 -45.61 -47.95 72.37
CA LEU A 971 -45.94 -47.25 71.13
C LEU A 971 -45.92 -48.19 69.95
N ALA A 972 -44.95 -49.11 69.92
CA ALA A 972 -44.89 -50.11 68.86
C ALA A 972 -46.13 -50.99 68.88
N GLN A 973 -46.53 -51.46 70.06
CA GLN A 973 -47.72 -52.28 70.17
C GLN A 973 -49.01 -51.49 69.90
N ALA A 974 -49.06 -50.20 70.27
CA ALA A 974 -50.32 -49.48 70.26
C ALA A 974 -50.77 -48.97 68.88
N HIS A 975 -50.04 -49.26 67.81
CA HIS A 975 -50.49 -48.83 66.48
C HIS A 975 -50.33 -49.94 65.45
N PRO A 976 -51.40 -50.33 64.77
CA PRO A 976 -51.35 -51.54 63.92
C PRO A 976 -50.31 -51.46 62.82
N ALA A 977 -50.09 -50.29 62.23
CA ALA A 977 -49.09 -50.16 61.18
C ALA A 977 -48.23 -48.90 61.32
N GLY A 978 -48.29 -48.19 62.43
CA GLY A 978 -47.54 -46.95 62.56
C GLY A 978 -48.41 -45.73 62.73
N PRO A 979 -48.13 -44.93 63.75
CA PRO A 979 -48.91 -43.71 63.98
C PRO A 979 -48.57 -42.66 62.94
N PRO A 980 -49.46 -41.71 62.68
CA PRO A 980 -49.16 -40.68 61.68
C PRO A 980 -47.95 -39.85 62.09
N THR A 981 -47.15 -39.46 61.09
CA THR A 981 -45.98 -38.64 61.32
C THR A 981 -46.35 -37.16 61.36
N LEU A 982 -45.41 -36.34 61.82
CA LEU A 982 -45.65 -34.90 61.86
C LEU A 982 -45.58 -34.35 60.44
N ASP A 983 -46.74 -34.24 59.80
CA ASP A 983 -46.83 -33.98 58.37
C ASP A 983 -46.10 -32.68 58.03
N PRO A 984 -45.26 -32.67 56.99
CA PRO A 984 -44.54 -31.43 56.64
C PRO A 984 -45.47 -30.26 56.43
N VAL A 985 -46.65 -30.54 55.87
CA VAL A 985 -47.65 -29.52 55.55
C VAL A 985 -48.73 -29.45 56.61
N ASN A 986 -49.27 -30.61 57.00
CA ASN A 986 -50.47 -30.63 57.85
C ASN A 986 -50.18 -30.66 59.34
N ASP A 987 -48.91 -30.75 59.74
CA ASP A 987 -48.56 -30.66 61.16
C ASP A 987 -47.52 -29.58 61.41
N LEU A 988 -46.65 -29.34 60.45
CA LEU A 988 -45.67 -28.26 60.54
C LEU A 988 -46.17 -26.96 59.93
N GLN A 989 -47.41 -26.95 59.42
CA GLN A 989 -48.06 -25.75 58.88
C GLN A 989 -47.28 -25.14 57.71
N LEU A 990 -47.08 -25.94 56.67
CA LEU A 990 -46.48 -25.48 55.43
C LEU A 990 -47.51 -25.59 54.31
N LYS A 991 -47.20 -24.98 53.15
CA LYS A 991 -48.18 -24.92 52.07
C LYS A 991 -47.61 -25.19 50.68
N ASP A 992 -46.47 -25.87 50.57
CA ASP A 992 -45.91 -26.17 49.27
C ASP A 992 -46.79 -27.16 48.52
N MET A 993 -47.21 -26.78 47.30
CA MET A 993 -48.11 -27.60 46.50
C MET A 993 -47.45 -28.90 46.04
N SER A 994 -46.17 -28.83 45.67
CA SER A 994 -45.47 -29.99 45.14
C SER A 994 -45.48 -31.14 46.15
N VAL A 995 -45.36 -30.81 47.44
CA VAL A 995 -45.33 -31.84 48.47
C VAL A 995 -46.70 -32.49 48.60
N VAL A 996 -47.77 -31.69 48.43
CA VAL A 996 -49.11 -32.24 48.48
C VAL A 996 -49.32 -33.20 47.30
N GLU A 997 -48.87 -32.82 46.10
CA GLU A 997 -49.00 -33.71 44.95
C GLU A 997 -48.22 -35.01 45.15
N GLY A 998 -46.99 -34.91 45.68
CA GLY A 998 -46.23 -36.12 45.99
C GLY A 998 -46.93 -36.99 47.01
N GLY A 999 -47.49 -36.38 48.05
CA GLY A 999 -48.18 -37.16 49.06
C GLY A 999 -49.44 -37.81 48.55
N LEU A 1000 -50.18 -37.14 47.67
CA LEU A 1000 -51.37 -37.74 47.09
C LEU A 1000 -51.02 -38.88 46.15
N ARG A 1001 -49.96 -38.74 45.37
CA ARG A 1001 -49.55 -39.84 44.51
C ARG A 1001 -49.08 -41.02 45.35
N ALA A 1002 -48.35 -40.74 46.42
CA ALA A 1002 -47.96 -41.77 47.38
C ALA A 1002 -49.18 -42.48 47.95
N ARG A 1003 -50.20 -41.71 48.38
CA ARG A 1003 -51.41 -42.31 48.91
C ARG A 1003 -52.10 -43.22 47.89
N LYS A 1004 -52.17 -42.78 46.64
CA LYS A 1004 -52.81 -43.62 45.62
C LYS A 1004 -51.99 -44.88 45.33
N LEU A 1005 -50.66 -44.75 45.34
CA LEU A 1005 -49.82 -45.91 45.10
C LEU A 1005 -49.92 -46.89 46.25
N GLU A 1006 -49.98 -46.40 47.49
CA GLU A 1006 -50.19 -47.25 48.64
C GLU A 1006 -51.52 -47.98 48.56
N GLU A 1007 -52.59 -47.27 48.18
CA GLU A 1007 -53.89 -47.91 48.06
C GLU A 1007 -53.87 -49.01 47.01
N LEU A 1008 -53.24 -48.75 45.85
CA LEU A 1008 -53.17 -49.78 44.82
C LEU A 1008 -52.30 -50.96 45.24
N ILE A 1009 -51.17 -50.66 45.86
CA ILE A 1009 -50.22 -51.67 46.31
C ILE A 1009 -50.84 -52.60 47.35
N GLN A 1010 -51.73 -52.08 48.20
CA GLN A 1010 -52.32 -52.99 49.19
C GLN A 1010 -53.31 -53.99 48.59
N GLY A 1011 -53.43 -54.06 47.26
CA GLY A 1011 -54.30 -55.02 46.58
C GLY A 1011 -53.59 -55.83 45.53
N ALA A 1012 -52.26 -55.86 45.56
CA ALA A 1012 -51.48 -56.45 44.47
C ALA A 1012 -51.71 -57.95 44.33
N GLN A 1013 -51.71 -58.41 43.07
CA GLN A 1013 -51.87 -59.82 42.75
C GLN A 1013 -50.55 -60.59 42.83
N CYS A 1014 -49.42 -59.91 42.62
CA CYS A 1014 -48.12 -60.55 42.71
C CYS A 1014 -47.83 -61.08 44.12
N VAL A 1015 -48.35 -60.41 45.14
CA VAL A 1015 -48.12 -60.84 46.52
C VAL A 1015 -48.62 -62.25 46.76
N HIS A 1016 -49.61 -62.70 45.99
CA HIS A 1016 -50.16 -64.03 46.11
C HIS A 1016 -49.62 -65.02 45.09
N SER A 1017 -48.74 -64.58 44.17
CA SER A 1017 -48.22 -65.47 43.15
C SER A 1017 -47.15 -66.41 43.73
N PRO A 1018 -47.01 -67.61 43.17
CA PRO A 1018 -45.96 -68.53 43.63
C PRO A 1018 -44.55 -68.03 43.37
N ARG A 1019 -44.34 -67.30 42.28
CA ARG A 1019 -43.03 -66.93 41.77
C ARG A 1019 -42.78 -65.44 41.95
N PHE A 1020 -43.25 -64.89 43.07
CA PHE A 1020 -43.06 -63.46 43.32
C PHE A 1020 -41.61 -63.05 43.49
N PRO A 1021 -40.77 -63.71 44.30
CA PRO A 1021 -39.42 -63.16 44.51
C PRO A 1021 -38.51 -63.23 43.28
N ALA A 1022 -38.50 -64.34 42.56
CA ALA A 1022 -37.47 -64.52 41.54
C ALA A 1022 -37.66 -63.59 40.35
N GLN A 1023 -38.79 -63.71 39.65
CA GLN A 1023 -39.10 -62.79 38.55
C GLN A 1023 -38.96 -61.34 38.97
N TYR A 1024 -39.41 -61.00 40.18
CA TYR A 1024 -39.41 -59.60 40.60
C TYR A 1024 -37.98 -59.09 40.75
N LEU A 1025 -37.12 -59.85 41.45
CA LEU A 1025 -35.73 -59.45 41.58
C LEU A 1025 -35.04 -59.36 40.22
N LYS A 1026 -35.35 -60.31 39.32
CA LYS A 1026 -34.79 -60.24 37.97
C LYS A 1026 -35.23 -58.98 37.23
N LEU A 1027 -36.50 -58.59 37.40
CA LEU A 1027 -36.96 -57.32 36.83
C LEU A 1027 -36.23 -56.14 37.45
N ARG A 1028 -35.96 -56.21 38.76
CA ARG A 1028 -35.20 -55.15 39.41
C ARG A 1028 -33.85 -55.00 38.74
N GLU A 1029 -33.17 -56.13 38.55
CA GLU A 1029 -31.83 -56.11 37.97
C GLU A 1029 -31.86 -55.55 36.55
N ARG A 1030 -32.81 -56.02 35.72
CA ARG A 1030 -32.84 -55.57 34.33
C ARG A 1030 -33.12 -54.08 34.25
N MET A 1031 -34.06 -53.57 35.06
CA MET A 1031 -34.35 -52.14 35.00
C MET A 1031 -33.16 -51.31 35.46
N GLN A 1032 -32.47 -51.75 36.53
CA GLN A 1032 -31.30 -51.01 36.99
C GLN A 1032 -30.24 -50.93 35.92
N ILE A 1033 -29.94 -52.07 35.29
CA ILE A 1033 -28.93 -52.10 34.24
C ILE A 1033 -29.35 -51.24 33.03
N GLN A 1034 -30.62 -51.32 32.66
CA GLN A 1034 -31.10 -50.55 31.51
C GLN A 1034 -30.97 -49.05 31.80
N LYS A 1035 -31.29 -48.64 33.03
CA LYS A 1035 -31.20 -47.25 33.43
C LYS A 1035 -29.76 -46.75 33.40
N GLU A 1036 -28.84 -47.56 33.91
CA GLU A 1036 -27.44 -47.17 33.87
C GLU A 1036 -26.95 -47.06 32.43
N MET A 1037 -27.40 -47.95 31.56
CA MET A 1037 -27.07 -47.83 30.14
C MET A 1037 -27.59 -46.53 29.55
N GLU A 1038 -28.83 -46.16 29.89
CA GLU A 1038 -29.39 -44.91 29.35
C GLU A 1038 -28.57 -43.70 29.79
N ARG A 1039 -28.19 -43.65 31.07
CA ARG A 1039 -27.37 -42.52 31.51
C ARG A 1039 -26.04 -42.54 30.78
N LEU A 1040 -25.46 -43.74 30.60
CA LEU A 1040 -24.18 -43.86 29.93
C LEU A 1040 -24.25 -43.34 28.50
N ARG A 1041 -25.32 -43.69 27.77
CA ARG A 1041 -25.45 -43.20 26.41
C ARG A 1041 -25.60 -41.69 26.38
N PHE A 1042 -26.31 -41.12 27.37
CA PHE A 1042 -26.41 -39.67 27.40
C PHE A 1042 -25.06 -39.01 27.61
N LEU A 1043 -24.22 -39.59 28.46
CA LEU A 1043 -22.91 -38.98 28.72
C LEU A 1043 -22.06 -38.89 27.46
N LEU A 1044 -22.23 -39.81 26.53
CA LEU A 1044 -21.50 -39.80 25.26
C LEU A 1044 -22.18 -38.99 24.17
N SER A 1045 -23.37 -38.47 24.40
CA SER A 1045 -24.14 -37.79 23.36
C SER A 1045 -23.73 -36.33 23.27
N ASP A 1046 -24.51 -35.55 22.50
CA ASP A 1046 -24.21 -34.15 22.23
C ASP A 1046 -24.99 -33.22 23.13
N GLN A 1047 -26.11 -33.66 23.67
CA GLN A 1047 -26.88 -32.83 24.57
C GLN A 1047 -26.15 -32.58 25.88
N SER A 1048 -25.11 -33.37 26.17
CA SER A 1048 -24.33 -33.15 27.37
C SER A 1048 -23.59 -31.82 27.30
N LEU A 1049 -23.18 -31.42 26.10
CA LEU A 1049 -22.45 -30.17 25.86
C LEU A 1049 -23.14 -28.97 26.48
N LEU A 1050 -22.41 -28.25 27.30
CA LEU A 1050 -23.01 -27.14 28.03
C LEU A 1050 -23.51 -26.06 27.09
N LEU A 1051 -22.79 -25.82 26.00
CA LEU A 1051 -23.07 -24.67 25.15
C LEU A 1051 -23.95 -24.98 23.96
N LEU A 1052 -24.53 -26.17 23.88
CA LEU A 1052 -25.33 -26.51 22.71
C LEU A 1052 -26.56 -25.62 22.53
N PRO A 1053 -27.36 -25.33 23.56
CA PRO A 1053 -28.48 -24.39 23.36
C PRO A 1053 -28.06 -23.01 22.90
N GLU A 1054 -26.89 -22.54 23.31
CA GLU A 1054 -26.45 -21.21 22.85
C GLU A 1054 -26.05 -21.25 21.39
N TYR A 1055 -25.49 -22.38 20.93
CA TYR A 1055 -25.26 -22.56 19.52
C TYR A 1055 -26.56 -22.51 18.74
N HIS A 1056 -27.60 -23.15 19.26
CA HIS A 1056 -28.87 -23.14 18.56
C HIS A 1056 -29.45 -21.73 18.47
N GLN A 1057 -29.33 -20.97 19.56
CA GLN A 1057 -29.81 -19.60 19.56
C GLN A 1057 -29.03 -18.72 18.59
N ARG A 1058 -27.70 -18.91 18.51
CA ARG A 1058 -26.90 -18.16 17.54
C ARG A 1058 -27.30 -18.49 16.11
N VAL A 1059 -27.54 -19.76 15.82
CA VAL A 1059 -27.94 -20.11 14.45
C VAL A 1059 -29.27 -19.46 14.12
N GLU A 1060 -30.19 -19.39 15.09
CA GLU A 1060 -31.46 -18.70 14.82
C GLU A 1060 -31.24 -17.22 14.55
N VAL A 1061 -30.38 -16.57 15.31
CA VAL A 1061 -30.15 -15.15 15.07
C VAL A 1061 -29.54 -14.94 13.69
N LEU A 1062 -28.66 -15.85 13.28
CA LEU A 1062 -28.08 -15.79 11.94
C LEU A 1062 -29.14 -15.96 10.87
N ARG A 1063 -30.08 -16.88 11.08
CA ARG A 1063 -31.09 -17.19 10.09
C ARG A 1063 -32.19 -16.14 10.03
N THR A 1064 -32.38 -15.35 11.10
CA THR A 1064 -33.38 -14.30 11.05
C THR A 1064 -32.92 -13.14 10.20
N LEU A 1065 -31.66 -12.75 10.33
CA LEU A 1065 -31.04 -11.97 9.29
C LEU A 1065 -30.81 -12.89 8.08
N GLY A 1066 -30.43 -12.31 6.96
CA GLY A 1066 -30.31 -13.16 5.80
C GLY A 1066 -28.95 -13.79 5.53
N TYR A 1067 -28.38 -14.51 6.48
CA TYR A 1067 -27.02 -15.01 6.32
C TYR A 1067 -26.95 -16.50 6.18
N VAL A 1068 -27.96 -17.22 6.62
CA VAL A 1068 -27.95 -18.67 6.63
C VAL A 1068 -29.33 -19.16 6.19
N ASP A 1069 -29.33 -20.03 5.20
CA ASP A 1069 -30.55 -20.65 4.70
C ASP A 1069 -31.10 -21.60 5.77
N GLU A 1070 -32.30 -22.10 5.57
CA GLU A 1070 -32.79 -23.15 6.44
C GLU A 1070 -31.88 -24.37 6.32
N ALA A 1071 -31.72 -25.09 7.43
CA ALA A 1071 -30.83 -26.24 7.50
C ALA A 1071 -29.38 -25.86 7.23
N GLY A 1072 -29.02 -24.62 7.56
CA GLY A 1072 -27.65 -24.16 7.67
C GLY A 1072 -26.73 -24.23 6.46
N THR A 1073 -27.01 -23.47 5.40
CA THR A 1073 -26.07 -23.31 4.30
C THR A 1073 -25.83 -21.81 4.10
N VAL A 1074 -24.56 -21.43 4.06
CA VAL A 1074 -24.19 -20.02 4.07
C VAL A 1074 -24.65 -19.34 2.78
N LYS A 1075 -25.21 -18.16 2.94
CA LYS A 1075 -25.63 -17.30 1.85
C LYS A 1075 -24.53 -16.27 1.56
N LEU A 1076 -24.79 -15.36 0.62
CA LEU A 1076 -23.77 -14.43 0.19
C LEU A 1076 -23.38 -13.48 1.32
N ALA A 1077 -24.37 -12.99 2.07
CA ALA A 1077 -24.07 -12.15 3.22
C ALA A 1077 -23.25 -12.89 4.26
N GLY A 1078 -23.47 -14.19 4.41
CA GLY A 1078 -22.66 -14.96 5.32
C GLY A 1078 -21.21 -15.04 4.91
N ARG A 1079 -20.96 -15.26 3.61
CA ARG A 1079 -19.60 -15.30 3.12
C ARG A 1079 -18.94 -13.94 3.11
N VAL A 1080 -19.73 -12.86 3.10
CA VAL A 1080 -19.13 -11.55 3.26
C VAL A 1080 -18.73 -11.33 4.71
N ALA A 1081 -19.58 -11.69 5.65
CA ALA A 1081 -19.21 -11.49 7.05
C ALA A 1081 -18.19 -12.50 7.52
N CYS A 1082 -17.95 -13.55 6.74
CA CYS A 1082 -16.95 -14.55 7.07
C CYS A 1082 -15.56 -13.95 6.99
N ALA A 1083 -15.21 -13.39 5.83
CA ALA A 1083 -13.89 -12.82 5.61
C ALA A 1083 -13.91 -11.33 5.94
N MET A 1084 -14.06 -11.04 7.22
CA MET A 1084 -14.05 -9.67 7.73
C MET A 1084 -13.34 -9.68 9.07
N SER A 1085 -12.59 -8.61 9.34
CA SER A 1085 -11.76 -8.57 10.54
C SER A 1085 -12.58 -8.49 11.83
N SER A 1086 -13.38 -7.44 12.01
CA SER A 1086 -14.10 -7.27 13.27
C SER A 1086 -15.46 -6.65 13.02
N HIS A 1087 -16.35 -6.77 14.01
CA HIS A 1087 -17.71 -6.27 13.92
C HIS A 1087 -18.37 -6.77 12.65
N GLU A 1088 -18.30 -8.08 12.46
CA GLU A 1088 -18.78 -8.67 11.22
C GLU A 1088 -20.26 -8.40 10.99
N LEU A 1089 -21.10 -8.61 12.02
CA LEU A 1089 -22.53 -8.41 11.86
C LEU A 1089 -22.86 -6.96 11.53
N LEU A 1090 -22.36 -6.03 12.33
CA LEU A 1090 -22.69 -4.63 12.15
C LEU A 1090 -22.15 -4.10 10.83
N LEU A 1091 -20.91 -4.45 10.49
CA LEU A 1091 -20.31 -3.94 9.27
C LEU A 1091 -21.04 -4.45 8.04
N THR A 1092 -21.37 -5.74 8.01
CA THR A 1092 -22.07 -6.23 6.83
C THR A 1092 -23.49 -5.67 6.76
N GLU A 1093 -24.15 -5.46 7.90
CA GLU A 1093 -25.46 -4.82 7.90
C GLU A 1093 -25.38 -3.38 7.40
N LEU A 1094 -24.36 -2.64 7.80
CA LEU A 1094 -24.19 -1.28 7.29
C LEU A 1094 -23.96 -1.28 5.79
N MET A 1095 -23.18 -2.24 5.30
CA MET A 1095 -22.91 -2.29 3.87
C MET A 1095 -24.18 -2.58 3.08
N PHE A 1096 -24.96 -3.56 3.52
CA PHE A 1096 -26.16 -3.92 2.77
C PHE A 1096 -27.19 -2.81 2.84
N ASP A 1097 -27.41 -2.25 4.03
CA ASP A 1097 -28.22 -1.06 4.11
C ASP A 1097 -27.49 0.07 3.34
N ASN A 1098 -28.20 1.14 3.04
CA ASN A 1098 -27.62 2.22 2.24
C ASN A 1098 -27.06 3.35 3.10
N ALA A 1099 -26.56 3.02 4.30
CA ALA A 1099 -26.07 4.06 5.18
C ALA A 1099 -24.83 4.74 4.63
N LEU A 1100 -23.77 3.97 4.38
CA LEU A 1100 -22.48 4.56 4.04
C LEU A 1100 -22.38 5.02 2.59
N SER A 1101 -23.09 4.37 1.66
CA SER A 1101 -22.85 4.58 0.23
C SER A 1101 -22.99 6.03 -0.22
N THR A 1102 -23.86 6.82 0.42
CA THR A 1102 -24.21 8.13 -0.13
C THR A 1102 -23.52 9.27 0.61
N LEU A 1103 -22.30 9.08 1.06
CA LEU A 1103 -21.58 10.12 1.76
C LEU A 1103 -20.27 10.42 1.05
N ARG A 1104 -19.60 11.47 1.49
CA ARG A 1104 -18.30 11.79 0.97
C ARG A 1104 -17.28 10.81 1.54
N PRO A 1105 -16.16 10.60 0.85
CA PRO A 1105 -15.14 9.69 1.41
C PRO A 1105 -14.48 10.21 2.67
N GLU A 1106 -14.45 11.51 2.89
CA GLU A 1106 -13.91 12.07 4.13
C GLU A 1106 -14.90 12.05 5.26
N GLU A 1107 -16.10 11.53 5.03
CA GLU A 1107 -17.13 11.41 6.05
C GLU A 1107 -17.39 9.97 6.44
N ILE A 1108 -17.15 9.02 5.54
CA ILE A 1108 -17.34 7.63 5.88
C ILE A 1108 -16.27 7.19 6.88
N ALA A 1109 -15.06 7.74 6.77
CA ALA A 1109 -14.02 7.43 7.75
C ALA A 1109 -14.38 7.94 9.13
N ALA A 1110 -14.94 9.13 9.22
CA ALA A 1110 -15.29 9.64 10.53
C ALA A 1110 -16.48 8.92 11.09
N LEU A 1111 -17.39 8.49 10.24
CA LEU A 1111 -18.53 7.70 10.69
C LEU A 1111 -18.09 6.32 11.19
N LEU A 1112 -17.12 5.69 10.53
CA LEU A 1112 -16.61 4.39 10.96
C LEU A 1112 -15.62 4.48 12.10
N SER A 1113 -15.18 5.68 12.46
CA SER A 1113 -14.29 5.79 13.60
C SER A 1113 -14.98 5.45 14.91
N GLY A 1114 -16.31 5.31 14.91
CA GLY A 1114 -17.04 4.99 16.10
C GLY A 1114 -16.96 3.54 16.56
N LEU A 1115 -16.38 2.65 15.76
CA LEU A 1115 -16.22 1.25 16.15
C LEU A 1115 -14.87 0.95 16.77
N VAL A 1116 -13.94 1.91 16.80
CA VAL A 1116 -12.53 1.61 17.05
C VAL A 1116 -11.93 2.41 18.20
N CYS A 1117 -12.47 3.56 18.61
CA CYS A 1117 -11.70 4.53 19.37
C CYS A 1117 -11.18 3.98 20.70
N GLN A 1118 -12.02 3.27 21.46
CA GLN A 1118 -11.66 2.81 22.82
C GLN A 1118 -11.14 3.97 23.68
N SER A 1119 -11.97 5.00 23.80
CA SER A 1119 -11.62 6.20 24.54
C SER A 1119 -12.88 6.73 25.20
N PRO A 1120 -12.74 7.52 26.27
CA PRO A 1120 -13.93 8.13 26.89
C PRO A 1120 -14.73 8.91 25.85
N GLY A 1121 -16.03 8.66 25.81
CA GLY A 1121 -16.82 9.16 24.70
C GLY A 1121 -17.86 10.21 25.01
N ASP A 1122 -18.22 10.98 23.98
CA ASP A 1122 -19.25 12.01 24.07
C ASP A 1122 -19.73 12.30 22.66
N ALA A 1123 -20.83 13.05 22.59
CA ALA A 1123 -21.33 13.53 21.31
C ALA A 1123 -20.60 14.82 20.97
N GLY A 1124 -21.06 15.52 19.93
CA GLY A 1124 -20.45 16.76 19.53
C GLY A 1124 -21.50 17.84 19.27
N ASP A 1125 -21.01 19.06 19.12
CA ASP A 1125 -21.81 20.22 18.75
C ASP A 1125 -21.42 20.79 17.41
N GLN A 1126 -20.13 21.05 17.20
CA GLN A 1126 -19.64 21.67 15.97
C GLN A 1126 -19.33 20.56 14.97
N LEU A 1127 -20.41 19.97 14.49
CA LEU A 1127 -20.38 18.90 13.50
C LEU A 1127 -21.36 19.22 12.39
N PRO A 1128 -21.04 18.85 11.16
CA PRO A 1128 -22.00 19.07 10.07
C PRO A 1128 -23.30 18.32 10.32
N ASN A 1129 -24.29 18.63 9.50
CA ASN A 1129 -25.56 17.90 9.61
C ASN A 1129 -25.41 16.47 9.11
N THR A 1130 -24.62 16.25 8.05
CA THR A 1130 -24.55 14.92 7.46
C THR A 1130 -23.96 13.91 8.45
N LEU A 1131 -22.89 14.30 9.14
CA LEU A 1131 -22.33 13.43 10.16
C LEU A 1131 -23.27 13.23 11.33
N LYS A 1132 -23.95 14.31 11.76
CA LYS A 1132 -24.82 14.20 12.91
C LYS A 1132 -26.06 13.37 12.62
N GLN A 1133 -26.40 13.17 11.35
CA GLN A 1133 -27.50 12.27 11.00
C GLN A 1133 -27.02 10.87 10.67
N GLY A 1134 -25.82 10.74 10.09
CA GLY A 1134 -25.24 9.44 9.89
C GLY A 1134 -24.98 8.71 11.19
N ILE A 1135 -24.62 9.43 12.24
CA ILE A 1135 -24.47 8.81 13.55
C ILE A 1135 -25.79 8.21 14.01
N GLU A 1136 -26.90 8.93 13.79
CA GLU A 1136 -28.20 8.39 14.16
C GLU A 1136 -28.55 7.16 13.34
N ARG A 1137 -28.24 7.18 12.04
CA ARG A 1137 -28.53 6.02 11.20
C ARG A 1137 -27.74 4.79 11.67
N VAL A 1138 -26.45 4.98 11.97
CA VAL A 1138 -25.64 3.86 12.45
C VAL A 1138 -26.20 3.34 13.76
N ARG A 1139 -26.61 4.24 14.66
CA ARG A 1139 -27.15 3.80 15.94
C ARG A 1139 -28.46 3.06 15.75
N ALA A 1140 -29.26 3.43 14.75
CA ALA A 1140 -30.50 2.70 14.48
C ALA A 1140 -30.23 1.31 13.96
N VAL A 1141 -29.22 1.14 13.10
CA VAL A 1141 -28.91 -0.20 12.61
C VAL A 1141 -28.41 -1.08 13.77
N ALA A 1142 -27.61 -0.51 14.66
CA ALA A 1142 -27.13 -1.27 15.82
C ALA A 1142 -28.29 -1.64 16.74
N LYS A 1143 -29.26 -0.73 16.90
CA LYS A 1143 -30.42 -1.02 17.71
C LYS A 1143 -31.24 -2.16 17.12
N ARG A 1144 -31.36 -2.19 15.80
CA ARG A 1144 -32.11 -3.28 15.17
C ARG A 1144 -31.43 -4.62 15.40
N ILE A 1145 -30.10 -4.65 15.27
CA ILE A 1145 -29.36 -5.90 15.46
C ILE A 1145 -29.47 -6.38 16.90
N GLY A 1146 -29.35 -5.46 17.86
CA GLY A 1146 -29.47 -5.86 19.25
C GLY A 1146 -30.87 -6.29 19.60
N GLU A 1147 -31.87 -5.74 18.91
CA GLU A 1147 -33.26 -6.11 19.15
C GLU A 1147 -33.57 -7.50 18.60
N VAL A 1148 -32.95 -7.88 17.49
CA VAL A 1148 -33.14 -9.26 17.02
C VAL A 1148 -32.27 -10.24 17.81
N GLN A 1149 -31.21 -9.75 18.45
CA GLN A 1149 -30.40 -10.62 19.31
C GLN A 1149 -31.14 -10.96 20.59
N VAL A 1150 -31.71 -9.95 21.25
CA VAL A 1150 -32.31 -10.16 22.57
C VAL A 1150 -33.65 -10.89 22.48
N ALA A 1151 -34.27 -10.91 21.31
CA ALA A 1151 -35.55 -11.56 21.11
C ALA A 1151 -35.42 -13.03 20.73
N CYS A 1152 -34.24 -13.62 20.87
CA CYS A 1152 -34.01 -15.00 20.48
C CYS A 1152 -33.64 -15.90 21.65
N GLY A 1153 -33.03 -15.38 22.69
CA GLY A 1153 -32.67 -16.18 23.83
C GLY A 1153 -31.32 -15.76 24.34
N LEU A 1154 -30.62 -14.99 23.51
CA LEU A 1154 -29.32 -14.48 23.90
C LEU A 1154 -29.47 -13.56 25.10
N ASN A 1155 -28.45 -13.50 25.92
CA ASN A 1155 -28.46 -12.62 27.07
C ASN A 1155 -27.40 -11.55 26.81
N GLN A 1156 -27.82 -10.51 26.09
CA GLN A 1156 -27.02 -9.30 25.96
C GLN A 1156 -28.01 -8.21 25.61
N THR A 1157 -28.29 -7.33 26.57
CA THR A 1157 -29.35 -6.35 26.43
C THR A 1157 -29.02 -5.34 25.34
N VAL A 1158 -30.07 -4.78 24.74
CA VAL A 1158 -29.88 -3.89 23.58
C VAL A 1158 -28.97 -2.74 23.97
N GLU A 1159 -29.12 -2.25 25.19
CA GLU A 1159 -28.29 -1.16 25.68
C GLU A 1159 -26.84 -1.59 25.77
N GLU A 1160 -26.60 -2.82 26.21
CA GLU A 1160 -25.23 -3.31 26.30
C GLU A 1160 -24.61 -3.52 24.92
N PHE A 1161 -25.42 -3.90 23.92
CA PHE A 1161 -24.85 -4.04 22.58
C PHE A 1161 -24.56 -2.67 21.97
N VAL A 1162 -25.47 -1.71 22.15
CA VAL A 1162 -25.29 -0.41 21.52
C VAL A 1162 -24.27 0.44 22.29
N GLY A 1163 -23.92 0.05 23.52
CA GLY A 1163 -22.92 0.81 24.24
C GLY A 1163 -21.50 0.61 23.78
N GLU A 1164 -21.24 -0.36 22.90
CA GLU A 1164 -19.90 -0.48 22.34
C GLU A 1164 -19.62 0.65 21.35
N LEU A 1165 -20.65 1.17 20.69
CA LEU A 1165 -20.52 2.34 19.83
C LEU A 1165 -20.25 3.59 20.66
N ASN A 1166 -19.02 4.08 20.64
CA ASN A 1166 -18.65 5.26 21.42
C ASN A 1166 -17.92 6.27 20.52
N PHE A 1167 -18.69 7.15 19.90
CA PHE A 1167 -18.14 8.23 19.11
C PHE A 1167 -17.43 9.22 20.02
N GLY A 1168 -16.65 10.11 19.41
CA GLY A 1168 -15.84 11.01 20.21
C GLY A 1168 -14.51 11.27 19.57
N LEU A 1169 -14.18 10.51 18.53
CA LEU A 1169 -13.13 10.86 17.60
C LEU A 1169 -13.68 11.19 16.22
N VAL A 1170 -14.99 11.41 16.08
CA VAL A 1170 -15.56 11.70 14.76
C VAL A 1170 -15.01 13.00 14.23
N GLU A 1171 -15.00 14.02 15.08
CA GLU A 1171 -14.52 15.34 14.67
C GLU A 1171 -13.02 15.32 14.42
N VAL A 1172 -12.29 14.54 15.21
CA VAL A 1172 -10.83 14.54 15.10
C VAL A 1172 -10.41 13.84 13.81
N VAL A 1173 -11.06 12.72 13.49
CA VAL A 1173 -10.77 11.99 12.27
C VAL A 1173 -11.24 12.78 11.07
N TYR A 1174 -12.38 13.46 11.21
CA TYR A 1174 -12.91 14.28 10.11
C TYR A 1174 -11.97 15.42 9.79
N GLU A 1175 -11.36 16.03 10.80
CA GLU A 1175 -10.37 17.06 10.55
C GLU A 1175 -9.06 16.48 10.08
N TRP A 1176 -8.72 15.26 10.51
CA TRP A 1176 -7.47 14.65 10.11
C TRP A 1176 -7.46 14.30 8.64
N ALA A 1177 -8.60 13.86 8.11
CA ALA A 1177 -8.68 13.48 6.71
C ALA A 1177 -9.06 14.64 5.81
N ARG A 1178 -8.36 15.77 5.97
CA ARG A 1178 -8.43 16.88 5.02
C ARG A 1178 -7.08 17.47 4.69
N GLY A 1179 -6.07 17.28 5.54
CA GLY A 1179 -4.76 17.84 5.33
C GLY A 1179 -4.30 18.58 6.58
N MET A 1180 -5.04 18.42 7.66
CA MET A 1180 -4.74 19.12 8.90
C MET A 1180 -3.59 18.46 9.63
N PRO A 1181 -2.52 19.17 9.94
CA PRO A 1181 -1.39 18.56 10.66
C PRO A 1181 -1.71 18.24 12.12
N PHE A 1182 -0.85 17.41 12.70
CA PHE A 1182 -1.13 16.77 13.98
C PHE A 1182 -1.26 17.76 15.14
N SER A 1183 -0.50 18.86 15.10
CA SER A 1183 -0.43 19.77 16.25
C SER A 1183 -1.81 20.33 16.60
N GLU A 1184 -2.55 20.77 15.59
CA GLU A 1184 -3.87 21.32 15.81
C GLU A 1184 -4.80 20.27 16.38
N LEU A 1185 -4.67 19.01 15.94
CA LEU A 1185 -5.45 17.94 16.54
C LEU A 1185 -5.13 17.79 18.01
N ALA A 1186 -3.84 17.86 18.36
CA ALA A 1186 -3.43 17.75 19.75
C ALA A 1186 -4.11 18.83 20.58
N GLY A 1187 -4.17 20.04 20.05
CA GLY A 1187 -4.89 21.08 20.75
C GLY A 1187 -6.38 20.81 20.86
N LEU A 1188 -6.99 20.34 19.76
CA LEU A 1188 -8.45 20.21 19.63
C LEU A 1188 -9.16 19.63 20.85
N SER A 1189 -8.76 18.44 21.30
CA SER A 1189 -9.54 17.75 22.32
C SER A 1189 -8.62 17.01 23.28
N GLY A 1190 -9.20 16.62 24.42
CA GLY A 1190 -8.47 15.98 25.50
C GLY A 1190 -8.38 14.47 25.46
N THR A 1191 -7.61 13.93 24.51
CA THR A 1191 -7.24 12.54 24.49
C THR A 1191 -5.74 12.40 24.23
N PRO A 1192 -5.06 11.50 24.94
CA PRO A 1192 -3.60 11.37 24.80
C PRO A 1192 -3.19 11.05 23.38
N GLU A 1193 -2.11 11.68 22.93
CA GLU A 1193 -1.70 11.61 21.53
C GLU A 1193 -1.19 10.25 21.09
N GLY A 1194 -1.16 9.25 21.96
CA GLY A 1194 -0.89 7.90 21.51
C GLY A 1194 -2.18 7.19 21.18
N LEU A 1195 -3.20 7.46 21.97
CA LEU A 1195 -4.50 6.85 21.78
C LEU A 1195 -5.21 7.42 20.57
N VAL A 1196 -4.68 8.48 19.97
CA VAL A 1196 -5.21 9.00 18.71
C VAL A 1196 -4.52 8.36 17.52
N VAL A 1197 -3.19 8.26 17.56
CA VAL A 1197 -2.49 7.61 16.47
C VAL A 1197 -2.88 6.14 16.39
N ARG A 1198 -3.14 5.51 17.54
CA ARG A 1198 -3.58 4.12 17.53
C ARG A 1198 -4.96 3.96 16.91
N CYS A 1199 -5.87 4.90 17.17
CA CYS A 1199 -7.19 4.82 16.56
C CYS A 1199 -7.13 5.04 15.06
N ILE A 1200 -6.30 5.98 14.62
CA ILE A 1200 -6.21 6.24 13.18
C ILE A 1200 -5.58 5.04 12.48
N GLN A 1201 -4.59 4.41 13.12
CA GLN A 1201 -3.98 3.21 12.55
C GLN A 1201 -4.94 2.04 12.51
N ARG A 1202 -5.84 1.94 13.49
CA ARG A 1202 -6.83 0.87 13.48
C ARG A 1202 -8.01 1.18 12.60
N LEU A 1203 -8.11 2.39 12.07
CA LEU A 1203 -9.15 2.71 11.11
C LEU A 1203 -8.68 2.57 9.67
N ALA A 1204 -7.42 2.90 9.40
CA ALA A 1204 -6.95 2.73 8.04
C ALA A 1204 -6.77 1.27 7.66
N GLU A 1205 -6.82 0.36 8.63
CA GLU A 1205 -6.75 -1.07 8.39
C GLU A 1205 -8.11 -1.74 8.30
N MET A 1206 -9.19 -1.03 8.65
CA MET A 1206 -10.55 -1.49 8.47
C MET A 1206 -11.20 -0.91 7.22
N CYS A 1207 -10.86 0.32 6.89
CA CYS A 1207 -11.27 0.90 5.63
C CYS A 1207 -10.54 0.31 4.49
N ARG A 1208 -9.74 -0.72 4.75
CA ARG A 1208 -9.11 -1.50 3.70
C ARG A 1208 -9.62 -2.92 3.60
N SER A 1209 -10.20 -3.48 4.67
CA SER A 1209 -10.93 -4.71 4.51
C SER A 1209 -12.35 -4.45 4.02
N LEU A 1210 -12.81 -3.21 4.08
CA LEU A 1210 -14.08 -2.92 3.43
C LEU A 1210 -13.91 -2.72 1.94
N ARG A 1211 -12.74 -2.28 1.49
CA ARG A 1211 -12.44 -2.33 0.07
C ARG A 1211 -12.51 -3.74 -0.48
N GLY A 1212 -12.15 -4.72 0.35
CA GLY A 1212 -12.22 -6.12 -0.05
C GLY A 1212 -13.61 -6.72 0.03
N ALA A 1213 -14.45 -6.18 0.89
CA ALA A 1213 -15.79 -6.76 0.99
C ALA A 1213 -16.77 -6.09 0.03
N ALA A 1214 -16.57 -4.82 -0.28
CA ALA A 1214 -17.43 -4.16 -1.25
C ALA A 1214 -17.20 -4.71 -2.65
N ARG A 1215 -16.01 -5.21 -2.94
CA ARG A 1215 -15.78 -5.88 -4.20
C ARG A 1215 -16.40 -7.27 -4.23
N LEU A 1216 -16.71 -7.82 -3.07
CA LEU A 1216 -17.26 -9.17 -3.00
C LEU A 1216 -18.78 -9.12 -3.08
N VAL A 1217 -19.38 -8.11 -2.47
CA VAL A 1217 -20.83 -7.93 -2.56
C VAL A 1217 -21.25 -7.50 -3.95
N GLY A 1218 -20.46 -6.65 -4.60
CA GLY A 1218 -20.87 -6.09 -5.87
C GLY A 1218 -21.25 -4.63 -5.78
N GLU A 1219 -20.55 -3.88 -4.93
CA GLU A 1219 -20.77 -2.44 -4.71
C GLU A 1219 -19.59 -1.64 -5.21
N PRO A 1220 -19.50 -1.34 -6.51
CA PRO A 1220 -18.32 -0.63 -7.01
C PRO A 1220 -18.26 0.85 -6.67
N VAL A 1221 -19.20 1.44 -5.94
CA VAL A 1221 -19.08 2.84 -5.55
C VAL A 1221 -18.57 2.94 -4.12
N LEU A 1222 -18.86 1.93 -3.31
CA LEU A 1222 -18.20 1.85 -2.02
C LEU A 1222 -16.76 1.42 -2.15
N GLY A 1223 -16.44 0.61 -3.14
CA GLY A 1223 -15.06 0.24 -3.32
C GLY A 1223 -14.25 1.45 -3.70
N ALA A 1224 -14.78 2.28 -4.60
CA ALA A 1224 -14.07 3.46 -5.03
C ALA A 1224 -14.09 4.57 -3.99
N LYS A 1225 -14.89 4.47 -2.94
CA LYS A 1225 -14.79 5.46 -1.88
C LYS A 1225 -13.93 4.99 -0.72
N MET A 1226 -13.91 3.69 -0.43
CA MET A 1226 -13.02 3.14 0.57
C MET A 1226 -11.59 3.05 0.08
N GLU A 1227 -11.37 2.99 -1.22
CA GLU A 1227 -10.03 3.04 -1.75
C GLU A 1227 -9.49 4.45 -1.86
N THR A 1228 -10.33 5.45 -1.62
CA THR A 1228 -9.91 6.83 -1.46
C THR A 1228 -9.75 7.21 0.00
N ALA A 1229 -10.71 6.83 0.85
CA ALA A 1229 -10.64 7.17 2.25
C ALA A 1229 -9.44 6.53 2.93
N ALA A 1230 -8.84 5.52 2.32
CA ALA A 1230 -7.64 4.89 2.83
C ALA A 1230 -6.38 5.59 2.38
N THR A 1231 -6.30 6.01 1.11
CA THR A 1231 -5.11 6.67 0.64
C THR A 1231 -4.98 8.11 1.13
N LEU A 1232 -6.03 8.68 1.69
CA LEU A 1232 -5.97 10.04 2.22
C LEU A 1232 -5.80 10.03 3.73
N LEU A 1233 -5.64 8.86 4.31
CA LEU A 1233 -5.65 8.71 5.75
C LEU A 1233 -4.27 8.40 6.31
N ARG A 1234 -3.33 7.98 5.47
CA ARG A 1234 -2.00 7.56 5.88
C ARG A 1234 -0.98 8.41 5.13
N ARG A 1235 -0.44 9.44 5.79
CA ARG A 1235 0.55 10.30 5.14
C ARG A 1235 1.78 10.62 5.95
N ASP A 1236 1.76 10.53 7.28
CA ASP A 1236 2.76 11.23 8.09
C ASP A 1236 3.04 10.42 9.35
N ILE A 1237 3.61 11.08 10.35
CA ILE A 1237 4.19 10.44 11.53
C ILE A 1237 3.25 9.43 12.17
N VAL A 1238 1.97 9.50 11.86
CA VAL A 1238 1.05 8.41 12.24
C VAL A 1238 1.49 7.08 11.65
N PHE A 1239 2.05 7.10 10.44
CA PHE A 1239 2.47 5.88 9.76
C PHE A 1239 3.97 5.82 9.55
N ALA A 1240 4.74 6.41 10.46
CA ALA A 1240 6.19 6.35 10.35
C ALA A 1240 6.65 4.91 10.51
N ALA A 1241 7.60 4.50 9.69
CA ALA A 1241 8.11 3.15 9.76
C ALA A 1241 8.82 2.91 11.08
N SER A 1242 8.58 1.73 11.66
CA SER A 1242 9.21 1.37 12.92
C SER A 1242 10.71 1.19 12.74
N LEU A 1243 11.47 1.59 13.76
CA LEU A 1243 12.92 1.47 13.69
C LEU A 1243 13.35 0.02 13.55
N TYR A 1244 12.71 -0.87 14.31
CA TYR A 1244 13.06 -2.28 14.32
C TYR A 1244 12.88 -2.90 12.94
N THR A 1245 11.80 -2.56 12.26
CA THR A 1245 11.47 -3.18 10.99
C THR A 1245 12.48 -2.87 9.89
N GLN A 1246 12.99 -1.65 9.86
CA GLN A 1246 13.96 -1.29 8.83
C GLN A 1246 15.36 -1.05 9.39
N LEU B 378 60.02 -60.51 28.10
CA LEU B 378 59.19 -59.72 27.18
C LEU B 378 58.86 -60.52 25.92
N HIS B 379 57.79 -61.31 26.00
CA HIS B 379 57.29 -62.06 24.87
C HIS B 379 55.89 -61.63 24.48
N LEU B 380 54.99 -61.51 25.44
CA LEU B 380 53.59 -61.21 25.13
C LEU B 380 53.46 -59.83 24.49
N LYS B 381 54.18 -58.85 25.05
CA LYS B 381 54.14 -57.48 24.53
C LYS B 381 54.73 -57.38 23.13
N ALA B 382 55.82 -58.11 22.85
CA ALA B 382 56.44 -58.06 21.54
C ALA B 382 55.51 -58.56 20.43
N GLU B 383 54.81 -59.66 20.67
CA GLU B 383 53.87 -60.16 19.68
C GLU B 383 52.73 -59.19 19.45
N ALA B 384 52.20 -58.59 20.53
CA ALA B 384 51.13 -57.61 20.40
C ALA B 384 51.61 -56.38 19.62
N LEU B 385 52.82 -55.90 19.90
CA LEU B 385 53.35 -54.76 19.16
C LEU B 385 53.54 -55.09 17.68
N ILE B 386 54.06 -56.28 17.38
CA ILE B 386 54.23 -56.68 15.98
C ILE B 386 52.89 -56.79 15.26
N LYS B 387 51.90 -57.38 15.92
CA LYS B 387 50.57 -57.49 15.31
C LYS B 387 49.96 -56.12 15.08
N LEU B 388 50.09 -55.21 16.05
CA LEU B 388 49.57 -53.86 15.88
C LEU B 388 50.27 -53.16 14.72
N SER B 389 51.60 -53.34 14.60
CA SER B 389 52.32 -52.74 13.49
C SER B 389 51.80 -53.27 12.16
N ASP B 390 51.56 -54.58 12.09
CA ASP B 390 51.07 -55.18 10.85
C ASP B 390 49.66 -54.67 10.52
N TYR B 391 48.82 -54.52 11.52
CA TYR B 391 47.40 -54.21 11.35
C TYR B 391 47.05 -52.73 11.51
N ASP B 392 48.04 -51.82 11.49
CA ASP B 392 47.76 -50.44 11.87
C ASP B 392 47.22 -49.62 10.69
N SER B 393 47.09 -48.32 10.90
CA SER B 393 46.49 -47.38 9.96
C SER B 393 47.50 -46.93 8.89
N SER B 394 47.12 -45.89 8.16
CA SER B 394 47.86 -45.40 6.99
C SER B 394 49.09 -44.60 7.41
N GLU B 395 49.67 -43.90 6.44
CA GLU B 395 51.06 -43.44 6.44
C GLU B 395 51.60 -42.87 7.75
N GLU B 396 50.81 -42.06 8.47
CA GLU B 396 51.27 -41.59 9.77
C GLU B 396 51.41 -42.74 10.75
N ALA B 397 50.40 -43.63 10.78
CA ALA B 397 50.52 -44.86 11.54
C ALA B 397 51.55 -45.79 10.94
N ILE B 398 51.80 -45.70 9.63
CA ILE B 398 52.90 -46.46 9.05
C ILE B 398 54.23 -46.03 9.63
N ARG B 399 54.42 -44.71 9.81
CA ARG B 399 55.60 -44.23 10.51
C ARG B 399 55.61 -44.69 11.95
N THR B 400 54.45 -44.71 12.59
CA THR B 400 54.35 -45.26 13.94
C THR B 400 54.75 -46.75 13.97
N LEU B 401 54.34 -47.50 12.94
CA LEU B 401 54.73 -48.90 12.82
C LEU B 401 56.24 -49.05 12.65
N ASP B 402 56.85 -48.18 11.84
CA ASP B 402 58.30 -48.19 11.70
C ASP B 402 58.97 -47.90 13.04
N GLN B 403 58.43 -46.92 13.79
CA GLN B 403 58.96 -46.61 15.10
C GLN B 403 58.82 -47.80 16.06
N ILE B 404 57.68 -48.49 15.99
CA ILE B 404 57.47 -49.68 16.82
C ILE B 404 58.45 -50.78 16.45
N SER B 405 58.70 -50.96 15.15
CA SER B 405 59.67 -51.96 14.72
C SER B 405 61.06 -51.63 15.22
N ASP B 406 61.44 -50.35 15.19
CA ASP B 406 62.72 -49.95 15.76
C ASP B 406 62.76 -50.16 17.27
N ALA B 407 61.66 -49.84 17.96
CA ALA B 407 61.55 -50.07 19.39
C ALA B 407 61.67 -51.54 19.74
N ASP B 408 61.30 -52.42 18.82
CA ASP B 408 61.40 -53.87 19.00
C ASP B 408 62.44 -54.48 18.07
N ASN B 409 63.53 -53.74 17.82
CA ASN B 409 64.61 -54.21 16.97
C ASN B 409 65.43 -55.23 17.74
N ILE B 410 65.10 -56.50 17.53
CA ILE B 410 65.66 -57.61 18.28
C ILE B 410 65.70 -58.83 17.35
N PRO B 411 65.91 -60.01 17.94
CA PRO B 411 66.05 -61.22 17.14
C PRO B 411 64.67 -61.66 16.61
N GLY B 412 64.66 -62.80 15.92
CA GLY B 412 63.49 -63.27 15.18
C GLY B 412 63.02 -62.21 14.18
N LEU B 413 63.94 -61.87 13.26
CA LEU B 413 63.71 -60.80 12.30
C LEU B 413 62.67 -61.15 11.24
N LEU B 414 62.21 -62.40 11.18
CA LEU B 414 61.15 -62.76 10.25
C LEU B 414 59.84 -62.04 10.50
N VAL B 415 59.70 -61.29 11.59
CA VAL B 415 58.52 -60.45 11.71
C VAL B 415 58.68 -59.10 11.02
N LEU B 416 59.92 -58.65 10.82
CA LEU B 416 60.14 -57.36 10.18
C LEU B 416 59.57 -57.35 8.78
N LYS B 417 59.72 -58.47 8.06
CA LYS B 417 59.16 -58.57 6.72
C LYS B 417 57.66 -58.40 6.77
N SER B 418 57.01 -58.99 7.80
CA SER B 418 55.59 -58.77 7.96
C SER B 418 55.30 -57.30 8.20
N LEU B 419 56.11 -56.65 9.04
CA LEU B 419 55.98 -55.21 9.20
C LEU B 419 56.20 -54.53 7.86
N ALA B 420 57.17 -55.04 7.08
CA ALA B 420 57.41 -54.50 5.76
C ALA B 420 56.17 -54.63 4.90
N TYR B 421 55.48 -55.77 5.00
CA TYR B 421 54.25 -55.94 4.23
C TYR B 421 53.24 -54.88 4.67
N ARG B 422 53.15 -54.65 5.98
CA ARG B 422 52.30 -53.58 6.50
C ARG B 422 52.77 -52.24 5.97
N ASN B 423 54.09 -52.03 5.93
CA ASN B 423 54.62 -50.80 5.38
C ASN B 423 54.25 -50.65 3.91
N LYS B 424 54.13 -51.76 3.17
CA LYS B 424 53.71 -51.68 1.79
C LYS B 424 52.30 -51.09 1.66
N GLY B 425 51.51 -51.14 2.74
CA GLY B 425 50.22 -50.48 2.81
C GLY B 425 50.31 -48.96 2.67
N SER B 426 51.51 -48.38 2.67
CA SER B 426 51.68 -46.95 2.45
C SER B 426 52.39 -46.61 1.16
N PHE B 427 53.45 -47.34 0.80
CA PHE B 427 54.08 -47.21 -0.51
C PHE B 427 54.60 -45.80 -0.77
N ASP B 428 54.98 -45.07 0.27
CA ASP B 428 55.51 -43.72 0.14
C ASP B 428 56.67 -43.57 1.11
N GLU B 429 57.90 -43.58 0.56
CA GLU B 429 59.13 -43.45 1.32
C GLU B 429 59.29 -44.55 2.37
N ALA B 430 58.37 -45.50 2.40
CA ALA B 430 58.40 -46.62 3.32
C ALA B 430 58.41 -47.98 2.66
N ALA B 431 57.80 -48.13 1.48
CA ALA B 431 57.84 -49.40 0.77
C ALA B 431 59.26 -49.77 0.35
N LYS B 432 60.05 -48.78 -0.09
CA LYS B 432 61.43 -49.07 -0.45
C LYS B 432 62.20 -49.56 0.77
N ILE B 433 62.02 -48.87 1.90
CA ILE B 433 62.56 -49.37 3.16
C ILE B 433 61.90 -50.68 3.54
N MET B 434 60.60 -50.83 3.31
CA MET B 434 59.95 -52.11 3.55
C MET B 434 60.51 -53.21 2.66
N GLU B 435 60.78 -52.91 1.39
CA GLU B 435 61.38 -53.91 0.50
C GLU B 435 62.77 -54.31 0.99
N ASP B 436 63.57 -53.33 1.39
CA ASP B 436 64.90 -53.61 1.93
C ASP B 436 64.81 -54.40 3.22
N LEU B 437 63.90 -54.04 4.11
CA LEU B 437 63.74 -54.75 5.37
C LEU B 437 63.32 -56.19 5.15
N LEU B 438 62.39 -56.43 4.22
CA LEU B 438 61.97 -57.79 3.93
C LEU B 438 63.12 -58.59 3.33
N SER B 439 63.88 -58.00 2.40
CA SER B 439 65.01 -58.68 1.81
C SER B 439 66.07 -59.02 2.85
N SER B 440 66.33 -58.08 3.77
CA SER B 440 67.32 -58.30 4.82
C SER B 440 66.87 -59.40 5.78
N TYR B 441 65.60 -59.36 6.19
CA TYR B 441 65.10 -60.34 7.15
C TYR B 441 65.07 -61.73 6.54
N PRO B 442 64.59 -61.85 5.30
CA PRO B 442 64.37 -63.16 4.67
C PRO B 442 65.71 -63.71 4.23
N ASP B 443 66.44 -64.30 5.19
CA ASP B 443 67.78 -64.79 4.96
C ASP B 443 67.91 -66.30 5.05
N LEU B 444 67.50 -66.92 6.15
CA LEU B 444 67.77 -68.34 6.35
C LEU B 444 66.75 -69.20 5.62
N ALA B 445 65.50 -69.15 6.02
CA ALA B 445 64.46 -69.77 5.22
C ALA B 445 63.30 -68.83 4.94
N GLU B 446 62.91 -68.02 5.93
CA GLU B 446 61.75 -67.13 5.84
C GLU B 446 60.59 -67.82 5.14
N VAL B 447 60.32 -69.07 5.51
CA VAL B 447 59.51 -69.96 4.69
C VAL B 447 58.15 -69.35 4.37
N HIS B 448 57.37 -69.05 5.41
CA HIS B 448 56.13 -68.32 5.20
C HIS B 448 56.38 -66.90 4.73
N ALA B 449 57.38 -66.24 5.32
CA ALA B 449 57.66 -64.84 5.01
C ALA B 449 58.12 -64.63 3.58
N LEU B 450 59.01 -65.49 3.06
CA LEU B 450 59.46 -65.31 1.68
C LEU B 450 58.34 -65.54 0.67
N GLU B 451 57.53 -66.58 0.86
CA GLU B 451 56.40 -66.82 -0.04
C GLU B 451 55.39 -65.69 0.02
N ALA B 452 55.09 -65.21 1.23
CA ALA B 452 54.17 -64.09 1.39
C ALA B 452 54.71 -62.83 0.73
N LEU B 453 56.02 -62.58 0.87
CA LEU B 453 56.63 -61.43 0.23
C LEU B 453 56.57 -61.54 -1.29
N ILE B 454 56.80 -62.74 -1.82
CA ILE B 454 56.67 -62.95 -3.26
C ILE B 454 55.23 -62.72 -3.73
N HIS B 455 54.26 -63.18 -2.94
CA HIS B 455 52.86 -62.94 -3.28
C HIS B 455 52.56 -61.44 -3.25
N PHE B 456 53.09 -60.72 -2.26
CA PHE B 456 52.90 -59.27 -2.20
C PHE B 456 53.52 -58.59 -3.41
N THR B 457 54.70 -59.04 -3.83
CA THR B 457 55.32 -58.51 -5.03
C THR B 457 54.45 -58.79 -6.24
N LYS B 458 53.86 -59.98 -6.30
CA LYS B 458 52.92 -60.31 -7.37
C LYS B 458 51.72 -59.37 -7.37
N LYS B 459 51.20 -59.06 -6.19
CA LYS B 459 50.09 -58.11 -6.09
C LYS B 459 50.50 -56.73 -6.60
N ASP B 460 51.71 -56.29 -6.24
CA ASP B 460 52.20 -55.00 -6.73
C ASP B 460 52.35 -55.02 -8.25
N TYR B 461 52.86 -56.11 -8.80
CA TYR B 461 52.98 -56.34 -10.23
C TYR B 461 51.72 -57.03 -10.75
N LEU B 462 51.78 -57.54 -11.99
CA LEU B 462 50.68 -58.32 -12.52
C LEU B 462 50.68 -59.72 -11.93
N GLN B 463 49.75 -60.56 -12.41
CA GLN B 463 49.52 -61.89 -11.86
C GLN B 463 50.51 -62.95 -12.33
N ALA B 464 51.58 -62.57 -13.05
CA ALA B 464 52.54 -63.57 -13.50
C ALA B 464 53.18 -64.30 -12.33
N GLU B 465 53.74 -63.54 -11.38
CA GLU B 465 54.38 -64.15 -10.21
C GLU B 465 53.40 -64.99 -9.41
N LYS B 466 52.12 -64.61 -9.42
CA LYS B 466 51.10 -65.30 -8.64
C LYS B 466 51.02 -66.77 -9.00
N CYS B 467 51.14 -67.10 -10.28
CA CYS B 467 51.03 -68.50 -10.68
C CYS B 467 52.11 -69.35 -10.02
N PHE B 468 53.35 -68.86 -9.99
CA PHE B 468 54.42 -69.58 -9.30
C PHE B 468 54.20 -69.60 -7.79
N GLN B 469 53.82 -68.46 -7.22
CA GLN B 469 53.70 -68.38 -5.77
C GLN B 469 52.60 -69.30 -5.26
N ARG B 470 51.47 -69.37 -5.98
CA ARG B 470 50.34 -70.14 -5.49
C ARG B 470 50.71 -71.61 -5.39
N ALA B 471 51.33 -72.13 -6.46
CA ALA B 471 51.70 -73.53 -6.51
C ALA B 471 52.73 -73.86 -5.45
N LEU B 472 53.78 -73.02 -5.35
CA LEU B 472 54.82 -73.31 -4.37
C LEU B 472 54.29 -73.25 -2.94
N GLU B 473 53.52 -72.21 -2.61
CA GLU B 473 53.00 -72.07 -1.26
C GLU B 473 52.03 -73.20 -0.90
N LYS B 474 51.10 -73.51 -1.80
CA LYS B 474 50.13 -74.57 -1.52
C LYS B 474 50.78 -75.93 -1.40
N ASP B 475 51.73 -76.25 -2.28
CA ASP B 475 52.42 -77.52 -2.18
C ASP B 475 53.28 -77.59 -0.92
N THR B 476 53.93 -76.49 -0.53
CA THR B 476 54.87 -76.57 0.59
C THR B 476 54.16 -76.51 1.93
N GLU B 477 53.44 -75.42 2.20
CA GLU B 477 52.73 -75.27 3.46
C GLU B 477 51.36 -75.90 3.27
N VAL B 478 51.19 -77.13 3.71
CA VAL B 478 49.91 -77.84 3.61
C VAL B 478 49.14 -77.60 4.89
N ALA B 479 48.14 -76.74 4.84
CA ALA B 479 47.32 -76.45 6.00
C ALA B 479 45.96 -75.94 5.53
N GLU B 480 45.16 -75.46 6.46
CA GLU B 480 43.90 -74.80 6.15
C GLU B 480 43.81 -73.39 6.70
N TYR B 481 44.31 -73.13 7.92
CA TYR B 481 44.22 -71.80 8.50
C TYR B 481 45.48 -70.95 8.30
N HIS B 482 46.67 -71.52 8.50
CA HIS B 482 47.88 -70.82 8.07
C HIS B 482 47.95 -70.72 6.55
N TYR B 483 47.53 -71.78 5.86
CA TYR B 483 47.35 -71.75 4.42
C TYR B 483 46.29 -70.75 3.96
N GLN B 484 45.34 -70.39 4.82
CA GLN B 484 44.29 -69.45 4.40
C GLN B 484 44.81 -68.04 4.16
N LEU B 485 45.91 -67.63 4.80
CA LEU B 485 46.47 -66.31 4.49
C LEU B 485 47.08 -66.30 3.09
N GLY B 486 47.86 -67.33 2.76
CA GLY B 486 48.38 -67.46 1.40
C GLY B 486 47.27 -67.67 0.39
N LEU B 487 46.18 -68.31 0.79
CA LEU B 487 45.04 -68.50 -0.10
C LEU B 487 44.37 -67.18 -0.41
N THR B 488 44.27 -66.29 0.58
CA THR B 488 43.67 -64.99 0.33
C THR B 488 44.60 -64.10 -0.49
N TYR B 489 45.91 -64.17 -0.25
CA TYR B 489 46.83 -63.41 -1.08
C TYR B 489 46.84 -63.91 -2.52
N TRP B 490 46.80 -65.23 -2.71
CA TRP B 490 46.76 -65.79 -4.06
C TRP B 490 45.45 -65.47 -4.76
N PHE B 491 44.34 -65.45 -4.04
CA PHE B 491 43.07 -65.09 -4.65
C PHE B 491 43.02 -63.60 -5.01
N MET B 492 43.66 -62.75 -4.20
CA MET B 492 43.71 -61.33 -4.55
C MET B 492 44.59 -61.09 -5.76
N GLY B 493 45.68 -61.85 -5.91
CA GLY B 493 46.51 -61.70 -7.09
C GLY B 493 45.83 -62.29 -8.34
N GLU B 494 45.18 -63.44 -8.19
CA GLU B 494 44.57 -64.16 -9.31
C GLU B 494 43.25 -63.54 -9.77
N GLU B 495 42.55 -62.81 -8.91
CA GLU B 495 41.21 -62.33 -9.22
C GLU B 495 41.20 -61.40 -10.42
N THR B 496 42.36 -60.87 -10.80
CA THR B 496 42.45 -59.97 -11.95
C THR B 496 41.97 -60.66 -13.23
N ARG B 497 42.64 -61.76 -13.61
CA ARG B 497 42.33 -62.38 -14.90
C ARG B 497 41.95 -63.84 -14.80
N LYS B 498 42.57 -64.61 -13.90
CA LYS B 498 42.35 -66.05 -13.89
C LYS B 498 40.91 -66.34 -13.45
N ASP B 499 40.32 -67.37 -14.04
CA ASP B 499 39.01 -67.82 -13.55
C ASP B 499 39.11 -68.44 -12.16
N LYS B 500 40.05 -69.37 -11.98
CA LYS B 500 40.40 -69.95 -10.67
C LYS B 500 39.18 -70.53 -9.97
N THR B 501 38.52 -71.47 -10.67
CA THR B 501 37.38 -72.18 -10.10
C THR B 501 37.79 -73.22 -9.05
N LYS B 502 39.07 -73.59 -9.00
CA LYS B 502 39.56 -74.55 -8.01
C LYS B 502 40.78 -74.10 -7.24
N ALA B 503 41.56 -73.14 -7.76
CA ALA B 503 42.79 -72.74 -7.11
C ALA B 503 42.52 -71.77 -5.96
N LEU B 504 41.72 -70.73 -6.20
CA LEU B 504 41.34 -69.75 -5.19
C LEU B 504 39.96 -69.96 -4.63
N THR B 505 38.99 -70.35 -5.45
CA THR B 505 37.64 -70.55 -4.93
C THR B 505 37.60 -71.69 -3.93
N HIS B 506 38.28 -72.80 -4.24
CA HIS B 506 38.43 -73.89 -3.27
C HIS B 506 39.35 -73.48 -2.13
N PHE B 507 40.32 -72.59 -2.40
CA PHE B 507 41.14 -72.05 -1.33
C PHE B 507 40.30 -71.24 -0.35
N LEU B 508 39.38 -70.43 -0.85
CA LEU B 508 38.46 -69.73 0.03
C LEU B 508 37.51 -70.69 0.74
N LYS B 509 37.15 -71.81 0.10
CA LYS B 509 36.31 -72.79 0.77
C LYS B 509 37.05 -73.44 1.94
N ALA B 510 38.34 -73.74 1.75
CA ALA B 510 39.15 -74.27 2.83
C ALA B 510 39.36 -73.22 3.92
N ALA B 511 39.47 -71.95 3.53
CA ALA B 511 39.58 -70.88 4.51
C ALA B 511 38.29 -70.73 5.30
N ARG B 512 37.15 -71.00 4.67
CA ARG B 512 35.87 -70.94 5.37
C ARG B 512 35.73 -72.12 6.32
N LEU B 513 36.27 -73.27 5.93
CA LEU B 513 36.34 -74.40 6.86
C LEU B 513 37.36 -74.15 7.97
N ASP B 514 38.29 -73.21 7.77
CA ASP B 514 39.27 -72.84 8.78
C ASP B 514 38.90 -71.55 9.51
N THR B 515 37.61 -71.28 9.70
CA THR B 515 37.15 -70.03 10.30
C THR B 515 37.72 -69.79 11.70
N TYR B 516 38.54 -68.75 11.84
CA TYR B 516 39.24 -68.47 13.08
C TYR B 516 38.35 -67.71 14.06
N MET B 517 38.79 -67.68 15.32
CA MET B 517 38.02 -67.04 16.39
C MET B 517 37.92 -65.53 16.22
N GLY B 518 39.02 -64.85 15.87
CA GLY B 518 39.06 -63.40 15.91
C GLY B 518 39.62 -62.84 14.62
N LYS B 519 38.74 -62.22 13.82
CA LYS B 519 39.12 -61.30 12.74
C LYS B 519 40.18 -61.88 11.80
N VAL B 520 40.09 -63.17 11.52
CA VAL B 520 41.02 -63.76 10.56
C VAL B 520 40.41 -64.55 9.42
N PHE B 521 39.13 -64.94 9.47
CA PHE B 521 38.54 -65.66 8.34
C PHE B 521 37.13 -65.27 7.96
N CYS B 522 36.52 -64.27 8.59
CA CYS B 522 35.18 -63.85 8.16
C CYS B 522 35.23 -63.07 6.86
N TYR B 523 36.19 -62.15 6.72
CA TYR B 523 36.29 -61.36 5.49
C TYR B 523 36.54 -62.25 4.28
N LEU B 524 37.23 -63.38 4.48
CA LEU B 524 37.43 -64.30 3.37
C LEU B 524 36.10 -64.89 2.91
N GLY B 525 35.24 -65.26 3.85
CA GLY B 525 33.93 -65.79 3.48
C GLY B 525 33.08 -64.72 2.81
N HIS B 526 33.19 -63.48 3.26
CA HIS B 526 32.46 -62.39 2.61
C HIS B 526 32.93 -62.21 1.18
N TYR B 527 34.25 -62.21 0.95
CA TYR B 527 34.80 -62.04 -0.38
C TYR B 527 34.56 -63.26 -1.25
N TYR B 528 34.28 -64.42 -0.64
CA TYR B 528 33.99 -65.63 -1.39
C TYR B 528 32.58 -65.62 -1.96
N ARG B 529 31.67 -64.89 -1.34
CA ARG B 529 30.27 -64.89 -1.76
C ARG B 529 29.92 -63.65 -2.58
N ASP B 530 30.86 -63.16 -3.38
CA ASP B 530 30.73 -61.82 -3.95
C ASP B 530 29.49 -61.68 -4.82
N VAL B 531 29.41 -62.45 -5.90
CA VAL B 531 28.36 -62.27 -6.90
C VAL B 531 27.66 -63.54 -7.36
N VAL B 532 28.14 -64.71 -6.97
CA VAL B 532 27.73 -65.94 -7.65
C VAL B 532 27.94 -67.10 -6.69
N GLY B 533 27.92 -68.33 -7.23
CA GLY B 533 28.21 -69.54 -6.47
C GLY B 533 27.21 -69.72 -5.32
N ASP B 534 25.96 -70.02 -5.73
CA ASP B 534 24.89 -70.37 -4.80
C ASP B 534 24.60 -69.22 -3.83
N LYS B 535 24.10 -68.13 -4.42
CA LYS B 535 23.85 -66.89 -3.71
C LYS B 535 22.99 -67.07 -2.46
N ASN B 536 22.31 -68.19 -2.29
CA ASN B 536 21.48 -68.32 -1.09
C ASN B 536 22.34 -68.59 0.14
N ARG B 537 23.38 -69.41 0.00
CA ARG B 537 24.32 -69.47 1.10
C ARG B 537 25.15 -68.20 1.14
N ALA B 538 25.22 -67.46 0.02
CA ALA B 538 25.92 -66.19 0.04
C ALA B 538 25.15 -65.20 0.91
N ARG B 539 23.82 -65.30 0.91
CA ARG B 539 23.01 -64.47 1.79
C ARG B 539 23.17 -64.93 3.23
N GLY B 540 23.36 -66.23 3.42
CA GLY B 540 23.56 -66.74 4.77
C GLY B 540 24.89 -66.30 5.33
N CYS B 541 25.96 -66.37 4.53
CA CYS B 541 27.27 -65.98 5.01
C CYS B 541 27.49 -64.49 4.89
N TYR B 542 26.63 -63.77 4.17
CA TYR B 542 26.59 -62.32 4.32
C TYR B 542 26.03 -61.97 5.69
N ARG B 543 24.97 -62.67 6.11
CA ARG B 543 24.43 -62.39 7.43
C ARG B 543 25.45 -62.76 8.49
N LYS B 544 26.17 -63.86 8.28
CA LYS B 544 27.20 -64.27 9.22
C LYS B 544 28.42 -63.35 9.18
N ALA B 545 28.85 -62.93 7.98
CA ALA B 545 30.01 -62.07 7.80
C ALA B 545 29.77 -60.66 8.29
N PHE B 546 28.51 -60.24 8.39
CA PHE B 546 28.16 -58.97 8.97
C PHE B 546 27.93 -59.10 10.47
N GLU B 547 27.47 -60.27 10.91
CA GLU B 547 27.29 -60.53 12.33
C GLU B 547 28.63 -60.64 13.03
N LEU B 548 29.60 -61.31 12.40
CA LEU B 548 30.95 -61.45 12.93
C LEU B 548 31.78 -60.18 12.74
N ASP B 549 31.92 -59.73 11.50
CA ASP B 549 32.66 -58.50 11.21
C ASP B 549 31.67 -57.35 11.09
N ASP B 550 31.78 -56.40 12.01
CA ASP B 550 30.76 -55.37 12.17
C ASP B 550 31.17 -54.05 11.57
N THR B 551 32.47 -53.73 11.59
CA THR B 551 32.91 -52.40 11.19
C THR B 551 32.65 -52.15 9.71
N ASP B 552 32.85 -53.17 8.88
CA ASP B 552 32.65 -52.99 7.45
C ASP B 552 31.19 -52.72 7.14
N ALA B 553 30.96 -51.88 6.13
CA ALA B 553 29.63 -51.52 5.68
C ALA B 553 29.42 -51.96 4.24
N GLU B 554 29.93 -53.13 3.89
CA GLU B 554 29.72 -53.76 2.60
C GLU B 554 28.91 -55.04 2.74
N SER B 555 29.38 -55.96 3.59
CA SER B 555 28.70 -57.23 3.74
C SER B 555 27.30 -57.04 4.28
N GLY B 556 27.13 -56.16 5.27
CA GLY B 556 25.79 -55.89 5.80
C GLY B 556 24.87 -55.28 4.76
N ALA B 557 25.35 -54.26 4.05
CA ALA B 557 24.54 -53.63 3.03
C ALA B 557 24.22 -54.61 1.91
N ALA B 558 25.21 -55.39 1.48
CA ALA B 558 24.99 -56.41 0.46
C ALA B 558 24.00 -57.45 0.96
N ALA B 559 24.13 -57.85 2.23
CA ALA B 559 23.25 -58.86 2.81
C ALA B 559 21.81 -58.40 2.77
N VAL B 560 21.54 -57.19 3.24
CA VAL B 560 20.17 -56.71 3.24
C VAL B 560 19.68 -56.50 1.81
N ASP B 561 20.55 -55.99 0.92
CA ASP B 561 20.14 -55.75 -0.46
C ASP B 561 19.77 -57.03 -1.18
N LEU B 562 20.62 -58.05 -1.11
CA LEU B 562 20.32 -59.32 -1.75
C LEU B 562 19.16 -60.04 -1.06
N SER B 563 19.01 -59.88 0.26
CA SER B 563 17.85 -60.43 0.95
C SER B 563 16.55 -59.82 0.43
N VAL B 564 16.51 -58.49 0.33
CA VAL B 564 15.32 -57.84 -0.23
C VAL B 564 15.17 -58.16 -1.71
N GLU B 565 16.26 -58.57 -2.37
CA GLU B 565 16.14 -59.13 -3.72
C GLU B 565 15.39 -60.44 -3.70
N LEU B 566 15.50 -61.18 -2.60
CA LEU B 566 14.78 -62.41 -2.36
C LEU B 566 13.34 -62.08 -1.96
N GLU B 567 12.50 -63.11 -1.95
CA GLU B 567 11.06 -62.92 -1.80
C GLU B 567 10.71 -62.28 -0.46
N ASP B 568 11.37 -62.69 0.61
CA ASP B 568 10.94 -62.26 1.94
C ASP B 568 11.22 -60.79 2.13
N MET B 569 10.23 -60.08 2.67
CA MET B 569 10.22 -58.63 2.79
C MET B 569 10.11 -58.18 4.24
N GLU B 570 9.26 -58.83 5.03
CA GLU B 570 9.02 -58.45 6.42
C GLU B 570 10.19 -58.81 7.32
N MET B 571 11.26 -59.38 6.76
CA MET B 571 12.49 -59.71 7.45
C MET B 571 13.55 -58.62 7.34
N ALA B 572 13.63 -57.92 6.20
CA ALA B 572 14.54 -56.80 6.06
C ALA B 572 14.25 -55.68 7.06
N LEU B 573 12.97 -55.37 7.29
CA LEU B 573 12.62 -54.32 8.24
C LEU B 573 13.10 -54.62 9.65
N ALA B 574 12.98 -55.87 10.09
CA ALA B 574 13.46 -56.22 11.42
C ALA B 574 14.96 -56.00 11.52
N ILE B 575 15.70 -56.40 10.48
CA ILE B 575 17.15 -56.23 10.48
C ILE B 575 17.50 -54.75 10.59
N LEU B 576 16.83 -53.92 9.78
CA LEU B 576 17.13 -52.49 9.77
C LEU B 576 16.79 -51.84 11.10
N THR B 577 15.65 -52.22 11.71
CA THR B 577 15.30 -51.67 13.01
C THR B 577 16.37 -52.00 14.04
N THR B 578 16.80 -53.26 14.05
CA THR B 578 17.82 -53.68 15.01
C THR B 578 19.14 -52.93 14.79
N VAL B 579 19.60 -52.84 13.54
CA VAL B 579 20.86 -52.13 13.29
C VAL B 579 20.73 -50.67 13.69
N THR B 580 19.58 -50.06 13.41
CA THR B 580 19.35 -48.67 13.76
C THR B 580 19.38 -48.44 15.26
N GLN B 581 18.88 -49.40 16.05
CA GLN B 581 18.85 -49.20 17.49
C GLN B 581 20.25 -48.97 18.06
N LYS B 582 21.24 -49.73 17.60
CA LYS B 582 22.60 -49.52 18.08
C LYS B 582 23.33 -48.43 17.31
N ALA B 583 22.63 -47.60 16.55
CA ALA B 583 23.26 -46.48 15.88
C ALA B 583 23.33 -45.33 16.87
N SER B 584 24.54 -44.88 17.18
CA SER B 584 24.71 -43.92 18.25
C SER B 584 24.41 -42.49 17.80
N ALA B 585 25.14 -41.98 16.81
CA ALA B 585 24.87 -40.65 16.27
C ALA B 585 25.36 -40.64 14.83
N GLY B 586 24.44 -40.75 13.89
CA GLY B 586 24.87 -40.85 12.51
C GLY B 586 25.65 -42.13 12.27
N THR B 587 26.54 -42.06 11.28
CA THR B 587 27.48 -43.14 10.96
C THR B 587 26.78 -44.45 10.65
N ALA B 588 25.50 -44.38 10.28
CA ALA B 588 24.76 -45.53 9.81
C ALA B 588 23.96 -45.15 8.59
N LYS B 589 24.57 -44.34 7.71
CA LYS B 589 23.82 -43.77 6.60
C LYS B 589 23.31 -44.90 5.71
N TRP B 590 24.11 -45.95 5.56
CA TRP B 590 23.75 -47.11 4.76
C TRP B 590 22.49 -47.78 5.29
N ALA B 591 22.18 -47.63 6.57
CA ALA B 591 20.99 -48.20 7.19
C ALA B 591 19.80 -47.27 7.09
N TRP B 592 20.02 -46.02 7.50
CA TRP B 592 18.98 -45.00 7.41
C TRP B 592 18.42 -44.90 5.99
N LEU B 593 19.31 -44.91 5.00
CA LEU B 593 18.86 -44.73 3.62
C LEU B 593 17.95 -45.88 3.18
N ARG B 594 18.37 -47.12 3.47
CA ARG B 594 17.57 -48.27 3.06
C ARG B 594 16.22 -48.26 3.75
N ARG B 595 16.20 -47.98 5.05
CA ARG B 595 14.90 -48.00 5.73
C ARG B 595 14.02 -46.83 5.28
N GLY B 596 14.60 -45.68 4.96
CA GLY B 596 13.82 -44.59 4.40
C GLY B 596 13.17 -44.97 3.08
N LEU B 597 13.93 -45.61 2.20
CA LEU B 597 13.35 -46.11 0.96
C LEU B 597 12.30 -47.17 1.23
N TYR B 598 12.53 -48.03 2.23
CA TYR B 598 11.55 -49.05 2.56
C TYR B 598 10.23 -48.45 3.00
N TYR B 599 10.28 -47.31 3.69
CA TYR B 599 9.07 -46.61 4.06
C TYR B 599 8.52 -45.77 2.91
N LEU B 600 9.35 -45.48 1.92
CA LEU B 600 8.88 -44.66 0.80
C LEU B 600 8.13 -45.51 -0.20
N LYS B 601 8.47 -46.79 -0.31
CA LYS B 601 7.73 -47.65 -1.23
C LYS B 601 6.30 -47.84 -0.74
N ALA B 602 6.10 -47.96 0.56
CA ALA B 602 4.80 -47.88 1.19
C ALA B 602 4.42 -46.42 1.49
N GLY B 603 3.14 -46.20 1.74
CA GLY B 603 2.60 -44.87 2.00
C GLY B 603 2.74 -44.47 3.46
N GLN B 604 3.96 -44.22 3.93
CA GLN B 604 4.26 -43.95 5.34
C GLN B 604 5.19 -42.74 5.45
N HIS B 605 4.85 -41.67 4.72
CA HIS B 605 5.79 -40.59 4.42
C HIS B 605 6.42 -39.96 5.66
N SER B 606 5.73 -39.95 6.80
CA SER B 606 6.29 -39.33 7.98
C SER B 606 7.57 -40.04 8.41
N GLN B 607 7.48 -41.38 8.51
CA GLN B 607 8.62 -42.18 8.92
C GLN B 607 9.74 -42.09 7.89
N ALA B 608 9.38 -42.12 6.59
CA ALA B 608 10.39 -42.02 5.55
C ALA B 608 11.13 -40.70 5.62
N VAL B 609 10.41 -39.60 5.82
CA VAL B 609 11.05 -38.29 5.89
C VAL B 609 11.99 -38.22 7.08
N ALA B 610 11.55 -38.70 8.24
CA ALA B 610 12.42 -38.65 9.42
C ALA B 610 13.68 -39.49 9.20
N ASP B 611 13.52 -40.68 8.63
CA ASP B 611 14.65 -41.57 8.39
C ASP B 611 15.65 -40.92 7.45
N LEU B 612 15.16 -40.35 6.35
CA LEU B 612 16.03 -39.73 5.38
C LEU B 612 16.72 -38.48 5.93
N GLN B 613 16.04 -37.73 6.80
CA GLN B 613 16.70 -36.61 7.46
C GLN B 613 17.88 -37.10 8.30
N ALA B 614 17.69 -38.22 9.01
CA ALA B 614 18.81 -38.76 9.78
C ALA B 614 19.95 -39.16 8.85
N ALA B 615 19.63 -39.79 7.72
CA ALA B 615 20.66 -40.21 6.78
C ALA B 615 21.45 -39.01 6.25
N LEU B 616 20.77 -37.92 5.92
CA LEU B 616 21.47 -36.74 5.45
C LEU B 616 22.31 -36.10 6.55
N ARG B 617 21.83 -36.14 7.79
CA ARG B 617 22.68 -35.63 8.86
C ARG B 617 23.96 -36.44 8.98
N ALA B 618 23.89 -37.74 8.73
CA ALA B 618 25.11 -38.56 8.63
C ALA B 618 26.12 -37.94 7.66
N ASP B 619 25.70 -37.73 6.39
CA ASP B 619 26.56 -37.11 5.38
C ASP B 619 25.81 -36.15 4.46
N PRO B 620 25.99 -34.82 4.63
CA PRO B 620 25.24 -33.84 3.85
C PRO B 620 25.93 -33.47 2.54
N LYS B 621 26.39 -34.48 1.80
CA LYS B 621 26.96 -34.26 0.47
C LYS B 621 26.48 -35.25 -0.56
N ASP B 622 25.90 -36.37 -0.16
CA ASP B 622 25.43 -37.37 -1.11
C ASP B 622 24.14 -36.92 -1.77
N PHE B 623 24.17 -36.75 -3.09
CA PHE B 623 23.02 -36.23 -3.80
C PHE B 623 21.88 -37.22 -3.88
N ASN B 624 22.16 -38.51 -3.78
CA ASN B 624 21.08 -39.50 -3.80
C ASN B 624 20.13 -39.29 -2.64
N CYS B 625 20.67 -39.03 -1.44
CA CYS B 625 19.82 -38.80 -0.29
C CYS B 625 18.95 -37.57 -0.47
N TRP B 626 19.54 -36.46 -0.97
CA TRP B 626 18.76 -35.25 -1.16
C TRP B 626 17.66 -35.47 -2.18
N GLU B 627 17.97 -36.13 -3.28
CA GLU B 627 16.97 -36.38 -4.31
C GLU B 627 15.84 -37.27 -3.78
N SER B 628 16.18 -38.34 -3.05
CA SER B 628 15.14 -39.22 -2.50
C SER B 628 14.30 -38.50 -1.44
N LEU B 629 14.91 -37.66 -0.61
CA LEU B 629 14.16 -36.87 0.35
C LEU B 629 13.24 -35.88 -0.34
N GLY B 630 13.70 -35.27 -1.43
CA GLY B 630 12.84 -34.39 -2.18
C GLY B 630 11.63 -35.12 -2.72
N GLU B 631 11.83 -36.32 -3.24
CA GLU B 631 10.69 -37.11 -3.69
C GLU B 631 9.75 -37.42 -2.53
N ALA B 632 10.31 -37.68 -1.35
CA ALA B 632 9.47 -37.92 -0.17
C ALA B 632 8.61 -36.72 0.15
N TYR B 633 9.19 -35.53 0.14
CA TYR B 633 8.43 -34.31 0.41
C TYR B 633 7.37 -34.06 -0.65
N LEU B 634 7.68 -34.34 -1.90
CA LEU B 634 6.75 -34.08 -2.97
C LEU B 634 5.62 -35.10 -3.01
N SER B 635 5.84 -36.29 -2.45
CA SER B 635 4.78 -37.29 -2.44
C SER B 635 3.62 -36.85 -1.56
N ARG B 636 3.92 -36.38 -0.35
CA ARG B 636 2.92 -35.74 0.49
C ARG B 636 2.84 -34.27 0.08
N GLY B 637 2.15 -33.45 0.87
CA GLY B 637 1.84 -32.10 0.44
C GLY B 637 2.97 -31.25 -0.09
N GLY B 638 4.02 -31.04 0.70
CA GLY B 638 5.02 -30.01 0.48
C GLY B 638 5.46 -29.79 -0.95
N TYR B 639 5.46 -28.54 -1.38
CA TYR B 639 5.89 -28.14 -2.71
C TYR B 639 7.10 -27.23 -2.72
N THR B 640 7.23 -26.30 -1.78
CA THR B 640 8.42 -25.47 -1.81
C THR B 640 9.57 -26.06 -1.01
N THR B 641 9.29 -27.01 -0.13
CA THR B 641 10.38 -27.70 0.53
C THR B 641 10.96 -28.80 -0.37
N ALA B 642 10.11 -29.46 -1.14
CA ALA B 642 10.61 -30.36 -2.18
C ALA B 642 11.43 -29.59 -3.20
N LEU B 643 10.98 -28.40 -3.58
CA LEU B 643 11.73 -27.58 -4.52
C LEU B 643 13.10 -27.24 -3.96
N LYS B 644 13.17 -26.83 -2.69
CA LYS B 644 14.46 -26.49 -2.10
C LYS B 644 15.39 -27.69 -2.06
N SER B 645 14.88 -28.85 -1.67
CA SER B 645 15.73 -30.02 -1.60
C SER B 645 16.23 -30.44 -2.98
N PHE B 646 15.37 -30.42 -4.00
CA PHE B 646 15.80 -30.79 -5.34
C PHE B 646 16.83 -29.80 -5.89
N THR B 647 16.66 -28.51 -5.62
CA THR B 647 17.66 -27.54 -6.06
C THR B 647 19.00 -27.84 -5.40
N LYS B 648 18.98 -28.17 -4.11
CA LYS B 648 20.23 -28.54 -3.43
C LYS B 648 20.83 -29.81 -4.01
N ALA B 649 20.00 -30.79 -4.35
CA ALA B 649 20.50 -32.03 -4.95
C ALA B 649 21.17 -31.77 -6.29
N SER B 650 20.56 -30.93 -7.14
CA SER B 650 21.18 -30.63 -8.43
C SER B 650 22.36 -29.67 -8.31
N GLU B 651 22.38 -28.83 -7.27
CA GLU B 651 23.41 -27.82 -7.15
C GLU B 651 24.79 -28.46 -7.14
N LEU B 652 24.93 -29.52 -6.37
CA LEU B 652 26.08 -30.41 -6.46
C LEU B 652 25.68 -31.55 -7.39
N ASN B 653 26.68 -32.13 -8.05
CA ASN B 653 26.43 -33.13 -9.08
C ASN B 653 25.53 -32.55 -10.16
N PRO B 654 25.96 -31.53 -10.88
CA PRO B 654 25.05 -30.90 -11.85
C PRO B 654 24.87 -31.75 -13.10
N GLU B 655 25.42 -32.96 -13.09
CA GLU B 655 25.24 -33.85 -14.23
C GLU B 655 23.86 -34.47 -14.25
N SER B 656 23.22 -34.61 -13.09
CA SER B 656 21.94 -35.32 -13.06
C SER B 656 20.85 -34.46 -13.67
N ILE B 657 20.25 -34.94 -14.74
CA ILE B 657 19.17 -34.23 -15.43
C ILE B 657 17.87 -34.33 -14.65
N TYR B 658 17.61 -35.47 -14.02
CA TYR B 658 16.33 -35.69 -13.38
C TYR B 658 16.06 -34.63 -12.32
N SER B 659 17.07 -34.27 -11.54
CA SER B 659 16.88 -33.27 -10.48
C SER B 659 16.50 -31.91 -11.03
N VAL B 660 17.21 -31.42 -12.05
CA VAL B 660 16.89 -30.12 -12.64
C VAL B 660 15.52 -30.17 -13.29
N PHE B 661 15.20 -31.26 -13.97
CA PHE B 661 13.88 -31.39 -14.56
C PHE B 661 12.80 -31.33 -13.50
N LYS B 662 13.03 -32.01 -12.38
CA LYS B 662 12.05 -32.03 -11.32
C LYS B 662 11.87 -30.63 -10.73
N VAL B 663 12.96 -29.87 -10.64
CA VAL B 663 12.86 -28.48 -10.17
C VAL B 663 11.96 -27.67 -11.11
N ALA B 664 12.14 -27.85 -12.42
CA ALA B 664 11.30 -27.15 -13.39
C ALA B 664 9.84 -27.55 -13.26
N ALA B 665 9.58 -28.84 -13.09
CA ALA B 665 8.20 -29.32 -12.97
C ALA B 665 7.53 -28.73 -11.74
N ILE B 666 8.26 -28.67 -10.63
CA ILE B 666 7.69 -28.08 -9.42
C ILE B 666 7.35 -26.62 -9.64
N GLN B 667 8.23 -25.87 -10.30
CA GLN B 667 7.88 -24.48 -10.56
C GLN B 667 6.66 -24.34 -11.46
N GLN B 668 6.50 -25.24 -12.43
CA GLN B 668 5.33 -25.15 -13.29
C GLN B 668 4.06 -25.39 -12.47
N ILE B 669 4.08 -26.37 -11.56
CA ILE B 669 2.90 -26.69 -10.77
C ILE B 669 2.33 -25.44 -10.08
N LEU B 670 3.22 -24.59 -9.56
CA LEU B 670 2.82 -23.44 -8.74
C LEU B 670 2.63 -22.16 -9.55
N GLY B 671 2.32 -22.23 -10.83
CA GLY B 671 2.33 -21.03 -11.64
C GLY B 671 3.74 -20.77 -12.12
N LYS B 672 4.21 -19.53 -12.12
CA LYS B 672 5.61 -19.23 -12.40
C LYS B 672 6.09 -19.85 -13.70
N TYR B 673 5.34 -19.61 -14.77
CA TYR B 673 5.60 -20.31 -16.02
C TYR B 673 6.91 -19.90 -16.67
N LYS B 674 7.29 -18.63 -16.56
CA LYS B 674 8.52 -18.17 -17.19
C LYS B 674 9.75 -18.84 -16.61
N GLU B 675 9.84 -19.00 -15.28
CA GLU B 675 10.98 -19.69 -14.69
C GLU B 675 11.06 -21.14 -15.13
N ALA B 676 9.92 -21.82 -15.19
CA ALA B 676 9.90 -23.20 -15.65
C ALA B 676 10.36 -23.29 -17.10
N VAL B 677 9.93 -22.35 -17.95
CA VAL B 677 10.38 -22.33 -19.34
C VAL B 677 11.88 -22.17 -19.42
N ALA B 678 12.44 -21.26 -18.62
CA ALA B 678 13.89 -21.05 -18.67
C ALA B 678 14.64 -22.31 -18.25
N GLN B 679 14.18 -22.97 -17.19
CA GLN B 679 14.83 -24.20 -16.75
C GLN B 679 14.73 -25.30 -17.80
N TYR B 680 13.56 -25.45 -18.42
CA TYR B 680 13.40 -26.47 -19.44
C TYR B 680 14.31 -26.22 -20.61
N GLN B 681 14.44 -24.97 -21.02
CA GLN B 681 15.34 -24.63 -22.13
C GLN B 681 16.81 -24.90 -21.78
N MET B 682 17.23 -24.58 -20.55
CA MET B 682 18.60 -24.92 -20.18
C MET B 682 18.83 -26.42 -20.26
N ILE B 683 17.84 -27.21 -19.85
CA ILE B 683 17.98 -28.66 -20.00
C ILE B 683 18.07 -29.06 -21.47
N ILE B 684 17.23 -28.47 -22.31
CA ILE B 684 17.16 -28.87 -23.72
C ILE B 684 18.45 -28.53 -24.46
N LYS B 685 19.13 -27.44 -24.09
CA LYS B 685 20.37 -27.09 -24.78
C LYS B 685 21.40 -28.21 -24.66
N LYS B 686 21.50 -28.82 -23.49
CA LYS B 686 22.44 -29.93 -23.28
C LYS B 686 21.97 -31.18 -24.02
N LYS B 687 20.78 -31.66 -23.68
CA LYS B 687 20.18 -32.84 -24.29
C LYS B 687 18.95 -32.41 -25.08
N GLU B 688 18.78 -32.95 -26.28
CA GLU B 688 17.69 -32.46 -27.13
C GLU B 688 16.49 -33.39 -27.26
N ASP B 689 16.66 -34.69 -27.05
CA ASP B 689 15.57 -35.63 -27.23
C ASP B 689 14.84 -35.97 -25.93
N TYR B 690 15.08 -35.22 -24.86
CA TYR B 690 14.55 -35.56 -23.54
C TYR B 690 13.05 -35.29 -23.50
N VAL B 691 12.26 -36.36 -23.64
CA VAL B 691 10.81 -36.21 -23.81
C VAL B 691 10.13 -35.46 -22.68
N PRO B 692 10.36 -35.79 -21.40
CA PRO B 692 9.64 -35.04 -20.35
C PRO B 692 9.90 -33.53 -20.37
N ALA B 693 11.12 -33.09 -20.70
CA ALA B 693 11.37 -31.67 -20.83
C ALA B 693 10.57 -31.05 -21.98
N LEU B 694 10.51 -31.75 -23.10
CA LEU B 694 9.74 -31.28 -24.24
C LEU B 694 8.26 -31.17 -23.89
N LYS B 695 7.72 -32.17 -23.20
CA LYS B 695 6.32 -32.14 -22.80
C LYS B 695 6.05 -31.00 -21.84
N GLY B 696 6.98 -30.76 -20.91
CA GLY B 696 6.81 -29.64 -20.00
C GLY B 696 6.79 -28.31 -20.72
N LEU B 697 7.66 -28.14 -21.71
CA LEU B 697 7.68 -26.90 -22.48
C LEU B 697 6.39 -26.68 -23.23
N GLY B 698 5.87 -27.73 -23.86
CA GLY B 698 4.59 -27.62 -24.54
C GLY B 698 3.46 -27.24 -23.61
N GLU B 699 3.40 -27.89 -22.45
CA GLU B 699 2.35 -27.61 -21.48
C GLU B 699 2.44 -26.18 -20.97
N CYS B 700 3.66 -25.69 -20.73
CA CYS B 700 3.80 -24.32 -20.26
C CYS B 700 3.31 -23.32 -21.29
N HIS B 701 3.64 -23.54 -22.56
CA HIS B 701 3.15 -22.62 -23.59
C HIS B 701 1.64 -22.68 -23.73
N LEU B 702 1.05 -23.87 -23.64
CA LEU B 702 -0.41 -23.97 -23.71
C LEU B 702 -1.09 -23.20 -22.56
N MET B 703 -0.57 -23.33 -21.35
CA MET B 703 -1.13 -22.58 -20.23
C MET B 703 -0.96 -21.08 -20.42
N MET B 704 0.19 -20.66 -20.96
CA MET B 704 0.39 -19.24 -21.25
C MET B 704 -0.62 -18.73 -22.26
N ALA B 705 -0.93 -19.55 -23.27
CA ALA B 705 -1.95 -19.17 -24.26
C ALA B 705 -3.32 -19.00 -23.63
N LYS B 706 -3.72 -19.91 -22.74
CA LYS B 706 -5.01 -19.75 -22.09
C LYS B 706 -5.08 -18.48 -21.24
N ALA B 707 -4.00 -18.19 -20.52
CA ALA B 707 -3.96 -16.97 -19.75
C ALA B 707 -4.04 -15.75 -20.66
N ALA B 708 -3.43 -15.84 -21.84
CA ALA B 708 -3.54 -14.77 -22.83
C ALA B 708 -4.97 -14.58 -23.30
N LEU B 709 -5.70 -15.67 -23.53
CA LEU B 709 -7.10 -15.57 -23.95
C LEU B 709 -8.03 -15.10 -22.84
N VAL B 710 -7.60 -15.05 -21.59
CA VAL B 710 -8.50 -14.52 -20.57
C VAL B 710 -8.61 -13.00 -20.71
N ASP B 711 -7.50 -12.33 -20.92
CA ASP B 711 -7.52 -10.96 -21.40
C ASP B 711 -7.72 -11.05 -22.90
N TYR B 712 -8.35 -10.06 -23.51
CA TYR B 712 -8.68 -10.28 -24.91
C TYR B 712 -7.50 -9.97 -25.83
N LEU B 713 -6.42 -10.73 -25.65
CA LEU B 713 -5.23 -10.66 -26.50
C LEU B 713 -5.19 -11.90 -27.40
N ASP B 714 -5.73 -11.77 -28.60
CA ASP B 714 -5.87 -12.91 -29.49
C ASP B 714 -4.65 -13.21 -30.36
N GLY B 715 -3.70 -12.29 -30.49
CA GLY B 715 -2.50 -12.55 -31.27
C GLY B 715 -1.46 -13.33 -30.49
N LYS B 716 -1.28 -12.95 -29.24
CA LYS B 716 -0.36 -13.65 -28.36
C LYS B 716 -0.74 -15.11 -28.20
N ALA B 717 -2.03 -15.38 -28.05
CA ALA B 717 -2.48 -16.76 -27.90
C ALA B 717 -2.14 -17.58 -29.13
N VAL B 718 -2.35 -17.01 -30.32
CA VAL B 718 -2.04 -17.74 -31.55
C VAL B 718 -0.55 -18.06 -31.61
N ASP B 719 0.29 -17.09 -31.21
CA ASP B 719 1.73 -17.33 -31.19
C ASP B 719 2.10 -18.46 -30.24
N TYR B 720 1.56 -18.42 -29.02
CA TYR B 720 1.88 -19.43 -28.01
C TYR B 720 1.43 -20.81 -28.44
N ILE B 721 0.24 -20.93 -29.01
CA ILE B 721 -0.23 -22.25 -29.43
C ILE B 721 0.59 -22.79 -30.58
N GLU B 722 1.02 -21.93 -31.51
CA GLU B 722 1.91 -22.39 -32.56
C GLU B 722 3.18 -22.98 -31.98
N LYS B 723 3.75 -22.30 -30.99
CA LYS B 723 4.98 -22.78 -30.37
C LYS B 723 4.75 -24.09 -29.60
N ALA B 724 3.61 -24.21 -28.93
CA ALA B 724 3.27 -25.43 -28.21
C ALA B 724 3.14 -26.61 -29.15
N LEU B 725 2.50 -26.41 -30.30
CA LEU B 725 2.43 -27.47 -31.31
C LEU B 725 3.81 -27.88 -31.78
N GLU B 726 4.72 -26.91 -31.90
CA GLU B 726 6.09 -27.24 -32.27
C GLU B 726 6.68 -28.25 -31.30
N TYR B 727 6.59 -27.95 -30.00
CA TYR B 727 7.20 -28.84 -29.01
C TYR B 727 6.50 -30.21 -28.99
N PHE B 728 5.17 -30.23 -29.09
CA PHE B 728 4.47 -31.49 -29.04
C PHE B 728 4.83 -32.40 -30.20
N THR B 729 4.96 -31.87 -31.41
CA THR B 729 5.40 -32.75 -32.50
C THR B 729 6.83 -33.21 -32.29
N CYS B 730 7.70 -32.34 -31.77
CA CYS B 730 9.07 -32.77 -31.51
C CYS B 730 9.10 -33.92 -30.52
N ALA B 731 8.32 -33.83 -29.45
CA ALA B 731 8.23 -34.93 -28.48
C ALA B 731 7.61 -36.17 -29.09
N LEU B 732 6.55 -36.01 -29.89
CA LEU B 732 5.91 -37.18 -30.47
C LEU B 732 6.77 -37.88 -31.51
N GLN B 733 7.80 -37.22 -32.02
CA GLN B 733 8.67 -37.93 -32.97
C GLN B 733 9.38 -39.08 -32.28
N HIS B 734 9.82 -38.89 -31.04
CA HIS B 734 10.59 -39.93 -30.37
C HIS B 734 9.69 -41.04 -29.88
N ARG B 735 8.73 -40.72 -29.01
CA ARG B 735 7.83 -41.73 -28.46
C ARG B 735 6.39 -41.38 -28.82
N ALA B 736 5.86 -42.01 -29.86
CA ALA B 736 4.52 -41.72 -30.35
C ALA B 736 3.55 -42.84 -29.98
N ASP B 737 3.86 -43.57 -28.92
CA ASP B 737 2.98 -44.57 -28.35
C ASP B 737 2.28 -44.09 -27.10
N VAL B 738 2.78 -43.03 -26.48
CA VAL B 738 2.22 -42.49 -25.25
C VAL B 738 0.96 -41.69 -25.59
N SER B 739 -0.04 -41.75 -24.71
CA SER B 739 -1.35 -41.14 -24.97
C SER B 739 -1.44 -39.68 -24.56
N CYS B 740 -0.87 -39.31 -23.42
CA CYS B 740 -1.01 -37.95 -22.93
C CYS B 740 -0.47 -36.92 -23.92
N LEU B 741 0.55 -37.25 -24.70
CA LEU B 741 1.09 -36.31 -25.67
C LEU B 741 0.06 -35.99 -26.75
N TRP B 742 -0.59 -37.02 -27.28
CA TRP B 742 -1.62 -36.81 -28.28
C TRP B 742 -2.79 -36.02 -27.71
N LYS B 743 -3.20 -36.34 -26.48
CA LYS B 743 -4.30 -35.59 -25.88
C LYS B 743 -3.95 -34.12 -25.71
N LEU B 744 -2.72 -33.82 -25.26
CA LEU B 744 -2.33 -32.43 -25.13
C LEU B 744 -2.25 -31.72 -26.48
N ALA B 745 -1.86 -32.43 -27.54
CA ALA B 745 -1.89 -31.82 -28.86
C ALA B 745 -3.31 -31.45 -29.27
N GLY B 746 -4.27 -32.34 -29.00
CA GLY B 746 -5.65 -32.03 -29.31
C GLY B 746 -6.20 -30.88 -28.50
N ASP B 747 -5.84 -30.81 -27.21
CA ASP B 747 -6.19 -29.67 -26.38
C ASP B 747 -5.70 -28.37 -26.98
N ALA B 748 -4.44 -28.33 -27.37
CA ALA B 748 -3.87 -27.13 -27.96
C ALA B 748 -4.63 -26.73 -29.22
N CYS B 749 -4.91 -27.70 -30.09
CA CYS B 749 -5.57 -27.36 -31.34
C CYS B 749 -6.98 -26.83 -31.11
N THR B 750 -7.72 -27.39 -30.17
CA THR B 750 -9.09 -26.96 -29.97
C THR B 750 -9.27 -25.82 -28.99
N CYS B 751 -8.21 -25.28 -28.39
CA CYS B 751 -8.49 -24.13 -27.54
C CYS B 751 -8.55 -22.79 -28.28
N LEU B 752 -8.45 -22.76 -29.60
CA LEU B 752 -8.54 -21.51 -30.34
C LEU B 752 -9.92 -21.26 -30.90
N TYR B 753 -10.96 -21.83 -30.29
CA TYR B 753 -12.29 -21.48 -30.74
C TYR B 753 -12.59 -20.04 -30.31
N ALA B 754 -13.51 -19.40 -31.00
CA ALA B 754 -13.91 -18.04 -30.69
C ALA B 754 -12.70 -17.10 -30.65
N VAL B 755 -11.92 -17.10 -31.73
CA VAL B 755 -10.75 -16.24 -31.82
C VAL B 755 -10.83 -15.47 -33.14
N ALA B 756 -12.05 -15.22 -33.63
CA ALA B 756 -12.19 -14.35 -34.78
C ALA B 756 -11.36 -14.75 -36.00
N PRO B 757 -11.78 -15.75 -36.77
CA PRO B 757 -10.95 -16.21 -37.90
C PRO B 757 -10.48 -15.07 -38.77
N SER B 758 -9.42 -15.30 -39.56
CA SER B 758 -8.55 -14.31 -40.18
C SER B 758 -7.57 -13.78 -39.15
N LYS B 759 -7.60 -14.32 -37.95
CA LYS B 759 -6.56 -14.14 -36.95
C LYS B 759 -5.83 -15.45 -36.68
N VAL B 760 -6.34 -16.57 -37.18
CA VAL B 760 -5.72 -17.87 -36.98
C VAL B 760 -5.06 -18.29 -38.29
N ASN B 761 -3.73 -18.29 -38.28
CA ASN B 761 -2.91 -18.99 -39.28
C ASN B 761 -1.79 -19.68 -38.52
N VAL B 762 -1.84 -21.01 -38.43
CA VAL B 762 -0.94 -21.76 -37.56
C VAL B 762 0.00 -22.60 -38.42
N HIS B 763 1.30 -22.48 -38.16
CA HIS B 763 2.36 -23.09 -38.96
C HIS B 763 2.68 -24.50 -38.44
N VAL B 764 1.76 -25.41 -38.69
CA VAL B 764 1.94 -26.80 -38.27
C VAL B 764 2.89 -27.50 -39.22
N LEU B 765 3.71 -28.42 -38.70
CA LEU B 765 4.71 -29.07 -39.51
C LEU B 765 4.89 -30.52 -39.09
N GLY B 766 4.92 -31.42 -40.06
CA GLY B 766 5.46 -32.74 -39.80
C GLY B 766 4.50 -33.90 -39.67
N VAL B 767 4.68 -34.66 -38.59
CA VAL B 767 3.94 -35.92 -38.38
C VAL B 767 2.44 -35.66 -38.21
N LEU B 768 2.07 -34.52 -37.63
CA LEU B 768 0.67 -34.29 -37.26
C LEU B 768 -0.27 -34.48 -38.44
N LEU B 769 0.09 -33.93 -39.61
CA LEU B 769 -0.73 -34.12 -40.79
C LEU B 769 -0.29 -35.37 -41.53
N GLY B 770 -0.39 -36.50 -40.83
CA GLY B 770 0.01 -37.77 -41.41
C GLY B 770 1.44 -37.70 -41.88
N GLN B 771 1.65 -37.74 -43.19
CA GLN B 771 3.01 -37.73 -43.73
C GLN B 771 3.73 -36.45 -43.34
N LYS B 772 5.07 -36.53 -43.27
CA LYS B 772 5.92 -35.45 -42.78
C LYS B 772 6.51 -34.67 -43.95
N GLU B 773 5.73 -33.73 -44.49
CA GLU B 773 6.21 -32.83 -45.54
C GLU B 773 6.28 -31.41 -44.99
N GLY B 774 7.49 -30.85 -45.00
CA GLY B 774 7.74 -29.43 -44.82
C GLY B 774 6.92 -28.77 -43.75
N LYS B 775 6.16 -27.76 -44.13
CA LYS B 775 5.30 -27.05 -43.20
C LYS B 775 3.98 -26.77 -43.91
N GLN B 776 2.99 -26.33 -43.14
CA GLN B 776 1.67 -26.02 -43.65
C GLN B 776 1.07 -24.93 -42.77
N VAL B 777 0.30 -24.05 -43.38
CA VAL B 777 -0.38 -22.99 -42.66
C VAL B 777 -1.86 -23.36 -42.64
N LEU B 778 -2.42 -23.52 -41.45
CA LEU B 778 -3.78 -23.97 -41.27
C LEU B 778 -4.65 -22.82 -40.80
N LYS B 779 -5.86 -22.79 -41.32
CA LYS B 779 -6.92 -21.88 -40.93
C LYS B 779 -7.72 -22.52 -39.80
N LYS B 780 -8.85 -21.92 -39.44
CA LYS B 780 -9.56 -22.32 -38.23
C LYS B 780 -10.17 -23.70 -38.37
N ASN B 781 -11.04 -23.90 -39.37
CA ASN B 781 -11.72 -25.18 -39.49
C ASN B 781 -10.73 -26.33 -39.62
N GLU B 782 -9.66 -26.13 -40.37
CA GLU B 782 -8.63 -27.15 -40.51
C GLU B 782 -7.95 -27.45 -39.18
N LEU B 783 -7.68 -26.41 -38.38
CA LEU B 783 -7.05 -26.62 -37.08
C LEU B 783 -7.94 -27.43 -36.16
N LEU B 784 -9.23 -27.11 -36.11
CA LEU B 784 -10.17 -27.81 -35.26
C LEU B 784 -10.31 -29.26 -35.70
N HIS B 785 -10.33 -29.50 -37.00
CA HIS B 785 -10.39 -30.87 -37.50
C HIS B 785 -9.16 -31.67 -37.12
N LEU B 786 -7.99 -31.06 -37.21
CA LEU B 786 -6.77 -31.74 -36.78
C LEU B 786 -6.85 -32.07 -35.29
N GLY B 787 -7.43 -31.17 -34.50
CA GLY B 787 -7.62 -31.45 -33.08
C GLY B 787 -8.47 -32.68 -32.85
N GLY B 788 -9.57 -32.79 -33.58
CA GLY B 788 -10.41 -33.98 -33.45
C GLY B 788 -9.65 -35.25 -33.81
N ARG B 789 -8.85 -35.19 -34.86
CA ARG B 789 -8.02 -36.33 -35.24
C ARG B 789 -7.06 -36.71 -34.11
N CYS B 790 -6.44 -35.71 -33.48
CA CYS B 790 -5.48 -35.99 -32.42
C CYS B 790 -6.14 -36.66 -31.23
N TYR B 791 -7.32 -36.18 -30.80
CA TYR B 791 -7.98 -36.88 -29.69
C TYR B 791 -8.38 -38.29 -30.08
N GLY B 792 -8.88 -38.48 -31.29
CA GLY B 792 -9.24 -39.82 -31.70
C GLY B 792 -8.06 -40.76 -31.68
N ARG B 793 -6.91 -40.30 -32.17
CA ARG B 793 -5.74 -41.15 -32.18
C ARG B 793 -5.28 -41.47 -30.76
N ALA B 794 -5.31 -40.49 -29.86
CA ALA B 794 -4.94 -40.73 -28.46
C ALA B 794 -5.88 -41.73 -27.82
N LEU B 795 -7.17 -41.58 -28.08
CA LEU B 795 -8.18 -42.46 -27.53
C LEU B 795 -8.02 -43.88 -28.04
N LYS B 796 -7.56 -44.03 -29.28
CA LYS B 796 -7.44 -45.36 -29.86
C LYS B 796 -6.58 -46.27 -28.99
N LEU B 797 -5.50 -45.76 -28.43
CA LEU B 797 -4.57 -46.59 -27.68
C LEU B 797 -4.73 -46.50 -26.17
N MET B 798 -5.64 -45.68 -25.64
CA MET B 798 -5.96 -45.74 -24.21
C MET B 798 -7.37 -45.19 -24.01
N SER B 799 -8.35 -46.07 -23.86
CA SER B 799 -9.77 -45.69 -23.86
C SER B 799 -10.22 -45.27 -22.47
N THR B 800 -10.23 -43.97 -22.20
CA THR B 800 -10.68 -43.45 -20.91
C THR B 800 -11.82 -42.48 -21.12
N SER B 801 -12.48 -42.11 -20.02
CA SER B 801 -13.67 -41.26 -20.12
C SER B 801 -13.33 -39.84 -20.49
N ASN B 802 -12.25 -39.29 -19.91
CA ASN B 802 -11.92 -37.89 -20.16
C ASN B 802 -11.69 -37.62 -21.63
N THR B 803 -10.99 -38.52 -22.33
CA THR B 803 -10.77 -38.33 -23.75
C THR B 803 -12.08 -38.39 -24.53
N TRP B 804 -13.01 -39.23 -24.10
CA TRP B 804 -14.31 -39.29 -24.75
C TRP B 804 -15.05 -37.96 -24.63
N CYS B 805 -15.06 -37.40 -23.42
CA CYS B 805 -15.74 -36.13 -23.20
C CYS B 805 -15.09 -35.01 -23.99
N ASP B 806 -13.75 -34.99 -24.03
CA ASP B 806 -13.05 -33.97 -24.81
C ASP B 806 -13.32 -34.11 -26.31
N LEU B 807 -13.40 -35.33 -26.82
CA LEU B 807 -13.73 -35.51 -28.23
C LEU B 807 -15.12 -34.99 -28.53
N GLY B 808 -16.08 -35.25 -27.65
CA GLY B 808 -17.42 -34.71 -27.85
C GLY B 808 -17.45 -33.19 -27.87
N ILE B 809 -16.71 -32.56 -26.95
CA ILE B 809 -16.65 -31.10 -26.95
C ILE B 809 -16.01 -30.58 -28.24
N ASN B 810 -14.98 -31.25 -28.73
CA ASN B 810 -14.35 -30.80 -29.97
C ASN B 810 -15.31 -30.87 -31.13
N TYR B 811 -16.08 -31.95 -31.24
CA TYR B 811 -17.05 -32.01 -32.34
C TYR B 811 -18.05 -30.89 -32.20
N TYR B 812 -18.43 -30.58 -30.96
CA TYR B 812 -19.35 -29.48 -30.71
C TYR B 812 -18.79 -28.17 -31.24
N ARG B 813 -17.50 -27.92 -30.98
CA ARG B 813 -16.87 -26.68 -31.46
C ARG B 813 -16.86 -26.62 -32.98
N GLN B 814 -16.57 -27.74 -33.64
CA GLN B 814 -16.56 -27.75 -35.10
C GLN B 814 -17.93 -27.39 -35.67
N ALA B 815 -18.98 -27.99 -35.12
CA ALA B 815 -20.33 -27.66 -35.59
C ALA B 815 -20.67 -26.21 -35.33
N GLN B 816 -20.27 -25.70 -34.15
CA GLN B 816 -20.51 -24.31 -33.81
C GLN B 816 -19.84 -23.37 -34.80
N HIS B 817 -18.59 -23.65 -35.16
CA HIS B 817 -17.88 -22.79 -36.11
C HIS B 817 -18.56 -22.81 -37.46
N LEU B 818 -18.97 -23.99 -37.94
CA LEU B 818 -19.64 -24.04 -39.24
C LEU B 818 -20.92 -23.22 -39.24
N ALA B 819 -21.73 -23.35 -38.20
CA ALA B 819 -22.97 -22.59 -38.16
C ALA B 819 -22.71 -21.09 -38.03
N GLU B 820 -21.75 -20.71 -37.19
CA GLU B 820 -21.51 -19.30 -36.88
C GLU B 820 -21.05 -18.50 -38.09
N THR B 821 -20.49 -19.13 -39.10
CA THR B 821 -20.16 -18.43 -40.33
C THR B 821 -21.29 -18.50 -41.35
N GLY B 822 -22.48 -18.91 -40.92
CA GLY B 822 -23.64 -19.00 -41.78
C GLY B 822 -23.41 -19.83 -43.01
N SER B 823 -22.32 -20.59 -43.03
CA SER B 823 -21.95 -21.34 -44.22
C SER B 823 -22.97 -22.41 -44.54
N ASN B 824 -23.63 -22.97 -43.52
CA ASN B 824 -24.62 -24.00 -43.77
C ASN B 824 -25.54 -24.13 -42.57
N MET B 825 -26.55 -24.99 -42.74
CA MET B 825 -27.44 -25.43 -41.68
C MET B 825 -28.14 -26.68 -42.19
N ASN B 826 -28.33 -27.65 -41.29
CA ASN B 826 -28.95 -28.94 -41.57
C ASN B 826 -28.06 -29.83 -42.41
N ASP B 827 -26.88 -29.37 -42.81
CA ASP B 827 -25.86 -30.22 -43.41
C ASP B 827 -24.75 -30.53 -42.42
N LEU B 828 -24.86 -30.06 -41.18
CA LEU B 828 -23.98 -30.40 -40.08
C LEU B 828 -24.62 -31.33 -39.07
N LYS B 829 -25.75 -31.95 -39.41
CA LYS B 829 -26.46 -32.77 -38.43
C LYS B 829 -25.61 -33.94 -37.94
N GLU B 830 -24.90 -34.61 -38.84
CA GLU B 830 -24.09 -35.76 -38.43
C GLU B 830 -23.03 -35.37 -37.41
N LEU B 831 -22.48 -34.16 -37.53
CA LEU B 831 -21.48 -33.69 -36.58
C LEU B 831 -22.07 -33.57 -35.18
N LEU B 832 -23.25 -32.97 -35.07
CA LEU B 832 -23.89 -32.84 -33.76
C LEU B 832 -24.30 -34.19 -33.18
N GLU B 833 -24.83 -35.10 -34.00
CA GLU B 833 -25.17 -36.42 -33.47
C GLU B 833 -23.92 -37.14 -32.98
N LYS B 834 -22.81 -37.01 -33.69
CA LYS B 834 -21.55 -37.58 -33.24
C LYS B 834 -21.12 -37.00 -31.90
N SER B 835 -21.29 -35.69 -31.72
CA SER B 835 -20.92 -35.06 -30.45
C SER B 835 -21.78 -35.61 -29.32
N LEU B 836 -23.09 -35.73 -29.54
CA LEU B 836 -23.96 -36.30 -28.51
C LEU B 836 -23.59 -37.73 -28.20
N HIS B 837 -23.25 -38.52 -29.22
CA HIS B 837 -22.87 -39.90 -29.00
C HIS B 837 -21.65 -39.99 -28.08
N CYS B 838 -20.63 -39.17 -28.35
CA CYS B 838 -19.43 -39.21 -27.53
C CYS B 838 -19.71 -38.76 -26.10
N LEU B 839 -20.48 -37.70 -25.94
CA LEU B 839 -20.78 -37.19 -24.60
C LEU B 839 -21.59 -38.18 -23.77
N LYS B 840 -22.57 -38.83 -24.40
CA LYS B 840 -23.36 -39.85 -23.72
C LYS B 840 -22.51 -41.06 -23.35
N LYS B 841 -21.58 -41.45 -24.22
CA LYS B 841 -20.67 -42.53 -23.88
C LYS B 841 -19.83 -42.18 -22.66
N ALA B 842 -19.33 -40.94 -22.60
CA ALA B 842 -18.56 -40.52 -21.43
C ALA B 842 -19.40 -40.58 -20.17
N VAL B 843 -20.65 -40.12 -20.24
CA VAL B 843 -21.48 -40.09 -19.03
C VAL B 843 -21.78 -41.48 -18.54
N ARG B 844 -22.12 -42.40 -19.45
CA ARG B 844 -22.40 -43.76 -19.03
C ARG B 844 -21.15 -44.49 -18.55
N LEU B 845 -19.97 -44.17 -19.09
CA LEU B 845 -18.76 -44.80 -18.62
C LEU B 845 -18.52 -44.50 -17.14
N ASP B 846 -18.82 -43.29 -16.69
CA ASP B 846 -18.70 -42.92 -15.27
C ASP B 846 -19.80 -41.91 -14.95
N SER B 847 -20.93 -42.41 -14.44
CA SER B 847 -22.06 -41.52 -14.16
C SER B 847 -22.07 -41.02 -12.73
N ASN B 848 -20.95 -40.48 -12.27
CA ASN B 848 -20.90 -39.83 -10.97
C ASN B 848 -20.05 -38.57 -11.02
N ASN B 849 -19.91 -37.96 -12.19
CA ASN B 849 -19.03 -36.82 -12.40
C ASN B 849 -19.84 -35.65 -12.89
N HIS B 850 -19.77 -34.53 -12.18
CA HIS B 850 -20.58 -33.38 -12.56
C HIS B 850 -20.16 -32.84 -13.91
N LEU B 851 -18.89 -32.99 -14.27
CA LEU B 851 -18.39 -32.44 -15.52
C LEU B 851 -19.08 -33.06 -16.72
N TYR B 852 -19.22 -34.38 -16.77
CA TYR B 852 -19.82 -34.99 -17.94
C TYR B 852 -21.28 -34.62 -18.07
N TRP B 853 -22.03 -34.64 -16.97
CA TRP B 853 -23.42 -34.24 -17.06
C TRP B 853 -23.56 -32.79 -17.49
N ASN B 854 -22.71 -31.91 -16.98
CA ASN B 854 -22.78 -30.51 -17.35
C ASN B 854 -22.45 -30.31 -18.84
N ALA B 855 -21.43 -30.99 -19.34
CA ALA B 855 -21.10 -30.88 -20.75
C ALA B 855 -22.23 -31.39 -21.63
N LEU B 856 -22.85 -32.50 -21.23
CA LEU B 856 -24.00 -33.00 -21.97
C LEU B 856 -25.14 -31.99 -21.97
N GLY B 857 -25.39 -31.36 -20.83
CA GLY B 857 -26.43 -30.34 -20.77
C GLY B 857 -26.18 -29.17 -21.69
N VAL B 858 -24.95 -28.66 -21.71
CA VAL B 858 -24.65 -27.52 -22.57
C VAL B 858 -24.82 -27.89 -24.04
N VAL B 859 -24.31 -29.05 -24.44
CA VAL B 859 -24.45 -29.42 -25.84
C VAL B 859 -25.91 -29.68 -26.21
N ALA B 860 -26.67 -30.30 -25.31
CA ALA B 860 -28.05 -30.68 -25.60
C ALA B 860 -28.95 -29.49 -25.92
N CYS B 861 -28.63 -28.31 -25.43
CA CYS B 861 -29.48 -27.14 -25.64
C CYS B 861 -28.97 -26.23 -26.74
N TYR B 862 -28.00 -26.69 -27.54
CA TYR B 862 -27.53 -25.95 -28.68
C TYR B 862 -28.67 -25.78 -29.69
N SER B 863 -28.64 -24.67 -30.43
CA SER B 863 -29.74 -24.31 -31.31
C SER B 863 -30.07 -25.40 -32.33
N GLY B 864 -29.09 -26.22 -32.71
CA GLY B 864 -29.35 -27.25 -33.70
C GLY B 864 -30.09 -28.45 -33.14
N ILE B 865 -29.95 -28.71 -31.85
CA ILE B 865 -30.60 -29.86 -31.23
C ILE B 865 -31.89 -29.43 -30.56
N GLY B 866 -31.79 -28.48 -29.62
CA GLY B 866 -32.97 -27.91 -28.99
C GLY B 866 -33.77 -28.89 -28.16
N ASN B 867 -33.11 -29.66 -27.32
CA ASN B 867 -33.76 -30.60 -26.42
C ASN B 867 -33.63 -30.09 -24.98
N TYR B 868 -34.58 -29.26 -24.55
CA TYR B 868 -34.44 -28.58 -23.27
C TYR B 868 -34.72 -29.48 -22.08
N ALA B 869 -35.61 -30.47 -22.24
CA ALA B 869 -35.90 -31.38 -21.12
C ALA B 869 -34.66 -32.15 -20.69
N LEU B 870 -33.92 -32.67 -21.67
CA LEU B 870 -32.67 -33.36 -21.36
C LEU B 870 -31.68 -32.41 -20.72
N ALA B 871 -31.65 -31.16 -21.18
CA ALA B 871 -30.73 -30.17 -20.61
C ALA B 871 -31.02 -29.92 -19.14
N GLN B 872 -32.30 -29.76 -18.79
CA GLN B 872 -32.65 -29.55 -17.39
C GLN B 872 -32.31 -30.78 -16.56
N HIS B 873 -32.57 -31.96 -17.11
CA HIS B 873 -32.22 -33.19 -16.40
C HIS B 873 -30.72 -33.28 -16.14
N CYS B 874 -29.92 -32.94 -17.14
CA CYS B 874 -28.47 -33.00 -17.02
C CYS B 874 -27.93 -31.99 -16.01
N PHE B 875 -28.45 -30.77 -16.02
CA PHE B 875 -27.99 -29.79 -15.03
C PHE B 875 -28.35 -30.22 -13.62
N ILE B 876 -29.55 -30.79 -13.43
CA ILE B 876 -29.95 -31.26 -12.10
C ILE B 876 -29.07 -32.41 -11.64
N LYS B 877 -28.76 -33.35 -12.53
CA LYS B 877 -27.89 -34.45 -12.16
C LYS B 877 -26.50 -33.95 -11.79
N SER B 878 -25.99 -32.97 -12.53
CA SER B 878 -24.69 -32.40 -12.21
C SER B 878 -24.69 -31.77 -10.83
N ILE B 879 -25.76 -31.04 -10.49
CA ILE B 879 -25.85 -30.42 -9.17
C ILE B 879 -25.89 -31.48 -8.08
N GLN B 880 -26.66 -32.56 -8.29
CA GLN B 880 -26.72 -33.61 -7.28
C GLN B 880 -25.37 -34.29 -7.08
N SER B 881 -24.60 -34.47 -8.16
CA SER B 881 -23.30 -35.14 -8.04
C SER B 881 -22.34 -34.37 -7.15
N GLU B 882 -22.32 -33.04 -7.24
CA GLU B 882 -21.42 -32.21 -6.44
C GLU B 882 -22.12 -30.91 -6.07
N GLN B 883 -22.44 -30.73 -4.79
CA GLN B 883 -23.24 -29.58 -4.39
C GLN B 883 -22.53 -28.26 -4.62
N ILE B 884 -21.21 -28.24 -4.60
CA ILE B 884 -20.47 -26.98 -4.77
C ILE B 884 -20.26 -26.84 -6.28
N ASN B 885 -21.25 -26.26 -6.95
CA ASN B 885 -21.29 -26.21 -8.40
C ASN B 885 -21.96 -24.91 -8.82
N ALA B 886 -21.16 -23.89 -9.11
CA ALA B 886 -21.68 -22.64 -9.65
C ALA B 886 -22.02 -22.75 -11.12
N VAL B 887 -21.26 -23.52 -11.88
CA VAL B 887 -21.45 -23.62 -13.32
C VAL B 887 -22.83 -24.16 -13.65
N ALA B 888 -23.23 -25.25 -12.99
CA ALA B 888 -24.53 -25.86 -13.26
C ALA B 888 -25.69 -24.96 -12.86
N TRP B 889 -25.59 -24.30 -11.72
CA TRP B 889 -26.65 -23.40 -11.32
C TRP B 889 -26.80 -22.24 -12.29
N THR B 890 -25.67 -21.68 -12.73
CA THR B 890 -25.75 -20.58 -13.69
C THR B 890 -26.28 -21.06 -15.04
N ASN B 891 -25.98 -22.29 -15.42
CA ASN B 891 -26.54 -22.82 -16.65
C ASN B 891 -28.05 -22.99 -16.57
N LEU B 892 -28.57 -23.46 -15.43
CA LEU B 892 -30.02 -23.45 -15.26
C LEU B 892 -30.58 -22.04 -15.31
N GLY B 893 -29.90 -21.09 -14.68
CA GLY B 893 -30.38 -19.73 -14.75
C GLY B 893 -30.49 -19.22 -16.17
N VAL B 894 -29.50 -19.50 -17.01
CA VAL B 894 -29.57 -19.07 -18.40
C VAL B 894 -30.72 -19.75 -19.12
N LEU B 895 -30.91 -21.06 -18.88
CA LEU B 895 -31.99 -21.78 -19.54
C LEU B 895 -33.34 -21.21 -19.17
N TYR B 896 -33.58 -20.95 -17.89
CA TYR B 896 -34.85 -20.36 -17.49
C TYR B 896 -35.01 -18.93 -18.00
N LEU B 897 -33.92 -18.14 -17.97
CA LEU B 897 -34.02 -16.75 -18.36
C LEU B 897 -34.39 -16.60 -19.83
N THR B 898 -33.80 -17.42 -20.71
CA THR B 898 -34.19 -17.31 -22.12
C THR B 898 -35.63 -17.73 -22.37
N ASN B 899 -36.17 -18.67 -21.60
CA ASN B 899 -37.60 -19.01 -21.71
C ASN B 899 -38.47 -18.24 -20.72
N GLU B 900 -38.35 -16.93 -20.71
CA GLU B 900 -39.26 -16.00 -20.03
C GLU B 900 -39.70 -16.51 -18.65
N ASN B 901 -38.73 -16.75 -17.76
CA ASN B 901 -39.04 -17.22 -16.42
C ASN B 901 -38.27 -16.44 -15.35
N ILE B 902 -38.28 -15.11 -15.46
CA ILE B 902 -37.34 -14.24 -14.74
C ILE B 902 -37.18 -14.60 -13.27
N GLU B 903 -38.27 -14.94 -12.58
CA GLU B 903 -38.20 -15.16 -11.13
C GLU B 903 -37.35 -16.38 -10.77
N GLN B 904 -37.64 -17.53 -11.37
CA GLN B 904 -36.94 -18.75 -11.02
C GLN B 904 -35.48 -18.70 -11.48
N ALA B 905 -35.23 -18.05 -12.62
CA ALA B 905 -33.86 -17.80 -13.06
C ALA B 905 -33.10 -16.93 -12.08
N HIS B 906 -33.79 -15.93 -11.52
CA HIS B 906 -33.19 -15.10 -10.49
C HIS B 906 -32.77 -15.94 -9.29
N GLU B 907 -33.63 -16.89 -8.90
CA GLU B 907 -33.26 -17.80 -7.80
C GLU B 907 -32.03 -18.64 -8.13
N ALA B 908 -31.96 -19.19 -9.33
CA ALA B 908 -30.81 -20.01 -9.70
C ALA B 908 -29.52 -19.20 -9.68
N PHE B 909 -29.57 -17.97 -10.20
CA PHE B 909 -28.39 -17.11 -10.19
C PHE B 909 -27.97 -16.80 -8.77
N LYS B 910 -28.94 -16.56 -7.89
CA LYS B 910 -28.65 -16.27 -6.49
C LYS B 910 -27.94 -17.43 -5.81
N MET B 911 -28.37 -18.67 -6.09
CA MET B 911 -27.67 -19.82 -5.53
C MET B 911 -26.24 -19.91 -6.05
N ALA B 912 -26.07 -19.68 -7.36
CA ALA B 912 -24.74 -19.79 -7.95
C ALA B 912 -23.77 -18.80 -7.33
N GLN B 913 -24.17 -17.53 -7.20
CA GLN B 913 -23.26 -16.57 -6.58
C GLN B 913 -23.10 -16.80 -5.09
N SER B 914 -24.09 -17.38 -4.41
CA SER B 914 -23.89 -17.74 -3.02
C SER B 914 -22.76 -18.76 -2.86
N LEU B 915 -22.62 -19.68 -3.81
CA LEU B 915 -21.56 -20.68 -3.72
C LEU B 915 -20.19 -20.18 -4.18
N ASP B 916 -20.13 -19.12 -4.98
CA ASP B 916 -18.86 -18.62 -5.50
C ASP B 916 -18.95 -17.14 -5.87
N PRO B 917 -18.59 -16.24 -4.96
CA PRO B 917 -18.90 -14.83 -5.17
C PRO B 917 -18.13 -14.16 -6.30
N SER B 918 -17.17 -14.83 -6.92
CA SER B 918 -16.35 -14.21 -7.94
C SER B 918 -16.40 -15.00 -9.24
N TYR B 919 -17.57 -15.54 -9.55
CA TYR B 919 -17.85 -16.18 -10.82
C TYR B 919 -18.57 -15.18 -11.70
N LEU B 920 -18.11 -15.02 -12.94
CA LEU B 920 -18.52 -13.89 -13.76
C LEU B 920 -19.94 -14.02 -14.32
N MET B 921 -20.27 -15.19 -14.84
CA MET B 921 -21.52 -15.37 -15.56
C MET B 921 -22.75 -15.10 -14.68
N CYS B 922 -22.69 -15.50 -13.42
CA CYS B 922 -23.82 -15.25 -12.53
C CYS B 922 -24.05 -13.76 -12.32
N TRP B 923 -22.98 -12.97 -12.17
CA TRP B 923 -23.11 -11.53 -12.01
C TRP B 923 -23.69 -10.89 -13.27
N ILE B 924 -23.24 -11.34 -14.44
CA ILE B 924 -23.81 -10.81 -15.68
C ILE B 924 -25.28 -11.16 -15.80
N GLY B 925 -25.65 -12.38 -15.42
CA GLY B 925 -27.06 -12.75 -15.44
C GLY B 925 -27.90 -11.90 -14.52
N GLN B 926 -27.37 -11.58 -13.34
CA GLN B 926 -28.08 -10.69 -12.44
C GLN B 926 -28.28 -9.31 -13.06
N ALA B 927 -27.25 -8.80 -13.75
CA ALA B 927 -27.39 -7.51 -14.43
C ALA B 927 -28.45 -7.56 -15.52
N LEU B 928 -28.50 -8.64 -16.28
CA LEU B 928 -29.50 -8.78 -17.33
C LEU B 928 -30.91 -8.80 -16.76
N ILE B 929 -31.11 -9.53 -15.65
CA ILE B 929 -32.43 -9.54 -15.02
C ILE B 929 -32.79 -8.16 -14.50
N ALA B 930 -31.84 -7.46 -13.88
CA ALA B 930 -32.12 -6.12 -13.37
C ALA B 930 -32.52 -5.18 -14.50
N GLU B 931 -31.87 -5.30 -15.65
CA GLU B 931 -32.25 -4.50 -16.81
C GLU B 931 -33.66 -4.84 -17.27
N ALA B 932 -34.01 -6.13 -17.29
CA ALA B 932 -35.31 -6.54 -17.81
C ALA B 932 -36.46 -5.96 -16.98
N VAL B 933 -36.37 -6.02 -15.66
CA VAL B 933 -37.46 -5.58 -14.81
C VAL B 933 -37.34 -4.10 -14.54
N GLY B 934 -36.38 -3.44 -15.18
CA GLY B 934 -36.23 -2.00 -15.02
C GLY B 934 -35.91 -1.61 -13.60
N SER B 935 -34.75 -2.00 -13.11
CA SER B 935 -34.31 -1.63 -11.77
C SER B 935 -33.44 -0.37 -11.83
N TYR B 936 -32.90 0.03 -10.69
CA TYR B 936 -32.10 1.25 -10.57
C TYR B 936 -30.61 1.02 -10.47
N ASP B 937 -30.17 -0.17 -10.10
CA ASP B 937 -28.76 -0.51 -9.97
C ASP B 937 -28.28 -1.41 -11.11
N THR B 938 -28.77 -1.20 -12.34
CA THR B 938 -28.26 -1.97 -13.47
C THR B 938 -26.91 -1.46 -13.97
N MET B 939 -26.69 -0.15 -13.96
CA MET B 939 -25.40 0.38 -14.42
C MET B 939 -24.28 -0.07 -13.50
N ASP B 940 -24.51 -0.04 -12.19
CA ASP B 940 -23.50 -0.50 -11.23
C ASP B 940 -23.22 -1.99 -11.37
N LEU B 941 -24.26 -2.78 -11.63
CA LEU B 941 -24.05 -4.22 -11.83
C LEU B 941 -23.16 -4.47 -13.04
N PHE B 942 -23.39 -3.75 -14.14
CA PHE B 942 -22.51 -3.88 -15.30
C PHE B 942 -21.09 -3.39 -14.99
N ARG B 943 -20.95 -2.33 -14.20
CA ARG B 943 -19.63 -1.84 -13.83
C ARG B 943 -18.86 -2.87 -13.02
N HIS B 944 -19.53 -3.52 -12.07
CA HIS B 944 -18.92 -4.59 -11.30
C HIS B 944 -18.48 -5.73 -12.20
N THR B 945 -19.31 -6.08 -13.17
CA THR B 945 -18.94 -7.11 -14.13
C THR B 945 -17.70 -6.75 -14.90
N THR B 946 -17.60 -5.49 -15.34
CA THR B 946 -16.40 -5.01 -16.01
C THR B 946 -15.17 -5.09 -15.12
N GLU B 947 -15.33 -4.75 -13.84
CA GLU B 947 -14.22 -4.78 -12.91
C GLU B 947 -13.72 -6.19 -12.61
N LEU B 948 -14.60 -7.18 -12.61
CA LEU B 948 -14.11 -8.52 -12.31
C LEU B 948 -13.21 -9.04 -13.41
N ASN B 949 -13.78 -9.27 -14.59
CA ASN B 949 -12.98 -9.75 -15.70
C ASN B 949 -13.72 -9.43 -17.00
N MET B 950 -13.02 -9.54 -18.12
CA MET B 950 -13.53 -9.16 -19.45
C MET B 950 -14.39 -10.20 -20.16
N HIS B 951 -15.69 -10.14 -19.97
CA HIS B 951 -16.63 -10.85 -20.83
C HIS B 951 -17.21 -9.91 -21.88
N THR B 952 -17.74 -10.47 -22.96
CA THR B 952 -18.25 -9.70 -24.10
C THR B 952 -19.59 -9.03 -23.79
N GLU B 953 -20.51 -9.79 -23.21
CA GLU B 953 -21.86 -9.31 -22.92
C GLU B 953 -21.85 -8.18 -21.91
N GLY B 954 -21.11 -8.34 -20.81
CA GLY B 954 -20.97 -7.27 -19.85
C GLY B 954 -20.34 -6.02 -20.45
N ALA B 955 -19.38 -6.21 -21.34
CA ALA B 955 -18.72 -5.10 -22.00
C ALA B 955 -19.71 -4.25 -22.77
N LEU B 956 -20.52 -4.90 -23.61
CA LEU B 956 -21.48 -4.15 -24.41
C LEU B 956 -22.52 -3.49 -23.52
N GLY B 957 -22.98 -4.17 -22.47
CA GLY B 957 -23.96 -3.55 -21.59
C GLY B 957 -23.45 -2.29 -20.92
N TYR B 958 -22.22 -2.35 -20.39
CA TYR B 958 -21.68 -1.18 -19.71
C TYR B 958 -21.49 -0.02 -20.67
N ALA B 959 -21.00 -0.30 -21.88
CA ALA B 959 -20.80 0.77 -22.85
C ALA B 959 -22.12 1.42 -23.23
N TYR B 960 -23.16 0.61 -23.40
CA TYR B 960 -24.46 1.15 -23.74
C TYR B 960 -24.94 2.11 -22.67
N TRP B 961 -24.80 1.71 -21.41
CA TRP B 961 -25.29 2.56 -20.32
C TRP B 961 -24.48 3.84 -20.20
N VAL B 962 -23.17 3.78 -20.42
CA VAL B 962 -22.36 4.99 -20.36
C VAL B 962 -22.78 5.97 -21.43
N CYS B 963 -22.99 5.49 -22.66
CA CYS B 963 -23.40 6.39 -23.74
C CYS B 963 -24.79 6.98 -23.47
N THR B 964 -25.72 6.15 -22.98
CA THR B 964 -27.05 6.64 -22.67
C THR B 964 -27.04 7.71 -21.59
N THR B 965 -26.22 7.52 -20.54
CA THR B 965 -26.11 8.55 -19.50
C THR B 965 -25.50 9.83 -20.05
N LEU B 966 -24.54 9.73 -20.96
CA LEU B 966 -23.96 10.93 -21.55
C LEU B 966 -24.99 11.72 -22.36
N GLN B 967 -25.88 11.02 -23.08
CA GLN B 967 -26.88 11.74 -23.88
C GLN B 967 -27.76 12.65 -23.02
N ASP B 968 -28.35 12.12 -21.96
CA ASP B 968 -29.28 12.92 -21.16
C ASP B 968 -28.54 14.09 -20.53
N LYS B 969 -28.93 15.31 -20.90
CA LYS B 969 -28.21 16.51 -20.49
C LYS B 969 -28.83 17.22 -19.30
N SER B 970 -29.81 16.61 -18.66
CA SER B 970 -30.36 17.10 -17.41
C SER B 970 -29.64 16.50 -16.22
N ASN B 971 -28.47 15.90 -16.45
CA ASN B 971 -27.77 15.14 -15.43
C ASN B 971 -26.73 15.95 -14.68
N ARG B 972 -26.17 16.99 -15.27
CA ARG B 972 -24.87 17.39 -14.75
C ARG B 972 -24.98 18.24 -13.50
N GLU B 973 -25.79 17.79 -12.55
CA GLU B 973 -25.65 18.12 -11.14
C GLU B 973 -25.98 16.94 -10.25
N THR B 974 -26.26 15.77 -10.83
CA THR B 974 -27.04 14.75 -10.15
C THR B 974 -26.28 14.01 -9.06
N GLU B 975 -24.95 13.96 -9.14
CA GLU B 975 -24.08 13.02 -8.42
C GLU B 975 -24.15 11.63 -9.03
N LEU B 976 -25.00 11.42 -10.01
CA LEU B 976 -24.88 10.28 -10.90
C LEU B 976 -23.84 10.59 -11.96
N TYR B 977 -24.08 11.63 -12.75
CA TYR B 977 -23.12 12.03 -13.75
C TYR B 977 -21.83 12.42 -13.05
N GLN B 978 -21.93 13.28 -12.05
CA GLN B 978 -20.71 13.87 -11.51
C GLN B 978 -19.84 12.81 -10.86
N TYR B 979 -20.32 12.15 -9.80
CA TYR B 979 -19.49 11.12 -9.20
C TYR B 979 -19.21 9.97 -10.15
N ASN B 980 -20.24 9.26 -10.63
CA ASN B 980 -19.96 8.04 -11.36
C ASN B 980 -19.12 8.33 -12.60
N ILE B 981 -19.59 9.21 -13.48
CA ILE B 981 -18.90 9.43 -14.73
C ILE B 981 -17.55 10.11 -14.52
N LEU B 982 -17.50 11.19 -13.72
CA LEU B 982 -16.30 12.00 -13.71
C LEU B 982 -15.31 11.65 -12.60
N GLN B 983 -15.64 10.76 -11.68
CA GLN B 983 -14.73 10.37 -10.63
C GLN B 983 -14.49 8.88 -10.66
N MET B 984 -15.24 8.14 -11.45
CA MET B 984 -14.96 6.74 -11.68
C MET B 984 -14.36 6.52 -13.05
N ASN B 985 -14.07 7.59 -13.79
CA ASN B 985 -13.49 7.51 -15.13
C ASN B 985 -14.24 6.53 -16.03
N ALA B 986 -15.55 6.71 -16.09
CA ALA B 986 -16.36 5.80 -16.88
C ALA B 986 -15.99 5.84 -18.35
N ILE B 987 -15.76 7.02 -18.91
CA ILE B 987 -15.49 7.15 -20.34
C ILE B 987 -14.23 6.38 -20.78
N PRO B 988 -13.06 6.60 -20.17
CA PRO B 988 -11.87 5.80 -20.57
C PRO B 988 -12.06 4.30 -20.40
N ALA B 989 -12.71 3.88 -19.31
CA ALA B 989 -12.97 2.47 -19.09
C ALA B 989 -13.84 1.89 -20.19
N ALA B 990 -14.90 2.61 -20.56
CA ALA B 990 -15.75 2.16 -21.66
C ALA B 990 -14.97 2.07 -22.95
N GLN B 991 -14.07 3.02 -23.21
CA GLN B 991 -13.31 2.96 -24.45
C GLN B 991 -12.43 1.72 -24.52
N VAL B 992 -11.71 1.40 -23.44
CA VAL B 992 -10.84 0.22 -23.45
C VAL B 992 -11.66 -1.04 -23.64
N ILE B 993 -12.80 -1.10 -22.96
CA ILE B 993 -13.71 -2.23 -23.05
C ILE B 993 -14.19 -2.43 -24.48
N LEU B 994 -14.61 -1.35 -25.14
CA LEU B 994 -15.09 -1.46 -26.51
C LEU B 994 -13.98 -1.84 -27.48
N ASN B 995 -12.75 -1.38 -27.27
CA ASN B 995 -11.66 -1.82 -28.14
C ASN B 995 -11.49 -3.33 -28.08
N LYS B 996 -11.48 -3.89 -26.87
CA LYS B 996 -11.35 -5.34 -26.74
C LYS B 996 -12.54 -6.06 -27.38
N TYR B 997 -13.75 -5.56 -27.14
CA TYR B 997 -14.92 -6.21 -27.69
C TYR B 997 -14.86 -6.24 -29.20
N VAL B 998 -14.52 -5.10 -29.79
CA VAL B 998 -14.58 -4.96 -31.23
C VAL B 998 -13.54 -5.85 -31.89
N GLU B 999 -12.37 -5.99 -31.25
CA GLU B 999 -11.39 -6.92 -31.82
C GLU B 999 -11.86 -8.37 -31.72
N ARG B 1000 -12.61 -8.71 -30.67
CA ARG B 1000 -13.12 -10.09 -30.57
C ARG B 1000 -14.21 -10.39 -31.59
N ILE B 1001 -15.19 -9.49 -31.75
CA ILE B 1001 -16.40 -9.82 -32.51
C ILE B 1001 -16.37 -9.31 -33.95
N GLN B 1002 -16.28 -7.99 -34.11
CA GLN B 1002 -15.97 -7.32 -35.39
C GLN B 1002 -16.94 -7.61 -36.54
N ASN B 1003 -18.21 -7.88 -36.28
CA ASN B 1003 -19.19 -7.85 -37.36
C ASN B 1003 -20.49 -7.19 -36.91
N TYR B 1004 -20.40 -6.22 -36.02
CA TYR B 1004 -21.55 -5.58 -35.40
C TYR B 1004 -21.30 -4.08 -35.46
N ALA B 1005 -22.21 -3.34 -36.05
CA ALA B 1005 -22.02 -1.92 -36.33
C ALA B 1005 -22.22 -0.99 -35.13
N PRO B 1006 -23.27 -1.17 -34.32
CA PRO B 1006 -23.46 -0.26 -33.18
C PRO B 1006 -22.28 -0.19 -32.25
N ALA B 1007 -21.53 -1.28 -32.08
CA ALA B 1007 -20.32 -1.22 -31.26
C ALA B 1007 -19.35 -0.19 -31.81
N PHE B 1008 -19.16 -0.20 -33.13
CA PHE B 1008 -18.29 0.77 -33.78
C PHE B 1008 -18.79 2.19 -33.61
N THR B 1009 -20.10 2.43 -33.76
CA THR B 1009 -20.56 3.81 -33.59
C THR B 1009 -20.40 4.30 -32.16
N MET B 1010 -20.68 3.46 -31.16
CA MET B 1010 -20.44 3.88 -29.78
C MET B 1010 -18.96 4.15 -29.54
N LEU B 1011 -18.09 3.32 -30.10
CA LEU B 1011 -16.66 3.55 -29.97
C LEU B 1011 -16.27 4.89 -30.57
N GLY B 1012 -16.83 5.22 -31.73
CA GLY B 1012 -16.57 6.53 -32.32
C GLY B 1012 -17.04 7.67 -31.43
N TYR B 1013 -18.21 7.52 -30.82
CA TYR B 1013 -18.74 8.57 -29.94
C TYR B 1013 -17.83 8.79 -28.74
N LEU B 1014 -17.41 7.71 -28.09
CA LEU B 1014 -16.54 7.84 -26.92
C LEU B 1014 -15.20 8.43 -27.30
N ASN B 1015 -14.64 8.01 -28.43
CA ASN B 1015 -13.38 8.58 -28.90
C ASN B 1015 -13.53 10.07 -29.14
N GLU B 1016 -14.68 10.48 -29.65
CA GLU B 1016 -14.97 11.89 -29.85
C GLU B 1016 -14.99 12.66 -28.53
N HIS B 1017 -15.60 12.10 -27.48
CA HIS B 1017 -15.48 12.74 -26.16
C HIS B 1017 -14.08 12.74 -25.57
N LEU B 1018 -13.20 11.83 -25.96
CA LEU B 1018 -11.84 11.92 -25.46
C LEU B 1018 -10.96 12.79 -26.35
N GLN B 1019 -11.52 13.35 -27.42
CA GLN B 1019 -10.77 14.16 -28.39
C GLN B 1019 -9.61 13.37 -28.98
N LEU B 1020 -9.93 12.17 -29.43
CA LEU B 1020 -9.02 11.27 -30.11
C LEU B 1020 -9.36 11.12 -31.59
N LYS B 1021 -9.70 12.24 -32.23
CA LYS B 1021 -10.42 12.33 -33.50
C LYS B 1021 -9.99 11.33 -34.57
N LYS B 1022 -8.71 11.05 -34.70
CA LYS B 1022 -8.27 10.09 -35.71
C LYS B 1022 -8.89 8.72 -35.46
N GLU B 1023 -8.88 8.27 -34.22
CA GLU B 1023 -9.46 6.98 -33.87
C GLU B 1023 -10.97 7.00 -34.07
N ALA B 1024 -11.62 8.12 -33.80
CA ALA B 1024 -13.05 8.24 -34.05
C ALA B 1024 -13.35 8.11 -35.53
N ALA B 1025 -12.53 8.71 -36.38
CA ALA B 1025 -12.72 8.55 -37.82
C ALA B 1025 -12.55 7.10 -38.23
N ASN B 1026 -11.55 6.41 -37.70
CA ASN B 1026 -11.39 4.99 -38.05
C ASN B 1026 -12.60 4.16 -37.64
N ALA B 1027 -13.14 4.40 -36.44
CA ALA B 1027 -14.31 3.67 -35.99
C ALA B 1027 -15.49 3.90 -36.92
N TYR B 1028 -15.74 5.16 -37.27
CA TYR B 1028 -16.87 5.44 -38.16
C TYR B 1028 -16.65 4.82 -39.53
N GLN B 1029 -15.43 4.79 -40.01
CA GLN B 1029 -15.12 4.17 -41.29
C GLN B 1029 -15.49 2.68 -41.30
N ARG B 1030 -15.11 1.96 -40.25
CA ARG B 1030 -15.45 0.54 -40.19
C ARG B 1030 -16.95 0.33 -40.10
N ALA B 1031 -17.64 1.19 -39.36
CA ALA B 1031 -19.10 1.11 -39.33
C ALA B 1031 -19.68 1.34 -40.72
N ILE B 1032 -19.10 2.26 -41.49
CA ILE B 1032 -19.58 2.49 -42.86
C ILE B 1032 -19.46 1.22 -43.68
N LEU B 1033 -18.31 0.55 -43.56
CA LEU B 1033 -18.08 -0.66 -44.33
C LEU B 1033 -19.10 -1.75 -44.00
N LEU B 1034 -19.40 -1.91 -42.71
CA LEU B 1034 -20.37 -2.95 -42.31
C LEU B 1034 -21.76 -2.70 -42.88
N LEU B 1035 -22.20 -1.44 -42.88
CA LEU B 1035 -23.60 -1.08 -43.08
C LEU B 1035 -23.98 -0.86 -44.54
N GLN B 1036 -23.10 -1.18 -45.48
CA GLN B 1036 -23.41 -1.00 -46.91
C GLN B 1036 -24.79 -1.52 -47.26
N THR B 1037 -25.05 -2.79 -46.93
CA THR B 1037 -26.33 -3.42 -47.24
C THR B 1037 -27.07 -3.81 -45.95
N ALA B 1038 -28.24 -3.22 -45.78
CA ALA B 1038 -29.07 -3.51 -44.61
C ALA B 1038 -30.51 -3.09 -44.93
N GLU B 1039 -31.44 -3.65 -44.16
CA GLU B 1039 -32.85 -3.32 -44.35
C GLU B 1039 -33.13 -1.87 -44.02
N ASP B 1040 -32.44 -1.32 -43.03
CA ASP B 1040 -32.64 0.06 -42.59
C ASP B 1040 -31.52 0.94 -43.13
N GLN B 1041 -31.91 1.96 -43.91
CA GLN B 1041 -30.96 2.88 -44.51
C GLN B 1041 -30.70 4.12 -43.68
N ASP B 1042 -31.48 4.37 -42.62
CA ASP B 1042 -31.26 5.56 -41.82
C ASP B 1042 -29.92 5.50 -41.10
N THR B 1043 -29.52 4.31 -40.66
CA THR B 1043 -28.28 4.20 -39.91
C THR B 1043 -27.08 4.38 -40.83
N TYR B 1044 -27.25 4.07 -42.11
CA TYR B 1044 -26.16 4.27 -43.05
C TYR B 1044 -25.94 5.74 -43.34
N ASN B 1045 -27.02 6.50 -43.50
CA ASN B 1045 -26.89 7.94 -43.70
C ASN B 1045 -26.30 8.60 -42.47
N VAL B 1046 -26.75 8.21 -41.27
CA VAL B 1046 -26.19 8.84 -40.08
C VAL B 1046 -24.71 8.51 -39.95
N ALA B 1047 -24.32 7.27 -40.25
CA ALA B 1047 -22.91 6.92 -40.21
C ALA B 1047 -22.10 7.74 -41.20
N ILE B 1048 -22.64 7.98 -42.40
CA ILE B 1048 -21.93 8.81 -43.38
C ILE B 1048 -21.76 10.22 -42.85
N ARG B 1049 -22.82 10.79 -42.30
CA ARG B 1049 -22.73 12.15 -41.76
C ARG B 1049 -21.62 12.24 -40.72
N ASN B 1050 -21.59 11.29 -39.79
CA ASN B 1050 -20.60 11.33 -38.70
C ASN B 1050 -19.19 11.14 -39.23
N TYR B 1051 -18.99 10.17 -40.11
CA TYR B 1051 -17.65 9.96 -40.64
C TYR B 1051 -17.16 11.17 -41.41
N GLY B 1052 -18.02 11.75 -42.26
CA GLY B 1052 -17.63 12.93 -43.01
C GLY B 1052 -17.32 14.10 -42.09
N ARG B 1053 -18.14 14.30 -41.07
CA ARG B 1053 -17.94 15.40 -40.14
C ARG B 1053 -16.59 15.27 -39.43
N LEU B 1054 -16.28 14.07 -38.94
CA LEU B 1054 -14.99 13.87 -38.26
C LEU B 1054 -13.83 14.00 -39.23
N LEU B 1055 -14.02 13.53 -40.46
CA LEU B 1055 -12.99 13.66 -41.48
C LEU B 1055 -12.69 15.13 -41.76
N CYS B 1056 -13.73 15.95 -41.87
CA CYS B 1056 -13.54 17.38 -42.03
C CYS B 1056 -12.85 18.02 -40.82
N SER B 1057 -13.13 17.51 -39.63
CA SER B 1057 -12.53 18.09 -38.43
C SER B 1057 -11.00 18.07 -38.46
N THR B 1058 -10.39 17.05 -39.07
CA THR B 1058 -8.93 16.94 -39.12
C THR B 1058 -8.46 16.82 -40.57
N GLY B 1059 -8.24 17.93 -41.25
CA GLY B 1059 -7.76 17.90 -42.63
C GLY B 1059 -8.62 17.08 -43.58
N GLU B 1060 -8.03 16.75 -44.73
CA GLU B 1060 -8.66 15.91 -45.77
C GLU B 1060 -10.05 16.40 -46.12
N TYR B 1061 -10.12 17.67 -46.51
CA TYR B 1061 -11.40 18.27 -46.84
C TYR B 1061 -12.03 17.64 -48.07
N ASP B 1062 -11.23 17.25 -49.06
CA ASP B 1062 -11.81 16.63 -50.25
C ASP B 1062 -12.54 15.34 -49.93
N LYS B 1063 -11.97 14.52 -49.05
CA LYS B 1063 -12.63 13.30 -48.64
C LYS B 1063 -13.94 13.60 -47.92
N ALA B 1064 -13.94 14.63 -47.08
CA ALA B 1064 -15.16 15.04 -46.41
C ALA B 1064 -16.23 15.46 -47.41
N ILE B 1065 -15.84 16.22 -48.43
CA ILE B 1065 -16.81 16.65 -49.44
C ILE B 1065 -17.38 15.45 -50.18
N GLN B 1066 -16.51 14.51 -50.53
CA GLN B 1066 -16.97 13.30 -51.22
C GLN B 1066 -17.92 12.51 -50.34
N ALA B 1067 -17.60 12.37 -49.06
CA ALA B 1067 -18.47 11.65 -48.14
C ALA B 1067 -19.83 12.32 -48.00
N PHE B 1068 -19.86 13.65 -47.88
CA PHE B 1068 -21.15 14.31 -47.79
C PHE B 1068 -21.91 14.28 -49.13
N LYS B 1069 -21.22 14.01 -50.25
CA LYS B 1069 -21.92 13.83 -51.52
C LYS B 1069 -22.80 12.59 -51.53
N SER B 1070 -22.35 11.50 -50.93
CA SER B 1070 -23.06 10.24 -51.07
C SER B 1070 -24.19 10.09 -50.07
N THR B 1071 -25.06 11.08 -50.00
CA THR B 1071 -26.23 11.05 -49.11
C THR B 1071 -27.27 12.02 -49.64
N PRO B 1072 -28.55 11.77 -49.38
CA PRO B 1072 -29.57 12.77 -49.70
C PRO B 1072 -29.53 13.93 -48.72
N LEU B 1073 -29.16 15.11 -49.21
CA LEU B 1073 -28.97 16.30 -48.37
C LEU B 1073 -30.32 16.95 -48.06
N GLU B 1074 -31.09 16.30 -47.19
CA GLU B 1074 -32.43 16.75 -46.88
C GLU B 1074 -32.70 17.02 -45.42
N VAL B 1075 -31.77 16.73 -44.53
CA VAL B 1075 -31.95 17.03 -43.11
C VAL B 1075 -30.93 18.08 -42.73
N LEU B 1076 -31.26 18.83 -41.68
CA LEU B 1076 -30.43 19.95 -41.27
C LEU B 1076 -28.98 19.55 -41.06
N GLU B 1077 -28.75 18.40 -40.42
CA GLU B 1077 -27.39 17.98 -40.09
C GLU B 1077 -26.53 17.84 -41.33
N ASP B 1078 -27.02 17.13 -42.34
CA ASP B 1078 -26.23 16.93 -43.54
C ASP B 1078 -25.92 18.24 -44.24
N ILE B 1079 -26.91 19.13 -44.35
CA ILE B 1079 -26.68 20.39 -45.04
C ILE B 1079 -25.65 21.23 -44.30
N ILE B 1080 -25.76 21.31 -42.98
CA ILE B 1080 -24.82 22.10 -42.18
C ILE B 1080 -23.41 21.56 -42.28
N GLY B 1081 -23.26 20.24 -42.18
CA GLY B 1081 -21.93 19.66 -42.32
C GLY B 1081 -21.35 19.91 -43.70
N PHE B 1082 -22.17 19.78 -44.73
CA PHE B 1082 -21.73 20.03 -46.09
C PHE B 1082 -21.23 21.45 -46.21
N ALA B 1083 -21.98 22.40 -45.64
CA ALA B 1083 -21.62 23.80 -45.69
C ALA B 1083 -20.28 24.06 -45.02
N LEU B 1084 -20.06 23.50 -43.83
CA LEU B 1084 -18.79 23.74 -43.16
C LEU B 1084 -17.62 23.12 -43.91
N ALA B 1085 -17.78 21.90 -44.43
CA ALA B 1085 -16.68 21.32 -45.20
C ALA B 1085 -16.35 22.17 -46.41
N LEU B 1086 -17.40 22.66 -47.11
CA LEU B 1086 -17.21 23.50 -48.27
C LEU B 1086 -16.48 24.78 -47.90
N PHE B 1087 -16.87 25.41 -46.80
CA PHE B 1087 -16.21 26.63 -46.33
C PHE B 1087 -14.75 26.36 -46.01
N MET B 1088 -14.47 25.24 -45.35
CA MET B 1088 -13.10 24.93 -44.98
C MET B 1088 -12.22 24.79 -46.20
N LYS B 1089 -12.72 24.17 -47.25
CA LYS B 1089 -11.87 24.00 -48.43
C LYS B 1089 -11.65 25.31 -49.17
N GLY B 1090 -12.62 26.22 -49.14
CA GLY B 1090 -12.57 27.42 -49.95
C GLY B 1090 -14.01 27.69 -50.34
N LEU B 1091 -14.25 27.99 -51.60
CA LEU B 1091 -15.58 27.82 -52.19
C LEU B 1091 -16.66 28.54 -51.41
N TYR B 1092 -16.36 29.76 -50.95
CA TYR B 1092 -17.23 30.45 -50.01
C TYR B 1092 -18.65 30.60 -50.55
N LYS B 1093 -18.80 30.80 -51.86
CA LYS B 1093 -20.13 30.94 -52.44
C LYS B 1093 -20.95 29.66 -52.25
N GLU B 1094 -20.33 28.50 -52.45
CA GLU B 1094 -21.03 27.23 -52.24
C GLU B 1094 -21.48 27.09 -50.79
N SER B 1095 -20.62 27.43 -49.84
CA SER B 1095 -21.00 27.35 -48.45
C SER B 1095 -22.15 28.28 -48.14
N SER B 1096 -22.14 29.48 -48.71
CA SER B 1096 -23.24 30.41 -48.50
C SER B 1096 -24.55 29.84 -49.03
N LYS B 1097 -24.52 29.22 -50.21
CA LYS B 1097 -25.73 28.64 -50.77
C LYS B 1097 -26.26 27.53 -49.86
N ALA B 1098 -25.37 26.66 -49.40
CA ALA B 1098 -25.76 25.57 -48.51
C ALA B 1098 -26.32 26.07 -47.19
N TYR B 1099 -25.69 27.10 -46.61
CA TYR B 1099 -26.20 27.65 -45.36
C TYR B 1099 -27.58 28.27 -45.55
N GLU B 1100 -27.82 28.93 -46.68
CA GLU B 1100 -29.16 29.47 -46.96
C GLU B 1100 -30.17 28.34 -47.08
N ARG B 1101 -29.78 27.28 -47.79
CA ARG B 1101 -30.66 26.14 -47.97
C ARG B 1101 -31.01 25.51 -46.63
N ALA B 1102 -30.03 25.45 -45.73
CA ALA B 1102 -30.31 24.99 -44.36
C ALA B 1102 -31.21 25.96 -43.61
N LEU B 1103 -31.07 27.27 -43.88
CA LEU B 1103 -31.90 28.26 -43.22
C LEU B 1103 -33.37 28.09 -43.57
N SER B 1104 -33.66 27.69 -44.80
CA SER B 1104 -35.05 27.43 -45.19
C SER B 1104 -35.77 26.54 -44.18
N ILE B 1105 -35.26 25.32 -43.99
CA ILE B 1105 -35.88 24.33 -43.10
C ILE B 1105 -35.24 24.44 -41.72
N VAL B 1106 -35.83 25.26 -40.85
CA VAL B 1106 -35.28 25.52 -39.54
C VAL B 1106 -36.40 25.65 -38.52
N GLU B 1107 -36.26 24.97 -37.39
CA GLU B 1107 -37.00 25.24 -36.17
C GLU B 1107 -36.00 25.62 -35.09
N SER B 1108 -36.49 25.84 -33.86
CA SER B 1108 -35.61 26.01 -32.71
C SER B 1108 -34.66 27.21 -32.91
N GLU B 1109 -35.26 28.39 -32.92
CA GLU B 1109 -34.68 29.64 -33.40
C GLU B 1109 -33.22 29.88 -33.02
N GLN B 1110 -32.75 29.33 -31.90
CA GLN B 1110 -31.31 29.36 -31.61
C GLN B 1110 -30.51 28.95 -32.83
N ASP B 1111 -30.89 27.84 -33.48
CA ASP B 1111 -30.21 27.43 -34.69
C ASP B 1111 -30.36 28.45 -35.79
N LYS B 1112 -31.50 29.13 -35.88
CA LYS B 1112 -31.66 30.17 -36.88
C LYS B 1112 -30.65 31.29 -36.67
N ALA B 1113 -30.48 31.72 -35.42
CA ALA B 1113 -29.51 32.76 -35.13
C ALA B 1113 -28.09 32.30 -35.46
N HIS B 1114 -27.76 31.05 -35.12
CA HIS B 1114 -26.43 30.54 -35.44
C HIS B 1114 -26.21 30.45 -36.94
N ILE B 1115 -27.22 30.03 -37.71
CA ILE B 1115 -27.05 29.97 -39.16
C ILE B 1115 -26.88 31.36 -39.74
N LEU B 1116 -27.60 32.34 -39.21
CA LEU B 1116 -27.40 33.72 -39.66
C LEU B 1116 -25.97 34.18 -39.39
N THR B 1117 -25.45 33.86 -38.21
CA THR B 1117 -24.07 34.23 -37.88
C THR B 1117 -23.06 33.55 -38.81
N ALA B 1118 -23.29 32.26 -39.12
CA ALA B 1118 -22.43 31.56 -40.06
C ALA B 1118 -22.48 32.19 -41.45
N LEU B 1119 -23.66 32.60 -41.90
CA LEU B 1119 -23.80 33.31 -43.16
C LEU B 1119 -22.98 34.59 -43.17
N ALA B 1120 -23.09 35.37 -42.09
CA ALA B 1120 -22.33 36.61 -42.00
C ALA B 1120 -20.85 36.35 -42.11
N ILE B 1121 -20.34 35.37 -41.36
CA ILE B 1121 -18.92 35.06 -41.38
C ILE B 1121 -18.48 34.64 -42.79
N THR B 1122 -19.26 33.78 -43.43
CA THR B 1122 -18.80 33.23 -44.70
C THR B 1122 -18.79 34.29 -45.79
N GLU B 1123 -19.80 35.16 -45.84
CA GLU B 1123 -19.73 36.16 -46.89
C GLU B 1123 -18.70 37.23 -46.54
N TYR B 1124 -18.51 37.54 -45.25
CA TYR B 1124 -17.45 38.46 -44.87
C TYR B 1124 -16.12 38.01 -45.47
N LYS B 1125 -15.82 36.71 -45.38
CA LYS B 1125 -14.53 36.23 -45.90
C LYS B 1125 -14.27 36.73 -47.33
N GLN B 1126 -15.29 36.67 -48.19
CA GLN B 1126 -15.15 37.16 -49.56
C GLN B 1126 -14.88 38.65 -49.58
N GLY B 1127 -15.55 39.39 -48.70
CA GLY B 1127 -15.53 40.83 -48.65
C GLY B 1127 -16.96 41.15 -48.25
N LYS B 1128 -17.57 42.17 -48.84
CA LYS B 1128 -18.97 42.48 -48.59
C LYS B 1128 -19.28 42.58 -47.10
N THR B 1129 -18.55 43.46 -46.42
CA THR B 1129 -18.83 43.69 -45.01
C THR B 1129 -20.20 44.31 -44.80
N ASP B 1130 -20.68 45.10 -45.75
CA ASP B 1130 -22.00 45.74 -45.62
C ASP B 1130 -23.12 44.71 -45.49
N VAL B 1131 -23.10 43.68 -46.33
CA VAL B 1131 -24.16 42.67 -46.27
C VAL B 1131 -24.00 41.81 -45.03
N ALA B 1132 -22.77 41.50 -44.64
CA ALA B 1132 -22.54 40.78 -43.40
C ALA B 1132 -23.11 41.55 -42.22
N LYS B 1133 -22.86 42.85 -42.19
CA LYS B 1133 -23.34 43.70 -41.11
C LYS B 1133 -24.86 43.68 -41.04
N THR B 1134 -25.51 43.86 -42.19
CA THR B 1134 -26.97 43.88 -42.19
C THR B 1134 -27.54 42.52 -41.77
N LEU B 1135 -26.89 41.44 -42.19
CA LEU B 1135 -27.33 40.10 -41.81
C LEU B 1135 -27.20 39.88 -40.30
N LEU B 1136 -26.10 40.35 -39.70
CA LEU B 1136 -25.96 40.24 -38.25
C LEU B 1136 -27.00 41.08 -37.50
N PHE B 1137 -27.32 42.29 -38.01
CA PHE B 1137 -28.42 43.03 -37.39
C PHE B 1137 -29.73 42.27 -37.52
N LYS B 1138 -29.96 41.64 -38.66
CA LYS B 1138 -31.17 40.85 -38.84
C LYS B 1138 -31.23 39.74 -37.81
N CYS B 1139 -30.09 39.10 -37.53
CA CYS B 1139 -30.05 38.12 -36.45
C CYS B 1139 -30.40 38.74 -35.11
N SER B 1140 -29.90 39.95 -34.85
CA SER B 1140 -30.22 40.62 -33.58
C SER B 1140 -31.72 40.92 -33.46
N ILE B 1141 -32.43 41.05 -34.58
CA ILE B 1141 -33.86 41.40 -34.54
C ILE B 1141 -34.71 40.26 -34.01
N LEU B 1142 -34.14 39.06 -33.88
CA LEU B 1142 -34.86 37.93 -33.34
C LEU B 1142 -35.23 38.17 -31.87
N LYS B 1143 -36.03 37.26 -31.34
CA LYS B 1143 -36.62 37.48 -30.02
C LYS B 1143 -35.53 37.64 -28.97
N GLU B 1144 -34.56 36.73 -28.97
CA GLU B 1144 -33.49 36.80 -27.98
C GLU B 1144 -32.14 36.62 -28.67
N PRO B 1145 -31.17 37.51 -28.41
CA PRO B 1145 -29.83 37.32 -28.96
C PRO B 1145 -29.15 36.13 -28.31
N THR B 1146 -28.05 35.68 -28.93
CA THR B 1146 -27.44 34.43 -28.56
C THR B 1146 -26.05 34.56 -27.93
N THR B 1147 -25.53 35.78 -27.77
CA THR B 1147 -24.21 36.04 -27.19
C THR B 1147 -23.12 35.63 -28.16
N GLU B 1148 -23.50 35.02 -29.27
CA GLU B 1148 -22.57 34.67 -30.33
C GLU B 1148 -22.70 35.62 -31.49
N SER B 1149 -23.90 36.11 -31.75
CA SER B 1149 -24.07 37.14 -32.76
C SER B 1149 -23.47 38.44 -32.28
N LEU B 1150 -23.61 38.74 -30.98
CA LEU B 1150 -23.04 39.95 -30.42
C LEU B 1150 -21.52 39.96 -30.49
N GLN B 1151 -20.89 38.84 -30.14
CA GLN B 1151 -19.44 38.73 -30.23
C GLN B 1151 -18.96 38.84 -31.66
N ALA B 1152 -19.65 38.18 -32.59
CA ALA B 1152 -19.29 38.31 -33.99
C ALA B 1152 -19.44 39.73 -34.48
N LEU B 1153 -20.50 40.42 -34.05
CA LEU B 1153 -20.68 41.81 -34.43
C LEU B 1153 -19.53 42.69 -33.89
N CYS B 1154 -19.12 42.48 -32.64
CA CYS B 1154 -17.98 43.25 -32.13
C CYS B 1154 -16.73 42.97 -32.95
N ALA B 1155 -16.46 41.70 -33.27
CA ALA B 1155 -15.27 41.38 -34.06
C ALA B 1155 -15.36 41.97 -35.47
N LEU B 1156 -16.55 41.96 -36.05
CA LEU B 1156 -16.75 42.55 -37.37
C LEU B 1156 -16.52 44.05 -37.33
N GLY B 1157 -17.02 44.71 -36.29
CA GLY B 1157 -16.72 46.10 -36.11
C GLY B 1157 -15.24 46.36 -35.98
N LEU B 1158 -14.53 45.51 -35.24
CA LEU B 1158 -13.09 45.67 -35.07
C LEU B 1158 -12.33 45.43 -36.37
N ALA B 1159 -12.83 44.55 -37.24
CA ALA B 1159 -12.17 44.31 -38.53
C ALA B 1159 -12.20 45.53 -39.43
N MET B 1160 -13.18 46.40 -39.26
CA MET B 1160 -13.21 47.71 -39.91
C MET B 1160 -12.82 48.73 -38.85
N GLN B 1161 -11.92 49.65 -39.18
CA GLN B 1161 -11.39 50.47 -38.09
C GLN B 1161 -12.38 51.58 -37.72
N ASP B 1162 -13.52 51.15 -37.18
CA ASP B 1162 -14.51 52.07 -36.66
C ASP B 1162 -15.16 51.54 -35.39
N ALA B 1163 -15.11 52.34 -34.33
CA ALA B 1163 -15.58 51.92 -33.02
C ALA B 1163 -17.04 52.24 -32.76
N THR B 1164 -17.74 52.82 -33.73
CA THR B 1164 -19.13 53.18 -33.53
C THR B 1164 -19.99 51.97 -33.20
N LEU B 1165 -20.07 51.01 -34.12
CA LEU B 1165 -20.93 49.84 -33.89
C LEU B 1165 -20.33 48.88 -32.86
N SER B 1166 -19.00 48.79 -32.77
CA SER B 1166 -18.39 47.91 -31.78
C SER B 1166 -18.79 48.28 -30.36
N LYS B 1167 -18.77 49.57 -30.04
CA LYS B 1167 -19.21 49.99 -28.70
C LYS B 1167 -20.67 49.63 -28.47
N ALA B 1168 -21.54 49.87 -29.45
CA ALA B 1168 -22.95 49.54 -29.29
C ALA B 1168 -23.14 48.05 -29.07
N ALA B 1169 -22.44 47.23 -29.85
CA ALA B 1169 -22.53 45.78 -29.70
C ALA B 1169 -22.04 45.34 -28.33
N LEU B 1170 -20.94 45.93 -27.86
CA LEU B 1170 -20.41 45.58 -26.55
C LEU B 1170 -21.39 45.93 -25.45
N ASN B 1171 -21.98 47.12 -25.51
CA ASN B 1171 -22.98 47.50 -24.51
C ASN B 1171 -24.17 46.55 -24.55
N GLU B 1172 -24.61 46.18 -25.75
CA GLU B 1172 -25.70 45.22 -25.88
C GLU B 1172 -25.35 43.89 -25.23
N LEU B 1173 -24.12 43.42 -25.46
CA LEU B 1173 -23.65 42.15 -24.89
C LEU B 1173 -23.62 42.21 -23.37
N LEU B 1174 -23.10 43.30 -22.83
CA LEU B 1174 -23.01 43.44 -21.37
C LEU B 1174 -24.39 43.54 -20.75
N LYS B 1175 -25.27 44.32 -21.37
CA LYS B 1175 -26.58 44.68 -20.84
C LYS B 1175 -27.36 43.49 -20.29
N HIS B 1176 -27.72 42.53 -21.16
CA HIS B 1176 -28.68 41.52 -20.77
C HIS B 1176 -28.11 40.10 -20.86
N ILE B 1177 -26.80 39.94 -20.86
CA ILE B 1177 -26.21 38.62 -20.97
C ILE B 1177 -25.30 38.39 -19.77
N LYS B 1178 -25.69 37.43 -18.93
CA LYS B 1178 -24.90 37.02 -17.78
C LYS B 1178 -24.63 35.53 -17.79
N HIS B 1179 -25.36 34.75 -18.57
CA HIS B 1179 -25.19 33.31 -18.56
C HIS B 1179 -23.92 32.87 -19.27
N LYS B 1180 -23.28 33.76 -20.02
CA LYS B 1180 -21.94 33.48 -20.52
C LYS B 1180 -20.97 33.42 -19.34
N ASP B 1181 -20.11 32.40 -19.35
CA ASP B 1181 -19.21 32.15 -18.23
C ASP B 1181 -17.75 32.09 -18.66
N SER B 1182 -17.39 32.77 -19.77
CA SER B 1182 -15.98 32.78 -20.15
C SER B 1182 -15.23 33.82 -19.33
N ASN B 1183 -15.69 35.06 -19.35
CA ASN B 1183 -15.18 36.16 -18.55
C ASN B 1183 -13.81 36.64 -18.98
N TYR B 1184 -13.20 36.00 -19.95
CA TYR B 1184 -11.95 36.40 -20.56
C TYR B 1184 -12.17 37.00 -21.93
N GLN B 1185 -13.10 36.43 -22.69
CA GLN B 1185 -13.42 36.97 -24.01
C GLN B 1185 -14.04 38.37 -23.94
N ARG B 1186 -14.91 38.64 -22.98
CA ARG B 1186 -15.45 40.00 -22.92
C ARG B 1186 -14.34 41.01 -22.65
N CYS B 1187 -13.42 40.69 -21.74
CA CYS B 1187 -12.29 41.58 -21.44
C CYS B 1187 -11.43 41.80 -22.67
N LEU B 1188 -11.20 40.74 -23.44
CA LEU B 1188 -10.39 40.87 -24.64
C LEU B 1188 -11.06 41.79 -25.66
N LEU B 1189 -12.38 41.64 -25.85
CA LEU B 1189 -13.08 42.53 -26.78
C LEU B 1189 -13.06 43.98 -26.29
N THR B 1190 -13.31 44.20 -25.01
CA THR B 1190 -13.30 45.56 -24.48
C THR B 1190 -11.94 46.23 -24.67
N SER B 1191 -10.88 45.50 -24.33
CA SER B 1191 -9.53 46.03 -24.49
C SER B 1191 -9.21 46.31 -25.95
N ALA B 1192 -9.61 45.41 -26.85
CA ALA B 1192 -9.35 45.65 -28.26
C ALA B 1192 -10.05 46.91 -28.74
N ILE B 1193 -11.28 47.14 -28.28
CA ILE B 1193 -12.00 48.36 -28.66
C ILE B 1193 -11.24 49.59 -28.21
N TYR B 1194 -10.75 49.58 -26.96
CA TYR B 1194 -9.98 50.74 -26.48
C TYR B 1194 -8.69 50.92 -27.26
N ALA B 1195 -8.01 49.84 -27.60
CA ALA B 1195 -6.78 49.94 -28.37
C ALA B 1195 -7.03 50.48 -29.77
N LEU B 1196 -8.19 50.18 -30.35
CA LEU B 1196 -8.50 50.68 -31.69
C LEU B 1196 -8.35 52.19 -31.78
N GLN B 1197 -8.86 52.89 -30.78
CA GLN B 1197 -8.79 54.34 -30.68
C GLN B 1197 -7.41 54.85 -30.30
N GLY B 1198 -6.41 53.98 -30.22
CA GLY B 1198 -5.04 54.40 -29.94
C GLY B 1198 -4.78 54.88 -28.53
N ARG B 1199 -5.68 54.61 -27.58
CA ARG B 1199 -5.54 55.15 -26.23
C ARG B 1199 -4.29 54.63 -25.54
N SER B 1200 -4.09 53.31 -25.50
CA SER B 1200 -2.82 52.67 -25.21
C SER B 1200 -2.37 52.75 -23.75
N VAL B 1201 -3.08 53.49 -22.92
CA VAL B 1201 -2.94 53.40 -21.47
C VAL B 1201 -4.24 52.91 -20.84
N ALA B 1202 -5.38 53.34 -21.39
CA ALA B 1202 -6.67 52.84 -20.97
C ALA B 1202 -6.75 51.33 -21.06
N VAL B 1203 -6.13 50.74 -22.07
CA VAL B 1203 -6.17 49.28 -22.25
C VAL B 1203 -5.75 48.56 -20.96
N GLN B 1204 -4.58 48.94 -20.44
CA GLN B 1204 -4.07 48.29 -19.24
C GLN B 1204 -4.98 48.56 -18.05
N LYS B 1205 -5.51 49.78 -17.97
CA LYS B 1205 -6.42 50.14 -16.90
C LYS B 1205 -7.67 49.27 -16.95
N GLN B 1206 -8.17 49.00 -18.15
CA GLN B 1206 -9.36 48.18 -18.31
C GLN B 1206 -9.12 46.74 -17.84
N ILE B 1207 -7.98 46.17 -18.22
CA ILE B 1207 -7.69 44.81 -17.74
C ILE B 1207 -7.45 44.79 -16.23
N SER B 1208 -6.84 45.81 -15.68
CA SER B 1208 -6.68 45.90 -14.24
C SER B 1208 -8.04 45.93 -13.54
N LYS B 1209 -9.00 46.64 -14.13
CA LYS B 1209 -10.37 46.66 -13.60
C LYS B 1209 -10.96 45.24 -13.58
N ALA B 1210 -10.79 44.52 -14.69
CA ALA B 1210 -11.34 43.18 -14.79
C ALA B 1210 -10.72 42.25 -13.77
N VAL B 1211 -9.41 42.36 -13.54
CA VAL B 1211 -8.75 41.52 -12.55
C VAL B 1211 -9.19 41.88 -11.16
N HIS B 1212 -9.52 43.15 -10.91
CA HIS B 1212 -9.99 43.53 -9.59
C HIS B 1212 -11.32 42.85 -9.29
N SER B 1213 -12.19 42.74 -10.30
CA SER B 1213 -13.48 42.10 -10.04
C SER B 1213 -13.34 40.63 -9.65
N ASN B 1214 -12.50 39.86 -10.35
CA ASN B 1214 -12.39 38.42 -10.15
C ASN B 1214 -10.96 38.00 -9.86
N PRO B 1215 -10.50 38.16 -8.63
CA PRO B 1215 -9.07 37.93 -8.33
C PRO B 1215 -8.61 36.50 -8.56
N GLY B 1216 -9.51 35.56 -8.84
CA GLY B 1216 -9.13 34.22 -9.24
C GLY B 1216 -8.81 34.26 -10.72
N ASP B 1217 -9.23 33.25 -11.48
CA ASP B 1217 -9.10 33.30 -12.93
C ASP B 1217 -7.69 33.58 -13.43
N PRO B 1218 -6.78 32.61 -13.35
CA PRO B 1218 -5.41 32.78 -13.85
C PRO B 1218 -5.29 33.51 -15.19
N ALA B 1219 -6.23 33.22 -16.09
CA ALA B 1219 -6.23 33.81 -17.42
C ALA B 1219 -6.17 35.33 -17.38
N LEU B 1220 -6.94 35.94 -16.49
CA LEU B 1220 -6.95 37.40 -16.38
C LEU B 1220 -5.58 37.95 -15.98
N TRP B 1221 -4.94 37.32 -15.00
CA TRP B 1221 -3.61 37.73 -14.57
C TRP B 1221 -2.61 37.61 -15.72
N SER B 1222 -2.68 36.51 -16.45
CA SER B 1222 -1.79 36.30 -17.60
C SER B 1222 -2.01 37.38 -18.66
N LEU B 1223 -3.26 37.73 -18.93
CA LEU B 1223 -3.53 38.76 -19.93
C LEU B 1223 -3.03 40.12 -19.47
N LEU B 1224 -3.14 40.40 -18.18
CA LEU B 1224 -2.61 41.67 -17.69
C LEU B 1224 -1.11 41.74 -17.90
N SER B 1225 -0.39 40.64 -17.62
CA SER B 1225 1.05 40.63 -17.87
C SER B 1225 1.38 40.84 -19.35
N ARG B 1226 0.63 40.18 -20.24
CA ARG B 1226 0.89 40.34 -21.68
C ARG B 1226 0.66 41.78 -22.11
N VAL B 1227 -0.42 42.39 -21.64
CA VAL B 1227 -0.72 43.76 -22.04
C VAL B 1227 0.32 44.72 -21.52
N VAL B 1228 0.79 44.55 -20.28
CA VAL B 1228 1.84 45.43 -19.79
C VAL B 1228 3.10 45.29 -20.63
N ALA B 1229 3.40 44.08 -21.10
CA ALA B 1229 4.55 43.93 -21.98
C ALA B 1229 4.35 44.65 -23.31
N GLN B 1230 3.13 44.62 -23.86
CA GLN B 1230 2.90 45.22 -25.17
C GLN B 1230 2.59 46.71 -25.08
N TYR B 1231 1.60 47.09 -24.28
CA TYR B 1231 1.18 48.47 -24.14
C TYR B 1231 1.67 49.00 -22.79
N ALA B 1232 2.24 50.19 -22.78
CA ALA B 1232 2.70 50.83 -21.54
C ALA B 1232 3.73 49.97 -20.78
N GLN B 1233 4.87 49.74 -21.43
CA GLN B 1233 5.92 48.97 -20.76
C GLN B 1233 6.76 49.85 -19.86
N ARG B 1234 6.11 50.56 -18.95
CA ARG B 1234 6.78 51.27 -17.87
C ARG B 1234 6.40 50.71 -16.52
N ASN B 1235 5.35 49.91 -16.47
CA ASN B 1235 5.04 49.08 -15.30
C ASN B 1235 5.63 47.70 -15.49
N ALA B 1236 6.92 47.62 -15.80
CA ALA B 1236 7.54 46.32 -16.03
C ALA B 1236 7.52 45.48 -14.76
N LYS B 1237 7.79 46.09 -13.62
CA LYS B 1237 7.82 45.38 -12.36
C LYS B 1237 6.44 44.81 -12.01
N GLY B 1238 5.40 45.61 -12.19
CA GLY B 1238 4.06 45.10 -11.95
C GLY B 1238 3.72 43.96 -12.87
N GLY B 1239 4.14 44.04 -14.12
CA GLY B 1239 3.92 42.94 -15.05
C GLY B 1239 4.61 41.67 -14.60
N VAL B 1240 5.83 41.80 -14.08
CA VAL B 1240 6.55 40.63 -13.59
C VAL B 1240 5.74 39.97 -12.48
N VAL B 1241 5.23 40.79 -11.56
CA VAL B 1241 4.42 40.27 -10.46
C VAL B 1241 3.15 39.58 -10.97
N ALA B 1242 2.48 40.19 -11.94
CA ALA B 1242 1.25 39.61 -12.48
C ALA B 1242 1.49 38.27 -13.15
N GLY B 1243 2.57 38.17 -13.94
CA GLY B 1243 2.91 36.89 -14.54
C GLY B 1243 3.22 35.84 -13.51
N ASN B 1244 3.96 36.22 -12.46
CA ASN B 1244 4.28 35.26 -11.41
C ASN B 1244 3.02 34.77 -10.71
N VAL B 1245 2.07 35.67 -10.46
CA VAL B 1245 0.82 35.30 -9.81
C VAL B 1245 0.03 34.35 -10.67
N ALA B 1246 -0.03 34.62 -11.98
CA ALA B 1246 -0.75 33.73 -12.88
C ALA B 1246 -0.13 32.34 -12.92
N HIS B 1247 1.20 32.27 -12.93
CA HIS B 1247 1.86 30.97 -12.96
C HIS B 1247 1.62 30.21 -11.67
N ILE B 1248 1.63 30.90 -10.53
CA ILE B 1248 1.45 30.24 -9.23
C ILE B 1248 0.05 29.67 -9.11
N LEU B 1249 -0.96 30.44 -9.51
CA LEU B 1249 -2.36 30.11 -9.25
C LEU B 1249 -2.83 28.88 -10.03
N ASP B 1250 -1.97 28.26 -10.83
CA ASP B 1250 -2.27 27.01 -11.53
C ASP B 1250 -0.93 26.41 -11.98
N SER B 1251 -0.98 25.41 -12.84
CA SER B 1251 0.23 24.89 -13.47
C SER B 1251 0.18 24.95 -14.98
N ASN B 1252 -0.98 24.69 -15.57
CA ASN B 1252 -1.12 24.62 -17.02
C ASN B 1252 -1.12 25.99 -17.69
N HIS B 1253 -1.19 27.08 -16.94
CA HIS B 1253 -0.94 28.40 -17.50
C HIS B 1253 0.54 28.77 -17.41
N GLY B 1254 1.38 27.85 -16.95
CA GLY B 1254 2.81 27.99 -16.94
C GLY B 1254 3.42 28.58 -18.19
N LYS B 1255 3.01 28.05 -19.35
CA LYS B 1255 3.69 28.36 -20.60
C LYS B 1255 3.68 29.85 -20.89
N LYS B 1256 2.48 30.40 -21.07
CA LYS B 1256 2.36 31.78 -21.45
C LYS B 1256 2.80 32.69 -20.32
N ALA B 1257 2.44 32.34 -19.09
CA ALA B 1257 2.78 33.21 -17.96
C ALA B 1257 4.28 33.35 -17.80
N LEU B 1258 5.03 32.26 -17.96
CA LEU B 1258 6.49 32.34 -17.89
C LEU B 1258 7.07 33.14 -19.05
N LEU B 1259 6.50 32.99 -20.25
CA LEU B 1259 7.00 33.80 -21.36
C LEU B 1259 6.84 35.29 -21.07
N TYR B 1260 5.64 35.69 -20.62
CA TYR B 1260 5.36 37.11 -20.40
C TYR B 1260 6.16 37.67 -19.23
N THR B 1261 6.33 36.91 -18.16
CA THR B 1261 7.12 37.42 -17.05
C THR B 1261 8.59 37.56 -17.45
N ALA B 1262 9.10 36.65 -18.29
CA ALA B 1262 10.47 36.82 -18.79
C ALA B 1262 10.62 38.07 -19.63
N VAL B 1263 9.67 38.34 -20.53
CA VAL B 1263 9.78 39.55 -21.36
C VAL B 1263 9.72 40.80 -20.51
N ASN B 1264 8.85 40.81 -19.50
CA ASN B 1264 8.81 41.95 -18.59
C ASN B 1264 10.11 42.12 -17.83
N GLN B 1265 10.72 41.02 -17.40
CA GLN B 1265 12.02 41.09 -16.73
C GLN B 1265 13.10 41.66 -17.65
N LEU B 1266 13.05 41.30 -18.93
CA LEU B 1266 13.96 41.91 -19.91
C LEU B 1266 13.75 43.42 -19.97
N ALA B 1267 12.50 43.85 -20.05
CA ALA B 1267 12.22 45.28 -20.13
C ALA B 1267 12.69 46.01 -18.89
N MET B 1268 12.52 45.38 -17.72
CA MET B 1268 12.89 45.99 -16.45
C MET B 1268 14.35 46.42 -16.45
N GLY B 1269 15.24 45.54 -16.89
CA GLY B 1269 16.65 45.83 -16.84
C GLY B 1269 17.39 44.88 -15.94
N SER B 1270 18.00 45.41 -14.89
CA SER B 1270 18.63 44.60 -13.87
C SER B 1270 18.27 45.12 -12.49
N SER B 1271 17.04 45.62 -12.33
CA SER B 1271 16.60 46.26 -11.11
C SER B 1271 16.24 45.24 -10.02
N SER B 1272 17.26 44.51 -9.59
CA SER B 1272 17.11 43.52 -8.54
C SER B 1272 18.32 43.61 -7.61
N ALA B 1273 18.41 42.65 -6.70
CA ALA B 1273 19.48 42.56 -5.71
C ALA B 1273 20.61 41.68 -6.22
N GLU B 1274 20.74 41.55 -7.54
CA GLU B 1274 21.68 40.62 -8.17
C GLU B 1274 21.49 39.23 -7.60
N ASP B 1275 20.23 38.80 -7.53
CA ASP B 1275 19.87 37.50 -6.98
C ASP B 1275 19.81 36.49 -8.11
N GLU B 1276 20.39 35.32 -7.86
CA GLU B 1276 20.30 34.21 -8.78
C GLU B 1276 18.90 33.61 -8.74
N LYS B 1277 18.67 32.64 -9.63
CA LYS B 1277 17.51 31.76 -9.71
C LYS B 1277 16.19 32.45 -10.02
N ASN B 1278 16.21 33.77 -10.20
CA ASN B 1278 15.01 34.49 -10.64
C ASN B 1278 15.33 35.54 -11.69
N THR B 1279 16.45 35.40 -12.39
CA THR B 1279 16.76 36.32 -13.48
C THR B 1279 16.01 35.92 -14.74
N ALA B 1280 16.09 36.77 -15.76
CA ALA B 1280 15.35 36.54 -17.00
C ALA B 1280 15.75 35.21 -17.64
N LEU B 1281 17.05 34.90 -17.64
CA LEU B 1281 17.54 33.69 -18.27
C LEU B 1281 16.92 32.45 -17.65
N LYS B 1282 16.84 32.40 -16.32
CA LYS B 1282 16.28 31.23 -15.66
C LYS B 1282 14.81 31.04 -16.02
N THR B 1283 14.02 32.11 -15.98
CA THR B 1283 12.60 31.96 -16.26
C THR B 1283 12.34 31.57 -17.70
N ILE B 1284 13.09 32.16 -18.64
CA ILE B 1284 12.89 31.78 -20.02
C ILE B 1284 13.28 30.32 -20.26
N GLN B 1285 14.31 29.84 -19.56
CA GLN B 1285 14.66 28.42 -19.65
C GLN B 1285 13.56 27.51 -19.09
N LYS B 1286 12.97 27.91 -17.97
CA LYS B 1286 11.88 27.13 -17.41
C LYS B 1286 10.73 27.03 -18.40
N ALA B 1287 10.40 28.16 -19.04
CA ALA B 1287 9.35 28.15 -20.04
C ALA B 1287 9.71 27.26 -21.23
N ALA B 1288 10.97 27.29 -21.66
CA ALA B 1288 11.38 26.46 -22.78
C ALA B 1288 11.25 24.98 -22.45
N LEU B 1289 11.49 24.60 -21.20
CA LEU B 1289 11.27 23.20 -20.84
C LEU B 1289 9.79 22.86 -20.84
N LEU B 1290 8.94 23.80 -20.43
CA LEU B 1290 7.51 23.52 -20.37
C LEU B 1290 6.92 23.29 -21.77
N SER B 1291 7.07 24.25 -22.68
CA SER B 1291 6.56 24.11 -24.04
C SER B 1291 7.60 24.48 -25.10
N PRO B 1292 8.32 23.53 -25.64
CA PRO B 1292 9.28 23.82 -26.72
C PRO B 1292 8.67 23.90 -28.11
N GLY B 1293 7.54 24.59 -28.23
CA GLY B 1293 6.91 24.66 -29.53
C GLY B 1293 6.79 26.04 -30.14
N ASP B 1294 6.64 27.07 -29.34
CA ASP B 1294 6.39 28.35 -29.98
C ASP B 1294 7.68 29.07 -30.29
N PRO B 1295 7.68 29.99 -31.25
CA PRO B 1295 8.92 30.65 -31.65
C PRO B 1295 9.28 31.80 -30.75
N ALA B 1296 8.36 32.19 -29.87
CA ALA B 1296 8.58 33.33 -29.01
C ALA B 1296 9.56 32.96 -27.92
N ILE B 1297 9.47 31.73 -27.41
CA ILE B 1297 10.38 31.30 -26.36
C ILE B 1297 11.81 31.31 -26.88
N TRP B 1298 12.01 30.88 -28.12
CA TRP B 1298 13.37 30.87 -28.67
C TRP B 1298 13.89 32.28 -28.91
N ALA B 1299 13.04 33.17 -29.41
CA ALA B 1299 13.46 34.56 -29.56
C ALA B 1299 13.76 35.21 -28.19
N GLY B 1300 12.94 34.92 -27.19
CA GLY B 1300 13.23 35.38 -25.85
C GLY B 1300 14.55 34.86 -25.32
N LEU B 1301 14.89 33.61 -25.64
CA LEU B 1301 16.16 33.05 -25.23
C LEU B 1301 17.33 33.81 -25.86
N MET B 1302 17.22 34.16 -27.14
CA MET B 1302 18.28 34.93 -27.78
C MET B 1302 18.46 36.27 -27.10
N ALA B 1303 17.35 36.95 -26.83
CA ALA B 1303 17.43 38.25 -26.17
C ALA B 1303 18.02 38.14 -24.78
N ALA B 1304 17.63 37.12 -24.03
CA ALA B 1304 18.16 36.92 -22.69
C ALA B 1304 19.67 36.69 -22.70
N CYS B 1305 20.17 35.90 -23.65
CA CYS B 1305 21.61 35.67 -23.71
C CYS B 1305 22.36 36.97 -23.97
N HIS B 1306 21.88 37.78 -24.92
CA HIS B 1306 22.57 39.04 -25.18
C HIS B 1306 22.55 39.98 -23.97
N ALA B 1307 21.40 40.09 -23.31
CA ALA B 1307 21.30 40.96 -22.14
C ALA B 1307 22.20 40.48 -21.02
N ASP B 1308 22.27 39.17 -20.80
CA ASP B 1308 23.15 38.64 -19.76
C ASP B 1308 24.60 38.99 -20.05
N ASP B 1309 25.01 38.93 -21.32
CA ASP B 1309 26.37 39.32 -21.67
C ASP B 1309 26.64 40.77 -21.29
N LYS B 1310 25.72 41.68 -21.63
CA LYS B 1310 25.96 43.09 -21.30
C LYS B 1310 25.99 43.31 -19.79
N LEU B 1311 25.10 42.65 -19.04
CA LEU B 1311 25.12 42.82 -17.59
C LEU B 1311 26.43 42.33 -17.00
N ALA B 1312 26.93 41.20 -17.46
CA ALA B 1312 28.22 40.72 -16.97
C ALA B 1312 29.32 41.69 -17.32
N LEU B 1313 29.26 42.27 -18.51
CA LEU B 1313 30.25 43.28 -18.91
C LEU B 1313 30.20 44.49 -17.99
N VAL B 1314 29.00 44.93 -17.61
CA VAL B 1314 28.89 46.05 -16.66
C VAL B 1314 29.51 45.68 -15.33
N ASN B 1315 29.14 44.51 -14.81
CA ASN B 1315 29.76 44.02 -13.57
C ASN B 1315 31.23 43.67 -13.77
N ASN B 1316 31.66 43.46 -15.01
CA ASN B 1316 33.06 43.21 -15.34
C ASN B 1316 33.58 41.96 -14.63
N THR B 1317 32.94 40.82 -14.89
CA THR B 1317 33.52 39.57 -14.44
C THR B 1317 33.95 38.63 -15.55
N GLN B 1318 33.03 38.18 -16.44
CA GLN B 1318 33.31 37.39 -17.64
C GLN B 1318 32.11 37.27 -18.57
N PRO B 1319 32.28 37.45 -19.88
CA PRO B 1319 31.24 37.07 -20.82
C PRO B 1319 31.14 35.55 -20.92
N LYS B 1320 29.89 35.06 -20.95
CA LYS B 1320 29.62 33.62 -20.94
C LYS B 1320 28.54 33.39 -21.99
N ARG B 1321 28.22 32.12 -22.27
CA ARG B 1321 27.12 31.75 -23.18
C ARG B 1321 27.30 32.38 -24.56
N ILE B 1322 28.40 32.03 -25.21
CA ILE B 1322 28.87 32.86 -26.32
C ILE B 1322 28.22 32.55 -27.66
N ASP B 1323 28.34 31.32 -28.15
CA ASP B 1323 27.99 31.06 -29.55
C ASP B 1323 26.86 30.04 -29.65
N LEU B 1324 25.63 30.54 -29.68
CA LEU B 1324 24.48 29.72 -30.02
C LEU B 1324 23.45 30.40 -30.92
N TYR B 1325 23.74 31.59 -31.46
CA TYR B 1325 22.72 32.37 -32.15
C TYR B 1325 22.19 31.66 -33.39
N LEU B 1326 23.06 31.00 -34.14
CA LEU B 1326 22.63 30.34 -35.37
C LEU B 1326 21.66 29.20 -35.09
N ALA B 1327 21.93 28.40 -34.07
CA ALA B 1327 21.03 27.33 -33.69
C ALA B 1327 19.66 27.86 -33.27
N LEU B 1328 19.65 28.92 -32.46
CA LEU B 1328 18.39 29.50 -32.02
C LEU B 1328 17.60 30.06 -33.21
N LEU B 1329 18.29 30.69 -34.16
CA LEU B 1329 17.58 31.17 -35.35
C LEU B 1329 16.97 30.02 -36.13
N SER B 1330 17.70 28.91 -36.26
CA SER B 1330 17.15 27.74 -36.92
C SER B 1330 15.92 27.22 -36.19
N ALA B 1331 15.97 27.19 -34.86
CA ALA B 1331 14.83 26.78 -34.07
C ALA B 1331 13.63 27.69 -34.28
N VAL B 1332 13.86 29.00 -34.32
CA VAL B 1332 12.76 29.95 -34.52
C VAL B 1332 12.09 29.71 -35.85
N SER B 1333 12.87 29.59 -36.93
CA SER B 1333 12.27 29.41 -38.25
C SER B 1333 11.53 28.07 -38.34
N ALA B 1334 12.12 27.00 -37.81
CA ALA B 1334 11.46 25.71 -37.86
C ALA B 1334 10.17 25.72 -37.08
N SER B 1335 10.17 26.37 -35.91
CA SER B 1335 8.95 26.48 -35.12
C SER B 1335 7.89 27.32 -35.79
N ILE B 1336 8.26 28.43 -36.43
CA ILE B 1336 7.26 29.24 -37.13
C ILE B 1336 6.60 28.44 -38.24
N LYS B 1337 7.38 27.60 -38.92
CA LYS B 1337 6.85 26.91 -40.10
C LYS B 1337 5.57 26.13 -39.80
N ASP B 1338 5.40 25.63 -38.58
CA ASP B 1338 4.24 24.82 -38.22
C ASP B 1338 3.11 25.59 -37.54
N GLU B 1339 3.14 26.93 -37.55
CA GLU B 1339 2.07 27.69 -36.90
C GLU B 1339 1.04 28.05 -37.95
N LYS B 1340 -0.24 27.88 -37.61
CA LYS B 1340 -1.27 27.94 -38.64
C LYS B 1340 -1.39 29.28 -39.35
N PHE B 1341 -1.83 30.34 -38.65
CA PHE B 1341 -1.80 31.66 -39.28
C PHE B 1341 -1.92 32.75 -38.22
N PHE B 1342 -0.88 33.56 -38.09
CA PHE B 1342 -0.98 34.90 -37.54
C PHE B 1342 -0.08 35.81 -38.36
N GLU B 1343 -0.20 35.70 -39.69
CA GLU B 1343 0.85 36.03 -40.65
C GLU B 1343 1.70 37.24 -40.26
N ASN B 1344 1.07 38.35 -39.94
CA ASN B 1344 1.83 39.54 -39.60
C ASN B 1344 2.75 39.29 -38.42
N TYR B 1345 2.24 38.60 -37.40
CA TYR B 1345 3.05 38.30 -36.23
C TYR B 1345 4.21 37.38 -36.55
N ASN B 1346 3.99 36.36 -37.36
CA ASN B 1346 5.07 35.44 -37.72
C ASN B 1346 6.15 36.15 -38.52
N GLN B 1347 5.74 37.01 -39.47
CA GLN B 1347 6.72 37.78 -40.23
C GLN B 1347 7.53 38.70 -39.34
N SER B 1348 6.88 39.39 -38.40
CA SER B 1348 7.58 40.26 -37.49
C SER B 1348 8.56 39.50 -36.64
N LEU B 1349 8.16 38.33 -36.15
CA LEU B 1349 9.01 37.53 -35.29
C LEU B 1349 10.25 37.08 -36.04
N GLU B 1350 10.08 36.60 -37.27
CA GLU B 1350 11.22 36.15 -38.03
C GLU B 1350 12.18 37.29 -38.34
N LYS B 1351 11.64 38.45 -38.71
CA LYS B 1351 12.51 39.59 -39.00
C LYS B 1351 13.32 40.02 -37.79
N TRP B 1352 12.68 40.10 -36.62
CA TRP B 1352 13.40 40.48 -35.41
C TRP B 1352 14.48 39.47 -35.07
N SER B 1353 14.16 38.18 -35.20
CA SER B 1353 15.13 37.14 -34.89
C SER B 1353 16.35 37.20 -35.81
N LEU B 1354 16.13 37.42 -37.12
CA LEU B 1354 17.26 37.55 -38.03
C LEU B 1354 18.16 38.71 -37.64
N SER B 1355 17.57 39.87 -37.39
CA SER B 1355 18.36 41.03 -37.03
C SER B 1355 19.15 40.78 -35.76
N GLN B 1356 18.50 40.19 -34.76
CA GLN B 1356 19.16 39.94 -33.48
C GLN B 1356 20.32 38.97 -33.64
N ALA B 1357 20.15 37.93 -34.46
CA ALA B 1357 21.23 36.98 -34.68
C ALA B 1357 22.43 37.64 -35.34
N VAL B 1358 22.20 38.47 -36.35
CA VAL B 1358 23.33 39.14 -37.00
C VAL B 1358 24.06 40.04 -36.00
N THR B 1359 23.32 40.82 -35.22
CA THR B 1359 23.97 41.71 -34.27
C THR B 1359 24.75 40.92 -33.22
N GLY B 1360 24.17 39.83 -32.72
CA GLY B 1360 24.89 39.02 -31.74
C GLY B 1360 26.19 38.46 -32.28
N LEU B 1361 26.15 37.95 -33.51
CA LEU B 1361 27.37 37.41 -34.12
C LEU B 1361 28.42 38.50 -34.28
N ILE B 1362 28.00 39.71 -34.67
CA ILE B 1362 28.95 40.81 -34.79
C ILE B 1362 29.57 41.13 -33.44
N ASP B 1363 28.77 41.15 -32.37
CA ASP B 1363 29.30 41.52 -31.07
C ASP B 1363 30.29 40.48 -30.56
N THR B 1364 29.90 39.20 -30.55
CA THR B 1364 30.80 38.17 -30.06
C THR B 1364 32.12 38.17 -30.83
N GLY B 1365 32.07 38.39 -32.14
CA GLY B 1365 33.26 38.52 -32.95
C GLY B 1365 33.38 37.60 -34.16
N ARG B 1366 32.31 36.91 -34.51
CA ARG B 1366 32.31 35.97 -35.64
C ARG B 1366 31.77 36.67 -36.88
N ILE B 1367 32.56 37.62 -37.37
CA ILE B 1367 32.12 38.51 -38.45
C ILE B 1367 31.73 37.71 -39.69
N SER B 1368 32.54 36.71 -40.04
CA SER B 1368 32.34 35.97 -41.29
C SER B 1368 30.97 35.31 -41.35
N GLU B 1369 30.55 34.69 -40.25
CA GLU B 1369 29.25 34.03 -40.23
C GLU B 1369 28.12 35.02 -40.45
N ALA B 1370 28.23 36.21 -39.84
CA ALA B 1370 27.22 37.23 -40.08
C ALA B 1370 27.16 37.60 -41.55
N GLU B 1371 28.33 37.76 -42.18
CA GLU B 1371 28.36 38.11 -43.60
C GLU B 1371 27.68 37.05 -44.45
N THR B 1372 28.04 35.78 -44.23
CA THR B 1372 27.44 34.72 -45.05
C THR B 1372 25.94 34.63 -44.82
N LEU B 1373 25.48 34.80 -43.58
CA LEU B 1373 24.05 34.74 -43.29
C LEU B 1373 23.29 35.83 -44.05
N CYS B 1374 23.81 37.07 -43.98
CA CYS B 1374 23.17 38.17 -44.68
C CYS B 1374 23.18 37.96 -46.19
N THR B 1375 24.30 37.52 -46.75
CA THR B 1375 24.36 37.28 -48.18
C THR B 1375 23.38 36.22 -48.62
N LYS B 1376 23.26 35.12 -47.87
CA LYS B 1376 22.30 34.09 -48.22
C LYS B 1376 20.89 34.63 -48.22
N ASN B 1377 20.57 35.45 -47.21
CA ASN B 1377 19.22 36.01 -47.16
C ASN B 1377 18.95 36.89 -48.37
N LEU B 1378 19.91 37.73 -48.76
CA LEU B 1378 19.70 38.54 -49.97
C LEU B 1378 19.67 37.68 -51.22
N LYS B 1379 20.41 36.57 -51.26
CA LYS B 1379 20.37 35.70 -52.42
C LYS B 1379 19.02 35.02 -52.57
N SER B 1380 18.27 34.90 -51.47
CA SER B 1380 16.96 34.28 -51.53
C SER B 1380 15.96 35.13 -52.32
N ASN B 1381 15.86 36.41 -51.98
CA ASN B 1381 14.82 37.30 -52.49
C ASN B 1381 15.46 38.59 -52.95
N PRO B 1382 14.76 39.37 -53.78
CA PRO B 1382 15.25 40.72 -54.09
C PRO B 1382 15.42 41.53 -52.82
N ASP B 1383 16.11 42.65 -52.95
CA ASP B 1383 16.57 43.36 -51.75
C ASP B 1383 15.38 43.90 -50.97
N GLN B 1384 15.51 43.87 -49.65
CA GLN B 1384 14.59 44.56 -48.75
C GLN B 1384 15.41 45.46 -47.85
N PRO B 1385 15.06 46.73 -47.74
CA PRO B 1385 16.01 47.74 -47.23
C PRO B 1385 16.41 47.53 -45.78
N ALA B 1386 15.88 46.50 -45.12
CA ALA B 1386 16.26 46.21 -43.74
C ALA B 1386 17.53 45.38 -43.69
N VAL B 1387 17.53 44.24 -44.38
CA VAL B 1387 18.66 43.34 -44.35
C VAL B 1387 19.91 43.98 -44.97
N ILE B 1388 19.75 44.81 -46.00
CA ILE B 1388 20.90 45.47 -46.62
C ILE B 1388 21.61 46.35 -45.60
N LEU B 1389 20.86 47.01 -44.72
CA LEU B 1389 21.50 47.76 -43.64
C LEU B 1389 22.34 46.84 -42.76
N LEU B 1390 21.83 45.63 -42.50
CA LEU B 1390 22.59 44.66 -41.75
C LEU B 1390 23.89 44.30 -42.45
N LEU B 1391 23.81 44.13 -43.78
CA LEU B 1391 25.02 43.82 -44.54
C LEU B 1391 26.00 44.98 -44.49
N ARG B 1392 25.50 46.21 -44.54
CA ARG B 1392 26.38 47.36 -44.41
C ARG B 1392 27.07 47.35 -43.06
N GLN B 1393 26.31 47.10 -41.99
CA GLN B 1393 26.87 47.08 -40.64
C GLN B 1393 27.95 46.02 -40.49
N VAL B 1394 27.70 44.81 -41.00
CA VAL B 1394 28.71 43.76 -40.88
C VAL B 1394 29.93 44.11 -41.72
N GLN B 1395 29.72 44.71 -42.89
CA GLN B 1395 30.83 45.13 -43.74
C GLN B 1395 31.73 46.11 -43.01
N CYS B 1396 31.15 47.16 -42.43
CA CYS B 1396 31.92 48.27 -41.91
C CYS B 1396 32.39 48.06 -40.47
N LYS B 1397 32.41 46.82 -39.99
CA LYS B 1397 32.91 46.62 -38.63
C LYS B 1397 34.43 46.53 -38.53
N PRO B 1398 35.12 45.72 -39.37
CA PRO B 1398 36.59 45.69 -39.29
C PRO B 1398 37.18 47.09 -39.40
N LEU B 1399 36.83 47.78 -40.48
CA LEU B 1399 37.22 49.17 -40.61
C LEU B 1399 36.44 49.98 -39.58
N LEU B 1400 37.15 50.89 -38.92
CA LEU B 1400 36.80 51.77 -37.79
C LEU B 1400 37.02 51.03 -36.48
N GLU B 1401 37.36 49.74 -36.53
CA GLU B 1401 37.82 49.06 -35.34
C GLU B 1401 39.29 49.37 -35.15
N SER B 1402 40.01 49.52 -36.26
CA SER B 1402 41.34 50.07 -36.32
C SER B 1402 41.18 51.47 -36.89
N GLN B 1403 41.93 52.43 -36.36
CA GLN B 1403 41.73 53.80 -36.79
C GLN B 1403 41.99 53.92 -38.29
N LYS B 1404 41.06 54.60 -38.96
CA LYS B 1404 41.12 54.78 -40.40
C LYS B 1404 40.26 55.97 -40.77
N PRO B 1405 40.55 56.63 -41.87
CA PRO B 1405 39.65 57.67 -42.37
C PRO B 1405 38.75 57.11 -43.45
N LEU B 1406 37.49 57.48 -43.46
CA LEU B 1406 36.68 56.83 -44.46
C LEU B 1406 36.41 57.80 -45.60
N PRO B 1407 36.25 57.30 -46.81
CA PRO B 1407 36.04 58.19 -47.95
C PRO B 1407 34.58 58.58 -48.07
N ASP B 1408 34.38 59.82 -48.51
CA ASP B 1408 33.04 60.37 -48.61
C ASP B 1408 32.13 59.51 -49.49
N ALA B 1409 32.69 58.75 -50.42
CA ALA B 1409 31.85 57.90 -51.26
C ALA B 1409 31.17 56.81 -50.43
N VAL B 1410 31.94 56.09 -49.61
CA VAL B 1410 31.36 55.04 -48.77
C VAL B 1410 30.42 55.64 -47.74
N LEU B 1411 30.82 56.74 -47.12
CA LEU B 1411 30.02 57.38 -46.09
C LEU B 1411 28.70 57.88 -46.66
N GLU B 1412 28.75 58.50 -47.83
CA GLU B 1412 27.54 58.97 -48.49
C GLU B 1412 26.64 57.79 -48.84
N GLU B 1413 27.25 56.69 -49.30
CA GLU B 1413 26.49 55.50 -49.62
C GLU B 1413 25.72 55.02 -48.38
N LEU B 1414 26.40 54.99 -47.24
CA LEU B 1414 25.78 54.53 -46.01
C LEU B 1414 24.62 55.43 -45.62
N GLN B 1415 24.83 56.75 -45.75
CA GLN B 1415 23.76 57.69 -45.43
C GLN B 1415 22.56 57.46 -46.35
N LYS B 1416 22.83 57.24 -47.64
CA LYS B 1416 21.75 57.00 -48.59
C LYS B 1416 20.98 55.75 -48.23
N THR B 1417 21.69 54.69 -47.84
CA THR B 1417 21.02 53.45 -47.45
C THR B 1417 20.14 53.67 -46.23
N VAL B 1418 20.60 54.47 -45.27
CA VAL B 1418 19.78 54.72 -44.08
C VAL B 1418 18.48 55.42 -44.43
N MET B 1419 18.49 56.37 -45.37
CA MET B 1419 17.21 57.00 -45.71
C MET B 1419 16.23 56.00 -46.31
N SER B 1420 16.72 55.00 -47.04
CA SER B 1420 15.86 53.96 -47.58
C SER B 1420 14.88 53.47 -46.52
N ASN B 1421 15.40 52.92 -45.43
CA ASN B 1421 14.55 52.47 -44.33
C ASN B 1421 14.53 53.56 -43.27
N SER B 1422 13.53 54.41 -43.34
CA SER B 1422 13.32 55.44 -42.34
C SER B 1422 12.34 54.90 -41.31
N THR B 1423 11.83 55.80 -40.45
CA THR B 1423 10.89 55.44 -39.40
C THR B 1423 11.49 54.36 -38.49
N SER B 1424 12.77 54.51 -38.14
CA SER B 1424 13.44 53.54 -37.29
C SER B 1424 14.55 54.27 -36.52
N VAL B 1425 14.28 54.61 -35.26
CA VAL B 1425 15.27 55.34 -34.47
C VAL B 1425 16.59 54.59 -34.35
N PRO B 1426 16.65 53.23 -34.18
CA PRO B 1426 17.96 52.56 -34.13
C PRO B 1426 18.90 52.97 -35.24
N ALA B 1427 18.49 52.77 -36.49
CA ALA B 1427 19.32 53.08 -37.66
C ALA B 1427 19.94 54.47 -37.56
N TRP B 1428 19.13 55.47 -37.23
CA TRP B 1428 19.65 56.83 -37.14
C TRP B 1428 20.69 56.93 -36.05
N GLN B 1429 20.45 56.29 -34.91
CA GLN B 1429 21.45 56.36 -33.85
C GLN B 1429 22.77 55.72 -34.29
N TRP B 1430 22.69 54.59 -35.00
CA TRP B 1430 23.93 53.94 -35.46
C TRP B 1430 24.69 54.84 -36.43
N LEU B 1431 23.98 55.48 -37.35
CA LEU B 1431 24.64 56.39 -38.30
C LEU B 1431 25.29 57.55 -37.57
N ALA B 1432 24.61 58.10 -36.57
CA ALA B 1432 25.21 59.18 -35.80
C ALA B 1432 26.46 58.72 -35.07
N HIS B 1433 26.47 57.48 -34.59
CA HIS B 1433 27.69 56.94 -34.00
C HIS B 1433 28.83 56.87 -35.01
N VAL B 1434 28.52 56.50 -36.25
CA VAL B 1434 29.55 56.46 -37.29
C VAL B 1434 30.14 57.84 -37.53
N TYR B 1435 29.27 58.84 -37.65
CA TYR B 1435 29.73 60.22 -37.84
C TYR B 1435 30.62 60.66 -36.68
N GLN B 1436 30.20 60.37 -35.46
CA GLN B 1436 31.00 60.72 -34.29
C GLN B 1436 32.35 60.02 -34.34
N SER B 1437 32.38 58.76 -34.78
CA SER B 1437 33.62 58.02 -34.84
C SER B 1437 34.63 58.70 -35.76
N GLN B 1438 34.19 59.08 -36.95
CA GLN B 1438 35.13 59.79 -37.82
C GLN B 1438 35.39 61.19 -37.30
N GLY B 1439 34.32 61.87 -36.91
CA GLY B 1439 34.27 63.13 -36.21
C GLY B 1439 33.76 64.17 -37.18
N MET B 1440 32.45 64.36 -37.15
CA MET B 1440 31.76 65.36 -37.95
C MET B 1440 30.65 65.93 -37.09
N MET B 1441 31.01 66.27 -35.85
CA MET B 1441 30.08 66.36 -34.73
C MET B 1441 28.71 66.90 -35.12
N ARG B 1442 28.66 68.11 -35.67
CA ARG B 1442 27.37 68.70 -36.01
C ARG B 1442 26.51 67.77 -36.86
N ALA B 1443 27.11 67.04 -37.81
CA ALA B 1443 26.33 66.07 -38.57
C ALA B 1443 25.74 64.99 -37.65
N ALA B 1444 26.53 64.54 -36.67
CA ALA B 1444 26.03 63.58 -35.69
C ALA B 1444 24.84 64.17 -34.96
N GLU B 1445 24.97 65.43 -34.52
CA GLU B 1445 23.88 66.12 -33.84
C GLU B 1445 22.62 66.11 -34.69
N MET B 1446 22.77 66.35 -35.99
CA MET B 1446 21.60 66.39 -36.87
C MET B 1446 20.94 65.03 -36.98
N CYS B 1447 21.74 63.99 -37.10
CA CYS B 1447 21.20 62.63 -37.19
C CYS B 1447 20.46 62.23 -35.90
N TYR B 1448 21.06 62.55 -34.75
CA TYR B 1448 20.40 62.30 -33.47
C TYR B 1448 19.10 63.09 -33.37
N ARG B 1449 19.11 64.32 -33.87
CA ARG B 1449 17.92 65.16 -33.84
C ARG B 1449 16.80 64.53 -34.67
N LYS B 1450 17.14 63.98 -35.83
CA LYS B 1450 16.15 63.28 -36.64
C LYS B 1450 15.57 62.09 -35.89
N SER B 1451 16.42 61.34 -35.18
CA SER B 1451 15.91 60.22 -34.40
C SER B 1451 14.95 60.70 -33.32
N LEU B 1452 15.28 61.80 -32.64
CA LEU B 1452 14.40 62.34 -31.61
C LEU B 1452 13.05 62.79 -32.18
N GLN B 1453 13.07 63.46 -33.33
CA GLN B 1453 11.83 63.90 -33.96
C GLN B 1453 10.96 62.71 -34.35
N LEU B 1454 11.58 61.69 -34.92
CA LEU B 1454 10.88 60.48 -35.28
C LEU B 1454 10.30 59.78 -34.05
N ALA B 1455 11.09 59.66 -32.99
CA ALA B 1455 10.64 59.00 -31.77
C ALA B 1455 9.46 59.72 -31.13
N SER B 1456 9.55 61.04 -31.04
CA SER B 1456 8.46 61.80 -30.42
C SER B 1456 7.18 61.68 -31.23
N GLN B 1457 7.29 61.70 -32.56
CA GLN B 1457 6.07 61.52 -33.34
C GLN B 1457 5.47 60.14 -33.19
N ARG B 1458 6.29 59.09 -33.02
CA ARG B 1458 5.73 57.76 -32.86
C ARG B 1458 5.08 57.55 -31.51
N GLY B 1459 5.24 58.46 -30.57
CA GLY B 1459 4.77 58.24 -29.21
C GLY B 1459 5.59 57.32 -28.34
N SER B 1460 6.69 56.76 -28.85
CA SER B 1460 7.53 55.95 -27.98
C SER B 1460 8.24 56.85 -26.96
N TRP B 1461 8.76 56.22 -25.92
CA TRP B 1461 9.36 56.91 -24.80
C TRP B 1461 10.80 56.54 -24.55
N SER B 1462 11.18 55.28 -24.73
CA SER B 1462 12.57 54.90 -24.55
C SER B 1462 13.45 55.59 -25.60
N GLY B 1463 12.98 55.62 -26.84
CA GLY B 1463 13.77 56.23 -27.91
C GLY B 1463 14.06 57.69 -27.64
N LYS B 1464 13.07 58.42 -27.10
CA LYS B 1464 13.23 59.83 -26.83
C LYS B 1464 14.36 60.07 -25.82
N LEU B 1465 14.31 59.37 -24.70
CA LEU B 1465 15.33 59.52 -23.68
C LEU B 1465 16.69 59.08 -24.18
N SER B 1466 16.73 57.99 -24.95
CA SER B 1466 18.00 57.52 -25.48
C SER B 1466 18.64 58.56 -26.39
N SER B 1467 17.85 59.11 -27.31
CA SER B 1467 18.39 60.12 -28.23
C SER B 1467 18.87 61.36 -27.48
N LEU B 1468 18.09 61.83 -26.50
CA LEU B 1468 18.49 63.03 -25.78
C LEU B 1468 19.79 62.81 -25.01
N LEU B 1469 19.88 61.72 -24.27
CA LEU B 1469 21.09 61.44 -23.50
C LEU B 1469 22.30 61.25 -24.41
N ARG B 1470 22.10 60.59 -25.55
CA ARG B 1470 23.19 60.39 -26.49
C ARG B 1470 23.71 61.72 -27.04
N LEU B 1471 22.80 62.62 -27.39
CA LEU B 1471 23.21 63.94 -27.86
C LEU B 1471 23.99 64.70 -26.79
N ALA B 1472 23.51 64.63 -25.54
CA ALA B 1472 24.24 65.27 -24.46
C ALA B 1472 25.65 64.70 -24.32
N LEU B 1473 25.79 63.38 -24.42
CA LEU B 1473 27.12 62.77 -24.40
C LEU B 1473 28.00 63.29 -25.53
N LEU B 1474 27.42 63.46 -26.72
CA LEU B 1474 28.20 64.01 -27.83
C LEU B 1474 28.74 65.38 -27.50
N ALA B 1475 27.88 66.26 -26.99
CA ALA B 1475 28.32 67.62 -26.68
C ALA B 1475 29.35 67.63 -25.57
N LEU B 1476 29.15 66.82 -24.54
CA LEU B 1476 30.12 66.78 -23.44
C LEU B 1476 31.48 66.30 -23.94
N LYS B 1477 31.49 65.30 -24.81
CA LYS B 1477 32.76 64.82 -25.35
C LYS B 1477 33.45 65.91 -26.16
N VAL B 1478 32.69 66.67 -26.95
CA VAL B 1478 33.30 67.75 -27.71
C VAL B 1478 33.86 68.82 -26.77
N CYS B 1479 33.17 69.08 -25.65
CA CYS B 1479 33.69 70.04 -24.69
C CYS B 1479 34.98 69.54 -24.06
N MET B 1480 35.03 68.26 -23.73
CA MET B 1480 36.24 67.66 -23.14
C MET B 1480 37.49 68.05 -23.91
N ALA B 1481 37.40 68.08 -25.24
CA ALA B 1481 38.52 68.37 -26.11
C ALA B 1481 39.01 69.82 -26.04
N ASN B 1482 38.43 70.67 -25.20
CA ASN B 1482 38.83 72.07 -25.08
C ASN B 1482 38.64 72.81 -26.40
N ILE B 1483 37.55 72.54 -27.09
CA ILE B 1483 37.29 73.18 -28.37
C ILE B 1483 36.75 74.59 -28.16
N SER B 1484 37.02 75.46 -29.14
CA SER B 1484 36.49 76.82 -29.18
C SER B 1484 35.07 76.76 -29.72
N ASN B 1485 34.49 77.92 -30.07
CA ASN B 1485 33.09 78.00 -30.50
C ASN B 1485 32.17 77.47 -29.39
N ASP B 1486 32.17 78.23 -28.29
CA ASP B 1486 31.56 77.79 -27.05
C ASP B 1486 30.05 77.81 -27.23
N HIS B 1487 29.56 76.73 -27.84
CA HIS B 1487 28.15 76.48 -28.08
C HIS B 1487 27.74 75.08 -27.66
N TRP B 1488 28.70 74.16 -27.52
CA TRP B 1488 28.38 72.81 -27.09
C TRP B 1488 27.78 72.79 -25.69
N PRO B 1489 28.24 73.61 -24.73
CA PRO B 1489 27.55 73.64 -23.43
C PRO B 1489 26.08 74.02 -23.55
N SER B 1490 25.74 74.93 -24.46
CA SER B 1490 24.34 75.28 -24.65
C SER B 1490 23.53 74.06 -25.09
N LEU B 1491 24.08 73.28 -26.02
CA LEU B 1491 23.41 72.05 -26.45
C LEU B 1491 23.28 71.07 -25.28
N VAL B 1492 24.31 70.99 -24.45
CA VAL B 1492 24.24 70.12 -23.28
C VAL B 1492 23.11 70.55 -22.37
N GLN B 1493 22.99 71.86 -22.15
CA GLN B 1493 21.95 72.36 -21.27
C GLN B 1493 20.57 72.02 -21.80
N GLU B 1494 20.33 72.27 -23.09
CA GLU B 1494 18.99 71.98 -23.62
C GLU B 1494 18.66 70.49 -23.54
N ALA B 1495 19.62 69.62 -23.92
CA ALA B 1495 19.34 68.19 -23.90
C ALA B 1495 19.07 67.71 -22.49
N THR B 1496 19.89 68.14 -21.52
CA THR B 1496 19.68 67.68 -20.15
C THR B 1496 18.36 68.20 -19.58
N THR B 1497 17.98 69.44 -19.89
CA THR B 1497 16.70 69.93 -19.36
C THR B 1497 15.56 69.08 -19.89
N GLU B 1498 15.58 68.76 -21.18
CA GLU B 1498 14.52 67.92 -21.71
C GLU B 1498 14.53 66.56 -21.04
N ALA B 1499 15.73 66.01 -20.82
CA ALA B 1499 15.82 64.70 -20.19
C ALA B 1499 15.20 64.71 -18.81
N LEU B 1500 15.48 65.74 -18.01
CA LEU B 1500 14.89 65.81 -16.68
C LEU B 1500 13.40 66.12 -16.74
N LYS B 1501 12.96 66.76 -17.82
CA LYS B 1501 11.53 66.98 -18.00
C LYS B 1501 10.82 65.65 -18.12
N LEU B 1502 11.43 64.70 -18.82
CA LEU B 1502 10.81 63.39 -18.95
C LEU B 1502 10.78 62.63 -17.62
N CYS B 1503 11.93 62.52 -16.97
CA CYS B 1503 12.10 61.63 -15.81
C CYS B 1503 13.23 62.14 -14.92
N PHE B 1504 13.73 61.25 -14.06
CA PHE B 1504 14.70 61.52 -13.00
C PHE B 1504 16.03 60.83 -13.29
N CYS B 1505 16.48 60.92 -14.53
CA CYS B 1505 17.70 60.28 -15.00
C CYS B 1505 18.95 60.67 -14.24
N PRO B 1506 19.55 59.75 -13.48
CA PRO B 1506 20.82 60.07 -12.80
C PRO B 1506 21.93 60.44 -13.76
N LEU B 1507 21.99 59.80 -14.93
CA LEU B 1507 23.03 60.13 -15.89
C LEU B 1507 22.97 61.59 -16.30
N ALA B 1508 21.76 62.12 -16.44
CA ALA B 1508 21.63 63.51 -16.85
C ALA B 1508 22.20 64.46 -15.80
N VAL B 1509 21.90 64.21 -14.53
CA VAL B 1509 22.42 65.10 -13.50
C VAL B 1509 23.93 65.00 -13.39
N LEU B 1510 24.49 63.79 -13.45
CA LEU B 1510 25.95 63.72 -13.45
C LEU B 1510 26.53 64.43 -14.66
N LEU B 1511 25.87 64.33 -15.81
CA LEU B 1511 26.37 65.00 -17.00
C LEU B 1511 26.38 66.52 -16.79
N GLN B 1512 25.34 67.07 -16.16
CA GLN B 1512 25.39 68.50 -15.82
C GLN B 1512 26.55 68.78 -14.88
N ALA B 1513 26.79 67.89 -13.93
CA ALA B 1513 27.89 68.09 -13.00
C ALA B 1513 29.22 68.16 -13.74
N LEU B 1514 29.40 67.26 -14.71
CA LEU B 1514 30.63 67.27 -15.50
C LEU B 1514 30.75 68.53 -16.33
N LEU B 1515 29.65 69.01 -16.90
CA LEU B 1515 29.70 70.26 -17.65
C LEU B 1515 30.07 71.43 -16.75
N GLN B 1516 29.44 71.50 -15.57
CA GLN B 1516 29.73 72.59 -14.65
C GLN B 1516 31.19 72.55 -14.21
N PHE B 1517 31.70 71.37 -13.88
CA PHE B 1517 33.08 71.27 -13.45
C PHE B 1517 34.04 71.67 -14.58
N LYS B 1518 33.79 71.20 -15.81
CA LYS B 1518 34.71 71.50 -16.90
C LYS B 1518 34.65 72.98 -17.29
N ARG B 1519 33.45 73.52 -17.44
CA ARG B 1519 33.24 74.90 -17.87
C ARG B 1519 32.99 75.72 -16.60
N LYS B 1520 33.86 76.69 -16.35
CA LYS B 1520 33.87 77.50 -15.12
C LYS B 1520 34.06 76.59 -13.89
N MET B 1521 35.24 75.97 -13.86
CA MET B 1521 35.62 74.99 -12.85
C MET B 1521 35.15 75.38 -11.45
N GLY B 1522 35.43 76.61 -11.02
CA GLY B 1522 34.79 77.21 -9.86
C GLY B 1522 34.99 76.50 -8.54
N ALA B 1523 34.37 77.00 -7.47
CA ALA B 1523 34.61 76.45 -6.13
C ALA B 1523 33.38 75.79 -5.53
N ARG B 1524 32.26 76.50 -5.44
CA ARG B 1524 31.16 76.16 -4.56
C ARG B 1524 30.00 75.45 -5.27
N GLU B 1525 29.48 76.07 -6.33
CA GLU B 1525 28.33 75.49 -7.02
C GLU B 1525 28.69 74.11 -7.59
N THR B 1526 29.86 73.98 -8.20
CA THR B 1526 30.27 72.70 -8.76
C THR B 1526 30.41 71.64 -7.68
N ARG B 1527 31.09 71.96 -6.58
CA ARG B 1527 31.24 70.97 -5.51
C ARG B 1527 29.89 70.62 -4.92
N ARG B 1528 29.02 71.61 -4.76
CA ARG B 1528 27.70 71.35 -4.19
C ARG B 1528 26.94 70.37 -5.07
N LEU B 1529 26.93 70.63 -6.38
CA LEU B 1529 26.19 69.79 -7.30
C LEU B 1529 26.76 68.38 -7.32
N LEU B 1530 28.10 68.27 -7.32
CA LEU B 1530 28.73 66.96 -7.31
C LEU B 1530 28.42 66.21 -6.03
N GLU B 1531 28.47 66.88 -4.89
CA GLU B 1531 28.22 66.21 -3.62
C GLU B 1531 26.78 65.77 -3.54
N ARG B 1532 25.86 66.58 -4.08
CA ARG B 1532 24.48 66.11 -4.12
C ARG B 1532 24.36 64.87 -4.99
N VAL B 1533 25.07 64.83 -6.12
CA VAL B 1533 25.04 63.61 -6.93
C VAL B 1533 25.57 62.40 -6.15
N VAL B 1534 26.65 62.59 -5.39
CA VAL B 1534 27.31 61.46 -4.73
C VAL B 1534 26.86 61.18 -3.28
N TYR B 1535 25.95 61.97 -2.69
CA TYR B 1535 25.62 61.65 -1.30
C TYR B 1535 24.22 61.15 -1.01
N GLN B 1536 23.17 61.62 -1.69
CA GLN B 1536 21.87 60.99 -1.44
C GLN B 1536 21.88 59.59 -2.08
N PRO B 1537 21.29 58.61 -1.42
CA PRO B 1537 21.34 57.24 -1.92
C PRO B 1537 20.39 57.07 -3.10
N GLY B 1538 20.29 55.84 -3.57
CA GLY B 1538 19.49 55.55 -4.75
C GLY B 1538 20.16 55.97 -6.05
N TYR B 1539 21.45 55.73 -6.17
CA TYR B 1539 22.20 56.07 -7.37
C TYR B 1539 22.99 54.83 -7.75
N PRO B 1540 23.25 54.61 -9.03
CA PRO B 1540 24.03 53.45 -9.44
C PRO B 1540 25.49 53.60 -9.04
N LYS B 1541 26.15 52.46 -8.89
CA LYS B 1541 27.53 52.46 -8.39
C LYS B 1541 28.46 53.20 -9.32
N SER B 1542 28.44 52.89 -10.62
CA SER B 1542 29.40 53.50 -11.54
C SER B 1542 29.25 55.02 -11.60
N ILE B 1543 28.01 55.50 -11.70
CA ILE B 1543 27.78 56.95 -11.72
C ILE B 1543 28.22 57.60 -10.41
N ALA B 1544 27.91 56.97 -9.29
CA ALA B 1544 28.33 57.49 -8.00
C ALA B 1544 29.85 57.56 -7.93
N SER B 1545 30.54 56.52 -8.40
CA SER B 1545 31.99 56.49 -8.37
C SER B 1545 32.59 57.61 -9.23
N THR B 1546 32.07 57.81 -10.44
CA THR B 1546 32.63 58.86 -11.30
C THR B 1546 32.43 60.24 -10.67
N ALA B 1547 31.22 60.51 -10.16
CA ALA B 1547 31.00 61.79 -9.51
C ALA B 1547 31.90 61.94 -8.29
N ARG B 1548 32.05 60.87 -7.53
CA ARG B 1548 32.92 60.86 -6.36
C ARG B 1548 34.35 61.19 -6.76
N TRP B 1549 34.84 60.59 -7.84
CA TRP B 1549 36.22 60.77 -8.25
C TRP B 1549 36.50 62.22 -8.65
N TYR B 1550 35.63 62.80 -9.47
CA TYR B 1550 35.82 64.22 -9.81
C TYR B 1550 35.68 65.11 -8.60
N LEU B 1551 34.73 64.81 -7.72
CA LEU B 1551 34.60 65.62 -6.52
C LEU B 1551 35.84 65.51 -5.64
N LEU B 1552 36.45 64.33 -5.58
CA LEU B 1552 37.67 64.17 -4.80
C LEU B 1552 38.80 65.02 -5.39
N ARG B 1553 38.94 65.02 -6.72
CA ARG B 1553 40.00 65.85 -7.30
C ARG B 1553 39.76 67.33 -7.03
N HIS B 1554 38.53 67.80 -7.24
CA HIS B 1554 38.20 69.20 -6.99
C HIS B 1554 38.29 69.56 -5.53
N LEU B 1555 37.86 68.66 -4.65
CA LEU B 1555 37.95 68.90 -3.22
C LEU B 1555 39.41 68.97 -2.79
N TYR B 1556 40.28 68.18 -3.41
CA TYR B 1556 41.71 68.32 -3.16
C TYR B 1556 42.21 69.67 -3.66
N ALA B 1557 41.65 70.16 -4.77
CA ALA B 1557 42.02 71.48 -5.26
C ALA B 1557 41.85 72.53 -4.18
N LYS B 1558 40.71 72.56 -3.52
CA LYS B 1558 40.46 73.48 -2.41
C LYS B 1558 40.70 72.66 -1.14
N ASP B 1559 41.93 72.72 -0.61
CA ASP B 1559 42.37 71.72 0.36
C ASP B 1559 41.47 71.73 1.59
N ASP B 1560 40.98 70.54 1.95
CA ASP B 1560 40.40 70.29 3.26
C ASP B 1560 40.57 68.81 3.55
N TYR B 1561 41.55 68.46 4.39
CA TYR B 1561 41.86 67.06 4.62
C TYR B 1561 40.68 66.33 5.27
N GLU B 1562 40.03 66.98 6.24
CA GLU B 1562 38.83 66.45 6.86
C GLU B 1562 37.83 65.94 5.83
N LEU B 1563 37.39 66.84 4.95
CA LEU B 1563 36.45 66.45 3.90
C LEU B 1563 37.00 65.31 3.03
N ILE B 1564 38.30 65.32 2.75
CA ILE B 1564 38.86 64.25 1.93
C ILE B 1564 38.75 62.91 2.64
N ASP B 1565 39.05 62.87 3.95
CA ASP B 1565 38.87 61.62 4.70
C ASP B 1565 37.41 61.24 4.83
N VAL B 1566 36.49 62.22 4.88
CA VAL B 1566 35.08 61.90 4.84
C VAL B 1566 34.75 61.17 3.54
N LEU B 1567 35.31 61.66 2.44
CA LEU B 1567 35.16 60.97 1.16
C LEU B 1567 35.76 59.56 1.24
N VAL B 1568 36.89 59.44 1.93
CA VAL B 1568 37.54 58.13 2.07
C VAL B 1568 36.61 57.17 2.80
N ASN B 1569 36.00 57.61 3.90
CA ASN B 1569 35.08 56.72 4.61
C ASN B 1569 33.85 56.41 3.74
N ASN B 1570 33.40 57.36 2.93
CA ASN B 1570 32.31 57.06 2.00
C ASN B 1570 32.71 55.94 1.04
N ALA B 1571 33.96 55.98 0.56
CA ALA B 1571 34.47 54.87 -0.25
C ALA B 1571 34.52 53.58 0.57
N LYS B 1572 34.98 53.68 1.82
CA LYS B 1572 35.14 52.50 2.67
C LYS B 1572 33.80 51.80 2.91
N THR B 1573 32.76 52.58 3.20
CA THR B 1573 31.45 52.00 3.48
C THR B 1573 30.83 51.35 2.26
N HIS B 1574 31.42 51.56 1.08
CA HIS B 1574 31.07 50.87 -0.14
C HIS B 1574 32.29 50.06 -0.56
N GLY B 1575 32.22 49.45 -1.74
CA GLY B 1575 33.41 48.79 -2.22
C GLY B 1575 34.06 49.54 -3.36
N ASP B 1576 35.33 49.90 -3.17
CA ASP B 1576 36.07 50.61 -4.21
C ASP B 1576 37.54 50.28 -4.08
N THR B 1577 38.25 50.44 -5.19
CA THR B 1577 39.67 50.15 -5.27
C THR B 1577 40.40 51.39 -5.80
N ARG B 1578 39.73 52.15 -6.66
CA ARG B 1578 40.39 53.15 -7.49
C ARG B 1578 40.36 54.55 -6.90
N ALA B 1579 39.27 54.96 -6.25
CA ALA B 1579 39.25 56.29 -5.67
C ALA B 1579 40.31 56.42 -4.57
N LEU B 1580 40.30 55.49 -3.61
CA LEU B 1580 41.29 55.52 -2.54
C LEU B 1580 42.71 55.32 -3.05
N GLU B 1581 42.93 54.45 -4.05
CA GLU B 1581 44.29 54.28 -4.55
C GLU B 1581 44.81 55.56 -5.19
N LEU B 1582 43.97 56.22 -6.00
CA LEU B 1582 44.40 57.49 -6.58
C LEU B 1582 44.64 58.51 -5.47
N ASN B 1583 43.80 58.50 -4.43
CA ASN B 1583 44.01 59.38 -3.29
C ASN B 1583 45.35 59.12 -2.64
N GLN B 1584 45.73 57.85 -2.50
CA GLN B 1584 47.04 57.50 -1.96
C GLN B 1584 48.15 58.05 -2.85
N ARG B 1585 47.98 57.90 -4.16
CA ARG B 1585 48.96 58.38 -5.11
C ARG B 1585 49.13 59.90 -5.03
N LEU B 1586 48.03 60.64 -4.80
CA LEU B 1586 48.05 62.09 -4.84
C LEU B 1586 48.15 62.74 -3.47
N SER B 1587 48.22 61.94 -2.40
CA SER B 1587 48.45 62.50 -1.07
C SER B 1587 49.90 62.94 -0.90
N SER B 1588 50.81 62.31 -1.62
CA SER B 1588 52.21 62.72 -1.69
C SER B 1588 52.49 62.91 -3.18
N GLN B 1589 52.23 64.12 -3.66
CA GLN B 1589 52.29 64.48 -5.07
C GLN B 1589 53.59 64.06 -5.76
N MET C 1 -2.27 -5.02 3.03
CA MET C 1 -1.84 -6.20 2.28
C MET C 1 -0.64 -5.86 1.40
N THR C 2 -0.37 -4.57 1.25
CA THR C 2 0.80 -4.15 0.50
C THR C 2 2.06 -4.32 1.35
N ASN C 3 3.20 -4.15 0.70
CA ASN C 3 4.50 -4.41 1.32
C ASN C 3 4.94 -3.19 2.13
N GLN C 4 6.19 -3.21 2.59
CA GLN C 4 6.73 -2.13 3.40
C GLN C 4 7.68 -1.26 2.56
N TYR C 5 7.17 -0.11 2.13
CA TYR C 5 7.85 0.90 1.33
C TYR C 5 8.29 2.05 2.22
N GLY C 6 9.40 2.70 1.88
CA GLY C 6 9.76 3.85 2.71
C GLY C 6 11.07 4.50 2.35
N ILE C 7 11.26 5.71 2.87
CA ILE C 7 12.47 6.48 2.57
C ILE C 7 13.68 5.90 3.29
N LEU C 8 14.86 6.04 2.69
CA LEU C 8 16.14 5.75 3.32
C LEU C 8 17.08 6.91 3.44
N PHE C 9 17.05 7.85 2.52
CA PHE C 9 18.03 8.91 2.54
C PHE C 9 17.42 10.12 1.86
N LYS C 10 17.88 11.29 2.26
CA LYS C 10 17.32 12.53 1.74
C LYS C 10 18.45 13.55 1.63
N GLN C 11 18.94 13.80 0.43
CA GLN C 11 19.93 14.85 0.26
C GLN C 11 19.20 16.18 0.29
N GLU C 12 19.74 17.13 1.05
CA GLU C 12 18.96 18.31 1.40
C GLU C 12 18.96 19.36 0.29
N GLN C 13 20.13 19.71 -0.22
CA GLN C 13 20.20 20.63 -1.35
C GLN C 13 21.33 20.13 -2.23
N ALA C 14 20.98 19.33 -3.24
CA ALA C 14 21.98 18.77 -4.15
C ALA C 14 22.56 19.83 -5.08
N HIS C 15 21.71 20.48 -5.87
CA HIS C 15 22.14 21.55 -6.76
C HIS C 15 21.59 22.87 -6.24
N ASP C 16 21.84 23.95 -7.00
CA ASP C 16 21.33 25.26 -6.64
C ASP C 16 19.99 25.60 -7.29
N ASP C 17 19.55 24.85 -8.29
CA ASP C 17 18.28 25.10 -8.94
C ASP C 17 17.61 23.77 -9.23
N ALA C 18 16.51 23.82 -9.98
CA ALA C 18 15.72 22.63 -10.24
C ALA C 18 16.58 21.54 -10.83
N ILE C 19 16.21 20.29 -10.56
CA ILE C 19 16.90 19.14 -11.11
C ILE C 19 15.98 18.54 -12.14
N TRP C 20 16.48 18.38 -13.36
CA TRP C 20 15.61 18.09 -14.49
C TRP C 20 15.67 16.65 -14.96
N SER C 21 16.71 15.90 -14.59
CA SER C 21 16.84 14.51 -15.02
C SER C 21 17.78 13.76 -14.10
N VAL C 22 17.64 12.44 -14.09
CA VAL C 22 18.44 11.56 -13.25
C VAL C 22 18.62 10.22 -13.96
N ALA C 23 19.79 9.60 -13.77
CA ALA C 23 20.06 8.26 -14.29
C ALA C 23 20.80 7.45 -13.23
N TRP C 24 20.35 6.22 -12.98
CA TRP C 24 20.97 5.33 -12.00
C TRP C 24 21.65 4.22 -12.79
N GLY C 25 22.95 4.03 -12.60
CA GLY C 25 23.62 2.95 -13.33
C GLY C 25 24.48 2.03 -12.49
N THR C 26 24.16 0.74 -12.48
CA THR C 26 25.01 -0.26 -11.84
C THR C 26 26.06 -0.77 -12.83
N ASN C 27 26.80 0.20 -13.36
CA ASN C 27 27.60 -0.01 -14.55
C ASN C 27 28.66 -1.10 -14.35
N LYS C 28 29.46 -0.97 -13.29
CA LYS C 28 30.58 -1.88 -13.11
C LYS C 28 30.08 -3.27 -12.68
N LYS C 29 30.92 -4.28 -12.92
CA LYS C 29 30.53 -5.64 -12.54
C LYS C 29 30.46 -5.76 -11.03
N GLU C 30 31.29 -4.99 -10.31
CA GLU C 30 31.25 -4.94 -8.86
C GLU C 30 30.14 -4.00 -8.41
N ASN C 31 30.06 -3.75 -7.11
CA ASN C 31 28.98 -2.93 -6.58
C ASN C 31 29.40 -1.46 -6.52
N SER C 32 29.13 -0.74 -7.61
CA SER C 32 29.49 0.67 -7.73
C SER C 32 28.30 1.59 -7.43
N GLU C 33 27.18 1.40 -8.15
CA GLU C 33 25.95 2.11 -7.87
C GLU C 33 26.10 3.64 -7.99
N THR C 34 26.37 4.09 -9.21
CA THR C 34 26.63 5.50 -9.49
C THR C 34 25.37 6.17 -10.02
N VAL C 35 25.05 7.35 -9.47
CA VAL C 35 23.85 8.13 -9.82
C VAL C 35 24.28 9.47 -10.41
N VAL C 36 23.82 9.78 -11.63
CA VAL C 36 24.18 11.02 -12.32
C VAL C 36 22.94 11.90 -12.56
N THR C 37 23.04 13.17 -12.17
CA THR C 37 21.92 14.11 -12.18
C THR C 37 22.31 15.42 -12.84
N GLY C 38 21.39 16.01 -13.60
CA GLY C 38 21.62 17.28 -14.25
C GLY C 38 20.51 18.27 -13.96
N SER C 39 20.86 19.55 -13.92
CA SER C 39 19.98 20.54 -13.31
C SER C 39 19.95 21.80 -14.17
N LEU C 40 19.29 22.83 -13.64
CA LEU C 40 19.23 24.15 -14.26
C LEU C 40 20.49 24.92 -13.87
N ASP C 41 21.62 24.38 -14.33
CA ASP C 41 22.95 24.89 -14.10
C ASP C 41 23.82 24.34 -15.24
N ASP C 42 25.12 24.44 -15.08
CA ASP C 42 25.99 23.64 -15.93
C ASP C 42 26.31 22.27 -15.32
N LEU C 43 26.04 22.10 -14.04
CA LEU C 43 26.52 20.93 -13.32
C LEU C 43 25.83 19.64 -13.75
N VAL C 44 26.62 18.57 -13.85
CA VAL C 44 26.18 17.22 -14.21
C VAL C 44 26.62 16.26 -13.11
N LYS C 45 26.59 16.70 -11.85
CA LYS C 45 27.16 16.00 -10.70
C LYS C 45 26.98 14.49 -10.73
N VAL C 46 28.06 13.76 -10.38
CA VAL C 46 28.11 12.30 -10.39
C VAL C 46 28.27 11.83 -8.95
N TRP C 47 27.21 11.28 -8.39
CA TRP C 47 27.04 10.74 -7.05
C TRP C 47 27.39 9.26 -7.00
N LYS C 48 27.61 8.75 -5.80
CA LYS C 48 27.79 7.31 -5.61
C LYS C 48 27.04 6.84 -4.37
N TRP C 49 26.13 5.88 -4.55
CA TRP C 49 25.38 5.32 -3.43
C TRP C 49 26.19 4.15 -2.88
N ARG C 50 26.95 4.41 -1.83
CA ARG C 50 27.98 3.43 -1.47
C ARG C 50 27.40 2.30 -0.64
N ASP C 51 26.97 2.61 0.59
CA ASP C 51 26.38 1.58 1.45
C ASP C 51 25.00 1.95 1.94
N GLU C 52 24.85 3.14 2.52
CA GLU C 52 23.58 3.61 3.07
C GLU C 52 23.31 5.05 2.76
N ARG C 53 24.15 5.71 1.95
CA ARG C 53 24.08 7.14 1.75
C ARG C 53 24.79 7.48 0.45
N LEU C 54 24.48 8.65 -0.08
CA LEU C 54 25.10 9.18 -1.28
C LEU C 54 26.24 10.09 -0.91
N ASP C 55 27.42 9.83 -1.48
CA ASP C 55 28.57 10.71 -1.30
C ASP C 55 28.92 11.30 -2.66
N LEU C 56 29.01 12.63 -2.73
CA LEU C 56 29.34 13.28 -3.98
C LEU C 56 30.75 12.90 -4.41
N GLN C 57 30.91 12.54 -5.68
CA GLN C 57 32.19 12.14 -6.22
C GLN C 57 32.73 13.12 -7.25
N TRP C 58 31.96 13.42 -8.29
CA TRP C 58 32.40 14.36 -9.29
C TRP C 58 31.38 15.49 -9.41
N SER C 59 31.86 16.66 -9.76
CA SER C 59 31.03 17.82 -10.00
C SER C 59 31.28 18.35 -11.41
N LEU C 60 31.61 17.44 -12.32
CA LEU C 60 32.09 17.81 -13.64
C LEU C 60 31.10 18.73 -14.35
N GLU C 61 31.64 19.67 -15.12
CA GLU C 61 30.79 20.62 -15.81
C GLU C 61 31.49 21.24 -17.01
N GLY C 62 30.75 21.37 -18.10
CA GLY C 62 31.18 22.11 -19.26
C GLY C 62 30.06 22.83 -19.99
N HIS C 63 28.85 22.84 -19.43
CA HIS C 63 27.68 23.31 -20.18
C HIS C 63 27.46 24.79 -19.91
N GLN C 64 26.70 25.44 -20.79
CA GLN C 64 26.38 26.85 -20.61
C GLN C 64 24.98 27.10 -20.06
N LEU C 65 24.02 26.24 -20.40
CA LEU C 65 22.65 26.43 -19.96
C LEU C 65 22.16 25.18 -19.23
N GLY C 66 20.87 25.10 -18.91
CA GLY C 66 20.37 23.97 -18.14
C GLY C 66 20.38 22.68 -18.92
N VAL C 67 20.65 21.58 -18.21
CA VAL C 67 20.70 20.25 -18.81
C VAL C 67 19.30 19.66 -18.85
N VAL C 68 18.89 19.15 -20.02
CA VAL C 68 17.55 18.62 -20.16
C VAL C 68 17.52 17.10 -20.15
N SER C 69 18.62 16.43 -20.44
CA SER C 69 18.63 14.98 -20.37
C SER C 69 20.05 14.48 -20.13
N VAL C 70 20.16 13.41 -19.33
CA VAL C 70 21.43 12.76 -19.05
C VAL C 70 21.20 11.28 -19.27
N ASP C 71 22.28 10.54 -19.47
CA ASP C 71 22.16 9.12 -19.73
C ASP C 71 23.45 8.45 -19.27
N ILE C 72 23.36 7.15 -19.01
CA ILE C 72 24.49 6.37 -18.52
C ILE C 72 24.51 5.05 -19.29
N SER C 73 25.65 4.39 -19.27
CA SER C 73 25.82 3.14 -19.99
C SER C 73 26.07 1.99 -19.04
N HIS C 74 25.57 0.82 -19.43
CA HIS C 74 25.64 -0.36 -18.57
C HIS C 74 26.90 -1.16 -18.78
N THR C 75 27.57 -1.00 -19.92
CA THR C 75 28.77 -1.77 -20.22
C THR C 75 30.03 -1.00 -19.82
N LEU C 76 30.22 0.19 -20.39
CA LEU C 76 31.38 1.03 -20.17
C LEU C 76 31.12 2.04 -19.06
N PRO C 77 32.18 2.61 -18.46
CA PRO C 77 31.98 3.82 -17.67
C PRO C 77 31.96 5.06 -18.57
N ILE C 78 30.76 5.62 -18.75
CA ILE C 78 30.56 6.69 -19.70
C ILE C 78 29.23 7.36 -19.36
N ALA C 79 29.05 8.58 -19.80
CA ALA C 79 27.79 9.28 -19.64
C ALA C 79 27.65 10.28 -20.76
N ALA C 80 26.40 10.68 -21.02
CA ALA C 80 26.10 11.67 -22.04
C ALA C 80 25.08 12.65 -21.49
N SER C 81 25.13 13.89 -21.96
CA SER C 81 24.21 14.91 -21.51
C SER C 81 23.92 15.89 -22.63
N SER C 82 22.67 16.36 -22.72
CA SER C 82 22.28 17.38 -23.67
C SER C 82 21.59 18.52 -22.94
N SER C 83 21.61 19.70 -23.55
CA SER C 83 21.10 20.90 -22.91
C SER C 83 20.50 21.82 -23.95
N LEU C 84 20.04 22.98 -23.49
CA LEU C 84 19.59 24.04 -24.38
C LEU C 84 20.75 24.76 -25.04
N ASP C 85 21.97 24.31 -24.75
CA ASP C 85 23.24 24.86 -25.19
C ASP C 85 23.62 24.44 -26.60
N ALA C 86 22.85 23.55 -27.22
CA ALA C 86 23.19 22.97 -28.52
C ALA C 86 24.55 22.25 -28.47
N HIS C 87 24.64 21.26 -27.58
CA HIS C 87 25.83 20.43 -27.45
C HIS C 87 25.48 19.13 -26.72
N ILE C 88 26.12 18.03 -27.11
CA ILE C 88 25.84 16.70 -26.58
C ILE C 88 27.08 16.11 -25.90
N ARG C 89 27.90 16.94 -25.28
CA ARG C 89 29.17 16.48 -24.74
C ARG C 89 29.03 15.27 -23.81
N LEU C 90 29.85 14.25 -24.06
CA LEU C 90 29.78 12.97 -23.35
C LEU C 90 31.03 12.75 -22.51
N TRP C 91 30.82 12.45 -21.22
CA TRP C 91 31.85 12.41 -20.19
C TRP C 91 32.52 11.05 -20.01
N ASP C 92 33.42 10.95 -19.03
CA ASP C 92 34.25 9.78 -18.79
C ASP C 92 33.93 8.99 -17.53
N LEU C 93 33.41 9.62 -16.48
CA LEU C 93 32.92 8.98 -15.26
C LEU C 93 33.98 8.26 -14.44
N GLU C 94 35.23 8.28 -14.86
CA GLU C 94 36.30 7.63 -14.11
C GLU C 94 37.34 8.61 -13.62
N ASN C 95 37.77 9.52 -14.47
CA ASN C 95 38.65 10.62 -14.10
C ASN C 95 37.90 11.93 -14.03
N GLY C 96 36.60 11.93 -14.30
CA GLY C 96 35.78 13.12 -14.36
C GLY C 96 36.13 14.16 -15.41
N LYS C 97 36.36 13.76 -16.65
CA LYS C 97 36.75 14.71 -17.69
C LYS C 97 36.01 14.42 -18.98
N GLN C 98 35.72 15.48 -19.72
CA GLN C 98 35.00 15.38 -20.96
C GLN C 98 35.77 14.55 -21.99
N ILE C 99 35.04 13.77 -22.78
CA ILE C 99 35.63 12.95 -23.84
C ILE C 99 35.42 13.57 -25.21
N LYS C 100 34.20 14.01 -25.51
CA LYS C 100 33.83 14.49 -26.82
C LYS C 100 32.88 15.66 -26.65
N SER C 101 32.46 16.21 -27.77
CA SER C 101 31.44 17.26 -27.77
C SER C 101 30.83 17.23 -29.16
N ILE C 102 29.51 17.08 -29.23
CA ILE C 102 28.78 17.04 -30.48
C ILE C 102 27.90 18.27 -30.58
N ASP C 103 27.98 18.96 -31.71
CA ASP C 103 27.16 20.14 -31.95
C ASP C 103 25.79 19.70 -32.44
N ALA C 104 24.75 20.08 -31.72
CA ALA C 104 23.39 19.76 -32.15
C ALA C 104 22.41 20.65 -31.42
N GLY C 105 21.59 21.37 -32.18
CA GLY C 105 20.66 22.33 -31.62
C GLY C 105 19.29 21.74 -31.42
N PRO C 106 18.33 22.55 -30.97
CA PRO C 106 16.97 22.03 -30.71
C PRO C 106 16.32 21.46 -31.96
N VAL C 107 17.02 21.58 -33.10
CA VAL C 107 16.62 20.94 -34.34
C VAL C 107 17.40 19.65 -34.57
N ASP C 108 18.34 19.33 -33.68
CA ASP C 108 19.07 18.08 -33.80
C ASP C 108 19.06 17.21 -32.54
N ALA C 109 18.72 17.74 -31.37
CA ALA C 109 18.64 16.87 -30.22
C ALA C 109 17.80 17.49 -29.12
N TRP C 110 16.92 16.69 -28.52
CA TRP C 110 16.23 17.06 -27.30
C TRP C 110 16.55 16.12 -26.16
N THR C 111 16.41 14.81 -26.35
CA THR C 111 16.59 13.85 -25.28
C THR C 111 17.45 12.70 -25.75
N LEU C 112 18.22 12.16 -24.81
CA LEU C 112 19.24 11.16 -25.05
C LEU C 112 18.72 9.76 -24.77
N ALA C 113 19.34 8.77 -25.42
CA ALA C 113 19.17 7.37 -25.02
C ALA C 113 20.27 6.53 -25.64
N PHE C 114 21.00 5.78 -24.81
CA PHE C 114 22.04 4.90 -25.31
C PHE C 114 21.43 3.64 -25.93
N SER C 115 22.27 2.87 -26.60
CA SER C 115 21.85 1.58 -27.11
C SER C 115 21.96 0.55 -26.00
N PRO C 116 21.35 -0.63 -26.17
CA PRO C 116 21.60 -1.71 -25.21
C PRO C 116 23.05 -2.12 -25.11
N ASP C 117 23.82 -2.06 -26.20
CA ASP C 117 25.23 -2.38 -26.18
C ASP C 117 26.10 -1.14 -26.10
N SER C 118 25.52 0.02 -25.83
CA SER C 118 26.23 1.27 -25.58
C SER C 118 27.08 1.64 -26.79
N GLN C 119 26.41 1.78 -27.92
CA GLN C 119 27.09 2.05 -29.18
C GLN C 119 26.52 3.22 -29.98
N TYR C 120 25.25 3.63 -29.80
CA TYR C 120 24.67 4.53 -30.78
C TYR C 120 24.06 5.85 -30.30
N LEU C 121 23.46 5.92 -29.13
CA LEU C 121 23.06 7.22 -28.55
C LEU C 121 22.10 8.00 -29.47
N ALA C 122 20.90 7.45 -29.63
CA ALA C 122 19.85 8.10 -30.43
C ALA C 122 19.23 9.30 -29.71
N THR C 123 18.82 10.30 -30.50
CA THR C 123 18.16 11.50 -29.98
C THR C 123 17.00 11.91 -30.87
N GLY C 124 16.07 12.66 -30.30
CA GLY C 124 14.88 13.09 -31.01
C GLY C 124 14.94 14.54 -31.43
N THR C 125 14.65 14.79 -32.71
CA THR C 125 14.79 16.12 -33.27
C THR C 125 13.48 16.90 -33.20
N HIS C 126 13.45 18.06 -33.85
CA HIS C 126 12.30 18.95 -33.92
C HIS C 126 11.46 18.66 -35.15
N VAL C 127 12.10 18.40 -36.29
CA VAL C 127 11.36 18.23 -37.55
C VAL C 127 10.73 16.85 -37.68
N GLY C 128 10.86 15.99 -36.67
CA GLY C 128 10.17 14.72 -36.63
C GLY C 128 11.09 13.50 -36.61
N LYS C 129 12.30 13.64 -37.12
CA LYS C 129 13.19 12.51 -37.24
C LYS C 129 13.74 12.06 -35.89
N VAL C 130 14.37 10.90 -35.90
CA VAL C 130 15.21 10.40 -34.82
C VAL C 130 16.61 10.27 -35.39
N ASN C 131 17.58 10.93 -34.78
CA ASN C 131 18.94 10.96 -35.27
C ASN C 131 19.77 9.98 -34.46
N ILE C 132 20.47 9.07 -35.14
CA ILE C 132 21.30 8.10 -34.44
C ILE C 132 22.75 8.45 -34.71
N PHE C 133 23.44 8.92 -33.69
CA PHE C 133 24.84 9.25 -33.77
C PHE C 133 25.67 8.00 -33.54
N GLY C 134 26.99 8.16 -33.49
CA GLY C 134 27.83 7.06 -33.13
C GLY C 134 28.82 7.41 -32.04
N VAL C 135 28.75 6.76 -30.89
CA VAL C 135 29.69 7.07 -29.83
C VAL C 135 31.03 6.46 -30.22
N GLU C 136 32.11 7.17 -29.90
CA GLU C 136 33.46 6.65 -30.14
C GLU C 136 33.77 6.43 -31.61
N SER C 137 32.84 6.80 -32.49
CA SER C 137 33.03 6.50 -33.90
C SER C 137 32.60 7.65 -34.82
N GLY C 138 32.37 8.84 -34.28
CA GLY C 138 32.06 9.97 -35.12
C GLY C 138 30.65 10.47 -34.91
N LYS C 139 29.92 10.74 -36.00
CA LYS C 139 28.65 11.45 -35.94
C LYS C 139 27.70 10.97 -37.03
N LYS C 140 26.44 10.75 -36.65
CA LYS C 140 25.28 10.84 -37.54
C LYS C 140 25.37 9.95 -38.78
N GLU C 141 25.41 8.64 -38.56
CA GLU C 141 25.27 7.71 -39.67
C GLU C 141 23.87 7.73 -40.30
N TYR C 142 22.80 7.69 -39.49
CA TYR C 142 21.48 7.64 -40.11
C TYR C 142 20.40 8.13 -39.16
N SER C 143 19.26 8.49 -39.77
CA SER C 143 18.12 9.04 -39.06
C SER C 143 16.83 8.37 -39.52
N LEU C 144 16.07 7.84 -38.57
CA LEU C 144 14.74 7.31 -38.83
C LEU C 144 13.76 8.47 -38.96
N ASP C 145 12.77 8.31 -39.84
CA ASP C 145 11.87 9.41 -40.15
C ASP C 145 10.44 9.01 -39.84
N THR C 146 9.75 9.84 -39.09
CA THR C 146 8.31 9.76 -38.92
C THR C 146 7.73 11.13 -39.26
N ARG C 147 6.73 11.16 -40.12
CA ARG C 147 6.25 12.43 -40.64
C ARG C 147 5.33 13.04 -39.60
N GLY C 148 5.94 13.71 -38.63
CA GLY C 148 5.21 14.23 -37.49
C GLY C 148 5.74 15.54 -36.97
N LYS C 149 5.60 15.72 -35.66
CA LYS C 149 5.88 16.96 -34.95
C LYS C 149 7.11 16.80 -34.07
N PHE C 150 7.39 17.84 -33.29
CA PHE C 150 8.45 17.79 -32.30
C PHE C 150 8.38 16.47 -31.56
N ILE C 151 9.52 15.86 -31.31
CA ILE C 151 9.56 14.53 -30.74
C ILE C 151 10.25 14.67 -29.38
N LEU C 152 9.63 14.11 -28.35
CA LEU C 152 10.06 14.34 -26.98
C LEU C 152 10.70 13.12 -26.35
N SER C 153 10.09 11.95 -26.47
CA SER C 153 10.52 10.75 -25.78
C SER C 153 11.11 9.75 -26.76
N ILE C 154 12.18 9.08 -26.33
CA ILE C 154 12.88 8.05 -27.09
C ILE C 154 13.11 6.87 -26.17
N ALA C 155 12.79 5.67 -26.62
CA ALA C 155 13.04 4.47 -25.83
C ALA C 155 13.61 3.36 -26.70
N TYR C 156 14.48 2.56 -26.10
CA TYR C 156 15.10 1.39 -26.72
C TYR C 156 14.67 0.15 -25.98
N SER C 157 14.24 -0.87 -26.70
CA SER C 157 13.90 -2.12 -26.03
C SER C 157 15.16 -2.78 -25.49
N PRO C 158 15.09 -3.43 -24.34
CA PRO C 158 16.29 -4.02 -23.74
C PRO C 158 17.00 -5.04 -24.62
N ASP C 159 16.27 -5.80 -25.42
CA ASP C 159 16.85 -6.81 -26.28
C ASP C 159 17.23 -6.29 -27.65
N GLY C 160 17.06 -5.00 -27.92
CA GLY C 160 17.31 -4.50 -29.25
C GLY C 160 16.06 -4.75 -30.05
N LYS C 161 16.10 -4.36 -31.31
CA LYS C 161 15.10 -4.55 -32.38
C LYS C 161 13.90 -3.64 -32.26
N TYR C 162 13.80 -2.76 -31.25
CA TYR C 162 12.67 -1.86 -31.17
C TYR C 162 13.11 -0.50 -30.68
N LEU C 163 12.56 0.56 -31.28
CA LEU C 163 12.81 1.93 -30.84
C LEU C 163 11.46 2.63 -30.88
N ALA C 164 11.09 3.33 -29.82
CA ALA C 164 9.79 3.97 -29.75
C ALA C 164 9.96 5.47 -29.56
N SER C 165 8.98 6.23 -30.05
CA SER C 165 9.11 7.69 -30.02
C SER C 165 7.76 8.35 -29.87
N GLY C 166 7.56 9.02 -28.71
CA GLY C 166 6.44 9.93 -28.50
C GLY C 166 6.70 11.35 -28.97
N ALA C 167 5.63 12.12 -29.13
CA ALA C 167 5.71 13.43 -29.75
C ALA C 167 4.75 14.40 -29.08
N ILE C 168 5.00 15.70 -29.26
CA ILE C 168 3.93 16.66 -29.03
C ILE C 168 2.79 16.26 -29.94
N ASP C 169 1.57 16.46 -29.45
CA ASP C 169 0.28 16.12 -30.04
C ASP C 169 -0.10 14.64 -29.92
N GLY C 170 0.72 13.78 -29.32
CA GLY C 170 0.20 12.49 -28.95
C GLY C 170 0.67 11.24 -29.66
N ILE C 171 0.87 11.30 -30.98
CA ILE C 171 1.16 10.10 -31.75
C ILE C 171 2.43 9.39 -31.29
N ILE C 172 2.44 8.06 -31.41
CA ILE C 172 3.54 7.21 -30.96
C ILE C 172 3.98 6.37 -32.15
N ASN C 173 5.28 6.27 -32.37
CA ASN C 173 5.80 5.49 -33.51
C ASN C 173 6.75 4.42 -33.04
N ILE C 174 6.59 3.19 -33.56
CA ILE C 174 7.46 2.07 -33.22
C ILE C 174 8.24 1.64 -34.45
N PHE C 175 9.56 1.73 -34.38
CA PHE C 175 10.50 1.28 -35.39
C PHE C 175 11.17 0.00 -34.92
N ASP C 176 11.72 -0.76 -35.84
CA ASP C 176 12.59 -1.88 -35.48
C ASP C 176 14.01 -1.58 -35.93
N ILE C 177 14.94 -1.69 -34.99
CA ILE C 177 16.33 -1.31 -35.23
C ILE C 177 16.98 -2.17 -36.30
N ALA C 178 16.50 -3.39 -36.48
CA ALA C 178 17.14 -4.30 -37.43
C ALA C 178 17.17 -3.70 -38.83
N THR C 179 16.02 -3.25 -39.31
CA THR C 179 15.91 -2.70 -40.66
C THR C 179 15.58 -1.22 -40.73
N GLY C 180 15.13 -0.60 -39.64
CA GLY C 180 14.78 0.80 -39.70
C GLY C 180 13.45 1.14 -40.34
N LYS C 181 12.50 0.21 -40.35
CA LYS C 181 11.22 0.39 -41.00
C LYS C 181 10.11 0.55 -39.96
N LEU C 182 9.29 1.58 -40.13
CA LEU C 182 8.15 1.82 -39.26
C LEU C 182 7.21 0.64 -39.20
N LEU C 183 7.09 0.03 -38.02
CA LEU C 183 6.17 -1.08 -37.84
C LEU C 183 4.73 -0.59 -37.77
N HIS C 184 4.45 0.29 -36.82
CA HIS C 184 3.10 0.82 -36.64
C HIS C 184 3.08 2.04 -35.75
N THR C 185 2.09 2.91 -36.02
CA THR C 185 1.93 4.21 -35.38
C THR C 185 0.64 4.20 -34.58
N LEU C 186 0.76 4.36 -33.28
CA LEU C 186 -0.37 4.45 -32.39
C LEU C 186 -0.84 5.88 -32.31
N GLU C 187 -2.12 6.08 -32.01
CA GLU C 187 -2.63 7.43 -31.94
C GLU C 187 -2.74 7.91 -30.51
N GLY C 188 -2.73 7.01 -29.53
CA GLY C 188 -2.46 7.34 -28.15
C GLY C 188 -3.28 8.43 -27.51
N HIS C 189 -2.59 9.47 -27.06
CA HIS C 189 -3.19 10.50 -26.25
C HIS C 189 -3.49 11.70 -27.12
N ALA C 190 -3.94 12.79 -26.51
CA ALA C 190 -4.23 14.02 -27.24
C ALA C 190 -3.35 15.18 -26.80
N MET C 191 -2.41 14.95 -25.91
CA MET C 191 -1.51 15.98 -25.39
C MET C 191 -0.10 15.39 -25.39
N PRO C 192 0.94 16.24 -25.27
CA PRO C 192 2.31 15.75 -25.41
C PRO C 192 2.65 14.55 -24.55
N ILE C 193 3.65 13.76 -24.95
CA ILE C 193 3.89 12.49 -24.30
C ILE C 193 5.01 12.63 -23.26
N ARG C 194 6.18 13.01 -23.72
CA ARG C 194 7.33 13.36 -22.89
C ARG C 194 7.79 12.26 -21.93
N SER C 195 7.35 11.00 -22.09
CA SER C 195 7.98 9.87 -21.42
C SER C 195 7.45 8.55 -21.98
N LEU C 196 8.36 7.59 -22.18
CA LEU C 196 8.04 6.24 -22.65
C LEU C 196 8.98 5.22 -22.03
N THR C 197 8.54 3.97 -21.93
CA THR C 197 9.46 2.94 -21.48
C THR C 197 8.96 1.55 -21.90
N PHE C 198 9.89 0.72 -22.38
CA PHE C 198 9.54 -0.67 -22.60
C PHE C 198 9.67 -1.45 -21.30
N SER C 199 9.33 -2.72 -21.33
CA SER C 199 9.51 -3.59 -20.19
C SER C 199 10.64 -4.56 -20.47
N PRO C 200 11.32 -5.09 -19.44
CA PRO C 200 12.31 -6.13 -19.69
C PRO C 200 11.61 -7.29 -20.36
N ASP C 201 12.26 -7.87 -21.38
CA ASP C 201 11.72 -8.80 -22.37
C ASP C 201 10.86 -8.09 -23.43
N SER C 202 10.60 -6.80 -23.31
CA SER C 202 10.10 -5.95 -24.39
C SER C 202 8.82 -6.46 -25.04
N GLN C 203 7.80 -6.69 -24.22
CA GLN C 203 6.50 -7.00 -24.77
C GLN C 203 5.42 -6.09 -24.23
N LEU C 204 5.78 -4.99 -23.59
CA LEU C 204 4.80 -4.13 -22.99
C LEU C 204 5.36 -2.72 -22.99
N LEU C 205 4.69 -1.79 -23.66
CA LEU C 205 5.20 -0.42 -23.83
C LEU C 205 4.31 0.52 -23.05
N VAL C 206 4.88 1.27 -22.11
CA VAL C 206 4.11 2.12 -21.20
C VAL C 206 4.42 3.59 -21.49
N THR C 207 3.37 4.35 -21.82
CA THR C 207 3.43 5.77 -22.12
C THR C 207 2.98 6.58 -20.92
N ALA C 208 3.20 7.90 -20.96
CA ALA C 208 2.66 8.76 -19.91
C ALA C 208 2.49 10.18 -20.46
N SER C 209 1.25 10.55 -20.79
CA SER C 209 1.02 11.82 -21.44
C SER C 209 0.74 12.95 -20.45
N ASP C 210 0.30 14.06 -21.00
CA ASP C 210 0.21 15.33 -20.31
C ASP C 210 -1.16 15.54 -19.67
N ASP C 211 -2.11 14.67 -19.96
CA ASP C 211 -3.47 14.79 -19.48
C ASP C 211 -3.73 13.99 -18.21
N GLY C 212 -2.82 13.13 -17.80
CA GLY C 212 -2.93 12.42 -16.54
C GLY C 212 -3.02 10.92 -16.66
N TYR C 213 -3.29 10.37 -17.83
CA TYR C 213 -3.45 8.95 -18.05
C TYR C 213 -2.13 8.26 -18.39
N ILE C 214 -2.10 6.95 -18.14
CA ILE C 214 -0.94 6.10 -18.43
C ILE C 214 -1.46 4.92 -19.25
N LYS C 215 -1.38 5.02 -20.57
CA LYS C 215 -1.68 3.90 -21.45
C LYS C 215 -0.68 2.76 -21.28
N ILE C 216 -1.14 1.53 -21.44
CA ILE C 216 -0.27 0.35 -21.46
C ILE C 216 -0.49 -0.39 -22.76
N TYR C 217 0.32 -0.16 -23.77
CA TYR C 217 0.11 -0.88 -25.02
C TYR C 217 0.72 -2.27 -24.94
N ASP C 218 0.63 -2.99 -26.05
CA ASP C 218 1.24 -4.30 -26.18
C ASP C 218 1.93 -4.35 -27.53
N VAL C 219 3.18 -4.76 -27.53
CA VAL C 219 3.99 -4.68 -28.74
C VAL C 219 3.71 -5.91 -29.60
N GLN C 220 4.09 -5.83 -30.86
CA GLN C 220 3.87 -6.85 -31.89
C GLN C 220 2.41 -6.90 -32.29
N HIS C 221 1.56 -6.10 -31.66
CA HIS C 221 0.23 -5.82 -32.17
C HIS C 221 -0.12 -4.40 -31.71
N ALA C 222 -1.35 -3.98 -31.93
CA ALA C 222 -1.76 -2.65 -31.52
C ALA C 222 -2.66 -2.68 -30.31
N ASN C 223 -2.78 -3.82 -29.66
CA ASN C 223 -3.60 -3.96 -28.48
C ASN C 223 -3.15 -3.02 -27.38
N LEU C 224 -4.11 -2.36 -26.73
CA LEU C 224 -3.82 -1.67 -25.49
C LEU C 224 -4.47 -2.46 -24.36
N ALA C 225 -3.78 -2.52 -23.24
CA ALA C 225 -4.20 -3.36 -22.12
C ALA C 225 -4.78 -2.55 -20.99
N GLY C 226 -5.05 -1.28 -21.18
CA GLY C 226 -5.70 -0.50 -20.16
C GLY C 226 -5.18 0.90 -19.98
N THR C 227 -5.95 1.72 -19.27
CA THR C 227 -5.60 3.11 -18.99
C THR C 227 -5.55 3.26 -17.48
N LEU C 228 -4.41 3.67 -16.95
CA LEU C 228 -4.23 3.90 -15.53
C LEU C 228 -4.38 5.38 -15.23
N SER C 229 -5.43 5.74 -14.50
CA SER C 229 -5.68 7.13 -14.13
C SER C 229 -5.71 7.26 -12.61
N GLY C 230 -4.64 7.77 -12.01
CA GLY C 230 -4.68 8.03 -10.59
C GLY C 230 -3.96 9.28 -10.18
N HIS C 231 -3.49 10.07 -11.13
CA HIS C 231 -2.76 11.29 -10.83
C HIS C 231 -3.71 12.46 -10.97
N ALA C 232 -3.23 13.65 -10.62
CA ALA C 232 -4.09 14.82 -10.64
C ALA C 232 -3.53 15.95 -11.47
N SER C 233 -2.51 15.68 -12.27
CA SER C 233 -1.85 16.68 -13.11
C SER C 233 -1.00 15.90 -14.10
N TRP C 234 -0.13 16.60 -14.81
CA TRP C 234 0.73 15.99 -15.82
C TRP C 234 1.48 14.81 -15.24
N VAL C 235 1.93 13.88 -16.08
CA VAL C 235 2.81 12.78 -15.69
C VAL C 235 4.12 12.98 -16.41
N LEU C 236 5.24 12.93 -15.68
CA LEU C 236 6.50 13.39 -16.23
C LEU C 236 7.53 12.30 -16.48
N ASN C 237 7.38 11.12 -15.88
CA ASN C 237 8.27 9.99 -16.11
C ASN C 237 7.60 8.69 -15.70
N VAL C 238 8.03 7.62 -16.38
CA VAL C 238 7.64 6.26 -16.06
C VAL C 238 8.88 5.40 -16.21
N ALA C 239 9.22 4.63 -15.18
CA ALA C 239 10.36 3.72 -15.17
C ALA C 239 9.87 2.32 -14.83
N PHE C 240 10.29 1.33 -15.59
CA PHE C 240 9.73 0.00 -15.46
C PHE C 240 10.67 -0.86 -14.63
N CYS C 241 10.11 -1.70 -13.76
CA CYS C 241 10.91 -2.45 -12.79
C CYS C 241 11.72 -3.55 -13.49
N PRO C 242 12.84 -3.96 -12.90
CA PRO C 242 13.62 -5.08 -13.45
C PRO C 242 12.86 -6.39 -13.57
N ASP C 243 11.92 -6.70 -12.68
CA ASP C 243 11.02 -7.82 -12.89
C ASP C 243 9.70 -7.26 -13.40
N ASP C 244 9.08 -7.95 -14.36
CA ASP C 244 8.02 -7.35 -15.16
C ASP C 244 6.71 -7.28 -14.39
N THR C 245 6.73 -6.61 -13.24
CA THR C 245 5.51 -6.62 -12.46
C THR C 245 5.09 -5.24 -11.98
N HIS C 246 6.02 -4.31 -11.84
CA HIS C 246 5.66 -2.99 -11.40
C HIS C 246 6.34 -1.92 -12.25
N PHE C 247 5.90 -0.69 -12.03
CA PHE C 247 6.58 0.46 -12.58
C PHE C 247 6.20 1.67 -11.74
N VAL C 248 7.05 2.68 -11.80
CA VAL C 248 6.94 3.88 -10.96
C VAL C 248 6.72 5.10 -11.84
N SER C 249 5.83 5.99 -11.39
CA SER C 249 5.47 7.20 -12.15
C SER C 249 5.52 8.43 -11.26
N SER C 250 6.14 9.50 -11.73
CA SER C 250 6.24 10.74 -10.99
C SER C 250 5.42 11.82 -11.69
N SER C 251 4.58 12.52 -10.95
CA SER C 251 3.73 13.50 -11.61
C SER C 251 4.04 14.91 -11.12
N SER C 252 3.43 15.88 -11.80
CA SER C 252 3.56 17.28 -11.44
C SER C 252 2.63 17.70 -10.33
N ASP C 253 2.02 16.73 -9.64
CA ASP C 253 1.22 16.98 -8.45
C ASP C 253 1.97 16.57 -7.19
N LYS C 254 3.31 16.48 -7.26
CA LYS C 254 4.16 16.20 -6.11
C LYS C 254 3.91 14.83 -5.51
N SER C 255 3.97 13.79 -6.35
CA SER C 255 3.64 12.46 -5.86
C SER C 255 4.19 11.38 -6.78
N VAL C 256 4.80 10.38 -6.15
CA VAL C 256 5.44 9.26 -6.83
C VAL C 256 4.62 7.99 -6.58
N LYS C 257 3.94 7.47 -7.60
CA LYS C 257 3.11 6.28 -7.43
C LYS C 257 3.83 5.04 -7.93
N VAL C 258 3.49 3.88 -7.35
CA VAL C 258 4.03 2.60 -7.78
C VAL C 258 2.86 1.73 -8.22
N TRP C 259 2.79 1.42 -9.51
CA TRP C 259 1.75 0.58 -10.05
C TRP C 259 2.24 -0.84 -10.26
N ASP C 260 1.29 -1.75 -10.49
CA ASP C 260 1.60 -3.09 -10.96
C ASP C 260 0.73 -3.46 -12.16
N VAL C 261 1.35 -4.12 -13.13
CA VAL C 261 0.72 -4.30 -14.43
C VAL C 261 -0.21 -5.50 -14.45
N GLY C 262 -0.12 -6.38 -13.46
CA GLY C 262 -1.01 -7.52 -13.41
C GLY C 262 -2.46 -7.11 -13.28
N THR C 263 -2.75 -6.25 -12.30
CA THR C 263 -4.11 -5.81 -12.05
C THR C 263 -4.36 -4.34 -12.35
N ARG C 264 -3.35 -3.64 -12.85
CA ARG C 264 -3.48 -2.23 -13.21
C ARG C 264 -4.04 -1.40 -12.07
N THR C 265 -3.34 -1.41 -10.94
CA THR C 265 -3.77 -0.65 -9.77
C THR C 265 -2.55 -0.09 -9.08
N CYS C 266 -2.80 0.93 -8.26
CA CYS C 266 -1.73 1.64 -7.57
C CYS C 266 -1.56 1.00 -6.21
N VAL C 267 -0.36 0.45 -5.96
CA VAL C 267 -0.09 -0.17 -4.68
C VAL C 267 0.26 0.88 -3.63
N HIS C 268 1.29 1.69 -3.87
CA HIS C 268 1.72 2.64 -2.87
C HIS C 268 2.05 4.01 -3.48
N THR C 269 1.69 5.07 -2.76
CA THR C 269 1.97 6.44 -3.15
C THR C 269 2.93 7.10 -2.18
N PHE C 270 3.92 7.83 -2.70
CA PHE C 270 4.88 8.57 -1.90
C PHE C 270 4.57 10.05 -1.98
N PHE C 271 4.37 10.67 -0.83
CA PHE C 271 3.97 12.06 -0.65
C PHE C 271 5.08 12.92 -0.05
N ASP C 272 6.34 12.70 -0.42
CA ASP C 272 7.45 13.27 0.33
C ASP C 272 8.04 14.51 -0.31
N HIS C 273 7.90 14.65 -1.63
CA HIS C 273 8.41 15.81 -2.31
C HIS C 273 7.51 17.02 -2.04
N GLN C 274 8.04 18.21 -2.32
CA GLN C 274 7.30 19.44 -2.12
C GLN C 274 7.02 20.24 -3.38
N ASP C 275 7.56 19.84 -4.53
CA ASP C 275 7.34 20.49 -5.82
C ASP C 275 7.37 19.43 -6.90
N GLN C 276 7.13 19.83 -8.15
CA GLN C 276 7.08 18.90 -9.26
C GLN C 276 8.26 17.95 -9.22
N VAL C 277 8.00 16.70 -9.55
CA VAL C 277 9.01 15.65 -9.49
C VAL C 277 9.38 15.31 -10.93
N TRP C 278 10.58 15.66 -11.35
CA TRP C 278 10.94 15.51 -12.75
C TRP C 278 11.63 14.20 -13.07
N GLY C 279 11.98 13.37 -12.09
CA GLY C 279 12.66 12.13 -12.46
C GLY C 279 12.64 10.99 -11.48
N VAL C 280 12.33 9.78 -11.95
CA VAL C 280 12.30 8.56 -11.14
C VAL C 280 13.02 7.45 -11.89
N LYS C 281 13.76 6.64 -11.14
CA LYS C 281 14.45 5.48 -11.70
C LYS C 281 14.52 4.36 -10.67
N TYR C 282 14.72 3.14 -11.16
CA TYR C 282 15.09 1.98 -10.35
C TYR C 282 16.60 1.74 -10.41
N ASN C 283 17.03 0.66 -9.76
CA ASN C 283 18.45 0.33 -9.61
C ASN C 283 18.65 -1.15 -9.83
N GLY C 284 19.48 -1.52 -10.81
CA GLY C 284 19.95 -2.89 -10.90
C GLY C 284 18.89 -3.95 -10.70
N ASN C 285 19.03 -4.75 -9.65
CA ASN C 285 17.93 -5.55 -9.14
C ASN C 285 16.94 -4.61 -8.46
N GLY C 286 15.82 -4.34 -9.11
CA GLY C 286 15.06 -3.20 -8.66
C GLY C 286 14.57 -3.36 -7.25
N SER C 287 15.20 -2.68 -6.32
CA SER C 287 14.74 -2.66 -4.95
C SER C 287 14.86 -1.28 -4.32
N LYS C 288 15.28 -0.27 -5.07
CA LYS C 288 15.34 1.11 -4.59
C LYS C 288 14.98 2.03 -5.75
N ILE C 289 14.44 3.19 -5.40
CA ILE C 289 13.97 4.16 -6.37
C ILE C 289 14.68 5.47 -6.05
N VAL C 290 15.15 6.16 -7.09
CA VAL C 290 15.67 7.51 -6.97
C VAL C 290 14.66 8.48 -7.57
N SER C 291 14.45 9.61 -6.91
CA SER C 291 13.51 10.64 -7.38
C SER C 291 14.10 12.04 -7.17
N VAL C 292 14.44 12.69 -8.27
CA VAL C 292 14.86 14.10 -8.29
C VAL C 292 13.68 15.01 -8.61
N GLY C 293 13.62 16.14 -7.91
CA GLY C 293 12.45 17.00 -7.90
C GLY C 293 12.78 18.45 -8.24
N ASP C 294 11.71 19.24 -8.38
CA ASP C 294 11.83 20.67 -8.69
C ASP C 294 12.49 21.43 -7.56
N ASP C 295 12.11 21.15 -6.32
CA ASP C 295 12.91 21.59 -5.19
C ASP C 295 14.20 20.77 -5.16
N GLN C 296 15.31 21.42 -4.84
CA GLN C 296 16.58 20.73 -5.02
C GLN C 296 16.75 19.67 -3.95
N GLU C 297 16.37 18.43 -4.24
CA GLU C 297 16.48 17.33 -3.30
C GLU C 297 16.62 16.04 -4.09
N ILE C 298 17.23 15.04 -3.46
CA ILE C 298 17.38 13.71 -4.04
C ILE C 298 16.86 12.69 -3.04
N HIS C 299 15.72 12.08 -3.35
CA HIS C 299 15.16 11.06 -2.47
C HIS C 299 15.54 9.67 -2.95
N ILE C 300 15.85 8.79 -2.01
CA ILE C 300 16.07 7.36 -2.28
C ILE C 300 15.14 6.55 -1.39
N TYR C 301 14.32 5.74 -2.03
CA TYR C 301 13.30 4.95 -1.37
C TYR C 301 13.73 3.51 -1.27
N ASP C 302 12.89 2.71 -0.64
CA ASP C 302 13.15 1.30 -0.41
C ASP C 302 11.87 0.59 -0.77
N CYS C 303 11.93 -0.12 -1.89
CA CYS C 303 10.92 -1.00 -2.45
C CYS C 303 11.42 -2.42 -2.34
N PRO C 304 11.10 -3.15 -1.27
CA PRO C 304 11.60 -4.52 -1.16
C PRO C 304 10.94 -5.41 -2.17
N ILE C 305 11.72 -6.38 -2.67
CA ILE C 305 11.35 -7.18 -3.82
C ILE C 305 10.03 -7.94 -3.62
N MET D 1 -38.43 70.33 13.76
CA MET D 1 -38.05 70.22 12.36
C MET D 1 -37.15 69.00 12.14
N THR D 2 -37.65 68.05 11.36
CA THR D 2 -36.91 66.84 11.07
C THR D 2 -35.63 67.16 10.31
N ASN D 3 -34.52 66.61 10.76
CA ASN D 3 -33.24 66.79 10.08
C ASN D 3 -32.99 65.53 9.26
N GLN D 4 -33.34 65.59 7.98
CA GLN D 4 -33.24 64.43 7.14
C GLN D 4 -31.82 64.31 6.56
N TYR D 5 -31.46 63.08 6.22
CA TYR D 5 -30.15 62.82 5.64
C TYR D 5 -30.01 63.54 4.31
N GLY D 6 -28.98 64.38 4.18
CA GLY D 6 -28.80 65.18 2.98
C GLY D 6 -27.49 64.91 2.28
N ILE D 7 -27.51 65.06 0.95
CA ILE D 7 -26.34 64.77 0.13
C ILE D 7 -25.18 65.67 0.52
N LEU D 8 -25.41 66.97 0.56
CA LEU D 8 -24.58 67.93 1.28
C LEU D 8 -23.22 68.20 0.62
N PHE D 9 -22.85 67.42 -0.40
CA PHE D 9 -21.61 67.68 -1.12
C PHE D 9 -21.51 66.75 -2.31
N LYS D 10 -20.84 67.21 -3.35
CA LYS D 10 -20.38 66.36 -4.42
C LYS D 10 -19.09 66.95 -4.97
N GLN D 11 -18.10 66.09 -5.21
CA GLN D 11 -16.82 66.49 -5.81
C GLN D 11 -16.71 65.77 -7.15
N GLU D 12 -16.75 66.52 -8.24
CA GLU D 12 -17.06 65.95 -9.54
C GLU D 12 -15.95 65.03 -10.06
N GLN D 13 -14.70 65.49 -10.03
CA GLN D 13 -13.60 64.68 -10.54
C GLN D 13 -12.52 64.64 -9.48
N ALA D 14 -12.60 63.69 -8.54
CA ALA D 14 -11.55 63.56 -7.55
C ALA D 14 -10.32 62.92 -8.17
N HIS D 15 -10.53 61.89 -8.97
CA HIS D 15 -9.49 61.13 -9.63
C HIS D 15 -9.81 61.01 -11.12
N ASP D 16 -8.87 60.48 -11.88
CA ASP D 16 -9.06 60.27 -13.30
C ASP D 16 -9.74 58.96 -13.65
N ASP D 17 -9.80 57.99 -12.73
CA ASP D 17 -10.58 56.80 -13.04
C ASP D 17 -11.19 56.29 -11.74
N ALA D 18 -11.71 55.06 -11.77
CA ALA D 18 -12.57 54.56 -10.69
C ALA D 18 -11.88 54.68 -9.34
N ILE D 19 -12.66 54.80 -8.27
CA ILE D 19 -12.12 54.97 -6.93
C ILE D 19 -12.47 53.73 -6.15
N TRP D 20 -11.51 53.22 -5.39
CA TRP D 20 -11.66 51.89 -4.82
C TRP D 20 -11.56 51.84 -3.30
N SER D 21 -10.82 52.75 -2.66
CA SER D 21 -10.76 52.64 -1.19
C SER D 21 -10.81 54.01 -0.54
N VAL D 22 -11.58 54.12 0.56
CA VAL D 22 -11.74 55.37 1.31
C VAL D 22 -11.58 55.11 2.79
N ALA D 23 -10.78 55.93 3.47
CA ALA D 23 -10.60 55.85 4.91
C ALA D 23 -10.81 57.21 5.56
N TRP D 24 -11.51 57.25 6.69
CA TRP D 24 -11.71 58.49 7.43
C TRP D 24 -11.03 58.39 8.80
N GLY D 25 -10.03 59.24 9.04
CA GLY D 25 -9.35 59.34 10.32
C GLY D 25 -9.52 60.65 11.06
N THR D 26 -10.20 60.61 12.20
CA THR D 26 -10.26 61.70 13.17
C THR D 26 -9.10 61.63 14.17
N ASN D 27 -7.86 61.60 13.67
CA ASN D 27 -6.72 61.51 14.57
C ASN D 27 -6.57 62.75 15.44
N LYS D 28 -6.56 63.93 14.83
CA LYS D 28 -6.48 65.16 15.58
C LYS D 28 -7.85 65.65 16.05
N LYS D 29 -7.95 65.94 17.34
CA LYS D 29 -9.19 66.44 17.90
C LYS D 29 -9.55 67.79 17.30
N GLU D 30 -8.55 68.55 16.85
CA GLU D 30 -8.79 69.82 16.17
C GLU D 30 -9.27 69.51 14.75
N ASN D 31 -9.45 70.56 13.94
CA ASN D 31 -10.04 70.43 12.61
C ASN D 31 -9.03 69.81 11.64
N SER D 32 -8.87 68.49 11.73
CA SER D 32 -8.06 67.75 10.76
C SER D 32 -8.92 66.83 9.90
N GLU D 33 -9.70 65.94 10.51
CA GLU D 33 -10.66 65.08 9.81
C GLU D 33 -10.11 64.50 8.50
N THR D 34 -8.92 63.92 8.57
CA THR D 34 -8.25 63.49 7.33
C THR D 34 -9.03 62.39 6.61
N VAL D 35 -9.20 62.55 5.30
CA VAL D 35 -9.85 61.55 4.45
C VAL D 35 -8.87 61.14 3.36
N VAL D 36 -8.67 59.84 3.20
CA VAL D 36 -7.66 59.34 2.27
C VAL D 36 -8.32 58.38 1.28
N THR D 37 -7.97 58.51 -0.01
CA THR D 37 -8.58 57.64 -1.01
C THR D 37 -7.58 57.12 -2.03
N GLY D 38 -7.75 55.85 -2.40
CA GLY D 38 -6.95 55.19 -3.44
C GLY D 38 -7.84 54.88 -4.62
N SER D 39 -7.32 55.07 -5.85
CA SER D 39 -8.30 55.05 -6.94
C SER D 39 -7.90 54.45 -8.29
N LEU D 40 -7.03 53.46 -8.38
CA LEU D 40 -6.75 52.81 -9.68
C LEU D 40 -5.90 53.67 -10.62
N ASP D 41 -5.61 54.91 -10.28
CA ASP D 41 -4.75 55.76 -11.09
C ASP D 41 -3.36 55.84 -10.48
N ASP D 42 -3.11 54.96 -9.50
CA ASP D 42 -1.87 54.85 -8.77
C ASP D 42 -1.60 56.07 -7.91
N LEU D 43 -2.66 56.72 -7.43
CA LEU D 43 -2.51 57.89 -6.59
C LEU D 43 -3.26 57.73 -5.29
N VAL D 44 -2.61 58.05 -4.18
CA VAL D 44 -3.29 58.06 -2.89
C VAL D 44 -3.40 59.52 -2.51
N LYS D 45 -4.62 60.03 -2.40
CA LYS D 45 -4.81 61.43 -2.08
C LYS D 45 -5.31 61.65 -0.68
N VAL D 46 -4.71 62.62 0.01
CA VAL D 46 -5.11 63.06 1.34
C VAL D 46 -5.89 64.36 1.18
N TRP D 47 -7.09 64.37 1.73
CA TRP D 47 -8.07 65.44 1.71
C TRP D 47 -8.36 65.82 3.16
N LYS D 48 -8.77 67.07 3.41
CA LYS D 48 -9.25 67.40 4.75
C LYS D 48 -10.62 68.04 4.71
N TRP D 49 -11.40 67.77 5.75
CA TRP D 49 -12.77 68.24 5.90
C TRP D 49 -12.67 69.55 6.67
N ARG D 50 -12.58 70.66 5.94
CA ARG D 50 -12.14 71.91 6.58
C ARG D 50 -13.24 72.60 7.36
N ASP D 51 -14.26 73.10 6.67
CA ASP D 51 -15.45 73.61 7.35
C ASP D 51 -16.73 72.91 6.90
N GLU D 52 -16.95 72.85 5.59
CA GLU D 52 -18.13 72.21 5.05
C GLU D 52 -17.78 71.45 3.79
N ARG D 53 -16.49 71.30 3.48
CA ARG D 53 -16.09 70.84 2.17
C ARG D 53 -14.77 70.10 2.27
N LEU D 54 -14.33 69.55 1.14
CA LEU D 54 -13.05 68.88 1.01
C LEU D 54 -12.11 69.72 0.18
N ASP D 55 -10.95 70.01 0.73
CA ASP D 55 -9.89 70.70 0.02
C ASP D 55 -8.69 69.78 -0.01
N LEU D 56 -8.17 69.50 -1.20
CA LEU D 56 -7.09 68.55 -1.31
C LEU D 56 -5.85 69.06 -0.59
N GLN D 57 -5.21 68.15 0.15
CA GLN D 57 -3.97 68.46 0.85
C GLN D 57 -2.79 68.00 0.02
N TRP D 58 -2.76 66.73 -0.34
CA TRP D 58 -1.73 66.32 -1.29
C TRP D 58 -2.07 64.99 -1.93
N SER D 59 -1.44 64.77 -3.07
CA SER D 59 -1.57 63.54 -3.82
C SER D 59 -0.19 62.94 -3.88
N LEU D 60 -0.07 61.72 -3.40
CA LEU D 60 1.22 61.08 -3.22
C LEU D 60 1.21 59.74 -3.93
N GLU D 61 2.40 59.29 -4.35
CA GLU D 61 2.39 58.25 -5.35
C GLU D 61 3.60 57.33 -5.22
N GLY D 62 3.71 56.46 -6.20
CA GLY D 62 4.57 55.31 -6.28
C GLY D 62 3.69 54.10 -6.08
N HIS D 63 3.25 53.48 -7.17
CA HIS D 63 2.41 52.29 -7.15
C HIS D 63 2.32 51.85 -8.60
N GLN D 64 2.40 50.55 -8.85
CA GLN D 64 2.48 50.14 -10.25
C GLN D 64 1.11 50.04 -10.90
N LEU D 65 0.27 49.14 -10.42
CA LEU D 65 -1.08 49.00 -10.94
C LEU D 65 -2.02 49.67 -9.97
N GLY D 66 -3.32 49.53 -10.18
CA GLY D 66 -4.28 50.23 -9.33
C GLY D 66 -4.13 49.90 -7.86
N VAL D 67 -4.48 50.86 -7.03
CA VAL D 67 -4.46 50.68 -5.59
C VAL D 67 -5.75 50.02 -5.16
N VAL D 68 -5.65 49.09 -4.22
CA VAL D 68 -6.77 48.25 -3.81
C VAL D 68 -7.23 48.58 -2.41
N SER D 69 -6.30 48.93 -1.52
CA SER D 69 -6.77 49.19 -0.17
C SER D 69 -5.89 50.21 0.53
N VAL D 70 -6.54 51.08 1.30
CA VAL D 70 -5.85 52.09 2.10
C VAL D 70 -6.43 52.02 3.49
N ASP D 71 -5.63 52.41 4.48
CA ASP D 71 -6.08 52.39 5.86
C ASP D 71 -5.43 53.55 6.60
N ILE D 72 -6.18 54.08 7.56
CA ILE D 72 -5.75 55.18 8.41
C ILE D 72 -5.75 54.72 9.85
N SER D 73 -4.71 55.10 10.59
CA SER D 73 -4.53 54.64 11.95
C SER D 73 -5.10 55.65 12.94
N HIS D 74 -5.76 55.12 13.97
CA HIS D 74 -6.40 55.98 14.97
C HIS D 74 -5.40 56.62 15.92
N THR D 75 -4.47 55.82 16.46
CA THR D 75 -3.56 56.31 17.48
C THR D 75 -2.65 57.42 16.95
N LEU D 76 -1.82 57.11 15.96
CA LEU D 76 -0.91 58.09 15.36
C LEU D 76 -1.38 58.54 14.00
N PRO D 77 -0.99 59.74 13.56
CA PRO D 77 -1.21 60.10 12.16
C PRO D 77 -0.25 59.36 11.24
N ILE D 78 -0.77 58.37 10.53
CA ILE D 78 0.04 57.53 9.65
C ILE D 78 -0.92 56.78 8.75
N ALA D 79 -0.54 56.55 7.49
CA ALA D 79 -1.42 55.88 6.56
C ALA D 79 -0.70 54.69 5.95
N ALA D 80 -1.47 53.76 5.38
CA ALA D 80 -0.91 52.57 4.76
C ALA D 80 -1.70 52.23 3.50
N SER D 81 -0.99 51.85 2.44
CA SER D 81 -1.68 51.54 1.19
C SER D 81 -1.07 50.34 0.48
N SER D 82 -1.95 49.48 -0.03
CA SER D 82 -1.56 48.31 -0.82
C SER D 82 -2.19 48.40 -2.21
N SER D 83 -1.49 47.81 -3.18
CA SER D 83 -1.89 47.82 -4.59
C SER D 83 -1.94 46.43 -5.18
N LEU D 84 -2.14 46.35 -6.50
CA LEU D 84 -2.27 45.06 -7.17
C LEU D 84 -0.95 44.34 -7.35
N ASP D 85 0.17 45.04 -7.27
CA ASP D 85 1.47 44.40 -7.36
C ASP D 85 2.02 43.96 -6.00
N ALA D 86 1.17 43.85 -5.00
CA ALA D 86 1.56 43.38 -3.66
C ALA D 86 2.77 44.13 -3.13
N HIS D 87 2.61 45.43 -2.96
CA HIS D 87 3.70 46.28 -2.50
C HIS D 87 3.10 47.32 -1.58
N ILE D 88 3.57 47.39 -0.33
CA ILE D 88 2.88 48.11 0.72
C ILE D 88 3.69 49.35 1.07
N ARG D 89 3.01 50.49 1.16
CA ARG D 89 3.66 51.72 1.56
C ARG D 89 3.04 52.29 2.83
N LEU D 90 3.88 52.94 3.64
CA LEU D 90 3.43 53.69 4.81
C LEU D 90 3.71 55.16 4.55
N TRP D 91 2.70 55.99 4.74
CA TRP D 91 2.72 57.42 4.45
C TRP D 91 2.71 58.23 5.74
N ASP D 92 3.57 59.26 5.77
CA ASP D 92 3.77 60.09 6.95
C ASP D 92 2.52 60.88 7.33
N LEU D 93 1.74 61.33 6.35
CA LEU D 93 0.53 62.13 6.57
C LEU D 93 0.80 63.45 7.25
N GLU D 94 2.04 63.93 7.25
CA GLU D 94 2.36 65.27 7.70
C GLU D 94 3.22 65.96 6.66
N ASN D 95 3.94 65.16 5.88
CA ASN D 95 4.75 65.65 4.80
C ASN D 95 4.57 64.87 3.51
N GLY D 96 3.93 63.70 3.54
CA GLY D 96 3.86 62.87 2.36
C GLY D 96 5.23 62.34 2.01
N LYS D 97 5.80 61.49 2.86
CA LYS D 97 7.21 61.15 2.70
C LYS D 97 7.52 59.66 2.70
N GLN D 98 6.53 58.78 2.75
CA GLN D 98 6.78 57.36 2.57
C GLN D 98 7.77 56.85 3.60
N ILE D 99 7.32 56.86 4.85
CA ILE D 99 8.15 56.43 5.97
C ILE D 99 8.83 55.10 5.64
N LYS D 100 8.05 54.10 5.28
CA LYS D 100 8.59 52.77 5.03
C LYS D 100 7.91 52.18 3.80
N SER D 101 8.61 51.26 3.15
CA SER D 101 8.09 50.56 1.96
C SER D 101 8.22 49.06 2.17
N ILE D 102 7.21 48.45 2.79
CA ILE D 102 7.24 47.01 2.99
C ILE D 102 7.03 46.33 1.65
N ASP D 103 8.02 45.61 1.18
CA ASP D 103 7.88 44.87 -0.06
C ASP D 103 7.06 43.60 0.18
N ALA D 104 6.82 42.84 -0.88
CA ALA D 104 6.09 41.60 -0.76
C ALA D 104 6.22 40.83 -2.06
N GLY D 105 6.20 39.51 -1.94
CA GLY D 105 6.37 38.64 -3.08
C GLY D 105 5.15 38.66 -3.95
N PRO D 106 5.14 37.81 -4.97
CA PRO D 106 3.98 37.77 -5.87
C PRO D 106 2.68 37.50 -5.16
N VAL D 107 2.68 36.66 -4.13
CA VAL D 107 1.48 36.37 -3.35
C VAL D 107 1.76 36.58 -1.87
N ASP D 108 1.59 37.83 -1.40
CA ASP D 108 1.65 38.12 0.03
C ASP D 108 0.44 38.84 0.58
N ALA D 109 0.00 39.90 -0.10
CA ALA D 109 -0.91 40.86 0.50
C ALA D 109 -1.94 41.36 -0.50
N TRP D 110 -3.20 41.41 -0.09
CA TRP D 110 -4.29 41.94 -0.89
C TRP D 110 -4.92 43.18 -0.27
N THR D 111 -5.31 43.12 0.99
CA THR D 111 -5.97 44.21 1.69
C THR D 111 -5.26 44.41 3.02
N LEU D 112 -5.60 45.49 3.72
CA LEU D 112 -4.85 45.88 4.91
C LEU D 112 -5.78 46.28 6.04
N ALA D 113 -5.25 46.22 7.26
CA ALA D 113 -5.92 46.75 8.44
C ALA D 113 -4.96 46.89 9.62
N PHE D 114 -4.96 48.04 10.28
CA PHE D 114 -4.04 48.18 11.40
C PHE D 114 -4.56 47.43 12.62
N SER D 115 -3.67 47.23 13.56
CA SER D 115 -3.98 46.76 14.90
C SER D 115 -4.47 47.92 15.76
N PRO D 116 -5.25 47.64 16.80
CA PRO D 116 -5.82 48.75 17.60
C PRO D 116 -4.77 49.68 18.19
N ASP D 117 -3.59 49.18 18.57
CA ASP D 117 -2.55 50.08 19.00
C ASP D 117 -1.58 50.43 17.86
N SER D 118 -1.97 50.13 16.62
CA SER D 118 -1.20 50.45 15.42
C SER D 118 0.21 49.87 15.47
N GLN D 119 0.28 48.55 15.50
CA GLN D 119 1.57 47.87 15.60
C GLN D 119 1.80 46.75 14.59
N TYR D 120 0.74 46.17 14.00
CA TYR D 120 0.89 44.90 13.28
C TYR D 120 0.51 44.92 11.80
N LEU D 121 -0.55 45.63 11.39
CA LEU D 121 -0.87 45.74 9.96
C LEU D 121 -1.11 44.37 9.29
N ALA D 122 -2.16 43.69 9.74
CA ALA D 122 -2.54 42.40 9.19
C ALA D 122 -3.02 42.51 7.75
N THR D 123 -2.76 41.47 6.94
CA THR D 123 -3.09 41.50 5.51
C THR D 123 -3.43 40.12 4.98
N GLY D 124 -4.31 40.07 3.99
CA GLY D 124 -4.73 38.83 3.37
C GLY D 124 -3.74 38.32 2.34
N THR D 125 -4.07 37.18 1.73
CA THR D 125 -3.15 36.56 0.77
C THR D 125 -3.89 35.72 -0.25
N HIS D 126 -3.36 35.71 -1.49
CA HIS D 126 -4.00 35.02 -2.60
C HIS D 126 -4.17 33.53 -2.33
N VAL D 127 -3.34 32.93 -1.48
CA VAL D 127 -3.34 31.48 -1.27
C VAL D 127 -3.75 31.09 0.16
N GLY D 128 -4.40 31.98 0.91
CA GLY D 128 -5.05 31.62 2.16
C GLY D 128 -4.36 32.08 3.44
N LYS D 129 -3.06 32.36 3.40
CA LYS D 129 -2.35 32.81 4.58
C LYS D 129 -2.78 34.23 4.97
N VAL D 130 -2.60 34.58 6.24
CA VAL D 130 -3.01 35.89 6.75
C VAL D 130 -1.81 36.61 7.39
N ASN D 131 -0.61 36.44 6.83
CA ASN D 131 0.61 36.90 7.46
C ASN D 131 0.58 38.37 7.86
N ILE D 132 1.27 38.69 8.96
CA ILE D 132 1.24 40.00 9.63
C ILE D 132 2.63 40.63 9.62
N PHE D 133 2.70 41.91 9.21
CA PHE D 133 3.95 42.66 9.08
C PHE D 133 4.03 43.73 10.16
N GLY D 134 4.94 43.59 11.11
CA GLY D 134 5.04 44.58 12.17
C GLY D 134 5.36 45.97 11.63
N VAL D 135 4.66 46.97 12.16
CA VAL D 135 4.71 48.30 11.58
C VAL D 135 6.06 48.94 11.89
N GLU D 136 6.69 49.49 10.86
CA GLU D 136 7.79 50.44 10.92
C GLU D 136 9.06 49.80 11.47
N SER D 137 9.01 48.56 11.91
CA SER D 137 10.19 47.93 12.46
C SER D 137 10.51 46.58 11.83
N GLY D 138 9.50 45.79 11.49
CA GLY D 138 9.71 44.42 11.12
C GLY D 138 8.94 44.04 9.86
N LYS D 139 9.36 42.94 9.26
CA LYS D 139 8.73 42.43 8.04
C LYS D 139 8.42 40.96 8.26
N LYS D 140 7.17 40.57 8.01
CA LYS D 140 6.73 39.21 8.20
C LYS D 140 7.04 38.71 9.61
N GLU D 141 6.43 39.36 10.59
CA GLU D 141 6.65 38.97 11.98
C GLU D 141 6.23 37.52 12.17
N TYR D 142 5.05 37.16 11.69
CA TYR D 142 4.61 35.77 11.66
C TYR D 142 3.47 35.64 10.67
N SER D 143 3.14 34.39 10.33
CA SER D 143 2.12 34.11 9.34
C SER D 143 1.14 33.11 9.91
N LEU D 144 -0.04 33.63 10.25
CA LEU D 144 -1.16 32.85 10.73
C LEU D 144 -1.93 32.33 9.52
N ASP D 145 -2.03 31.03 9.35
CA ASP D 145 -2.62 30.51 8.12
C ASP D 145 -3.66 29.42 8.37
N THR D 146 -4.50 29.24 7.37
CA THR D 146 -5.50 28.19 7.31
C THR D 146 -5.29 27.47 5.99
N ARG D 147 -6.20 26.57 5.63
CA ARG D 147 -6.22 25.97 4.32
C ARG D 147 -7.50 26.42 3.65
N GLY D 148 -7.38 27.08 2.50
CA GLY D 148 -8.54 27.68 1.87
C GLY D 148 -8.12 28.47 0.65
N LYS D 149 -9.11 29.16 0.10
CA LYS D 149 -9.00 29.86 -1.17
C LYS D 149 -8.51 31.28 -0.96
N PHE D 150 -8.59 32.10 -2.03
CA PHE D 150 -8.27 33.52 -1.96
C PHE D 150 -9.01 34.14 -0.79
N ILE D 151 -8.41 35.12 -0.13
CA ILE D 151 -9.06 35.75 1.02
C ILE D 151 -9.17 37.25 0.75
N LEU D 152 -10.37 37.66 0.34
CA LEU D 152 -10.61 39.03 -0.07
C LEU D 152 -10.52 39.99 1.10
N SER D 153 -11.35 39.79 2.12
CA SER D 153 -11.59 40.78 3.15
C SER D 153 -11.14 40.29 4.52
N ILE D 154 -10.58 41.19 5.31
CA ILE D 154 -10.01 40.91 6.61
C ILE D 154 -10.47 41.98 7.59
N ALA D 155 -10.93 41.58 8.76
CA ALA D 155 -11.34 42.51 9.80
C ALA D 155 -10.49 42.31 11.04
N TYR D 156 -10.40 43.35 11.85
CA TYR D 156 -9.63 43.28 13.08
C TYR D 156 -10.59 43.66 14.21
N SER D 157 -10.63 42.90 15.29
CA SER D 157 -11.55 43.27 16.35
C SER D 157 -11.07 44.50 17.11
N PRO D 158 -12.01 45.36 17.55
CA PRO D 158 -11.59 46.57 18.27
C PRO D 158 -10.92 46.28 19.60
N ASP D 159 -11.53 45.43 20.41
CA ASP D 159 -10.96 45.08 21.71
C ASP D 159 -9.70 44.23 21.56
N GLY D 160 -9.76 43.18 20.75
CA GLY D 160 -8.60 42.34 20.55
C GLY D 160 -8.89 40.86 20.43
N LYS D 161 -7.82 40.07 20.29
CA LYS D 161 -7.86 38.61 20.28
C LYS D 161 -8.94 38.05 19.34
N TYR D 162 -9.19 38.72 18.22
CA TYR D 162 -10.06 38.19 17.18
C TYR D 162 -9.59 38.70 15.83
N LEU D 163 -9.71 37.85 14.81
CA LEU D 163 -9.33 38.23 13.45
C LEU D 163 -10.14 37.37 12.50
N ALA D 164 -11.15 37.97 11.88
CA ALA D 164 -12.07 37.28 10.97
C ALA D 164 -11.66 37.50 9.51
N SER D 165 -11.63 36.42 8.73
CA SER D 165 -11.10 36.45 7.38
C SER D 165 -12.03 35.73 6.41
N GLY D 166 -12.70 36.53 5.57
CA GLY D 166 -13.53 36.01 4.50
C GLY D 166 -12.72 35.41 3.36
N ALA D 167 -13.37 34.59 2.54
CA ALA D 167 -12.70 33.91 1.44
C ALA D 167 -13.54 33.95 0.18
N ILE D 168 -12.88 33.73 -0.96
CA ILE D 168 -13.57 33.80 -2.25
C ILE D 168 -14.63 32.71 -2.37
N ASP D 169 -14.36 31.51 -1.82
CA ASP D 169 -15.38 30.46 -1.84
C ASP D 169 -16.58 30.85 -0.99
N GLY D 170 -16.35 31.58 0.10
CA GLY D 170 -17.41 32.07 0.95
C GLY D 170 -17.45 31.59 2.39
N ILE D 171 -16.30 31.27 2.98
CA ILE D 171 -16.25 30.78 4.35
C ILE D 171 -15.43 31.75 5.20
N ILE D 172 -15.77 31.81 6.49
CA ILE D 172 -15.15 32.73 7.46
C ILE D 172 -14.30 31.96 8.45
N ASN D 173 -13.08 32.44 8.69
CA ASN D 173 -12.24 31.87 9.74
C ASN D 173 -11.86 32.96 10.73
N ILE D 174 -12.07 32.70 12.02
CA ILE D 174 -11.75 33.66 13.08
C ILE D 174 -10.67 33.08 13.98
N PHE D 175 -9.58 33.82 14.13
CA PHE D 175 -8.38 33.45 14.85
C PHE D 175 -8.14 34.36 16.05
N ASP D 176 -7.87 33.77 17.21
CA ASP D 176 -7.51 34.57 18.36
C ASP D 176 -6.02 34.93 18.29
N ILE D 177 -5.71 36.22 18.43
CA ILE D 177 -4.36 36.71 18.23
C ILE D 177 -3.39 36.22 19.30
N ALA D 178 -3.89 35.71 20.42
CA ALA D 178 -3.00 35.30 21.52
C ALA D 178 -1.98 34.26 21.07
N THR D 179 -2.46 33.17 20.45
CA THR D 179 -1.59 32.08 20.02
C THR D 179 -1.70 31.72 18.55
N GLY D 180 -2.80 32.06 17.88
CA GLY D 180 -2.99 31.63 16.51
C GLY D 180 -3.87 30.41 16.31
N LYS D 181 -4.61 29.98 17.33
CA LYS D 181 -5.45 28.79 17.23
C LYS D 181 -6.85 29.20 16.77
N LEU D 182 -7.22 28.78 15.57
CA LEU D 182 -8.51 29.05 14.96
C LEU D 182 -9.66 28.81 15.92
N LEU D 183 -10.43 29.86 16.20
CA LEU D 183 -11.49 29.75 17.20
C LEU D 183 -12.63 28.89 16.68
N HIS D 184 -13.30 29.32 15.62
CA HIS D 184 -14.23 28.43 14.93
C HIS D 184 -14.53 28.92 13.51
N THR D 185 -14.74 27.95 12.61
CA THR D 185 -14.95 28.21 11.19
C THR D 185 -16.44 28.25 10.85
N LEU D 186 -16.86 29.35 10.24
CA LEU D 186 -18.24 29.56 9.84
C LEU D 186 -18.36 29.30 8.36
N GLU D 187 -19.33 28.48 7.96
CA GLU D 187 -19.44 28.14 6.54
C GLU D 187 -19.73 29.39 5.70
N GLY D 188 -20.54 30.32 6.21
CA GLY D 188 -20.80 31.56 5.51
C GLY D 188 -21.73 31.44 4.32
N HIS D 189 -21.21 31.66 3.12
CA HIS D 189 -22.00 31.71 1.89
C HIS D 189 -21.45 30.76 0.84
N ALA D 190 -21.96 30.83 -0.39
CA ALA D 190 -21.37 30.11 -1.52
C ALA D 190 -20.79 31.05 -2.56
N MET D 191 -20.58 32.31 -2.20
CA MET D 191 -20.00 33.33 -3.05
C MET D 191 -19.07 34.19 -2.22
N PRO D 192 -18.15 34.92 -2.85
CA PRO D 192 -17.16 35.71 -2.12
C PRO D 192 -17.79 36.75 -1.20
N ILE D 193 -16.95 37.33 -0.34
CA ILE D 193 -17.38 38.14 0.79
C ILE D 193 -17.14 39.63 0.52
N ARG D 194 -15.89 40.03 0.32
CA ARG D 194 -15.51 41.37 -0.07
C ARG D 194 -15.62 42.39 1.08
N SER D 195 -16.15 42.01 2.24
CA SER D 195 -16.19 42.95 3.36
C SER D 195 -16.55 42.24 4.66
N LEU D 196 -15.85 42.58 5.74
CA LEU D 196 -16.12 42.08 7.08
C LEU D 196 -15.96 43.19 8.11
N THR D 197 -16.98 43.38 8.95
CA THR D 197 -16.93 44.43 9.96
C THR D 197 -17.42 43.91 11.30
N PHE D 198 -16.70 44.28 12.36
CA PHE D 198 -17.08 44.04 13.75
C PHE D 198 -17.89 45.22 14.28
N SER D 199 -18.11 45.20 15.59
CA SER D 199 -18.76 46.27 16.31
C SER D 199 -17.83 46.76 17.40
N PRO D 200 -17.95 48.02 17.85
CA PRO D 200 -17.35 48.38 19.12
C PRO D 200 -17.97 47.54 20.23
N ASP D 201 -17.14 47.15 21.20
CA ASP D 201 -17.54 46.14 22.18
C ASP D 201 -17.94 44.86 21.44
N SER D 202 -16.94 44.27 20.80
CA SER D 202 -17.15 43.43 19.63
C SER D 202 -17.83 42.11 19.96
N GLN D 203 -19.15 42.09 19.84
CA GLN D 203 -19.93 40.90 20.06
C GLN D 203 -20.72 40.46 18.83
N LEU D 204 -20.87 41.33 17.83
CA LEU D 204 -21.62 41.01 16.63
C LEU D 204 -20.71 41.20 15.41
N LEU D 205 -20.75 40.26 14.46
CA LEU D 205 -19.93 40.29 13.25
C LEU D 205 -20.85 40.30 12.02
N VAL D 206 -20.66 41.28 11.15
CA VAL D 206 -21.52 41.43 9.96
C VAL D 206 -20.70 41.12 8.70
N THR D 207 -21.25 40.27 7.84
CA THR D 207 -20.59 39.82 6.63
C THR D 207 -21.40 40.26 5.42
N ALA D 208 -20.69 40.77 4.41
CA ALA D 208 -21.30 41.17 3.16
C ALA D 208 -21.04 40.07 2.16
N SER D 209 -22.01 39.85 1.29
CA SER D 209 -21.99 38.71 0.38
C SER D 209 -21.95 39.21 -1.06
N ASP D 210 -21.72 38.28 -1.98
CA ASP D 210 -21.78 38.62 -3.39
C ASP D 210 -23.14 38.33 -4.03
N ASP D 211 -24.10 37.81 -3.26
CA ASP D 211 -25.46 37.59 -3.75
C ASP D 211 -26.43 38.68 -3.32
N GLY D 212 -25.97 39.69 -2.60
CA GLY D 212 -26.83 40.73 -2.10
C GLY D 212 -27.30 40.54 -0.67
N TYR D 213 -27.13 39.35 -0.10
CA TYR D 213 -27.53 39.19 1.28
C TYR D 213 -26.46 39.68 2.23
N ILE D 214 -26.89 40.01 3.44
CA ILE D 214 -26.00 40.44 4.51
C ILE D 214 -26.29 39.55 5.69
N LYS D 215 -25.25 39.00 6.30
CA LYS D 215 -25.48 38.04 7.37
C LYS D 215 -24.91 38.60 8.66
N ILE D 216 -25.68 38.44 9.74
CA ILE D 216 -25.29 38.87 11.07
C ILE D 216 -24.99 37.64 11.90
N TYR D 217 -23.85 37.65 12.58
CA TYR D 217 -23.39 36.52 13.37
C TYR D 217 -23.03 37.03 14.75
N ASP D 218 -23.07 36.13 15.72
CA ASP D 218 -22.73 36.41 17.11
C ASP D 218 -21.39 35.75 17.42
N VAL D 219 -20.44 36.52 17.95
CA VAL D 219 -19.07 36.05 18.04
C VAL D 219 -18.97 34.81 18.92
N GLN D 220 -19.79 34.72 19.96
CA GLN D 220 -19.72 33.60 20.90
C GLN D 220 -20.09 32.26 20.28
N HIS D 221 -20.72 32.26 19.11
CA HIS D 221 -21.19 31.05 18.46
C HIS D 221 -21.12 31.26 16.96
N ALA D 222 -21.84 30.42 16.23
CA ALA D 222 -22.08 30.59 14.81
C ALA D 222 -23.57 30.81 14.56
N ASN D 223 -24.19 31.61 15.42
CA ASN D 223 -25.63 31.87 15.32
C ASN D 223 -25.87 32.85 14.20
N LEU D 224 -26.41 32.36 13.09
CA LEU D 224 -26.76 33.23 11.97
C LEU D 224 -28.03 33.99 12.34
N ALA D 225 -27.85 34.96 13.24
CA ALA D 225 -28.97 35.71 13.78
C ALA D 225 -29.55 36.71 12.83
N GLY D 226 -29.19 36.82 11.55
CA GLY D 226 -29.80 37.83 10.72
C GLY D 226 -29.66 37.56 9.24
N THR D 227 -30.51 38.24 8.47
CA THR D 227 -30.45 38.20 7.02
C THR D 227 -31.26 39.35 6.47
N LEU D 228 -30.64 40.15 5.60
CA LEU D 228 -31.20 41.40 5.10
C LEU D 228 -31.25 41.27 3.59
N SER D 229 -32.36 41.67 2.98
CA SER D 229 -32.61 41.32 1.59
C SER D 229 -33.07 42.52 0.77
N GLY D 230 -32.40 43.66 0.93
CA GLY D 230 -32.80 44.82 0.18
C GLY D 230 -31.97 45.11 -1.06
N HIS D 231 -30.68 44.79 -1.04
CA HIS D 231 -29.80 45.09 -2.16
C HIS D 231 -30.08 44.12 -3.30
N ALA D 232 -30.22 44.65 -4.51
CA ALA D 232 -30.49 43.79 -5.67
C ALA D 232 -29.26 43.02 -6.12
N SER D 233 -28.21 43.74 -6.52
CA SER D 233 -26.97 43.15 -7.02
C SER D 233 -25.98 42.98 -5.87
N TRP D 234 -24.71 42.73 -6.19
CA TRP D 234 -23.69 42.42 -5.18
C TRP D 234 -23.63 43.50 -4.12
N VAL D 235 -23.05 43.17 -2.97
CA VAL D 235 -22.79 44.11 -1.89
C VAL D 235 -21.29 44.23 -1.76
N LEU D 236 -20.76 45.45 -1.78
CA LEU D 236 -19.33 45.65 -1.84
C LEU D 236 -18.70 46.05 -0.53
N ASN D 237 -19.29 46.96 0.24
CA ASN D 237 -18.68 47.36 1.50
C ASN D 237 -19.73 47.63 2.57
N VAL D 238 -19.40 47.28 3.81
CA VAL D 238 -20.28 47.48 4.97
C VAL D 238 -19.43 48.05 6.10
N ALA D 239 -19.93 49.11 6.75
CA ALA D 239 -19.25 49.71 7.88
C ALA D 239 -20.24 49.99 9.00
N PHE D 240 -19.75 49.97 10.24
CA PHE D 240 -20.53 50.39 11.41
C PHE D 240 -20.27 51.84 11.78
N CYS D 241 -20.84 52.26 12.91
CA CYS D 241 -20.68 53.57 13.51
C CYS D 241 -20.21 53.40 14.95
N PRO D 242 -19.66 54.46 15.55
CA PRO D 242 -19.06 54.34 16.89
C PRO D 242 -20.03 53.94 17.99
N ASP D 243 -21.31 53.75 17.67
CA ASP D 243 -22.28 53.19 18.60
C ASP D 243 -22.92 51.98 17.94
N ASP D 244 -23.34 51.01 18.76
CA ASP D 244 -23.88 49.77 18.22
C ASP D 244 -25.35 49.93 17.88
N THR D 245 -25.62 50.76 16.89
CA THR D 245 -27.01 50.98 16.55
C THR D 245 -27.36 50.67 15.10
N HIS D 246 -26.51 51.00 14.13
CA HIS D 246 -26.85 50.75 12.74
C HIS D 246 -25.62 50.89 11.85
N PHE D 247 -25.71 50.35 10.63
CA PHE D 247 -24.59 50.31 9.71
C PHE D 247 -25.00 50.72 8.30
N VAL D 248 -24.00 51.09 7.50
CA VAL D 248 -24.20 51.52 6.11
C VAL D 248 -23.67 50.44 5.17
N SER D 249 -24.37 50.24 4.06
CA SER D 249 -24.01 49.27 3.03
C SER D 249 -24.02 49.92 1.66
N SER D 250 -23.15 49.42 0.77
CA SER D 250 -22.86 50.01 -0.54
C SER D 250 -22.93 48.94 -1.61
N SER D 251 -24.10 48.81 -2.24
CA SER D 251 -24.26 47.77 -3.25
C SER D 251 -23.49 48.10 -4.51
N SER D 252 -23.50 47.14 -5.42
CA SER D 252 -23.01 47.30 -6.79
C SER D 252 -24.12 47.71 -7.74
N ASP D 253 -25.33 47.92 -7.22
CA ASP D 253 -26.44 48.45 -8.03
C ASP D 253 -26.61 49.94 -7.80
N LYS D 254 -25.51 50.65 -7.56
CA LYS D 254 -25.46 52.10 -7.50
C LYS D 254 -26.33 52.67 -6.39
N SER D 255 -26.47 51.94 -5.28
CA SER D 255 -27.29 52.37 -4.16
C SER D 255 -26.60 52.16 -2.81
N VAL D 256 -26.68 53.16 -1.94
CA VAL D 256 -26.19 53.09 -0.57
C VAL D 256 -27.37 53.07 0.39
N LYS D 257 -27.54 51.95 1.10
CA LYS D 257 -28.62 51.76 2.07
C LYS D 257 -28.09 51.76 3.50
N VAL D 258 -28.80 52.41 4.41
CA VAL D 258 -28.41 52.43 5.82
C VAL D 258 -29.37 51.56 6.63
N TRP D 259 -28.89 50.38 7.02
CA TRP D 259 -29.66 49.40 7.78
C TRP D 259 -29.45 49.58 9.27
N ASP D 260 -30.37 49.01 10.06
CA ASP D 260 -30.31 49.09 11.51
C ASP D 260 -30.44 47.68 12.09
N VAL D 261 -29.67 47.40 13.14
CA VAL D 261 -29.72 46.07 13.73
C VAL D 261 -30.99 45.88 14.56
N GLY D 262 -31.45 46.93 15.23
CA GLY D 262 -32.55 46.78 16.17
C GLY D 262 -33.83 46.31 15.52
N THR D 263 -34.16 46.89 14.37
CA THR D 263 -35.39 46.57 13.65
C THR D 263 -35.15 45.85 12.33
N ARG D 264 -33.92 45.77 11.85
CA ARG D 264 -33.55 45.08 10.61
C ARG D 264 -34.34 45.59 9.41
N THR D 265 -34.44 46.92 9.29
CA THR D 265 -35.07 47.52 8.11
C THR D 265 -34.22 48.70 7.65
N CYS D 266 -34.42 49.06 6.39
CA CYS D 266 -33.66 50.16 5.78
C CYS D 266 -34.31 51.47 6.16
N VAL D 267 -33.67 52.20 7.07
CA VAL D 267 -34.23 53.49 7.48
C VAL D 267 -34.16 54.49 6.33
N HIS D 268 -33.09 54.43 5.52
CA HIS D 268 -32.94 55.37 4.42
C HIS D 268 -32.09 54.75 3.33
N THR D 269 -32.35 55.19 2.10
CA THR D 269 -31.60 54.79 0.90
C THR D 269 -31.22 56.05 0.15
N PHE D 270 -30.00 56.06 -0.40
CA PHE D 270 -29.50 57.21 -1.13
C PHE D 270 -29.48 56.90 -2.62
N PHE D 271 -29.72 57.93 -3.44
CA PHE D 271 -29.76 57.81 -4.90
C PHE D 271 -28.82 58.87 -5.47
N ASP D 272 -27.57 58.46 -5.66
CA ASP D 272 -26.52 59.24 -6.29
C ASP D 272 -25.62 58.23 -7.00
N HIS D 273 -24.40 58.64 -7.37
CA HIS D 273 -23.42 57.67 -7.85
C HIS D 273 -23.94 56.93 -9.09
N GLN D 274 -24.06 57.69 -10.18
CA GLN D 274 -24.54 57.11 -11.44
C GLN D 274 -23.96 55.73 -11.69
N ASP D 275 -22.68 55.51 -11.41
CA ASP D 275 -22.06 54.19 -11.46
C ASP D 275 -21.89 53.61 -10.05
N GLN D 276 -21.56 52.32 -9.98
CA GLN D 276 -21.52 51.56 -8.73
C GLN D 276 -20.53 52.10 -7.69
N VAL D 277 -20.89 51.91 -6.41
CA VAL D 277 -20.15 52.42 -5.25
C VAL D 277 -19.23 51.35 -4.69
N TRP D 278 -17.97 51.69 -4.41
CA TRP D 278 -17.02 50.74 -3.84
C TRP D 278 -16.60 51.03 -2.41
N GLY D 279 -16.95 52.16 -1.82
CA GLY D 279 -16.57 52.37 -0.42
C GLY D 279 -17.50 53.30 0.31
N VAL D 280 -17.63 53.06 1.62
CA VAL D 280 -18.47 53.84 2.54
C VAL D 280 -17.81 53.81 3.90
N LYS D 281 -17.97 54.90 4.65
CA LYS D 281 -17.29 54.96 5.93
C LYS D 281 -17.99 56.00 6.81
N TYR D 282 -17.75 55.91 8.12
CA TYR D 282 -18.27 56.82 9.14
C TYR D 282 -17.14 57.52 9.86
N ASN D 283 -17.39 58.77 10.27
CA ASN D 283 -16.38 59.55 10.97
C ASN D 283 -16.35 59.15 12.43
N GLY D 284 -15.61 59.91 13.25
CA GLY D 284 -15.44 59.62 14.67
C GLY D 284 -16.73 59.49 15.46
N ASN D 285 -17.87 59.90 14.92
CA ASN D 285 -19.15 59.66 15.58
C ASN D 285 -20.15 59.31 14.48
N GLY D 286 -21.44 59.31 14.82
CA GLY D 286 -22.43 58.93 13.84
C GLY D 286 -22.81 59.99 12.82
N SER D 287 -22.24 61.18 12.89
CA SER D 287 -22.76 62.31 12.12
C SER D 287 -22.67 62.06 10.62
N LYS D 288 -21.46 61.91 10.11
CA LYS D 288 -21.17 62.11 8.69
C LYS D 288 -20.80 60.81 7.99
N ILE D 289 -21.15 60.71 6.70
CA ILE D 289 -20.95 59.51 5.90
C ILE D 289 -20.11 59.88 4.68
N VAL D 290 -19.13 59.04 4.33
CA VAL D 290 -18.33 59.24 3.12
C VAL D 290 -18.53 58.05 2.19
N SER D 291 -18.82 58.33 0.92
CA SER D 291 -18.96 57.29 -0.09
C SER D 291 -18.13 57.61 -1.33
N VAL D 292 -17.37 56.62 -1.80
CA VAL D 292 -16.56 56.75 -3.02
C VAL D 292 -17.01 55.70 -4.02
N GLY D 293 -17.42 56.16 -5.20
CA GLY D 293 -17.97 55.32 -6.23
C GLY D 293 -17.01 55.00 -7.37
N ASP D 294 -17.49 54.14 -8.26
CA ASP D 294 -16.76 53.83 -9.50
C ASP D 294 -16.63 55.08 -10.37
N ASP D 295 -17.68 55.88 -10.48
CA ASP D 295 -17.52 57.19 -11.09
C ASP D 295 -16.64 58.04 -10.19
N GLN D 296 -15.91 58.98 -10.78
CA GLN D 296 -14.86 59.66 -10.02
C GLN D 296 -15.43 60.79 -9.16
N GLU D 297 -16.37 60.42 -8.28
CA GLU D 297 -17.04 61.38 -7.40
C GLU D 297 -17.00 60.92 -5.96
N ILE D 298 -16.60 61.82 -5.07
CA ILE D 298 -16.66 61.61 -3.63
C ILE D 298 -17.91 62.29 -3.11
N HIS D 299 -18.68 61.58 -2.28
CA HIS D 299 -19.90 62.12 -1.72
C HIS D 299 -19.79 62.11 -0.21
N ILE D 300 -20.25 63.17 0.44
CA ILE D 300 -20.25 63.22 1.88
C ILE D 300 -21.67 63.53 2.32
N TYR D 301 -22.33 62.55 2.88
CA TYR D 301 -23.70 62.67 3.34
C TYR D 301 -23.72 63.07 4.81
N ASP D 302 -24.91 63.36 5.29
CA ASP D 302 -25.12 63.73 6.68
C ASP D 302 -26.22 62.84 7.21
N CYS D 303 -26.06 62.42 8.47
CA CYS D 303 -26.97 61.48 9.10
C CYS D 303 -26.92 61.77 10.59
N PRO D 304 -27.82 62.61 11.09
CA PRO D 304 -27.76 62.98 12.50
C PRO D 304 -27.84 61.75 13.39
N ILE D 305 -27.23 61.87 14.56
CA ILE D 305 -26.99 60.74 15.44
C ILE D 305 -28.27 59.98 15.77
#